data_6WMP
#
_entry.id   6WMP
#
_cell.length_a   1.00
_cell.length_b   1.00
_cell.length_c   1.00
_cell.angle_alpha   90.00
_cell.angle_beta   90.00
_cell.angle_gamma   90.00
#
_symmetry.space_group_name_H-M   'P 1'
#
loop_
_entity.id
_entity.type
_entity.pdbx_description
1 polymer 'DNA-directed RNA polymerase subunit alpha 1'
2 polymer 'DNA-directed RNA polymerase subunit alpha 2'
3 polymer 'DNA-directed RNA polymerase subunit beta'
4 polymer "DNA-directed RNA polymerase subunit beta'"
5 polymer 'DNA-directed RNA polymerase subunit omega'
6 polymer 'DNA NT-strand'
7 polymer 'DNA T-strand'
8 polymer RNA
9 non-polymer 'MAGNESIUM ION'
10 non-polymer 'ZINC ION'
#
loop_
_entity_poly.entity_id
_entity_poly.type
_entity_poly.pdbx_seq_one_letter_code
_entity_poly.pdbx_strand_id
1 'polypeptide(L)'
;MSNNNSKLEFVPNIQLKEDLGAFSYKVQLSPVEKGMAHILGNSIRRVLLSSLSGASIIKVNIANVLHEYSTLEDVKEDVV
EIVSNLKKVAIKLDTGIDRLDLELSVNKSGVVSAGDFKTTQGVEIINKDQPIATLTNQRAFSLTATVSVGRNVGILSAIP
TELERVGDIAVDADFNPIKRVAFEVFDNGDSETLEVFVKTNGTIEPLAAVTKALEYFCEQISVFVSLRVPSNGKTGDVLI
DSNIDPILLKPIDDLELTVRSSNCLRAENIKYLGDLVQYSESQLMKIPNLGKKSLNEIKQILIDNNLSLGVQIDNFRELV
EGK
;
A
2 'polypeptide(L)'
;MALENLLHPTNIKIDEYAKNATKFSFEALERGVGYTLGFALKQTMLYSIAGACVTSIKINDGKVTSLEDVIPCDETVADI
ILNVKSLSVTLAEDVETGTITFELSGSEEEIFSEEAKLSEGLAITEEVFICSYNGGKKLKIEAKVEKGVGFRPAQDNFKD
GEFLLDATFSPVVFCDFEIKDARVGRRTDLDKLELNIKTNGNVNCEEALRLAATKIQNQLRNIVDIEEINKGIFVEDPKD
INPILLKHVEELNLTARSSNCLKAVNIRLIGELVQKTENELLKAPNFGKKSLTEIKDKLSELGLSLGTLIENWPQDL
;
B
3 'polypeptide(L)'
;MSYSYAEKKRIRKEFGVLPHILDVPYLLSIQTESYKKFLTVDAAKGRLHSGLEIVLKQSFPVESKNGQYELHYVDYQIGE
PTFDETECQVRGATYDAPLNVKLRLVVYNKDALPNEKIVEDIREEYVYMGDIPLMTTNGTFIINGTERVVVSQLHRSPGA
FFSKDDSEEGAFSARIIPYRGSWLDFEFDSKGIIWARIDRKRKFCATVILKALGYTQEQILENFSESKTITFNSKGFALR
LDNLSNMKGELLKFDIVDAQDNVIVKKNKKLTSRDVKKIKDAGVDSVAIDFDLVSTLRVAKDIVNEATGEVIAYANDDVT
ESLLKSCVEVGMLELEVIDFITTERGRYISDTLKYDLTRNTDEALVEIYKVLRPGDPPAAASVKALFEGLFFIESRYSLS
DIGRMKLNARLGSDKVSKDIYTLENSDIVGVIEELINIRDGKGKVDDIDHLGNRRVRSVGEMVENQFRIGLYRVEKGIRE
SMSLVHKDKLMPKDIVNSKPITAAIKEFFTSGALSQFMDQDNPLSEVTHKRRISALGPGGLSRDRAGFEVRDVHATHYGR
LCPIETPEGPNIGLINSLASYARVNDYGFLEAPYRKVVDGKVTDEIEYLSAIDEDNYVIAQASTKLDENNHFVEDIIQCR
SGGEAIFTESSRVQYMDVSAKQMVSAAAALIPFLEHDDANRVLMGANMQRQAVPTLKSEKPLVGTGMEKIVARDSGNCII
ARNVGEVAEVDSNRIVIKVDTEKSQTSNLVDIYSLTKFKRSNKNTCINQRPIVNVGDKVEAGDILADGFATDFGELSLGH
NLMVAFMPWNGYNFEDSILLSERIVKDDKYTSIHIEEFTCVARDTKLGPEEITADIPNVSESSLAKLDESGIVHIGANVE
AGDILVAKITPKAEQQLTPEERLLRAIFNEKASNVVDSSLRMPSGTSGTVINVQVFENDKGGKSKRALKIEKELIDKARK
DFDEEFAVIESVVKSSIEQEVVGAKIQKAKGLKKGAILTKEFLATLPLSKWLEISFEDEKLEEKVQNAREYYEEAKIAID
AKFEAKKKSITQSNELSPGVLKTVKVFVAIKKRIQPGDKMAGRHGNKGVVSRVLPVEDMPYMEDGTPVDVCLNPLGIPSR
MNIGQILEAHLGLASYGLGKKIEKTLEKTRKAAELRKTLEEVYNSVGDKKVNLEALNDEEILTLCDNLKGGVPIATPVFD
GAKEEDIKSLLKIGGFATNGQMKLFDGRTGKPFDRHVTVGYMYMLKLDHLVDDKMHARSTGSYSLVTQQPLGGKAQFGGQ
RFGEMEVWALQAYGAAYTLREMLTVKSDDIAGRSKMYKNIVDGKLTMNVDVPESFNVLRNEVRALGIDMDFDYSSEEE
;
C
4 'polypeptide(L)'
;MNNGILHQNYNSKKFDIIKISLASPEVIRSWSHGEVKKPETINYRTFKPERDGLFCAKIFGPIKDYECLCGKYKRLKHRG
VVCERCGVEVEQAKVRRERMGHIDLVCPVVHIWYLKSLPSRIGLFLDMPLKNVEKVLYFESYIVTDPGMTPLEKKQLLTD
EEYAEALENYGYEFEASMGAEAIRDLLADTDIESEIELLQAECEESKSTAKKEKAIKRLRLLETFQASGNKPEWMVMTVL
PVLPPDLRPLVPIEGGRFATSDLNDLYRRVINRNNRLKKLLDLNAPDIIVRNEKRMLQEAVDALLDNGRRGRAVTGSNKR
PLKSLADMIKGKQGRFRQNLLGKRVDYSGRSVITVGPSLRLHECGLPKKMALELFKPFVYSKLRLGGHATTIKQAKRMVE
LEEAVVWDILETVINEHPVLLNRAPTLHRLGIQAFEPRLIEGKAIQLHPLVCAAFNADFDGDQMAVHVPLTVESQLEARV
LMMSTNNILSPASGQPIITPTQDIVLGLYYITREKEGARGEGKLFSSYEDVSRAYNSGTIDIHAKIKLRIDRQVFDTKGN
TYNEKGVVNTTVGRALLLNILPEGLSFSLLNKVLVKKEISKIINQAFRVLGGKATVVLADKLMYAGFKYSTLSGVSVGVD
DMTIPDNKEAKIEEAEKEIKQITEQYQSSLITENERYNNIINIWSKTSDEVGASMMDAISKDTVSINGEKKEIESFNSVY
MMAKSGARGSYNQMRQLAGMRGLMAKPDGTMIETAITANFREGLSVLQYFTSTHGARKGLADTALKTANAGYLTRRLVDV
AQDLVVIEEDCGTDDGLMFSAIVEDGEVKVPLVERALGRTLAADVVTEKGVVLLEAGTLLDENLVELLDDNGIDMIKVRS
PITCKTRRGLCAKCYGRDLARERQVNVGESVGVIAAQSIGEPGTQLTMRTFHTGGAASLGITVSDIKVKTAGKIKFKNIR
TVTNKEGQEIVISRAGEIIVSDTMGRVREQHKIPMGAVVPLASGKAVEIGDVIATWDPHAQPLITDVAGKVVLEDVIDGI
TSKHTYDDLTGQQTIEITSISQRTTSKNLKPVVKIVDEKGAELKSIPLAVGAVLNVADDSILEVGDIVAKIPLEGSKNKD
ITGGLPRVAELFEARRPKDAAILSPCDGMVRLGNRDTKEKQRIEIIDKNGHIVEEILLPKSRHLVVFDGEQVSRGDVLAD
GPTDPHDLLKYKGLEEFADYILIEAQSVYRMQGVVINDKHIETIVRQMLRKAVILDEGDSKFVKDESIELVRILEENDKL
RKQGKKEVEYELVLMGITRSSLSTESFLSAASFQETTRVLTEASINSQIDNLRGLKENVLIGRLIPAGTGLAVRKESAKI
EKMREELGVEDNMVFTDLSSFNPEEISFDSIQSQKEDKDINEDIEESLRNALESLDFAAASMEKRRWKKNFIAVSAANRF
KKISSSGALDYDIPTTASENLYFQGELKTAALAQHDEAVDNKFNKEQQNAFYEILHLPNLNEEQRNAFIQSLKDDPSQSA
NLLAEAKKLNDAQAPKVDNKFNKEQQNAFYEILHLPNLNEEQRNAFIQSLKDDPSQSANLLAEAKKLNGAQAPKVDANSA
GKST
;
D
5 'polypeptide(L)' MARVTVEDCLDKVETRFDLVVLASMRANKILKNGYSESMENEKKEKATVVALREIAESEITSEQILRNEIEG E
6 'polydeoxyribonucleotide' (DA)(DC)(DG)(DG)(DC)(DG)(DA)(DA)(DT)(DA)(DC)(DC)(DC) F
7 'polydeoxyribonucleotide'
;(DG)(DG)(DG)(DT)(DA)(DT)(DT)(DC)(DG)(DC)(DC)(DG)(DT)(DG)(DT)(DA)(DC)(DC)(DT)(DC)
(DT)(DC)(DC)(DT)
;
G
8 'polyribonucleotide' AGGAGAGGUA R
#
loop_
_chem_comp.id
_chem_comp.type
_chem_comp.name
_chem_comp.formula
A RNA linking ADENOSINE-5'-MONOPHOSPHATE 'C10 H14 N5 O7 P'
DA DNA linking 2'-DEOXYADENOSINE-5'-MONOPHOSPHATE 'C10 H14 N5 O6 P'
DC DNA linking 2'-DEOXYCYTIDINE-5'-MONOPHOSPHATE 'C9 H14 N3 O7 P'
DG DNA linking 2'-DEOXYGUANOSINE-5'-MONOPHOSPHATE 'C10 H14 N5 O7 P'
DT DNA linking THYMIDINE-5'-MONOPHOSPHATE 'C10 H15 N2 O8 P'
G RNA linking GUANOSINE-5'-MONOPHOSPHATE 'C10 H14 N5 O8 P'
MG non-polymer 'MAGNESIUM ION' 'Mg 2'
U RNA linking URIDINE-5'-MONOPHOSPHATE 'C9 H13 N2 O9 P'
ZN non-polymer 'ZINC ION' 'Zn 2'
#
# COMPACT_ATOMS: atom_id res chain seq x y z
N SER A 6 -60.69 18.79 -29.34
CA SER A 6 -60.73 17.61 -28.48
C SER A 6 -61.64 17.82 -27.28
N LYS A 7 -61.56 19.02 -26.69
CA LYS A 7 -62.36 19.41 -25.53
C LYS A 7 -62.15 18.47 -24.36
N LEU A 8 -61.10 17.65 -24.44
CA LEU A 8 -60.76 16.71 -23.38
C LEU A 8 -59.68 17.26 -22.46
N GLU A 9 -59.71 18.54 -22.17
CA GLU A 9 -58.67 19.13 -21.35
C GLU A 9 -58.95 18.81 -19.88
N PHE A 10 -58.12 17.94 -19.32
CA PHE A 10 -58.18 17.62 -17.90
C PHE A 10 -57.20 18.54 -17.16
N VAL A 11 -57.62 19.00 -15.99
CA VAL A 11 -56.77 19.73 -15.08
C VAL A 11 -56.96 19.08 -13.71
N PRO A 12 -55.91 18.52 -13.10
CA PRO A 12 -56.12 17.71 -11.90
C PRO A 12 -56.40 18.55 -10.66
N ASN A 13 -57.13 17.92 -9.74
CA ASN A 13 -57.46 18.47 -8.43
C ASN A 13 -56.82 17.61 -7.35
N ILE A 14 -56.38 18.25 -6.27
CA ILE A 14 -55.65 17.59 -5.19
C ILE A 14 -56.62 17.16 -4.10
N GLN A 15 -56.33 16.04 -3.46
CA GLN A 15 -57.25 15.41 -2.54
C GLN A 15 -56.43 14.68 -1.48
N LEU A 16 -57.09 14.28 -0.41
CA LEU A 16 -56.38 13.65 0.70
C LEU A 16 -56.99 12.32 1.04
N LYS A 17 -57.15 11.44 0.08
CA LYS A 17 -57.66 10.12 0.41
C LYS A 17 -56.72 9.45 1.40
N GLU A 18 -57.26 8.56 2.22
CA GLU A 18 -56.46 7.59 2.95
C GLU A 18 -55.39 8.25 3.83
N ASP A 19 -55.87 8.88 4.89
CA ASP A 19 -55.01 9.16 6.04
C ASP A 19 -54.77 7.85 6.79
N LEU A 20 -53.55 7.34 6.74
CA LEU A 20 -53.24 6.05 7.32
C LEU A 20 -52.15 6.22 8.36
N GLY A 21 -51.78 5.10 8.98
CA GLY A 21 -50.54 4.97 9.72
C GLY A 21 -50.14 6.07 10.68
N ALA A 22 -48.84 6.14 10.97
CA ALA A 22 -48.30 7.00 12.02
C ALA A 22 -48.35 8.47 11.63
N PHE A 23 -47.57 8.84 10.63
CA PHE A 23 -47.67 10.14 9.99
C PHE A 23 -47.66 9.97 8.49
N SER A 24 -48.24 8.87 8.02
CA SER A 24 -48.28 8.48 6.63
C SER A 24 -49.63 8.85 6.02
N TYR A 25 -49.62 9.23 4.75
CA TYR A 25 -50.84 9.66 4.08
C TYR A 25 -50.83 9.14 2.66
N LYS A 26 -51.80 9.60 1.86
CA LYS A 26 -51.88 9.32 0.43
C LYS A 26 -52.57 10.50 -0.24
N VAL A 27 -51.79 11.44 -0.76
CA VAL A 27 -52.38 12.46 -1.62
C VAL A 27 -52.77 11.83 -2.96
N GLN A 28 -53.66 12.51 -3.67
CA GLN A 28 -54.15 12.00 -4.95
C GLN A 28 -54.46 13.16 -5.89
N LEU A 29 -54.15 12.98 -7.16
CA LEU A 29 -54.44 13.95 -8.22
C LEU A 29 -55.25 13.21 -9.29
N SER A 30 -56.55 13.44 -9.31
CA SER A 30 -57.46 12.46 -9.90
C SER A 30 -57.53 12.55 -11.43
N PRO A 31 -57.95 13.67 -12.04
CA PRO A 31 -57.92 13.73 -13.51
C PRO A 31 -56.61 14.24 -14.09
N VAL A 32 -55.75 13.37 -14.62
CA VAL A 32 -54.52 13.82 -15.25
C VAL A 32 -54.55 13.38 -16.71
N GLU A 33 -53.73 14.02 -17.53
CA GLU A 33 -53.93 14.08 -18.97
C GLU A 33 -53.15 13.03 -19.73
N LYS A 34 -53.07 11.79 -19.23
CA LYS A 34 -52.69 10.64 -20.03
C LYS A 34 -51.29 10.82 -20.65
N GLY A 35 -50.29 10.80 -19.77
CA GLY A 35 -48.93 10.93 -20.20
C GLY A 35 -48.16 11.89 -19.32
N MET A 36 -48.87 12.86 -18.76
CA MET A 36 -48.28 13.86 -17.89
C MET A 36 -48.25 13.44 -16.44
N ALA A 37 -48.61 12.21 -16.13
CA ALA A 37 -48.74 11.82 -14.73
C ALA A 37 -47.41 11.37 -14.15
N HIS A 38 -46.65 10.55 -14.88
CA HIS A 38 -45.35 10.11 -14.42
C HIS A 38 -44.38 11.26 -14.26
N ILE A 39 -44.50 12.28 -15.10
CA ILE A 39 -43.70 13.48 -14.97
C ILE A 39 -43.97 14.16 -13.64
N LEU A 40 -45.25 14.30 -13.28
CA LEU A 40 -45.61 14.94 -12.03
C LEU A 40 -45.21 14.09 -10.84
N GLY A 41 -45.41 12.78 -10.93
CA GLY A 41 -44.95 11.92 -9.86
C GLY A 41 -43.48 12.10 -9.57
N ASN A 42 -42.65 12.07 -10.62
CA ASN A 42 -41.21 12.21 -10.42
C ASN A 42 -40.85 13.59 -9.90
N SER A 43 -41.43 14.64 -10.46
CA SER A 43 -41.06 15.99 -10.03
C SER A 43 -41.48 16.23 -8.57
N ILE A 44 -42.64 15.74 -8.18
CA ILE A 44 -43.07 15.85 -6.79
C ILE A 44 -42.12 15.10 -5.88
N ARG A 45 -41.84 13.83 -6.20
CA ARG A 45 -40.95 13.06 -5.34
C ARG A 45 -39.59 13.70 -5.20
N ARG A 46 -39.07 14.28 -6.27
CA ARG A 46 -37.74 14.83 -6.23
C ARG A 46 -37.67 16.23 -5.64
N VAL A 47 -38.78 16.96 -5.60
CA VAL A 47 -38.76 18.29 -4.98
C VAL A 47 -39.15 18.23 -3.50
N LEU A 48 -40.04 17.31 -3.11
CA LEU A 48 -40.32 17.12 -1.70
C LEU A 48 -39.07 16.73 -0.94
N LEU A 49 -38.38 15.69 -1.39
CA LEU A 49 -37.21 15.13 -0.75
C LEU A 49 -35.98 16.02 -0.80
N SER A 50 -36.04 17.21 -1.40
CA SER A 50 -34.83 18.03 -1.49
C SER A 50 -35.02 19.52 -1.20
N SER A 51 -36.19 20.10 -1.34
CA SER A 51 -36.31 21.54 -1.31
C SER A 51 -37.22 22.07 -0.22
N LEU A 52 -37.90 21.21 0.52
CA LEU A 52 -38.80 21.67 1.56
C LEU A 52 -38.01 22.23 2.73
N SER A 53 -38.52 23.31 3.30
CA SER A 53 -37.90 23.98 4.44
C SER A 53 -38.58 23.55 5.73
N GLY A 54 -37.88 23.74 6.84
CA GLY A 54 -38.39 23.34 8.13
C GLY A 54 -37.72 24.11 9.24
N ALA A 55 -37.88 23.62 10.46
CA ALA A 55 -37.24 24.21 11.62
C ALA A 55 -36.66 23.12 12.51
N SER A 56 -35.56 23.44 13.19
CA SER A 56 -34.86 22.50 14.05
C SER A 56 -33.99 23.28 15.01
N ILE A 57 -33.43 22.55 15.98
CA ILE A 57 -32.52 23.14 16.96
C ILE A 57 -31.14 23.25 16.35
N ILE A 58 -30.56 24.44 16.40
CA ILE A 58 -29.26 24.67 15.78
C ILE A 58 -28.16 25.00 16.79
N LYS A 59 -28.47 25.10 18.08
CA LYS A 59 -27.48 25.45 19.07
C LYS A 59 -28.08 25.21 20.44
N VAL A 60 -27.29 24.75 21.40
CA VAL A 60 -27.76 24.54 22.76
C VAL A 60 -26.76 25.11 23.75
N ASN A 61 -27.24 25.42 24.95
CA ASN A 61 -26.40 26.02 25.99
C ASN A 61 -26.88 25.45 27.33
N ILE A 62 -26.21 24.38 27.75
CA ILE A 62 -26.49 23.79 29.06
C ILE A 62 -25.77 24.58 30.14
N ALA A 63 -26.27 24.48 31.37
CA ALA A 63 -25.92 25.46 32.38
C ALA A 63 -24.53 25.22 32.97
N ASN A 64 -24.34 24.11 33.64
CA ASN A 64 -23.06 23.82 34.26
C ASN A 64 -22.21 22.91 33.38
N VAL A 65 -22.01 23.37 32.15
CA VAL A 65 -21.40 22.57 31.10
C VAL A 65 -20.62 23.50 30.18
N LEU A 66 -19.37 23.18 29.94
CA LEU A 66 -18.49 24.02 29.11
C LEU A 66 -18.36 23.52 27.69
N HIS A 67 -18.28 22.20 27.49
CA HIS A 67 -18.12 21.65 26.16
C HIS A 67 -18.97 20.41 26.04
N GLU A 68 -18.85 19.74 24.91
CA GLU A 68 -19.71 18.60 24.62
C GLU A 68 -19.17 17.31 25.20
N TYR A 69 -17.88 17.22 25.44
CA TYR A 69 -17.26 16.01 25.99
C TYR A 69 -17.14 16.18 27.50
N SER A 70 -18.30 16.37 28.10
CA SER A 70 -18.43 16.78 29.49
C SER A 70 -19.36 15.78 30.15
N THR A 71 -19.76 16.08 31.38
CA THR A 71 -20.58 15.19 32.18
C THR A 71 -21.22 15.99 33.29
N LEU A 72 -22.47 15.66 33.61
CA LEU A 72 -23.18 16.29 34.71
C LEU A 72 -23.43 15.27 35.81
N GLU A 73 -23.52 15.77 37.03
CA GLU A 73 -23.78 14.92 38.18
C GLU A 73 -25.24 14.52 38.22
N ASP A 74 -25.49 13.30 38.68
CA ASP A 74 -26.83 12.76 38.88
C ASP A 74 -27.57 12.51 37.57
N VAL A 75 -26.97 12.92 36.44
CA VAL A 75 -27.54 12.70 35.11
C VAL A 75 -26.93 11.44 34.54
N LYS A 76 -27.74 10.61 33.89
CA LYS A 76 -27.30 9.31 33.41
C LYS A 76 -26.65 9.35 32.03
N GLU A 77 -26.56 10.52 31.40
CA GLU A 77 -26.03 10.68 30.06
C GLU A 77 -24.91 11.70 30.06
N ASP A 78 -24.12 11.73 29.00
CA ASP A 78 -23.13 12.77 28.81
C ASP A 78 -23.61 13.73 27.73
N VAL A 79 -22.98 14.90 27.67
CA VAL A 79 -23.51 15.96 26.83
C VAL A 79 -23.48 15.54 25.36
N VAL A 80 -22.59 14.63 24.99
CA VAL A 80 -22.54 14.15 23.62
C VAL A 80 -23.79 13.34 23.29
N GLU A 81 -24.41 12.74 24.30
CA GLU A 81 -25.59 11.92 24.16
C GLU A 81 -26.88 12.69 24.36
N ILE A 82 -26.80 13.85 25.00
CA ILE A 82 -27.92 14.78 25.10
C ILE A 82 -28.08 15.60 23.84
N VAL A 83 -26.97 16.14 23.31
CA VAL A 83 -27.04 16.83 22.04
C VAL A 83 -27.45 15.89 20.91
N SER A 84 -27.40 14.59 21.13
CA SER A 84 -27.87 13.63 20.15
C SER A 84 -29.37 13.42 20.19
N ASN A 85 -30.01 13.69 21.32
CA ASN A 85 -31.46 13.61 21.45
C ASN A 85 -32.15 14.92 21.13
N LEU A 86 -31.46 16.04 21.23
CA LEU A 86 -31.99 17.30 20.78
C LEU A 86 -32.03 17.42 19.27
N LYS A 87 -31.70 16.36 18.55
CA LYS A 87 -31.83 16.33 17.10
C LYS A 87 -33.08 15.62 16.63
N LYS A 88 -33.70 14.81 17.47
CA LYS A 88 -34.94 14.14 17.13
C LYS A 88 -36.17 14.89 17.62
N VAL A 89 -36.00 16.11 18.09
CA VAL A 89 -37.11 16.93 18.55
C VAL A 89 -37.73 17.58 17.32
N ALA A 90 -39.00 17.27 17.06
CA ALA A 90 -39.71 17.82 15.91
C ALA A 90 -40.48 19.06 16.34
N ILE A 91 -40.10 20.21 15.79
CA ILE A 91 -40.67 21.49 16.16
C ILE A 91 -41.50 22.01 15.00
N LYS A 92 -42.50 22.83 15.30
CA LYS A 92 -43.40 23.39 14.31
C LYS A 92 -43.53 24.90 14.51
N LEU A 93 -42.73 25.69 13.81
CA LEU A 93 -42.78 27.13 13.95
C LEU A 93 -43.98 27.71 13.21
N ASP A 94 -44.23 28.99 13.45
CA ASP A 94 -45.31 29.72 12.80
C ASP A 94 -44.75 30.65 11.73
N THR A 95 -45.58 31.57 11.25
CA THR A 95 -45.36 32.25 9.98
C THR A 95 -44.02 32.98 9.96
N GLY A 96 -43.91 34.06 10.71
CA GLY A 96 -42.77 34.93 10.51
C GLY A 96 -41.87 35.06 11.71
N ILE A 97 -41.61 33.96 12.41
CA ILE A 97 -40.72 34.00 13.56
C ILE A 97 -39.28 33.88 13.09
N ASP A 98 -38.98 32.79 12.38
CA ASP A 98 -37.75 32.63 11.64
C ASP A 98 -36.54 32.37 12.53
N ARG A 99 -36.69 32.58 13.84
CA ARG A 99 -35.64 32.36 14.84
C ARG A 99 -36.16 32.62 16.24
N LEU A 100 -35.71 31.87 17.23
CA LEU A 100 -36.14 32.07 18.60
C LEU A 100 -35.28 31.20 19.51
N ASP A 101 -35.39 31.43 20.82
CA ASP A 101 -34.71 30.64 21.83
C ASP A 101 -35.75 29.96 22.71
N LEU A 102 -35.80 28.64 22.67
CA LEU A 102 -36.60 27.91 23.63
C LEU A 102 -35.92 27.92 24.99
N GLU A 103 -36.61 27.43 26.00
CA GLU A 103 -36.06 27.34 27.34
C GLU A 103 -36.58 26.07 28.01
N LEU A 104 -35.70 25.40 28.73
CA LEU A 104 -36.05 24.25 29.55
C LEU A 104 -35.52 24.49 30.94
N SER A 105 -36.28 24.08 31.96
CA SER A 105 -35.82 24.17 33.34
C SER A 105 -36.71 23.30 34.19
N VAL A 106 -36.11 22.42 34.99
CA VAL A 106 -36.83 21.49 35.84
C VAL A 106 -36.13 21.40 37.18
N ASN A 107 -36.80 20.77 38.14
CA ASN A 107 -36.21 20.35 39.41
C ASN A 107 -36.81 19.02 39.84
N LYS A 108 -36.94 18.10 38.92
CA LYS A 108 -37.58 16.82 39.18
C LYS A 108 -36.51 15.75 39.38
N SER A 109 -36.94 14.49 39.42
CA SER A 109 -36.02 13.37 39.58
C SER A 109 -36.40 12.21 38.67
N GLY A 110 -36.72 12.51 37.42
CA GLY A 110 -37.07 11.46 36.49
C GLY A 110 -36.62 11.72 35.08
N VAL A 111 -37.30 11.12 34.10
CA VAL A 111 -36.94 11.32 32.70
C VAL A 111 -37.41 12.70 32.27
N VAL A 112 -36.47 13.56 31.91
CA VAL A 112 -36.77 14.81 31.24
C VAL A 112 -37.19 14.47 29.82
N SER A 113 -38.14 15.21 29.27
CA SER A 113 -38.72 14.91 27.98
C SER A 113 -38.70 16.16 27.10
N ALA A 114 -39.23 16.01 25.89
CA ALA A 114 -39.40 17.17 25.04
C ALA A 114 -40.59 18.01 25.44
N GLY A 115 -41.57 17.40 26.13
CA GLY A 115 -42.70 18.17 26.61
C GLY A 115 -42.36 19.19 27.68
N ASP A 116 -41.16 19.14 28.22
CA ASP A 116 -40.75 19.99 29.33
C ASP A 116 -40.24 21.35 28.91
N PHE A 117 -40.26 21.68 27.63
CA PHE A 117 -39.86 23.01 27.22
C PHE A 117 -40.92 24.01 27.65
N LYS A 118 -40.49 25.20 28.05
CA LYS A 118 -41.45 26.22 28.45
C LYS A 118 -42.33 26.59 27.27
N THR A 119 -43.63 26.75 27.54
CA THR A 119 -44.58 27.04 26.48
C THR A 119 -44.38 28.44 25.93
N THR A 120 -43.66 28.54 24.82
CA THR A 120 -43.60 29.75 24.04
C THR A 120 -44.76 29.77 23.06
N GLN A 121 -45.21 30.96 22.70
CA GLN A 121 -46.24 31.06 21.68
C GLN A 121 -45.60 31.08 20.30
N GLY A 122 -46.21 30.37 19.37
CA GLY A 122 -45.65 30.18 18.04
C GLY A 122 -44.92 28.87 17.89
N VAL A 123 -44.24 28.42 18.95
CA VAL A 123 -43.58 27.13 18.92
C VAL A 123 -44.58 26.05 19.23
N GLU A 124 -44.28 24.83 18.82
CA GLU A 124 -45.06 23.67 19.21
C GLU A 124 -44.24 22.42 18.97
N ILE A 125 -43.96 21.69 20.03
CA ILE A 125 -43.23 20.43 19.93
C ILE A 125 -44.21 19.35 19.54
N ILE A 126 -43.83 18.52 18.58
CA ILE A 126 -44.74 17.53 18.02
C ILE A 126 -44.62 16.20 18.73
N ASN A 127 -43.41 15.73 18.97
CA ASN A 127 -43.20 14.49 19.72
C ASN A 127 -42.81 14.90 21.13
N LYS A 128 -43.75 14.70 22.06
CA LYS A 128 -43.60 15.20 23.42
C LYS A 128 -42.94 14.19 24.35
N ASP A 129 -43.03 12.90 24.04
CA ASP A 129 -42.37 11.89 24.85
C ASP A 129 -41.02 11.49 24.29
N GLN A 130 -40.34 12.42 23.62
CA GLN A 130 -38.99 12.20 23.19
C GLN A 130 -38.07 12.41 24.37
N PRO A 131 -37.39 11.37 24.87
CA PRO A 131 -36.47 11.56 26.01
C PRO A 131 -35.34 12.51 25.67
N ILE A 132 -34.98 13.36 26.63
CA ILE A 132 -33.85 14.26 26.46
C ILE A 132 -32.70 13.89 27.37
N ALA A 133 -33.00 13.68 28.65
CA ALA A 133 -32.00 13.31 29.65
C ALA A 133 -32.73 12.51 30.72
N THR A 134 -31.96 11.86 31.57
CA THR A 134 -32.49 11.16 32.73
C THR A 134 -31.76 11.64 33.97
N LEU A 135 -32.50 12.20 34.91
CA LEU A 135 -31.97 12.54 36.22
C LEU A 135 -32.25 11.35 37.15
N THR A 136 -31.19 10.78 37.70
CA THR A 136 -31.33 9.65 38.60
C THR A 136 -31.47 10.07 40.05
N ASN A 137 -31.13 11.31 40.38
CA ASN A 137 -31.45 11.92 41.65
C ASN A 137 -32.03 13.29 41.39
N GLN A 138 -32.63 13.88 42.40
CA GLN A 138 -33.33 15.14 42.22
C GLN A 138 -32.34 16.30 42.12
N ARG A 139 -32.45 17.09 41.06
CA ARG A 139 -31.56 18.21 40.85
C ARG A 139 -32.17 19.15 39.83
N ALA A 140 -31.48 20.26 39.60
CA ALA A 140 -31.97 21.35 38.75
C ALA A 140 -31.26 21.32 37.41
N PHE A 141 -32.02 21.13 36.33
CA PHE A 141 -31.51 20.91 34.99
C PHE A 141 -32.06 21.95 34.04
N SER A 142 -31.19 22.75 33.44
CA SER A 142 -31.62 23.91 32.66
C SER A 142 -30.77 24.07 31.40
N LEU A 143 -31.43 24.33 30.28
CA LEU A 143 -30.75 24.54 29.00
C LEU A 143 -31.58 25.45 28.12
N THR A 144 -30.91 26.10 27.17
CA THR A 144 -31.55 27.02 26.24
C THR A 144 -31.18 26.64 24.81
N ALA A 145 -32.13 26.04 24.09
CA ALA A 145 -31.96 25.65 22.71
C ALA A 145 -32.37 26.78 21.78
N THR A 146 -31.65 26.94 20.68
CA THR A 146 -31.96 27.92 19.65
C THR A 146 -32.57 27.23 18.45
N VAL A 147 -33.67 27.76 17.94
CA VAL A 147 -34.41 27.16 16.84
C VAL A 147 -34.34 28.10 15.65
N SER A 148 -34.20 27.53 14.45
CA SER A 148 -34.09 28.33 13.25
C SER A 148 -34.78 27.62 12.10
N VAL A 149 -34.93 28.34 10.99
CA VAL A 149 -35.51 27.78 9.77
C VAL A 149 -34.41 27.66 8.73
N GLY A 150 -34.59 26.72 7.82
CA GLY A 150 -33.63 26.50 6.76
C GLY A 150 -33.96 25.23 6.04
N ARG A 151 -33.13 24.89 5.06
CA ARG A 151 -33.26 23.63 4.37
C ARG A 151 -31.90 23.00 4.21
N ASN A 152 -31.91 21.73 3.88
CA ASN A 152 -30.69 20.95 3.71
C ASN A 152 -30.03 21.37 2.41
N VAL A 153 -29.14 22.35 2.48
CA VAL A 153 -28.46 22.86 1.30
C VAL A 153 -27.32 21.96 0.86
N GLY A 154 -26.98 20.94 1.65
CA GLY A 154 -25.94 20.01 1.25
C GLY A 154 -24.77 20.05 2.21
N ILE A 155 -23.81 19.14 2.04
CA ILE A 155 -22.78 18.98 3.06
C ILE A 155 -21.84 20.19 3.06
N LEU A 156 -21.15 20.42 1.94
CA LEU A 156 -20.06 21.40 1.94
C LEU A 156 -20.57 22.79 2.29
N SER A 157 -21.42 23.37 1.45
CA SER A 157 -22.01 24.67 1.76
C SER A 157 -23.00 24.50 2.91
N ALA A 158 -22.85 25.31 3.95
CA ALA A 158 -23.68 25.19 5.13
C ALA A 158 -23.52 26.44 5.96
N ILE A 159 -24.11 26.43 7.15
CA ILE A 159 -24.01 27.53 8.10
C ILE A 159 -23.12 27.09 9.26
N PRO A 160 -22.09 27.86 9.61
CA PRO A 160 -21.20 27.48 10.72
C PRO A 160 -21.77 27.68 12.12
N THR A 161 -22.92 28.35 12.27
CA THR A 161 -23.59 28.48 13.56
C THR A 161 -22.69 29.17 14.58
N GLU A 162 -22.45 30.45 14.35
CA GLU A 162 -21.61 31.24 15.27
C GLU A 162 -22.08 31.09 16.71
N LEU A 163 -21.12 31.09 17.62
CA LEU A 163 -21.34 30.93 19.05
C LEU A 163 -21.04 32.23 19.77
N GLU A 164 -21.87 32.55 20.76
CA GLU A 164 -21.75 33.83 21.46
C GLU A 164 -21.36 33.68 22.92
N ARG A 165 -22.15 32.97 23.72
CA ARG A 165 -21.82 32.76 25.12
C ARG A 165 -20.69 31.74 25.21
N VAL A 166 -20.40 31.24 26.41
CA VAL A 166 -19.22 30.41 26.60
C VAL A 166 -19.56 28.94 26.47
N GLY A 167 -20.77 28.55 26.86
CA GLY A 167 -21.09 27.14 26.88
C GLY A 167 -21.85 26.67 25.67
N ASP A 168 -21.81 27.45 24.60
CA ASP A 168 -22.59 27.15 23.40
C ASP A 168 -22.03 25.95 22.66
N ILE A 169 -22.90 25.02 22.33
CA ILE A 169 -22.57 23.86 21.51
C ILE A 169 -23.41 23.96 20.26
N ALA A 170 -22.82 23.61 19.12
CA ALA A 170 -23.52 23.66 17.84
C ALA A 170 -24.14 22.31 17.55
N VAL A 171 -25.41 22.32 17.15
CA VAL A 171 -26.12 21.13 16.73
C VAL A 171 -26.38 21.26 15.24
N ASP A 172 -26.19 20.16 14.51
CA ASP A 172 -26.39 20.15 13.06
C ASP A 172 -27.78 19.61 12.73
N ALA A 173 -28.56 20.41 12.04
CA ALA A 173 -29.98 20.18 11.94
C ALA A 173 -30.37 19.48 10.65
N ASP A 174 -31.51 18.79 10.72
CA ASP A 174 -32.17 18.13 9.60
C ASP A 174 -33.47 18.88 9.41
N PHE A 175 -33.46 19.86 8.53
CA PHE A 175 -34.59 20.77 8.44
C PHE A 175 -35.77 20.16 7.69
N ASN A 176 -35.52 19.28 6.74
CA ASN A 176 -36.58 18.75 5.90
C ASN A 176 -37.57 17.94 6.72
N PRO A 177 -38.88 18.15 6.55
CA PRO A 177 -39.88 17.38 7.30
C PRO A 177 -40.39 16.13 6.62
N ILE A 178 -39.92 15.77 5.43
CA ILE A 178 -40.44 14.63 4.69
C ILE A 178 -39.47 13.47 4.83
N LYS A 179 -39.99 12.29 5.11
CA LYS A 179 -39.13 11.15 5.40
C LYS A 179 -39.09 10.12 4.28
N ARG A 180 -40.14 9.93 3.51
CA ARG A 180 -40.16 8.87 2.53
C ARG A 180 -41.33 9.09 1.57
N VAL A 181 -41.05 9.15 0.27
CA VAL A 181 -42.06 9.41 -0.74
C VAL A 181 -42.10 8.26 -1.73
N ALA A 182 -43.26 8.05 -2.32
CA ALA A 182 -43.41 7.15 -3.45
C ALA A 182 -44.50 7.72 -4.33
N PHE A 183 -44.83 7.02 -5.41
CA PHE A 183 -45.99 7.40 -6.20
C PHE A 183 -46.38 6.25 -7.12
N GLU A 184 -47.56 6.37 -7.70
CA GLU A 184 -48.08 5.40 -8.64
C GLU A 184 -49.02 6.12 -9.60
N VAL A 185 -49.27 5.49 -10.74
CA VAL A 185 -50.14 6.05 -11.77
C VAL A 185 -51.13 4.97 -12.18
N PHE A 186 -52.42 5.32 -12.19
CA PHE A 186 -53.49 4.40 -12.52
C PHE A 186 -54.17 4.83 -13.81
N ASP A 187 -54.72 3.86 -14.53
CA ASP A 187 -55.40 4.12 -15.79
C ASP A 187 -56.89 4.31 -15.55
N ASN A 188 -57.47 5.33 -16.17
CA ASN A 188 -58.90 5.54 -16.16
C ASN A 188 -59.54 5.41 -17.53
N GLY A 189 -58.77 5.62 -18.60
CA GLY A 189 -59.32 5.79 -19.92
C GLY A 189 -59.45 7.26 -20.23
N ASP A 190 -58.59 7.76 -21.11
CA ASP A 190 -58.53 9.17 -21.49
C ASP A 190 -57.93 10.03 -20.39
N SER A 191 -57.71 9.47 -19.21
CA SER A 191 -57.07 10.18 -18.12
C SER A 191 -56.47 9.17 -17.17
N GLU A 192 -55.60 9.66 -16.29
CA GLU A 192 -54.97 8.80 -15.29
C GLU A 192 -54.96 9.46 -13.92
N THR A 193 -54.69 8.64 -12.92
CA THR A 193 -54.72 9.03 -11.52
C THR A 193 -53.33 8.92 -10.91
N LEU A 194 -52.77 10.03 -10.50
CA LEU A 194 -51.50 10.05 -9.77
C LEU A 194 -51.78 9.92 -8.28
N GLU A 195 -51.05 9.04 -7.61
CA GLU A 195 -51.28 8.74 -6.21
C GLU A 195 -49.96 8.76 -5.45
N VAL A 196 -49.75 9.80 -4.65
CA VAL A 196 -48.51 10.04 -3.93
C VAL A 196 -48.64 9.49 -2.52
N PHE A 197 -47.58 8.88 -2.00
CA PHE A 197 -47.50 8.47 -0.60
C PHE A 197 -46.43 9.28 0.10
N VAL A 198 -46.82 10.06 1.09
CA VAL A 198 -45.89 10.91 1.82
C VAL A 198 -45.86 10.48 3.28
N LYS A 199 -44.68 10.50 3.87
CA LYS A 199 -44.49 10.24 5.29
C LYS A 199 -43.67 11.38 5.86
N THR A 200 -44.25 12.13 6.78
CA THR A 200 -43.63 13.31 7.35
C THR A 200 -43.23 13.04 8.79
N ASN A 201 -42.61 14.02 9.42
CA ASN A 201 -42.29 13.88 10.84
C ASN A 201 -43.40 14.44 11.72
N GLY A 202 -44.22 15.33 11.21
CA GLY A 202 -45.39 15.79 11.92
C GLY A 202 -45.61 17.27 11.84
N THR A 203 -44.60 18.02 11.40
CA THR A 203 -44.65 19.47 11.43
C THR A 203 -45.17 20.07 10.14
N ILE A 204 -45.85 19.28 9.32
CA ILE A 204 -46.46 19.78 8.09
C ILE A 204 -47.50 18.78 7.67
N GLU A 205 -48.47 19.22 6.89
CA GLU A 205 -49.59 18.42 6.47
C GLU A 205 -49.47 18.09 5.00
N PRO A 206 -50.00 16.96 4.57
CA PRO A 206 -49.71 16.46 3.21
C PRO A 206 -50.14 17.40 2.09
N LEU A 207 -51.36 17.93 2.14
CA LEU A 207 -51.80 18.79 1.06
C LEU A 207 -50.91 20.02 0.97
N ALA A 208 -50.65 20.67 2.11
CA ALA A 208 -49.81 21.86 2.09
C ALA A 208 -48.42 21.55 1.57
N ALA A 209 -47.89 20.38 1.94
CA ALA A 209 -46.57 19.98 1.47
C ALA A 209 -46.55 19.83 -0.04
N VAL A 210 -47.51 19.08 -0.59
CA VAL A 210 -47.48 18.80 -2.03
C VAL A 210 -47.76 20.05 -2.84
N THR A 211 -48.62 20.95 -2.38
CA THR A 211 -48.79 22.19 -3.13
C THR A 211 -47.58 23.10 -3.03
N LYS A 212 -46.82 23.02 -1.92
CA LYS A 212 -45.57 23.76 -1.87
C LYS A 212 -44.56 23.20 -2.86
N ALA A 213 -44.50 21.87 -2.96
CA ALA A 213 -43.63 21.24 -3.95
C ALA A 213 -43.97 21.71 -5.35
N LEU A 214 -45.27 21.72 -5.69
CA LEU A 214 -45.68 22.15 -7.01
C LEU A 214 -45.43 23.63 -7.24
N GLU A 215 -45.54 24.46 -6.20
CA GLU A 215 -45.19 25.87 -6.36
C GLU A 215 -43.73 26.03 -6.73
N TYR A 216 -42.85 25.26 -6.07
CA TYR A 216 -41.43 25.28 -6.43
C TYR A 216 -41.22 24.83 -7.87
N PHE A 217 -41.85 23.72 -8.25
CA PHE A 217 -41.64 23.16 -9.59
C PHE A 217 -42.14 24.10 -10.68
N CYS A 218 -43.28 24.75 -10.46
CA CYS A 218 -43.75 25.68 -11.48
C CYS A 218 -42.90 26.92 -11.55
N GLU A 219 -42.40 27.42 -10.42
CA GLU A 219 -41.50 28.56 -10.51
C GLU A 219 -40.21 28.18 -11.22
N GLN A 220 -39.83 26.90 -11.18
CA GLN A 220 -38.68 26.46 -11.96
C GLN A 220 -39.00 26.36 -13.45
N ILE A 221 -40.11 25.72 -13.79
CA ILE A 221 -40.54 25.57 -15.18
C ILE A 221 -40.82 26.92 -15.84
N SER A 222 -41.11 27.97 -15.09
CA SER A 222 -41.57 29.21 -15.71
C SER A 222 -40.47 30.00 -16.42
N VAL A 223 -39.26 29.47 -16.54
CA VAL A 223 -38.24 30.17 -17.29
C VAL A 223 -38.17 29.73 -18.74
N PHE A 224 -38.78 28.59 -19.09
CA PHE A 224 -38.81 28.12 -20.46
C PHE A 224 -39.99 28.65 -21.25
N VAL A 225 -40.88 29.43 -20.63
CA VAL A 225 -41.98 30.03 -21.38
C VAL A 225 -41.60 31.38 -21.96
N SER A 226 -40.41 31.87 -21.69
CA SER A 226 -39.96 33.14 -22.26
C SER A 226 -38.55 33.10 -22.82
N LEU A 227 -37.71 32.18 -22.35
CA LEU A 227 -36.29 32.20 -22.65
C LEU A 227 -35.68 33.55 -22.29
N ARG A 228 -36.18 34.14 -21.20
CA ARG A 228 -35.68 35.41 -20.69
C ARG A 228 -35.24 35.22 -19.24
N VAL A 229 -34.28 36.03 -18.83
CA VAL A 229 -33.64 35.87 -17.52
C VAL A 229 -34.60 36.24 -16.42
N PRO A 230 -35.31 37.38 -16.51
CA PRO A 230 -36.25 37.75 -15.46
C PRO A 230 -37.43 38.53 -15.99
N LEU B 3 -36.77 30.05 3.96
CA LEU B 3 -35.37 29.87 4.30
C LEU B 3 -34.49 30.84 3.55
N GLU B 4 -33.99 30.46 2.36
CA GLU B 4 -33.08 31.32 1.61
C GLU B 4 -33.29 31.30 0.09
N ASN B 5 -34.55 31.35 -0.38
CA ASN B 5 -34.82 31.85 -1.73
C ASN B 5 -34.22 31.06 -2.89
N LEU B 6 -34.81 29.92 -3.25
CA LEU B 6 -34.34 29.03 -4.32
C LEU B 6 -33.84 29.73 -5.59
N LEU B 7 -32.92 29.09 -6.30
CA LEU B 7 -32.07 29.73 -7.29
C LEU B 7 -32.60 29.58 -8.71
N HIS B 8 -32.36 30.60 -9.52
CA HIS B 8 -32.86 30.73 -10.88
C HIS B 8 -31.72 30.89 -11.87
N PRO B 9 -31.92 30.51 -13.14
CA PRO B 9 -30.80 30.38 -14.08
C PRO B 9 -30.02 31.64 -14.41
N THR B 10 -30.67 32.68 -14.90
CA THR B 10 -30.03 33.98 -15.09
C THR B 10 -29.05 33.99 -16.28
N ASN B 11 -28.76 32.82 -16.86
CA ASN B 11 -27.82 32.74 -17.99
C ASN B 11 -28.31 31.70 -18.99
N ILE B 12 -28.86 32.16 -20.11
CA ILE B 12 -29.40 31.30 -21.15
C ILE B 12 -28.61 31.51 -22.44
N LYS B 13 -28.31 30.42 -23.15
CA LYS B 13 -27.47 30.46 -24.34
C LYS B 13 -28.04 29.53 -25.39
N ILE B 14 -28.39 30.09 -26.55
CA ILE B 14 -29.00 29.36 -27.65
C ILE B 14 -27.98 29.25 -28.79
N ASP B 15 -28.09 28.19 -29.58
CA ASP B 15 -27.09 27.95 -30.62
C ASP B 15 -27.68 26.97 -31.63
N GLU B 16 -27.90 27.44 -32.86
CA GLU B 16 -28.50 26.64 -33.94
C GLU B 16 -27.39 26.01 -34.76
N TYR B 17 -27.12 24.74 -34.53
CA TYR B 17 -26.00 24.12 -35.22
C TYR B 17 -26.38 23.58 -36.60
N ALA B 18 -27.45 22.78 -36.69
CA ALA B 18 -27.99 22.33 -37.95
C ALA B 18 -29.19 23.18 -38.32
N LYS B 19 -29.95 22.73 -39.33
CA LYS B 19 -31.05 23.55 -39.84
C LYS B 19 -32.23 23.57 -38.88
N ASN B 20 -32.87 22.42 -38.67
CA ASN B 20 -33.95 22.31 -37.70
C ASN B 20 -33.45 21.64 -36.42
N ALA B 21 -32.46 22.27 -35.78
CA ALA B 21 -31.81 21.67 -34.63
C ALA B 21 -31.08 22.76 -33.88
N THR B 22 -31.08 22.69 -32.56
CA THR B 22 -30.64 23.79 -31.72
C THR B 22 -30.21 23.25 -30.36
N LYS B 23 -29.20 23.89 -29.77
CA LYS B 23 -28.69 23.58 -28.45
C LYS B 23 -29.00 24.73 -27.51
N PHE B 24 -29.63 24.44 -26.38
CA PHE B 24 -29.88 25.42 -25.34
C PHE B 24 -29.01 25.12 -24.12
N SER B 25 -28.70 26.17 -23.36
CA SER B 25 -27.93 26.03 -22.13
C SER B 25 -28.48 26.96 -21.07
N PHE B 26 -28.86 26.41 -19.92
CA PHE B 26 -29.34 27.17 -18.78
C PHE B 26 -28.47 26.80 -17.59
N GLU B 27 -27.74 27.76 -17.04
CA GLU B 27 -26.76 27.45 -16.02
C GLU B 27 -27.02 28.22 -14.73
N ALA B 28 -26.51 27.64 -13.64
CA ALA B 28 -26.85 27.99 -12.25
C ALA B 28 -28.26 27.54 -11.87
N LEU B 29 -28.53 26.26 -12.07
CA LEU B 29 -29.67 25.61 -11.45
C LEU B 29 -29.23 24.92 -10.16
N GLU B 30 -30.07 25.01 -9.14
CA GLU B 30 -29.71 24.45 -7.85
C GLU B 30 -29.53 22.94 -7.95
N ARG B 31 -28.81 22.38 -6.99
CA ARG B 31 -28.31 21.02 -7.10
C ARG B 31 -29.45 20.04 -7.32
N GLY B 32 -29.29 19.18 -8.33
CA GLY B 32 -30.25 18.13 -8.58
C GLY B 32 -31.49 18.55 -9.31
N VAL B 33 -31.62 19.84 -9.63
CA VAL B 33 -32.82 20.33 -10.33
C VAL B 33 -32.72 20.12 -11.82
N GLY B 34 -31.54 20.21 -12.41
CA GLY B 34 -31.39 19.93 -13.83
C GLY B 34 -31.89 18.57 -14.23
N TYR B 35 -31.84 17.60 -13.33
CA TYR B 35 -32.31 16.26 -13.66
C TYR B 35 -33.81 16.10 -13.57
N THR B 36 -34.51 17.00 -12.88
CA THR B 36 -35.96 16.93 -12.85
C THR B 36 -36.61 17.82 -13.89
N LEU B 37 -35.93 18.89 -14.30
CA LEU B 37 -36.42 19.69 -15.41
C LEU B 37 -36.16 19.01 -16.73
N GLY B 38 -34.96 18.44 -16.88
CA GLY B 38 -34.63 17.78 -18.14
C GLY B 38 -35.54 16.62 -18.46
N PHE B 39 -35.76 15.74 -17.48
CA PHE B 39 -36.62 14.59 -17.72
C PHE B 39 -38.02 15.03 -18.08
N ALA B 40 -38.54 16.02 -17.36
CA ALA B 40 -39.90 16.49 -17.60
C ALA B 40 -40.04 17.05 -19.01
N LEU B 41 -39.16 17.98 -19.37
CA LEU B 41 -39.22 18.58 -20.70
C LEU B 41 -39.05 17.55 -21.80
N LYS B 42 -38.04 16.68 -21.66
CA LYS B 42 -37.84 15.68 -22.70
C LYS B 42 -39.08 14.82 -22.89
N GLN B 43 -39.63 14.31 -21.79
CA GLN B 43 -40.74 13.38 -21.94
C GLN B 43 -42.03 14.04 -22.37
N THR B 44 -42.23 15.33 -22.08
CA THR B 44 -43.43 15.99 -22.56
C THR B 44 -43.29 16.50 -23.98
N MET B 45 -42.08 16.85 -24.43
CA MET B 45 -41.84 17.24 -25.80
C MET B 45 -41.88 16.06 -26.75
N LEU B 46 -41.33 14.93 -26.36
CA LEU B 46 -41.28 13.84 -27.31
C LEU B 46 -42.59 13.06 -27.39
N TYR B 47 -43.45 13.15 -26.38
CA TYR B 47 -44.61 12.26 -26.35
C TYR B 47 -45.91 12.91 -25.90
N SER B 48 -46.00 14.22 -25.75
CA SER B 48 -47.28 14.81 -25.41
C SER B 48 -47.54 16.13 -26.11
N ILE B 49 -47.00 16.30 -27.31
CA ILE B 49 -47.40 17.36 -28.21
C ILE B 49 -48.24 16.72 -29.30
N ALA B 50 -49.08 17.51 -29.96
CA ALA B 50 -50.03 17.00 -30.93
C ALA B 50 -49.65 17.42 -32.35
N GLY B 51 -50.01 16.57 -33.30
CA GLY B 51 -49.71 16.83 -34.69
C GLY B 51 -50.28 15.72 -35.54
N ALA B 52 -49.74 15.60 -36.74
CA ALA B 52 -50.18 14.61 -37.72
C ALA B 52 -49.00 13.77 -38.17
N CYS B 53 -49.29 12.59 -38.70
CA CYS B 53 -48.22 11.73 -39.19
C CYS B 53 -48.79 10.66 -40.10
N VAL B 54 -47.96 10.18 -41.02
CA VAL B 54 -48.31 9.04 -41.87
C VAL B 54 -48.28 7.77 -41.03
N THR B 55 -49.32 6.96 -41.13
CA THR B 55 -49.44 5.79 -40.29
C THR B 55 -49.61 4.48 -41.05
N SER B 56 -49.95 4.51 -42.32
CA SER B 56 -50.13 3.27 -43.08
C SER B 56 -49.74 3.53 -44.52
N ILE B 57 -49.19 2.51 -45.17
CA ILE B 57 -48.79 2.60 -46.57
C ILE B 57 -49.12 1.27 -47.23
N LYS B 58 -49.86 1.34 -48.33
CA LYS B 58 -50.23 0.17 -49.13
C LYS B 58 -49.93 0.51 -50.57
N ILE B 59 -49.27 -0.40 -51.29
CA ILE B 59 -48.61 0.03 -52.51
C ILE B 59 -49.41 -0.31 -53.77
N ASN B 60 -49.46 -1.58 -54.15
CA ASN B 60 -50.13 -1.92 -55.41
C ASN B 60 -51.57 -2.34 -55.13
N ASP B 61 -52.30 -1.43 -54.47
CA ASP B 61 -53.62 -1.73 -53.93
C ASP B 61 -53.62 -3.01 -53.10
N GLY B 62 -52.48 -3.35 -52.51
CA GLY B 62 -52.36 -4.53 -51.70
C GLY B 62 -51.70 -5.72 -52.35
N LYS B 63 -51.18 -5.56 -53.57
CA LYS B 63 -50.51 -6.64 -54.26
C LYS B 63 -49.05 -6.81 -53.84
N VAL B 64 -48.44 -5.77 -53.28
CA VAL B 64 -47.10 -5.84 -52.72
C VAL B 64 -47.23 -6.19 -51.24
N THR B 65 -46.76 -7.38 -50.86
CA THR B 65 -46.87 -7.85 -49.48
C THR B 65 -45.53 -7.84 -48.75
N SER B 66 -44.50 -8.42 -49.33
CA SER B 66 -43.23 -8.56 -48.67
C SER B 66 -42.37 -7.31 -48.86
N LEU B 67 -41.38 -7.17 -47.99
CA LEU B 67 -40.37 -6.14 -48.19
C LEU B 67 -39.36 -6.54 -49.25
N GLU B 68 -39.56 -7.69 -49.89
CA GLU B 68 -38.68 -8.20 -50.92
C GLU B 68 -39.42 -8.43 -52.23
N ASP B 69 -40.35 -7.55 -52.57
CA ASP B 69 -41.07 -7.60 -53.83
C ASP B 69 -40.52 -6.52 -54.76
N VAL B 70 -40.42 -6.86 -56.03
CA VAL B 70 -39.81 -5.96 -57.02
C VAL B 70 -40.85 -4.95 -57.49
N ILE B 71 -40.48 -3.69 -57.46
CA ILE B 71 -41.35 -2.64 -57.98
C ILE B 71 -40.57 -1.89 -59.05
N PRO B 72 -41.23 -1.34 -60.06
CA PRO B 72 -40.49 -0.71 -61.15
C PRO B 72 -39.77 0.58 -60.79
N CYS B 73 -38.76 0.51 -59.93
CA CYS B 73 -37.92 1.66 -59.66
C CYS B 73 -36.61 1.20 -59.03
N ASP B 74 -35.68 2.16 -58.92
CA ASP B 74 -34.35 1.84 -58.39
C ASP B 74 -34.41 1.48 -56.92
N GLU B 75 -35.20 2.21 -56.14
CA GLU B 75 -35.39 1.92 -54.73
C GLU B 75 -36.00 0.54 -54.56
N THR B 76 -35.93 0.02 -53.33
CA THR B 76 -36.66 -1.16 -52.92
C THR B 76 -37.96 -0.73 -52.28
N VAL B 77 -38.73 -1.71 -51.80
CA VAL B 77 -39.95 -1.37 -51.08
C VAL B 77 -39.62 -0.62 -49.79
N ALA B 78 -38.57 -1.08 -49.10
CA ALA B 78 -38.15 -0.46 -47.85
C ALA B 78 -37.72 0.98 -48.02
N ASP B 79 -36.99 1.31 -49.08
CA ASP B 79 -36.62 2.70 -49.30
C ASP B 79 -37.84 3.57 -49.56
N ILE B 80 -38.82 3.04 -50.28
CA ILE B 80 -40.05 3.77 -50.52
C ILE B 80 -40.78 4.06 -49.21
N ILE B 81 -40.95 3.02 -48.38
CA ILE B 81 -41.66 3.18 -47.11
C ILE B 81 -40.93 4.15 -46.21
N LEU B 82 -39.61 4.08 -46.16
CA LEU B 82 -38.89 5.00 -45.30
C LEU B 82 -38.87 6.41 -45.85
N ASN B 83 -39.00 6.58 -47.16
CA ASN B 83 -39.00 7.90 -47.76
C ASN B 83 -40.34 8.60 -47.56
N VAL B 84 -41.43 7.86 -47.68
CA VAL B 84 -42.75 8.48 -47.54
C VAL B 84 -43.01 8.80 -46.07
N LYS B 85 -42.76 7.84 -45.19
CA LYS B 85 -42.95 7.95 -43.75
C LYS B 85 -42.34 9.21 -43.16
N SER B 86 -41.30 9.74 -43.78
CA SER B 86 -40.60 10.92 -43.26
C SER B 86 -41.08 12.20 -43.89
N LEU B 87 -42.36 12.28 -44.26
CA LEU B 87 -42.95 13.52 -44.72
C LEU B 87 -43.55 14.26 -43.55
N SER B 88 -43.39 15.58 -43.54
CA SER B 88 -43.95 16.39 -42.48
C SER B 88 -45.25 17.02 -42.96
N VAL B 89 -46.27 16.17 -43.06
CA VAL B 89 -47.63 16.58 -43.40
C VAL B 89 -48.21 17.37 -42.25
N THR B 90 -49.25 18.16 -42.52
CA THR B 90 -49.97 18.86 -41.46
C THR B 90 -51.44 18.99 -41.81
N LEU B 91 -52.31 18.57 -40.89
CA LEU B 91 -53.75 18.45 -41.11
C LEU B 91 -54.45 19.71 -40.64
N ALA B 92 -55.51 20.11 -41.36
CA ALA B 92 -56.21 21.35 -41.07
C ALA B 92 -57.03 21.24 -39.79
N GLU B 93 -57.43 22.40 -39.28
CA GLU B 93 -57.93 22.54 -37.91
C GLU B 93 -59.21 21.78 -37.62
N ASP B 94 -59.84 21.13 -38.61
CA ASP B 94 -61.10 20.44 -38.35
C ASP B 94 -61.21 19.13 -39.12
N VAL B 95 -60.10 18.54 -39.58
CA VAL B 95 -60.13 17.29 -40.32
C VAL B 95 -59.55 16.19 -39.45
N GLU B 96 -60.10 15.00 -39.56
CA GLU B 96 -59.67 13.87 -38.77
C GLU B 96 -58.61 13.04 -39.45
N THR B 97 -58.66 12.90 -40.77
CA THR B 97 -57.75 12.05 -41.51
C THR B 97 -57.38 12.71 -42.82
N GLY B 98 -56.47 12.07 -43.54
CA GLY B 98 -56.08 12.50 -44.87
C GLY B 98 -55.74 11.29 -45.72
N THR B 99 -55.18 11.57 -46.90
CA THR B 99 -54.66 10.53 -47.76
C THR B 99 -53.78 11.18 -48.82
N ILE B 100 -52.64 10.57 -49.08
CA ILE B 100 -51.70 11.03 -50.10
C ILE B 100 -51.51 9.90 -51.09
N THR B 101 -52.02 10.08 -52.30
CA THR B 101 -51.91 9.08 -53.36
C THR B 101 -50.81 9.52 -54.31
N PHE B 102 -50.09 8.55 -54.87
CA PHE B 102 -48.92 8.86 -55.70
C PHE B 102 -48.95 8.21 -57.07
N GLU B 103 -50.13 7.82 -57.57
CA GLU B 103 -50.21 6.98 -58.76
C GLU B 103 -49.47 7.62 -59.92
N LEU B 104 -48.45 6.95 -60.42
CA LEU B 104 -47.54 7.54 -61.38
C LEU B 104 -47.13 6.50 -62.41
N SER B 105 -47.09 6.93 -63.66
CA SER B 105 -46.65 6.11 -64.77
C SER B 105 -46.31 7.05 -65.92
N GLY B 106 -45.71 6.50 -66.96
CA GLY B 106 -45.26 7.31 -68.07
C GLY B 106 -43.83 7.00 -68.46
N SER B 107 -42.95 7.99 -68.37
CA SER B 107 -41.59 7.86 -68.89
C SER B 107 -40.59 8.46 -67.90
N GLU B 108 -40.08 7.62 -66.99
CA GLU B 108 -38.78 7.80 -66.36
C GLU B 108 -38.48 9.22 -65.90
N GLU B 109 -39.18 9.70 -64.89
CA GLU B 109 -38.88 10.98 -64.25
C GLU B 109 -38.24 10.72 -62.88
N GLU B 110 -38.06 11.80 -62.13
CA GLU B 110 -37.69 11.73 -60.72
C GLU B 110 -38.79 12.38 -59.91
N ILE B 111 -39.22 11.69 -58.86
CA ILE B 111 -40.49 11.97 -58.20
C ILE B 111 -40.23 12.68 -56.88
N PHE B 112 -40.92 13.78 -56.68
CA PHE B 112 -40.90 14.51 -55.43
C PHE B 112 -42.30 14.50 -54.85
N SER B 113 -42.49 15.24 -53.78
CA SER B 113 -43.82 15.43 -53.21
C SER B 113 -44.58 16.56 -53.89
N GLU B 114 -44.01 17.16 -54.94
CA GLU B 114 -44.73 18.08 -55.81
C GLU B 114 -45.88 17.39 -56.53
N GLU B 115 -45.80 16.08 -56.70
CA GLU B 115 -46.84 15.19 -57.19
C GLU B 115 -47.79 14.93 -56.01
N ALA B 116 -48.53 13.82 -56.05
CA ALA B 116 -49.32 13.40 -54.90
C ALA B 116 -50.47 14.34 -54.60
N LYS B 117 -51.51 14.29 -55.42
CA LYS B 117 -52.80 14.89 -55.07
C LYS B 117 -53.15 14.62 -53.62
N LEU B 118 -53.35 15.69 -52.88
CA LEU B 118 -53.66 15.65 -51.46
C LEU B 118 -55.16 15.84 -51.23
N SER B 119 -55.65 15.25 -50.15
CA SER B 119 -57.03 15.41 -49.73
C SER B 119 -57.25 16.85 -49.27
N GLU B 120 -58.44 17.12 -48.74
CA GLU B 120 -58.82 18.45 -48.28
C GLU B 120 -58.27 18.67 -46.88
N GLY B 121 -57.26 19.55 -46.77
CA GLY B 121 -56.65 19.79 -45.47
C GLY B 121 -55.15 19.59 -45.44
N LEU B 122 -54.64 18.60 -46.16
CA LEU B 122 -53.24 18.21 -46.07
C LEU B 122 -52.34 19.24 -46.74
N ALA B 123 -51.19 19.48 -46.13
CA ALA B 123 -50.30 20.57 -46.47
C ALA B 123 -48.84 20.15 -46.39
N ILE B 124 -48.45 19.12 -47.14
CA ILE B 124 -47.20 18.36 -46.99
C ILE B 124 -45.98 19.20 -46.57
N THR B 125 -45.93 20.47 -46.96
CA THR B 125 -45.07 21.48 -46.34
C THR B 125 -43.59 21.43 -46.75
N GLU B 126 -43.15 20.37 -47.41
CA GLU B 126 -41.81 20.37 -47.99
C GLU B 126 -41.74 19.36 -49.13
N GLU B 127 -40.59 19.35 -49.80
CA GLU B 127 -40.45 18.80 -51.15
C GLU B 127 -39.39 17.72 -51.18
N VAL B 128 -39.53 16.72 -50.31
CA VAL B 128 -38.53 15.69 -50.20
C VAL B 128 -38.60 14.71 -51.38
N PHE B 129 -37.46 14.13 -51.71
CA PHE B 129 -37.35 13.10 -52.73
C PHE B 129 -38.19 11.89 -52.35
N ILE B 130 -38.68 11.17 -53.36
CA ILE B 130 -39.51 10.00 -53.08
C ILE B 130 -38.97 8.79 -53.81
N CYS B 131 -38.76 8.90 -55.11
CA CYS B 131 -38.46 7.74 -55.92
C CYS B 131 -37.74 8.17 -57.19
N SER B 132 -37.24 7.19 -57.92
CA SER B 132 -36.75 7.35 -59.29
C SER B 132 -37.47 6.32 -60.14
N TYR B 133 -38.43 6.77 -60.93
CA TYR B 133 -39.31 5.86 -61.65
C TYR B 133 -38.64 5.37 -62.94
N ASN B 134 -38.75 4.07 -63.18
CA ASN B 134 -38.18 3.43 -64.35
C ASN B 134 -39.19 3.23 -65.47
N GLY B 135 -40.22 4.07 -65.54
CA GLY B 135 -41.10 4.19 -66.68
C GLY B 135 -41.76 2.93 -67.21
N GLY B 136 -41.66 1.83 -66.49
CA GLY B 136 -42.17 0.56 -66.98
C GLY B 136 -43.62 0.36 -66.65
N LYS B 137 -43.92 -0.62 -65.78
CA LYS B 137 -45.27 -0.87 -65.31
C LYS B 137 -45.78 0.33 -64.52
N LYS B 138 -47.03 0.25 -64.09
CA LYS B 138 -47.61 1.30 -63.27
C LYS B 138 -47.26 1.10 -61.81
N LEU B 139 -47.14 2.21 -61.09
CA LEU B 139 -46.78 2.18 -59.68
C LEU B 139 -47.84 2.94 -58.89
N LYS B 140 -48.50 2.24 -57.97
CA LYS B 140 -49.50 2.83 -57.11
C LYS B 140 -48.94 2.96 -55.70
N ILE B 141 -49.16 4.11 -55.08
CA ILE B 141 -48.70 4.38 -53.72
C ILE B 141 -49.70 5.30 -53.05
N GLU B 142 -50.27 4.89 -51.93
CA GLU B 142 -51.11 5.80 -51.17
C GLU B 142 -50.95 5.56 -49.68
N ALA B 143 -50.79 6.66 -48.94
CA ALA B 143 -50.47 6.65 -47.52
C ALA B 143 -51.63 7.25 -46.73
N LYS B 144 -51.87 6.72 -45.55
CA LYS B 144 -52.95 7.18 -44.67
C LYS B 144 -52.37 8.10 -43.60
N VAL B 145 -53.04 9.23 -43.36
CA VAL B 145 -52.57 10.25 -42.44
C VAL B 145 -53.60 10.40 -41.33
N GLU B 146 -53.13 10.78 -40.13
CA GLU B 146 -53.96 10.82 -38.94
C GLU B 146 -53.48 11.94 -38.02
N LYS B 147 -54.14 12.07 -36.87
CA LYS B 147 -53.76 13.05 -35.85
C LYS B 147 -54.00 12.45 -34.46
N GLY B 148 -53.30 12.98 -33.47
CA GLY B 148 -53.39 12.44 -32.13
C GLY B 148 -52.31 13.00 -31.23
N VAL B 149 -52.05 12.27 -30.15
CA VAL B 149 -51.03 12.62 -29.17
C VAL B 149 -50.40 11.33 -28.66
N GLY B 150 -49.07 11.28 -28.65
CA GLY B 150 -48.34 10.24 -27.94
C GLY B 150 -47.42 9.46 -28.86
N PHE B 151 -47.31 8.16 -28.60
CA PHE B 151 -46.55 7.25 -29.45
C PHE B 151 -47.32 5.95 -29.50
N ARG B 152 -48.14 5.78 -30.52
CA ARG B 152 -48.93 4.59 -30.67
C ARG B 152 -48.12 3.57 -31.45
N PRO B 153 -47.64 2.50 -30.83
CA PRO B 153 -46.87 1.51 -31.55
C PRO B 153 -47.77 0.68 -32.46
N ALA B 154 -47.13 -0.06 -33.36
CA ALA B 154 -47.83 -0.91 -34.30
C ALA B 154 -47.67 -2.35 -33.84
N GLN B 155 -48.78 -3.00 -33.55
CA GLN B 155 -48.74 -4.38 -33.09
C GLN B 155 -48.36 -5.36 -34.20
N ASP B 156 -48.60 -5.00 -35.46
CA ASP B 156 -48.26 -5.84 -36.61
C ASP B 156 -47.59 -4.99 -37.66
N ASN B 157 -46.72 -5.61 -38.44
CA ASN B 157 -45.97 -4.88 -39.46
C ASN B 157 -46.71 -4.80 -40.78
N PHE B 158 -47.61 -5.74 -41.05
CA PHE B 158 -48.39 -5.76 -42.29
C PHE B 158 -49.58 -6.66 -42.02
N LYS B 159 -50.80 -6.12 -42.11
CA LYS B 159 -51.96 -6.88 -41.62
C LYS B 159 -52.62 -7.71 -42.73
N ASP B 160 -53.27 -7.03 -43.68
CA ASP B 160 -53.82 -7.73 -44.84
C ASP B 160 -53.52 -7.00 -46.13
N GLY B 161 -53.54 -5.68 -46.14
CA GLY B 161 -53.31 -4.95 -47.37
C GLY B 161 -52.34 -3.79 -47.28
N GLU B 162 -51.98 -3.36 -46.07
CA GLU B 162 -51.17 -2.17 -45.91
C GLU B 162 -50.06 -2.42 -44.91
N PHE B 163 -49.00 -1.61 -45.01
CA PHE B 163 -47.87 -1.69 -44.09
C PHE B 163 -48.18 -0.80 -42.91
N LEU B 164 -48.40 -1.42 -41.75
CA LEU B 164 -48.75 -0.69 -40.55
C LEU B 164 -47.52 -0.06 -39.92
N LEU B 165 -47.59 1.24 -39.65
CA LEU B 165 -46.45 2.00 -39.16
C LEU B 165 -46.67 2.40 -37.71
N ASP B 166 -45.65 3.04 -37.14
CA ASP B 166 -45.76 3.62 -35.81
C ASP B 166 -46.22 5.07 -35.92
N ALA B 167 -47.07 5.48 -34.99
CA ALA B 167 -47.63 6.83 -35.01
C ALA B 167 -46.96 7.69 -33.94
N THR B 168 -46.48 8.84 -34.36
CA THR B 168 -45.67 9.69 -33.49
C THR B 168 -46.34 11.02 -33.14
N PHE B 169 -46.77 11.80 -34.13
CA PHE B 169 -47.60 12.98 -33.92
C PHE B 169 -46.91 14.14 -33.24
N SER B 170 -45.73 13.94 -32.72
CA SER B 170 -45.11 14.83 -31.75
C SER B 170 -44.60 16.18 -32.22
N PRO B 171 -44.58 16.50 -33.49
CA PRO B 171 -43.31 16.80 -34.16
C PRO B 171 -42.26 17.46 -33.32
N VAL B 172 -41.32 16.61 -32.94
CA VAL B 172 -40.03 16.86 -32.35
C VAL B 172 -39.42 15.48 -32.47
N VAL B 173 -38.18 15.39 -32.92
CA VAL B 173 -37.61 14.10 -33.32
C VAL B 173 -36.63 13.56 -32.31
N PHE B 174 -36.09 14.40 -31.44
CA PHE B 174 -34.93 14.06 -30.64
C PHE B 174 -34.72 15.15 -29.59
N CYS B 175 -34.53 14.79 -28.31
CA CYS B 175 -34.31 15.82 -27.30
C CYS B 175 -32.97 15.72 -26.57
N ASP B 176 -32.67 14.63 -25.87
CA ASP B 176 -31.34 14.46 -25.29
C ASP B 176 -30.81 15.59 -24.41
N PHE B 177 -31.28 15.74 -23.18
CA PHE B 177 -30.67 16.69 -22.25
C PHE B 177 -29.38 16.14 -21.64
N GLU B 178 -28.62 17.01 -20.97
CA GLU B 178 -27.35 16.63 -20.37
C GLU B 178 -26.92 17.68 -19.34
N ILE B 179 -26.29 17.22 -18.26
CA ILE B 179 -26.06 18.02 -17.06
C ILE B 179 -24.56 18.24 -16.86
N LYS B 180 -24.20 19.46 -16.48
CA LYS B 180 -22.81 19.85 -16.25
C LYS B 180 -22.73 20.69 -14.99
N ASP B 181 -21.55 21.18 -14.67
CA ASP B 181 -21.30 21.84 -13.40
C ASP B 181 -21.36 23.36 -13.51
N ALA B 182 -21.45 24.02 -12.36
CA ALA B 182 -21.55 25.47 -12.31
C ALA B 182 -21.23 25.94 -10.90
N ARG B 183 -21.26 27.26 -10.70
CA ARG B 183 -21.05 27.88 -9.40
C ARG B 183 -21.51 29.33 -9.44
N VAL B 184 -21.93 29.84 -8.27
CA VAL B 184 -22.35 31.24 -8.15
C VAL B 184 -21.52 31.93 -7.08
N GLY B 185 -20.26 31.54 -6.95
CA GLY B 185 -19.48 32.07 -5.86
C GLY B 185 -18.83 30.97 -5.06
N ARG B 186 -19.28 30.76 -3.82
CA ARG B 186 -18.70 29.70 -3.02
C ARG B 186 -19.41 28.36 -3.18
N ARG B 187 -20.69 28.35 -3.57
CA ARG B 187 -21.37 27.08 -3.81
C ARG B 187 -20.93 26.54 -5.16
N THR B 188 -20.54 25.27 -5.20
CA THR B 188 -19.86 24.70 -6.34
C THR B 188 -20.51 23.40 -6.82
N ASP B 189 -21.71 23.10 -6.33
CA ASP B 189 -22.37 21.85 -6.68
C ASP B 189 -23.61 22.06 -7.53
N LEU B 190 -23.77 23.23 -8.13
CA LEU B 190 -24.96 23.53 -8.90
C LEU B 190 -24.89 22.85 -10.27
N ASP B 191 -25.87 23.14 -11.10
CA ASP B 191 -26.06 22.46 -12.37
C ASP B 191 -25.97 23.41 -13.54
N LYS B 192 -25.74 22.83 -14.71
CA LYS B 192 -25.97 23.47 -16.00
C LYS B 192 -26.62 22.44 -16.90
N LEU B 193 -27.79 22.77 -17.42
CA LEU B 193 -28.55 21.87 -18.27
C LEU B 193 -28.32 22.21 -19.73
N GLU B 194 -28.25 21.18 -20.57
CA GLU B 194 -28.01 21.31 -21.99
C GLU B 194 -29.10 20.58 -22.75
N LEU B 195 -29.94 21.34 -23.45
CA LEU B 195 -31.01 20.77 -24.26
C LEU B 195 -30.60 20.73 -25.73
N ASN B 196 -30.93 19.64 -26.41
CA ASN B 196 -30.55 19.41 -27.80
C ASN B 196 -31.78 19.01 -28.61
N ILE B 197 -32.56 19.99 -29.05
CA ILE B 197 -33.86 19.73 -29.67
C ILE B 197 -33.70 19.73 -31.18
N LYS B 198 -34.57 18.96 -31.84
CA LYS B 198 -34.51 18.76 -33.29
C LYS B 198 -35.94 18.48 -33.76
N THR B 199 -36.55 19.44 -34.45
CA THR B 199 -37.91 19.29 -34.92
C THR B 199 -37.93 18.79 -36.35
N ASN B 200 -39.13 18.66 -36.91
CA ASN B 200 -39.30 18.24 -38.30
C ASN B 200 -39.80 19.36 -39.19
N GLY B 201 -39.69 20.61 -38.74
CA GLY B 201 -39.96 21.77 -39.55
C GLY B 201 -41.29 22.42 -39.27
N ASN B 202 -42.32 21.64 -38.92
CA ASN B 202 -43.69 22.18 -38.69
C ASN B 202 -43.67 23.24 -37.59
N VAL B 203 -42.58 23.33 -36.82
CA VAL B 203 -42.44 24.32 -35.76
C VAL B 203 -40.95 24.42 -35.44
N ASN B 204 -40.48 25.56 -34.92
CA ASN B 204 -39.08 25.66 -34.55
C ASN B 204 -38.88 25.24 -33.10
N CYS B 205 -37.62 25.07 -32.70
CA CYS B 205 -37.32 24.51 -31.39
C CYS B 205 -37.71 25.45 -30.26
N GLU B 206 -37.45 26.75 -30.42
CA GLU B 206 -37.84 27.71 -29.41
C GLU B 206 -39.35 27.76 -29.20
N GLU B 207 -40.14 27.17 -30.09
CA GLU B 207 -41.59 27.14 -29.94
C GLU B 207 -42.12 25.75 -29.66
N ALA B 208 -41.25 24.75 -29.56
CA ALA B 208 -41.60 23.50 -28.91
C ALA B 208 -41.22 23.50 -27.44
N LEU B 209 -40.14 24.19 -27.08
CA LEU B 209 -39.84 24.41 -25.67
C LEU B 209 -40.97 25.19 -25.00
N ARG B 210 -41.27 26.37 -25.55
CA ARG B 210 -42.37 27.20 -25.06
C ARG B 210 -43.69 26.46 -25.03
N LEU B 211 -43.82 25.40 -25.81
CA LEU B 211 -45.09 24.70 -25.93
C LEU B 211 -45.21 23.50 -25.00
N ALA B 212 -44.10 22.87 -24.64
CA ALA B 212 -44.11 21.85 -23.60
C ALA B 212 -44.11 22.47 -22.21
N ALA B 213 -43.43 23.61 -22.05
CA ALA B 213 -43.44 24.28 -20.75
C ALA B 213 -44.85 24.64 -20.34
N THR B 214 -45.57 25.40 -21.17
CA THR B 214 -46.92 25.80 -20.80
C THR B 214 -47.87 24.62 -20.69
N LYS B 215 -47.64 23.57 -21.45
CA LYS B 215 -48.48 22.40 -21.25
C LYS B 215 -48.22 21.73 -19.91
N ILE B 216 -47.00 21.83 -19.39
CA ILE B 216 -46.76 21.33 -18.03
C ILE B 216 -47.40 22.25 -17.00
N GLN B 217 -47.27 23.56 -17.20
CA GLN B 217 -47.84 24.51 -16.25
C GLN B 217 -49.35 24.41 -16.19
N ASN B 218 -50.00 24.20 -17.32
CA ASN B 218 -51.44 24.18 -17.33
C ASN B 218 -52.01 22.98 -16.71
N GLN B 219 -51.26 21.99 -16.27
CA GLN B 219 -51.81 20.90 -15.49
C GLN B 219 -51.84 21.23 -14.02
N LEU B 220 -51.40 22.41 -13.64
CA LEU B 220 -51.26 22.84 -12.26
C LEU B 220 -51.95 24.18 -12.06
N ARG B 221 -53.20 24.28 -12.50
CA ARG B 221 -53.98 25.50 -12.35
C ARG B 221 -55.03 25.42 -11.26
N ASN B 222 -55.62 24.26 -11.03
CA ASN B 222 -56.50 24.03 -9.89
C ASN B 222 -55.74 23.75 -8.61
N ILE B 223 -54.41 23.78 -8.65
CA ILE B 223 -53.59 23.56 -7.47
C ILE B 223 -52.68 24.74 -7.17
N VAL B 224 -52.28 25.51 -8.17
CA VAL B 224 -51.29 26.58 -8.02
C VAL B 224 -51.83 27.80 -8.75
N ASP B 225 -51.38 28.99 -8.33
CA ASP B 225 -51.78 30.23 -8.98
C ASP B 225 -50.64 30.68 -9.91
N ILE B 226 -50.65 30.15 -11.13
CA ILE B 226 -49.52 30.39 -12.02
C ILE B 226 -49.56 31.77 -12.63
N GLU B 227 -50.72 32.41 -12.67
CA GLU B 227 -50.86 33.66 -13.42
C GLU B 227 -50.11 34.80 -12.76
N GLU B 228 -49.79 34.68 -11.47
CA GLU B 228 -48.92 35.66 -10.82
C GLU B 228 -47.55 35.08 -10.51
N ILE B 229 -47.45 33.74 -10.37
CA ILE B 229 -46.16 33.07 -10.33
C ILE B 229 -45.31 33.49 -11.52
N ASN B 230 -45.93 33.69 -12.68
CA ASN B 230 -45.16 34.08 -13.85
C ASN B 230 -44.56 35.46 -13.70
N LYS B 231 -45.25 36.37 -13.00
CA LYS B 231 -44.83 37.76 -12.94
C LYS B 231 -43.45 37.88 -12.31
N GLY B 232 -42.56 38.58 -12.99
CA GLY B 232 -41.18 38.74 -12.53
C GLY B 232 -40.58 40.11 -12.77
N MET C 1 -33.77 -18.16 25.60
CA MET C 1 -32.37 -17.86 25.42
C MET C 1 -32.08 -16.46 25.96
N SER C 2 -32.98 -15.98 26.80
CA SER C 2 -32.77 -14.69 27.43
C SER C 2 -31.56 -14.69 28.36
N TYR C 3 -31.68 -15.38 29.48
CA TYR C 3 -30.62 -15.77 30.39
C TYR C 3 -29.43 -14.84 30.55
N SER C 4 -29.66 -13.55 30.78
CA SER C 4 -28.66 -12.66 31.36
C SER C 4 -29.30 -11.29 31.47
N TYR C 5 -28.56 -10.35 32.03
CA TYR C 5 -29.13 -9.02 32.14
C TYR C 5 -29.21 -8.36 30.78
N ALA C 6 -28.07 -8.16 30.13
CA ALA C 6 -28.03 -7.53 28.81
C ALA C 6 -28.34 -8.50 27.68
N GLU C 7 -28.20 -9.79 27.92
CA GLU C 7 -28.51 -10.81 26.93
C GLU C 7 -30.00 -11.05 26.79
N LYS C 8 -30.84 -10.22 27.40
CA LYS C 8 -32.28 -10.33 27.27
C LYS C 8 -32.94 -8.98 27.01
N LYS C 9 -32.16 -7.92 26.86
CA LYS C 9 -32.70 -6.68 26.33
C LYS C 9 -32.85 -6.75 24.83
N ARG C 10 -32.11 -7.64 24.19
CA ARG C 10 -32.15 -7.82 22.74
C ARG C 10 -31.59 -9.22 22.51
N ILE C 11 -32.45 -10.17 22.33
CA ILE C 11 -32.03 -11.55 22.19
C ILE C 11 -31.63 -11.81 20.76
N ARG C 12 -30.61 -12.66 20.58
CA ARG C 12 -30.02 -12.96 19.28
C ARG C 12 -30.36 -14.40 18.93
N LYS C 13 -30.98 -14.60 17.76
CA LYS C 13 -31.37 -15.92 17.33
C LYS C 13 -30.18 -16.68 16.79
N GLU C 14 -29.96 -17.89 17.29
CA GLU C 14 -28.79 -18.66 16.95
C GLU C 14 -29.15 -19.80 16.00
N PHE C 15 -28.29 -20.02 15.02
CA PHE C 15 -28.42 -21.11 14.06
C PHE C 15 -27.27 -22.09 14.26
N GLY C 16 -27.42 -23.29 13.72
CA GLY C 16 -26.35 -24.25 13.87
C GLY C 16 -26.81 -25.56 14.45
N VAL C 17 -26.03 -26.61 14.27
CA VAL C 17 -26.46 -27.95 14.64
C VAL C 17 -25.59 -28.58 15.71
N LEU C 18 -24.33 -28.19 15.83
CA LEU C 18 -23.38 -28.89 16.70
C LEU C 18 -23.60 -28.50 18.15
N PRO C 19 -23.39 -29.43 19.08
CA PRO C 19 -23.59 -29.13 20.50
C PRO C 19 -22.56 -28.18 21.08
N HIS C 20 -22.62 -27.98 22.38
CA HIS C 20 -21.63 -27.22 23.13
C HIS C 20 -20.88 -28.19 24.03
N ILE C 21 -19.58 -28.33 23.81
CA ILE C 21 -18.75 -29.25 24.56
C ILE C 21 -17.81 -28.53 25.51
N LEU C 22 -17.22 -27.44 25.04
CA LEU C 22 -16.24 -26.70 25.84
C LEU C 22 -16.35 -25.24 25.47
N ASP C 23 -16.43 -24.37 26.46
CA ASP C 23 -16.51 -22.95 26.18
C ASP C 23 -15.12 -22.35 26.04
N VAL C 24 -15.03 -21.34 25.17
CA VAL C 24 -13.77 -20.71 24.81
C VAL C 24 -13.04 -20.30 26.08
N PRO C 25 -11.84 -20.81 26.33
CA PRO C 25 -11.10 -20.38 27.51
C PRO C 25 -10.84 -18.89 27.51
N TYR C 26 -10.56 -18.36 28.70
CA TYR C 26 -10.22 -16.96 28.83
C TYR C 26 -9.14 -16.60 27.84
N LEU C 27 -9.34 -15.48 27.14
CA LEU C 27 -8.55 -15.23 25.93
C LEU C 27 -7.14 -14.79 26.27
N LEU C 28 -6.98 -13.93 27.27
CA LEU C 28 -5.69 -13.36 27.59
C LEU C 28 -4.82 -14.23 28.48
N SER C 29 -5.21 -15.45 28.77
CA SER C 29 -4.50 -16.26 29.75
C SER C 29 -3.12 -16.71 29.31
N ILE C 30 -2.57 -16.19 28.21
CA ILE C 30 -1.19 -16.47 27.88
C ILE C 30 -0.28 -15.36 28.39
N GLN C 31 -0.83 -14.18 28.63
CA GLN C 31 -0.07 -13.08 29.17
C GLN C 31 -0.18 -13.00 30.67
N THR C 32 -1.28 -13.45 31.25
CA THR C 32 -1.50 -13.31 32.67
C THR C 32 -1.10 -14.52 33.47
N GLU C 33 -1.17 -15.70 32.89
CA GLU C 33 -0.71 -16.89 33.58
C GLU C 33 0.79 -17.09 33.49
N SER C 34 1.51 -16.18 32.88
CA SER C 34 2.96 -16.31 32.78
C SER C 34 3.70 -15.28 33.61
N TYR C 35 3.12 -14.12 33.84
CA TYR C 35 3.66 -13.20 34.83
C TYR C 35 3.21 -13.54 36.23
N LYS C 36 2.38 -14.56 36.39
CA LYS C 36 2.01 -15.09 37.69
C LYS C 36 3.02 -16.11 38.18
N LYS C 37 3.52 -16.97 37.29
CA LYS C 37 4.61 -17.86 37.67
C LYS C 37 5.86 -17.08 38.05
N PHE C 38 6.07 -15.92 37.45
CA PHE C 38 7.26 -15.16 37.76
C PHE C 38 7.22 -14.60 39.17
N LEU C 39 6.04 -14.23 39.67
CA LEU C 39 5.95 -13.47 40.90
C LEU C 39 5.21 -14.15 42.05
N THR C 40 4.44 -15.21 41.80
CA THR C 40 3.61 -15.75 42.88
C THR C 40 3.73 -17.26 42.94
N VAL C 41 3.25 -17.82 44.04
CA VAL C 41 3.30 -19.24 44.34
C VAL C 41 1.90 -19.82 44.33
N ASP C 42 1.75 -21.01 43.79
CA ASP C 42 0.46 -21.71 43.86
C ASP C 42 0.71 -23.19 44.10
N ALA C 43 0.19 -23.70 45.22
CA ALA C 43 0.31 -25.11 45.57
C ALA C 43 -0.71 -26.00 44.89
N ALA C 44 -1.77 -25.43 44.32
CA ALA C 44 -2.73 -26.25 43.59
C ALA C 44 -2.17 -26.67 42.23
N LYS C 45 -1.52 -25.76 41.53
CA LYS C 45 -0.86 -26.08 40.27
C LYS C 45 0.59 -26.53 40.48
N GLY C 46 0.94 -26.97 41.69
CA GLY C 46 2.22 -27.56 42.03
C GLY C 46 3.40 -26.60 41.87
N ARG C 47 3.14 -25.29 41.85
CA ARG C 47 4.21 -24.31 41.78
C ARG C 47 4.50 -23.85 43.21
N LEU C 48 5.39 -24.56 43.87
CA LEU C 48 5.77 -24.26 45.25
C LEU C 48 6.81 -23.17 45.35
N HIS C 49 7.54 -22.90 44.28
CA HIS C 49 8.55 -21.84 44.25
C HIS C 49 8.23 -20.91 43.09
N SER C 50 7.89 -19.66 43.40
CA SER C 50 7.77 -18.68 42.35
C SER C 50 9.09 -18.56 41.63
N GLY C 51 9.05 -18.16 40.37
CA GLY C 51 10.26 -18.14 39.57
C GLY C 51 11.07 -16.87 39.76
N LEU C 52 10.57 -15.90 40.50
CA LEU C 52 11.44 -14.81 40.95
C LEU C 52 12.43 -15.32 41.98
N GLU C 53 12.05 -16.33 42.75
CA GLU C 53 12.86 -16.83 43.84
C GLU C 53 13.73 -18.00 43.45
N ILE C 54 13.40 -18.72 42.38
CA ILE C 54 14.31 -19.75 41.89
C ILE C 54 15.55 -19.12 41.29
N VAL C 55 15.48 -17.86 40.89
CA VAL C 55 16.66 -17.18 40.38
C VAL C 55 17.55 -16.73 41.52
N LEU C 56 16.97 -16.13 42.55
CA LEU C 56 17.75 -15.74 43.72
C LEU C 56 18.35 -16.97 44.40
N LYS C 57 17.50 -17.93 44.74
CA LYS C 57 17.87 -19.13 45.46
C LYS C 57 19.06 -19.87 44.84
N GLN C 58 19.31 -19.69 43.55
CA GLN C 58 20.31 -20.49 42.87
C GLN C 58 21.63 -19.77 42.71
N SER C 59 21.74 -18.52 43.15
CA SER C 59 22.94 -17.77 42.89
C SER C 59 23.52 -17.04 44.08
N PHE C 60 22.92 -17.10 45.26
CA PHE C 60 23.29 -16.04 46.18
C PHE C 60 24.55 -16.24 47.00
N PRO C 61 24.81 -17.39 47.66
CA PRO C 61 25.96 -17.44 48.57
C PRO C 61 27.24 -16.98 47.90
N VAL C 62 27.76 -15.84 48.35
CA VAL C 62 28.89 -15.21 47.66
C VAL C 62 30.23 -15.65 48.23
N GLU C 63 30.47 -15.43 49.53
CA GLU C 63 31.66 -15.93 50.21
C GLU C 63 32.95 -15.41 49.54
N SER C 64 33.17 -14.10 49.70
CA SER C 64 34.07 -13.35 48.82
C SER C 64 35.47 -13.94 48.69
N LYS C 65 36.29 -13.89 49.73
CA LYS C 65 37.56 -14.63 49.71
C LYS C 65 38.04 -14.81 51.15
N ASN C 66 37.73 -15.96 51.74
CA ASN C 66 38.17 -16.35 53.07
C ASN C 66 38.22 -15.14 54.01
N GLY C 67 37.06 -14.51 54.18
CA GLY C 67 37.03 -13.28 54.94
C GLY C 67 35.99 -13.27 56.04
N GLN C 68 35.53 -14.45 56.44
CA GLN C 68 34.50 -14.58 57.47
C GLN C 68 33.20 -13.92 57.03
N TYR C 69 32.87 -14.06 55.75
CA TYR C 69 31.69 -13.41 55.17
C TYR C 69 31.02 -14.38 54.21
N GLU C 70 29.74 -14.66 54.45
CA GLU C 70 28.95 -15.50 53.57
C GLU C 70 27.49 -15.09 53.67
N LEU C 71 26.93 -14.61 52.56
CA LEU C 71 25.54 -14.16 52.53
C LEU C 71 24.60 -15.28 52.11
N HIS C 72 23.42 -15.30 52.69
CA HIS C 72 22.44 -16.36 52.46
C HIS C 72 21.07 -15.77 52.23
N TYR C 73 20.47 -16.09 51.08
CA TYR C 73 19.12 -15.66 50.79
C TYR C 73 18.13 -16.34 51.73
N VAL C 74 17.25 -15.56 52.34
CA VAL C 74 16.29 -16.08 53.31
C VAL C 74 14.86 -16.01 52.77
N ASP C 75 14.43 -14.82 52.33
CA ASP C 75 13.06 -14.64 51.85
C ASP C 75 12.97 -13.30 51.12
N TYR C 76 11.82 -13.07 50.51
CA TYR C 76 11.57 -11.84 49.77
C TYR C 76 10.10 -11.47 49.89
N GLN C 77 9.81 -10.20 49.64
CA GLN C 77 8.43 -9.77 49.44
C GLN C 77 8.44 -8.58 48.50
N ILE C 78 7.42 -8.51 47.64
CA ILE C 78 7.27 -7.43 46.68
C ILE C 78 6.46 -6.32 47.31
N GLY C 79 6.87 -5.09 47.07
CA GLY C 79 6.25 -3.97 47.74
C GLY C 79 4.87 -3.65 47.24
N GLU C 80 4.51 -2.37 47.29
CA GLU C 80 3.25 -1.88 46.76
C GLU C 80 3.52 -0.68 45.87
N PRO C 81 2.99 -0.64 44.66
CA PRO C 81 3.33 0.45 43.75
C PRO C 81 2.96 1.81 44.31
N THR C 82 3.75 2.81 43.94
CA THR C 82 3.50 4.17 44.38
C THR C 82 2.12 4.65 43.95
N PHE C 83 1.83 4.53 42.66
CA PHE C 83 0.56 4.93 42.08
C PHE C 83 -0.21 3.70 41.62
N ASP C 84 -1.31 3.93 40.89
CA ASP C 84 -2.06 2.85 40.28
C ASP C 84 -2.00 3.00 38.77
N GLU C 85 -2.44 1.96 38.06
CA GLU C 85 -2.36 1.96 36.61
C GLU C 85 -2.96 3.22 36.01
N THR C 86 -3.93 3.80 36.70
CA THR C 86 -4.66 4.96 36.19
C THR C 86 -3.88 6.25 36.35
N GLU C 87 -3.03 6.36 37.36
CA GLU C 87 -2.30 7.60 37.61
C GLU C 87 -0.96 7.66 36.89
N CYS C 88 -0.37 6.51 36.58
CA CYS C 88 0.94 6.51 35.92
C CYS C 88 0.86 7.16 34.55
N GLN C 89 -0.09 6.75 33.72
CA GLN C 89 -0.15 7.33 32.38
C GLN C 89 -0.57 8.79 32.45
N VAL C 90 -1.24 9.18 33.53
CA VAL C 90 -1.54 10.59 33.77
C VAL C 90 -0.25 11.38 33.97
N ARG C 91 0.63 10.90 34.84
CA ARG C 91 1.84 11.63 35.21
C ARG C 91 3.02 11.34 34.30
N GLY C 92 3.20 10.08 33.90
CA GLY C 92 4.36 9.69 33.15
C GLY C 92 5.28 8.74 33.86
N ALA C 93 4.74 7.94 34.78
CA ALA C 93 5.52 7.00 35.55
C ALA C 93 5.40 5.60 34.95
N THR C 94 6.05 4.64 35.56
CA THR C 94 5.92 3.25 35.17
C THR C 94 5.43 2.46 36.37
N TYR C 95 4.43 1.61 36.13
CA TYR C 95 3.68 0.95 37.17
C TYR C 95 4.50 -0.24 37.66
N ASP C 96 5.34 -0.02 38.66
CA ASP C 96 6.26 -1.03 39.19
C ASP C 96 6.24 -1.02 40.71
N ALA C 97 6.64 -2.16 41.29
CA ALA C 97 6.67 -2.37 42.73
C ALA C 97 8.07 -2.75 43.17
N PRO C 98 8.53 -2.29 44.33
CA PRO C 98 9.89 -2.57 44.75
C PRO C 98 10.03 -3.96 45.34
N LEU C 99 11.18 -4.57 45.09
CA LEU C 99 11.49 -5.90 45.60
C LEU C 99 12.48 -5.78 46.76
N ASN C 100 12.16 -6.44 47.88
CA ASN C 100 13.01 -6.43 49.06
C ASN C 100 13.30 -7.86 49.46
N VAL C 101 14.57 -8.19 49.69
CA VAL C 101 14.98 -9.55 49.99
C VAL C 101 15.64 -9.58 51.37
N LYS C 102 15.45 -10.69 52.08
CA LYS C 102 16.01 -10.90 53.41
C LYS C 102 17.34 -11.62 53.29
N LEU C 103 18.40 -11.01 53.83
CA LEU C 103 19.75 -11.53 53.70
C LEU C 103 20.45 -11.55 55.05
N ARG C 104 21.02 -12.70 55.40
CA ARG C 104 21.72 -12.89 56.67
C ARG C 104 23.20 -13.13 56.44
N LEU C 105 24.02 -12.53 57.29
CA LEU C 105 25.47 -12.66 57.24
C LEU C 105 25.97 -13.64 58.30
N VAL C 106 27.22 -14.06 58.16
CA VAL C 106 27.85 -14.98 59.11
C VAL C 106 29.33 -14.64 59.18
N VAL C 107 29.94 -14.88 60.34
CA VAL C 107 31.38 -14.66 60.55
C VAL C 107 31.87 -15.60 61.66
N TYR C 108 33.19 -15.62 61.83
CA TYR C 108 33.83 -16.24 62.99
C TYR C 108 35.16 -15.52 63.24
N ASN C 109 36.07 -16.18 63.96
CA ASN C 109 37.29 -15.54 64.45
C ASN C 109 38.41 -15.49 63.41
N LYS C 110 38.12 -15.66 62.13
CA LYS C 110 39.13 -15.58 61.06
C LYS C 110 40.37 -16.40 61.40
N ASP C 111 40.14 -17.70 61.57
CA ASP C 111 41.15 -18.62 62.07
C ASP C 111 41.78 -19.38 60.91
N ALA C 112 42.64 -20.34 61.23
CA ALA C 112 43.33 -21.15 60.22
C ALA C 112 42.30 -22.11 59.60
N LEU C 113 41.40 -21.51 58.82
CA LEU C 113 40.25 -22.18 58.23
C LEU C 113 39.57 -23.09 59.25
N PRO C 114 39.45 -22.66 60.50
CA PRO C 114 38.64 -23.39 61.47
C PRO C 114 37.22 -22.85 61.54
N ASN C 115 36.48 -23.01 60.43
CA ASN C 115 35.14 -22.45 60.28
C ASN C 115 35.18 -20.94 60.47
N GLU C 116 35.84 -20.28 59.52
CA GLU C 116 36.04 -18.83 59.54
C GLU C 116 34.75 -18.04 59.52
N LYS C 117 33.62 -18.62 59.13
CA LYS C 117 32.32 -17.95 59.23
C LYS C 117 31.32 -18.88 59.90
N ILE C 118 31.39 -18.96 61.24
CA ILE C 118 30.45 -19.79 61.99
C ILE C 118 29.97 -19.13 63.28
N VAL C 119 30.68 -18.11 63.76
CA VAL C 119 30.53 -17.75 65.17
C VAL C 119 29.69 -16.51 65.39
N GLU C 120 30.18 -15.36 64.96
CA GLU C 120 29.56 -14.08 65.29
C GLU C 120 29.14 -13.35 64.02
N ASP C 121 28.58 -12.17 64.19
CA ASP C 121 28.09 -11.34 63.09
C ASP C 121 27.08 -12.11 62.24
N ILE C 122 25.98 -12.45 62.90
CA ILE C 122 24.92 -13.27 62.31
C ILE C 122 23.77 -12.34 61.94
N ARG C 123 24.12 -11.11 61.59
CA ARG C 123 23.17 -10.06 61.25
C ARG C 123 22.24 -10.50 60.12
N GLU C 124 21.04 -9.92 60.09
CA GLU C 124 20.07 -10.21 59.04
C GLU C 124 19.04 -9.09 58.99
N GLU C 125 18.44 -8.91 57.81
CA GLU C 125 17.54 -7.80 57.55
C GLU C 125 16.92 -7.86 56.15
N TYR C 126 16.07 -6.89 55.83
CA TYR C 126 15.48 -6.75 54.50
C TYR C 126 16.20 -5.64 53.74
N VAL C 127 16.61 -5.93 52.51
CA VAL C 127 17.35 -4.98 51.70
C VAL C 127 16.66 -4.80 50.36
N TYR C 128 16.61 -3.55 49.90
CA TYR C 128 16.04 -3.20 48.61
C TYR C 128 16.87 -3.80 47.49
N MET C 129 16.21 -4.52 46.58
CA MET C 129 16.91 -5.17 45.48
C MET C 129 16.59 -4.60 44.11
N GLY C 130 15.42 -4.05 43.89
CA GLY C 130 15.12 -3.43 42.61
C GLY C 130 13.63 -3.25 42.42
N ASP C 131 13.28 -2.62 41.31
CA ASP C 131 11.91 -2.42 40.89
C ASP C 131 11.55 -3.42 39.80
N ILE C 132 10.34 -3.96 39.88
CA ILE C 132 9.82 -4.91 38.90
C ILE C 132 8.52 -4.35 38.35
N PRO C 133 8.41 -4.05 37.07
CA PRO C 133 7.12 -3.60 36.53
C PRO C 133 6.07 -4.69 36.64
N LEU C 134 4.88 -4.28 37.08
CA LEU C 134 3.76 -5.19 37.25
C LEU C 134 2.85 -5.14 36.04
N MET C 135 2.23 -6.26 35.74
CA MET C 135 1.31 -6.36 34.64
C MET C 135 -0.07 -6.01 35.13
N THR C 136 -0.75 -5.11 34.43
CA THR C 136 -2.07 -4.70 34.84
C THR C 136 -3.03 -5.88 34.74
N THR C 137 -4.28 -5.64 35.09
CA THR C 137 -5.20 -6.76 35.20
C THR C 137 -5.53 -7.39 33.86
N ASN C 138 -5.25 -6.70 32.76
CA ASN C 138 -5.54 -7.17 31.42
C ASN C 138 -4.36 -7.85 30.75
N GLY C 139 -3.15 -7.35 30.96
CA GLY C 139 -1.99 -7.96 30.36
C GLY C 139 -1.11 -6.95 29.66
N THR C 140 -1.23 -5.69 30.02
CA THR C 140 -0.36 -4.67 29.46
C THR C 140 0.59 -4.16 30.54
N PHE C 141 1.52 -3.32 30.13
CA PHE C 141 2.53 -2.74 31.00
C PHE C 141 2.56 -1.24 30.76
N ILE C 142 2.50 -0.45 31.81
CA ILE C 142 2.67 0.98 31.66
C ILE C 142 4.14 1.29 31.93
N ILE C 143 4.85 1.72 30.88
CA ILE C 143 6.30 1.91 30.90
C ILE C 143 6.54 3.33 30.46
N ASN C 144 6.70 4.24 31.41
CA ASN C 144 6.82 5.67 31.18
C ASN C 144 5.51 6.29 30.70
N GLY C 145 4.39 5.81 31.22
CA GLY C 145 3.10 6.35 30.87
C GLY C 145 2.63 5.93 29.50
N THR C 146 2.85 4.66 29.15
CA THR C 146 2.59 4.17 27.81
C THR C 146 2.27 2.69 27.88
N GLU C 147 1.03 2.31 27.55
CA GLU C 147 0.65 0.91 27.56
C GLU C 147 1.47 0.14 26.54
N ARG C 148 1.96 -1.03 26.94
CA ARG C 148 2.79 -1.86 26.09
C ARG C 148 2.38 -3.30 26.21
N VAL C 149 2.78 -4.10 25.23
CA VAL C 149 2.54 -5.54 25.24
C VAL C 149 3.86 -6.23 24.93
N VAL C 150 4.15 -7.31 25.64
CA VAL C 150 5.36 -8.09 25.43
C VAL C 150 4.95 -9.34 24.67
N VAL C 151 5.14 -9.32 23.35
CA VAL C 151 4.74 -10.40 22.48
C VAL C 151 5.44 -11.69 22.88
N SER C 152 4.78 -12.82 22.65
CA SER C 152 5.41 -14.10 22.89
C SER C 152 6.44 -14.37 21.81
N GLN C 153 7.08 -15.54 21.88
CA GLN C 153 8.17 -15.89 20.97
C GLN C 153 8.21 -17.38 20.74
N LEU C 154 8.37 -17.75 19.48
CA LEU C 154 8.44 -19.15 19.06
C LEU C 154 9.88 -19.42 18.67
N HIS C 155 10.58 -20.22 19.47
CA HIS C 155 12.00 -20.46 19.25
C HIS C 155 12.24 -21.97 19.24
N ARG C 156 13.49 -22.35 19.06
CA ARG C 156 13.86 -23.75 18.87
C ARG C 156 14.12 -24.44 20.20
N SER C 157 13.46 -25.55 20.42
CA SER C 157 13.49 -26.17 21.74
C SER C 157 14.80 -26.90 21.97
N PRO C 158 15.41 -26.77 23.15
CA PRO C 158 16.67 -27.48 23.42
C PRO C 158 16.56 -28.99 23.25
N GLY C 159 17.70 -29.62 22.94
CA GLY C 159 17.80 -31.03 22.69
C GLY C 159 18.75 -31.29 21.54
N ALA C 160 18.78 -32.54 21.08
CA ALA C 160 19.67 -32.98 20.00
C ALA C 160 18.90 -33.20 18.71
N PHE C 161 19.25 -32.46 17.67
CA PHE C 161 18.49 -32.41 16.42
C PHE C 161 19.35 -32.90 15.27
N PHE C 162 18.99 -34.05 14.71
CA PHE C 162 19.76 -34.72 13.66
C PHE C 162 19.29 -34.28 12.28
N SER C 163 19.93 -33.27 11.72
CA SER C 163 19.58 -32.74 10.41
C SER C 163 20.24 -33.55 9.31
N LYS C 164 20.00 -33.17 8.05
CA LYS C 164 20.65 -33.88 6.95
C LYS C 164 21.31 -32.97 5.92
N ASP C 165 20.67 -31.85 5.57
CA ASP C 165 21.21 -30.93 4.57
C ASP C 165 21.55 -31.66 3.27
N ASP C 166 20.51 -32.14 2.60
CA ASP C 166 20.67 -33.03 1.46
C ASP C 166 21.09 -32.24 0.22
N SER C 167 22.41 -32.08 0.09
CA SER C 167 23.04 -31.65 -1.15
C SER C 167 23.90 -32.78 -1.74
N GLU C 168 24.83 -33.30 -0.95
CA GLU C 168 25.55 -34.52 -1.29
C GLU C 168 24.85 -35.70 -0.62
N GLU C 169 25.48 -36.87 -0.67
CA GLU C 169 25.02 -38.02 0.08
C GLU C 169 25.89 -38.22 1.31
N GLY C 170 25.38 -39.00 2.26
CA GLY C 170 26.10 -39.30 3.47
C GLY C 170 26.30 -38.14 4.42
N ALA C 171 25.95 -36.92 4.03
CA ALA C 171 26.10 -35.76 4.90
C ALA C 171 25.02 -35.78 5.97
N PHE C 172 25.41 -35.97 7.22
CA PHE C 172 24.48 -36.03 8.33
C PHE C 172 25.05 -35.22 9.48
N SER C 173 24.23 -34.37 10.09
CA SER C 173 24.63 -33.53 11.20
C SER C 173 23.95 -33.99 12.47
N ALA C 174 24.39 -33.43 13.60
CA ALA C 174 23.76 -33.70 14.88
C ALA C 174 24.12 -32.57 15.83
N ARG C 175 23.17 -31.68 16.08
CA ARG C 175 23.41 -30.53 16.94
C ARG C 175 22.78 -30.75 18.30
N ILE C 176 23.49 -30.30 19.34
CA ILE C 176 22.95 -30.27 20.69
C ILE C 176 22.75 -28.81 21.02
N ILE C 177 21.51 -28.41 21.23
CA ILE C 177 21.15 -27.03 21.47
C ILE C 177 20.93 -26.84 22.97
N PRO C 178 21.53 -25.84 23.58
CA PRO C 178 21.26 -25.57 24.99
C PRO C 178 20.15 -24.54 25.14
N TYR C 179 19.60 -24.37 26.34
CA TYR C 179 18.84 -23.16 26.56
C TYR C 179 19.76 -21.95 26.47
N ARG C 180 20.86 -21.99 27.21
CA ARG C 180 21.93 -21.01 27.07
C ARG C 180 23.26 -21.73 27.19
N GLY C 181 24.21 -21.38 26.33
CA GLY C 181 25.50 -22.02 26.29
C GLY C 181 26.13 -22.06 24.90
N SER C 182 26.84 -23.13 24.59
CA SER C 182 27.57 -23.24 23.32
C SER C 182 27.01 -24.37 22.48
N TRP C 183 27.14 -24.22 21.17
CA TRP C 183 26.52 -25.13 20.20
C TRP C 183 27.52 -26.20 19.80
N LEU C 184 27.47 -27.34 20.46
CA LEU C 184 28.26 -28.49 20.06
C LEU C 184 27.54 -29.29 18.99
N ASP C 185 28.12 -29.33 17.79
CA ASP C 185 27.51 -30.06 16.70
C ASP C 185 28.58 -30.84 15.96
N PHE C 186 28.15 -31.93 15.34
CA PHE C 186 29.01 -32.84 14.61
C PHE C 186 28.58 -32.87 13.17
N GLU C 187 29.21 -33.74 12.38
CA GLU C 187 28.76 -34.03 11.03
C GLU C 187 29.51 -35.18 10.40
N PHE C 188 29.15 -35.51 9.17
CA PHE C 188 29.71 -36.62 8.41
C PHE C 188 30.19 -36.11 7.06
N ASP C 189 30.55 -37.04 6.18
CA ASP C 189 30.80 -36.73 4.78
C ASP C 189 30.72 -38.04 4.01
N SER C 190 30.49 -37.92 2.69
CA SER C 190 30.43 -39.12 1.86
C SER C 190 31.72 -39.93 1.92
N LYS C 191 32.82 -39.33 2.39
CA LYS C 191 34.03 -40.10 2.66
C LYS C 191 33.86 -41.02 3.86
N GLY C 192 33.10 -40.60 4.87
CA GLY C 192 32.85 -41.42 6.03
C GLY C 192 33.71 -41.10 7.24
N ILE C 193 33.93 -39.82 7.53
CA ILE C 193 34.80 -39.40 8.62
C ILE C 193 34.05 -38.39 9.47
N ILE C 194 33.81 -38.75 10.73
CA ILE C 194 33.04 -37.94 11.67
C ILE C 194 33.89 -36.77 12.11
N TRP C 195 33.35 -35.57 11.98
CA TRP C 195 34.04 -34.37 12.43
C TRP C 195 33.31 -33.78 13.62
N ALA C 196 33.74 -32.60 14.05
CA ALA C 196 33.09 -31.92 15.15
C ALA C 196 33.16 -30.41 14.91
N ARG C 197 32.67 -29.66 15.87
CA ARG C 197 32.70 -28.20 15.83
C ARG C 197 32.16 -27.66 17.15
N ILE C 198 32.61 -26.47 17.51
CA ILE C 198 32.08 -25.71 18.62
C ILE C 198 31.61 -24.41 17.98
N ASP C 199 31.18 -23.42 18.77
CA ASP C 199 30.15 -22.48 18.37
C ASP C 199 30.18 -22.11 16.90
N ARG C 200 31.28 -21.53 16.43
CA ARG C 200 31.43 -21.31 15.00
C ARG C 200 32.87 -21.52 14.53
N LYS C 201 33.68 -22.22 15.32
CA LYS C 201 35.08 -22.47 14.98
C LYS C 201 35.21 -23.33 13.72
N ARG C 202 36.43 -23.52 13.26
CA ARG C 202 36.66 -24.34 12.07
C ARG C 202 36.47 -25.81 12.40
N LYS C 203 36.24 -26.60 11.37
CA LYS C 203 35.98 -28.02 11.55
C LYS C 203 37.24 -28.75 11.98
N PHE C 204 37.26 -29.23 13.22
CA PHE C 204 38.33 -30.09 13.69
C PHE C 204 37.74 -31.45 14.04
N CYS C 205 38.58 -32.48 13.96
CA CYS C 205 38.09 -33.85 13.94
C CYS C 205 37.31 -34.18 15.23
N ALA C 206 36.54 -35.26 15.16
CA ALA C 206 35.59 -35.59 16.21
C ALA C 206 36.23 -36.28 17.40
N THR C 207 37.28 -37.07 17.17
CA THR C 207 37.92 -37.76 18.27
C THR C 207 38.74 -36.82 19.15
N VAL C 208 39.03 -35.60 18.67
CA VAL C 208 39.60 -34.57 19.53
C VAL C 208 38.75 -34.40 20.78
N ILE C 209 37.48 -34.02 20.60
CA ILE C 209 36.56 -33.84 21.71
C ILE C 209 36.41 -35.12 22.53
N LEU C 210 36.58 -36.27 21.90
CA LEU C 210 36.43 -37.55 22.58
C LEU C 210 37.47 -37.79 23.66
N LYS C 211 38.51 -36.97 23.73
CA LYS C 211 39.62 -37.17 24.65
C LYS C 211 39.27 -36.89 26.11
N ALA C 212 38.03 -36.50 26.42
CA ALA C 212 37.62 -36.35 27.81
C ALA C 212 37.94 -37.59 28.62
N LEU C 213 37.90 -38.76 27.98
CA LEU C 213 38.51 -39.97 28.50
C LEU C 213 39.69 -40.46 27.67
N GLY C 214 39.85 -39.96 26.44
CA GLY C 214 40.98 -40.37 25.63
C GLY C 214 40.93 -41.87 25.38
N TYR C 215 42.03 -42.55 25.70
CA TYR C 215 42.06 -44.01 25.79
C TYR C 215 41.65 -44.65 24.45
N THR C 216 42.50 -44.41 23.44
CA THR C 216 42.24 -44.93 22.11
C THR C 216 41.89 -46.41 22.11
N GLN C 217 42.41 -47.17 23.08
CA GLN C 217 42.03 -48.56 23.20
C GLN C 217 40.66 -48.72 23.86
N GLU C 218 40.31 -47.82 24.76
CA GLU C 218 38.99 -47.87 25.38
C GLU C 218 37.95 -47.06 24.63
N GLN C 219 38.25 -46.65 23.40
CA GLN C 219 37.20 -46.09 22.55
C GLN C 219 36.47 -47.18 21.80
N ILE C 220 37.22 -48.00 21.05
CA ILE C 220 36.59 -48.97 20.16
C ILE C 220 35.89 -50.07 20.95
N LEU C 221 36.24 -50.22 22.23
CA LEU C 221 35.50 -51.16 23.07
C LEU C 221 34.04 -50.77 23.18
N GLU C 222 33.76 -49.49 23.46
CA GLU C 222 32.41 -48.97 23.54
C GLU C 222 32.00 -48.24 22.27
N ASN C 223 32.41 -48.73 21.12
CA ASN C 223 32.07 -48.11 19.85
C ASN C 223 32.03 -49.12 18.72
N ARG C 345 29.51 -51.65 14.13
CA ARG C 345 30.96 -51.66 14.25
C ARG C 345 31.58 -51.52 12.86
N GLY C 346 32.04 -50.30 12.54
CA GLY C 346 32.45 -49.98 11.20
C GLY C 346 33.75 -49.20 11.17
N ARG C 347 34.07 -48.72 9.97
CA ARG C 347 35.35 -48.09 9.67
C ARG C 347 35.32 -46.59 9.88
N TYR C 348 34.35 -46.08 10.62
CA TYR C 348 34.07 -44.65 10.64
C TYR C 348 34.94 -43.92 11.65
N ILE C 349 34.93 -44.37 12.91
CA ILE C 349 35.90 -43.88 13.88
C ILE C 349 37.28 -44.40 13.54
N SER C 350 37.37 -45.58 12.93
CA SER C 350 38.65 -46.08 12.48
C SER C 350 39.30 -45.15 11.46
N ASP C 351 38.49 -44.50 10.62
CA ASP C 351 39.01 -43.46 9.75
C ASP C 351 39.27 -42.17 10.50
N THR C 352 38.80 -42.07 11.75
CA THR C 352 39.10 -40.96 12.63
C THR C 352 40.16 -41.31 13.66
N LEU C 353 40.08 -42.52 14.23
CA LEU C 353 41.08 -42.93 15.21
C LEU C 353 42.45 -43.09 14.59
N LYS C 354 42.53 -43.45 13.31
CA LYS C 354 43.74 -43.30 12.51
C LYS C 354 43.75 -41.98 11.76
N TYR C 355 43.03 -40.98 12.27
CA TYR C 355 43.11 -39.60 11.84
C TYR C 355 43.45 -38.66 12.98
N ASP C 356 43.43 -39.16 14.22
CA ASP C 356 43.76 -38.36 15.40
C ASP C 356 45.25 -38.46 15.67
N LEU C 357 45.97 -37.37 15.45
CA LEU C 357 47.39 -37.31 15.74
C LEU C 357 47.67 -37.10 17.23
N THR C 358 46.71 -36.53 17.96
CA THR C 358 46.88 -36.32 19.39
C THR C 358 46.82 -37.65 20.12
N ARG C 359 47.67 -37.80 21.14
CA ARG C 359 47.66 -39.00 21.95
C ARG C 359 47.29 -38.69 23.39
N ASN C 360 47.88 -37.63 23.95
CA ASN C 360 47.63 -37.25 25.33
C ASN C 360 46.44 -36.31 25.42
N THR C 361 45.93 -36.13 26.63
CA THR C 361 44.75 -35.31 26.84
C THR C 361 45.05 -33.84 26.60
N ASP C 362 46.04 -33.30 27.31
CA ASP C 362 46.32 -31.87 27.23
C ASP C 362 46.82 -31.45 25.85
N GLU C 363 47.40 -32.38 25.09
CA GLU C 363 47.76 -32.06 23.71
C GLU C 363 46.51 -31.79 22.89
N ALA C 364 45.51 -32.67 22.98
CA ALA C 364 44.25 -32.44 22.29
C ALA C 364 43.57 -31.18 22.80
N LEU C 365 43.72 -30.90 24.10
CA LEU C 365 43.12 -29.69 24.65
C LEU C 365 43.75 -28.44 24.06
N VAL C 366 45.08 -28.39 24.01
CA VAL C 366 45.75 -27.24 23.41
C VAL C 366 45.41 -27.14 21.93
N GLU C 367 45.16 -28.28 21.29
CA GLU C 367 44.70 -28.25 19.90
C GLU C 367 43.34 -27.57 19.79
N ILE C 368 42.37 -28.02 20.60
CA ILE C 368 41.06 -27.37 20.61
C ILE C 368 41.18 -25.92 21.05
N TYR C 369 42.10 -25.63 21.97
CA TYR C 369 42.33 -24.26 22.38
C TYR C 369 42.80 -23.40 21.22
N LYS C 370 43.56 -23.98 20.30
CA LYS C 370 43.96 -23.26 19.09
C LYS C 370 42.77 -22.86 18.24
N VAL C 371 41.57 -23.33 18.57
CA VAL C 371 40.36 -22.95 17.85
C VAL C 371 39.52 -21.96 18.65
N LEU C 372 39.66 -21.98 19.97
CA LEU C 372 38.91 -21.08 20.84
C LEU C 372 39.60 -19.73 21.02
N ARG C 373 40.83 -19.58 20.52
CA ARG C 373 41.56 -18.33 20.64
C ARG C 373 42.57 -18.21 19.50
N PRO C 374 42.38 -17.25 18.59
CA PRO C 374 43.38 -17.00 17.55
C PRO C 374 44.51 -16.13 18.09
N GLY C 375 45.75 -16.64 18.00
CA GLY C 375 46.92 -15.91 18.43
C GLY C 375 47.34 -16.13 19.86
N ASP C 376 46.81 -17.14 20.54
CA ASP C 376 47.09 -17.31 21.95
C ASP C 376 48.16 -18.37 22.17
N PRO C 377 48.86 -18.31 23.29
CA PRO C 377 49.78 -19.39 23.66
C PRO C 377 49.09 -20.38 24.58
N PRO C 378 49.45 -21.66 24.51
CA PRO C 378 48.81 -22.64 25.38
C PRO C 378 49.35 -22.52 26.80
N ALA C 379 48.43 -22.48 27.76
CA ALA C 379 48.78 -22.56 29.17
C ALA C 379 48.68 -23.99 29.67
N ALA C 380 48.68 -24.18 30.98
CA ALA C 380 48.43 -25.47 31.58
C ALA C 380 47.24 -25.48 32.53
N ALA C 381 46.80 -24.31 33.01
CA ALA C 381 45.59 -24.21 33.82
C ALA C 381 44.55 -23.28 33.23
N SER C 382 44.90 -22.52 32.19
CA SER C 382 43.93 -21.74 31.44
C SER C 382 43.32 -22.54 30.31
N VAL C 383 44.07 -23.49 29.75
CA VAL C 383 43.54 -24.29 28.65
C VAL C 383 42.58 -25.35 29.17
N LYS C 384 42.90 -25.97 30.31
CA LYS C 384 41.99 -26.98 30.85
C LYS C 384 40.75 -26.37 31.47
N ALA C 385 40.84 -25.16 31.99
CA ALA C 385 39.66 -24.53 32.57
C ALA C 385 38.60 -24.29 31.49
N LEU C 386 39.02 -23.90 30.29
CA LEU C 386 38.08 -23.52 29.24
C LEU C 386 37.19 -24.69 28.87
N PHE C 387 37.79 -25.83 28.52
CA PHE C 387 37.00 -26.99 28.13
C PHE C 387 36.15 -27.48 29.29
N GLU C 388 36.71 -27.54 30.48
CA GLU C 388 35.93 -27.98 31.62
C GLU C 388 34.91 -26.98 32.05
N GLY C 389 34.87 -25.80 31.44
CA GLY C 389 33.86 -24.83 31.75
C GLY C 389 33.14 -24.22 30.56
N LEU C 390 33.07 -24.95 29.44
CA LEU C 390 32.17 -24.60 28.35
C LEU C 390 30.86 -25.38 28.33
N PHE C 391 30.85 -26.65 28.76
CA PHE C 391 29.61 -27.40 28.82
C PHE C 391 29.34 -28.00 30.18
N PHE C 392 30.07 -27.62 31.23
CA PHE C 392 29.95 -28.28 32.52
C PHE C 392 29.78 -27.34 33.70
N ILE C 393 29.69 -26.04 33.45
CA ILE C 393 29.47 -25.03 34.49
C ILE C 393 28.07 -24.48 34.33
N GLU C 394 27.24 -24.63 35.37
CA GLU C 394 25.85 -24.21 35.28
C GLU C 394 25.71 -22.70 35.16
N SER C 395 26.70 -21.94 35.62
CA SER C 395 26.65 -20.49 35.50
C SER C 395 26.98 -20.02 34.08
N ARG C 396 27.36 -20.92 33.19
CA ARG C 396 27.68 -20.56 31.82
C ARG C 396 27.04 -21.46 30.79
N TYR C 397 26.44 -22.57 31.19
CA TYR C 397 25.84 -23.53 30.27
C TYR C 397 24.67 -24.21 30.97
N SER C 398 23.54 -24.34 30.27
CA SER C 398 22.39 -25.02 30.86
C SER C 398 21.53 -25.62 29.76
N LEU C 399 20.99 -26.82 30.02
CA LEU C 399 19.98 -27.42 29.17
C LEU C 399 18.57 -27.10 29.63
N SER C 400 18.36 -26.93 30.94
CA SER C 400 17.16 -26.31 31.51
C SER C 400 15.92 -27.17 31.36
N ASP C 401 15.98 -28.40 31.88
CA ASP C 401 14.80 -29.19 32.21
C ASP C 401 14.06 -29.71 31.01
N ILE C 402 14.32 -29.13 29.85
CA ILE C 402 13.74 -29.57 28.59
C ILE C 402 14.78 -30.23 27.72
N GLY C 403 15.96 -29.62 27.63
CA GLY C 403 17.07 -30.30 27.00
C GLY C 403 17.34 -31.65 27.63
N ARG C 404 17.23 -31.73 28.95
CA ARG C 404 17.49 -33.00 29.62
C ARG C 404 16.45 -34.05 29.24
N MET C 405 15.17 -33.70 29.29
CA MET C 405 14.16 -34.72 28.98
C MET C 405 14.08 -35.00 27.49
N LYS C 406 14.21 -33.98 26.65
CA LYS C 406 14.22 -34.23 25.20
C LYS C 406 15.45 -35.03 24.79
N LEU C 407 16.59 -34.79 25.42
CA LEU C 407 17.77 -35.61 25.20
C LEU C 407 17.52 -37.05 25.63
N ASN C 408 17.02 -37.24 26.85
CA ASN C 408 16.75 -38.58 27.35
C ASN C 408 15.73 -39.31 26.49
N ALA C 409 14.88 -38.56 25.78
CA ALA C 409 13.91 -39.19 24.88
C ALA C 409 14.57 -39.57 23.56
N ARG C 410 15.21 -38.60 22.90
CA ARG C 410 15.83 -38.88 21.61
C ARG C 410 16.86 -39.98 21.71
N LEU C 411 17.84 -39.84 22.59
CA LEU C 411 18.79 -40.91 22.83
C LEU C 411 18.13 -42.11 23.49
N GLY C 412 16.90 -41.96 23.97
CA GLY C 412 16.17 -43.07 24.58
C GLY C 412 16.45 -43.36 26.02
N SER C 413 17.73 -43.40 26.41
CA SER C 413 18.07 -43.86 27.75
C SER C 413 17.86 -42.75 28.77
N ASP C 414 17.84 -43.16 30.05
CA ASP C 414 17.77 -42.23 31.16
C ASP C 414 18.97 -42.38 32.10
N LYS C 415 20.12 -42.74 31.55
CA LYS C 415 21.38 -42.83 32.30
C LYS C 415 21.66 -41.59 33.13
N VAL C 416 21.20 -40.42 32.69
CA VAL C 416 21.42 -39.20 33.41
C VAL C 416 20.15 -38.85 34.19
N SER C 417 20.29 -38.02 35.21
CA SER C 417 19.18 -37.71 36.10
C SER C 417 18.19 -36.81 35.38
N LYS C 418 17.14 -36.40 36.09
CA LYS C 418 16.15 -35.50 35.54
C LYS C 418 16.42 -34.04 35.88
N ASP C 419 17.46 -33.77 36.67
CA ASP C 419 17.79 -32.41 37.08
C ASP C 419 19.24 -32.04 36.77
N ILE C 420 19.93 -32.85 35.98
CA ILE C 420 21.29 -32.55 35.54
C ILE C 420 21.22 -31.75 34.25
N TYR C 421 21.32 -30.42 34.36
CA TYR C 421 21.17 -29.55 33.21
C TYR C 421 22.47 -29.29 32.48
N THR C 422 23.45 -30.18 32.59
CA THR C 422 24.72 -30.00 31.95
C THR C 422 25.11 -31.27 31.20
N LEU C 423 26.06 -31.13 30.29
CA LEU C 423 26.43 -32.20 29.38
C LEU C 423 27.27 -33.23 30.11
N GLU C 424 26.62 -34.30 30.58
CA GLU C 424 27.36 -35.44 31.07
C GLU C 424 28.20 -36.01 29.93
N ASN C 425 29.19 -36.84 30.30
CA ASN C 425 30.08 -37.37 29.27
C ASN C 425 29.37 -38.33 28.32
N SER C 426 28.32 -39.01 28.78
CA SER C 426 27.64 -39.97 27.93
C SER C 426 26.76 -39.31 26.88
N ASP C 427 26.33 -38.07 27.13
CA ASP C 427 25.51 -37.33 26.17
C ASP C 427 26.31 -36.84 24.97
N ILE C 428 27.55 -37.31 24.81
CA ILE C 428 28.31 -37.10 23.59
C ILE C 428 28.64 -38.42 22.91
N VAL C 429 28.97 -39.44 23.69
CA VAL C 429 29.14 -40.78 23.10
C VAL C 429 27.84 -41.24 22.45
N GLY C 430 26.71 -41.01 23.12
CA GLY C 430 25.45 -41.42 22.53
C GLY C 430 25.12 -40.62 21.28
N VAL C 431 25.46 -39.33 21.27
CA VAL C 431 25.18 -38.52 20.09
C VAL C 431 26.01 -39.00 18.90
N ILE C 432 27.28 -39.32 19.13
CA ILE C 432 28.12 -39.86 18.06
C ILE C 432 27.56 -41.17 17.55
N GLU C 433 27.18 -42.05 18.48
CA GLU C 433 26.65 -43.35 18.08
C GLU C 433 25.39 -43.20 17.24
N GLU C 434 24.47 -42.32 17.66
CA GLU C 434 23.24 -42.15 16.91
C GLU C 434 23.45 -41.42 15.60
N LEU C 435 24.47 -40.56 15.51
CA LEU C 435 24.79 -39.98 14.21
C LEU C 435 25.22 -41.05 13.23
N ILE C 436 26.10 -41.97 13.65
CA ILE C 436 26.54 -43.00 12.71
C ILE C 436 25.39 -43.96 12.41
N ASN C 437 24.51 -44.23 13.38
CA ASN C 437 23.39 -45.11 13.09
C ASN C 437 22.39 -44.49 12.14
N ILE C 438 22.10 -43.20 12.29
CA ILE C 438 21.24 -42.53 11.33
C ILE C 438 21.88 -42.52 9.96
N ARG C 439 23.20 -42.31 9.89
CA ARG C 439 23.88 -42.40 8.61
C ARG C 439 23.76 -43.79 7.99
N ASP C 440 23.68 -44.83 8.82
CA ASP C 440 23.62 -46.20 8.32
C ASP C 440 22.20 -46.73 8.16
N GLY C 441 21.18 -45.92 8.42
CA GLY C 441 19.81 -46.28 8.10
C GLY C 441 18.93 -46.69 9.27
N LYS C 442 19.44 -46.81 10.49
CA LYS C 442 18.62 -47.24 11.63
C LYS C 442 18.15 -46.02 12.42
N GLY C 443 17.35 -45.20 11.77
CA GLY C 443 16.81 -44.03 12.45
C GLY C 443 16.33 -42.99 11.46
N LYS C 444 15.67 -41.98 12.02
CA LYS C 444 14.99 -40.95 11.24
C LYS C 444 15.51 -39.58 11.65
N VAL C 445 15.61 -38.69 10.67
CA VAL C 445 16.06 -37.33 10.90
C VAL C 445 14.90 -36.47 11.41
N ASP C 446 15.22 -35.27 11.88
CA ASP C 446 14.26 -34.42 12.56
C ASP C 446 13.63 -33.41 11.61
N ASP C 447 12.44 -32.94 11.97
CA ASP C 447 11.68 -31.97 11.20
C ASP C 447 11.76 -30.64 11.92
N ILE C 448 12.36 -29.64 11.26
CA ILE C 448 12.71 -28.40 11.93
C ILE C 448 11.49 -27.51 12.16
N ASP C 449 10.41 -27.74 11.42
CA ASP C 449 9.22 -26.89 11.49
C ASP C 449 8.06 -27.56 12.20
N HIS C 450 8.19 -28.82 12.57
CA HIS C 450 7.29 -29.45 13.50
C HIS C 450 7.09 -28.58 14.71
N LEU C 451 5.86 -28.46 15.19
CA LEU C 451 5.61 -27.76 16.43
C LEU C 451 5.83 -28.64 17.65
N GLY C 452 6.54 -29.74 17.48
CA GLY C 452 7.05 -30.48 18.61
C GLY C 452 8.46 -30.03 18.92
N ASN C 453 9.14 -29.49 17.91
CA ASN C 453 10.49 -29.00 18.02
C ASN C 453 10.56 -27.50 18.15
N ARG C 454 9.45 -26.84 18.46
CA ARG C 454 9.43 -25.41 18.70
C ARG C 454 8.62 -25.14 19.95
N ARG C 455 9.18 -24.37 20.86
CA ARG C 455 8.55 -24.08 22.13
C ARG C 455 8.26 -22.59 22.24
N VAL C 456 7.30 -22.22 23.06
CA VAL C 456 6.87 -20.84 23.21
C VAL C 456 7.44 -20.28 24.50
N ARG C 457 7.98 -19.07 24.43
CA ARG C 457 8.61 -18.42 25.55
C ARG C 457 7.94 -17.06 25.77
N SER C 458 7.22 -16.93 26.89
CA SER C 458 6.37 -15.79 27.13
C SER C 458 7.06 -14.77 28.03
N VAL C 459 6.34 -13.74 28.45
CA VAL C 459 6.96 -12.56 29.06
C VAL C 459 7.58 -12.87 30.42
N GLY C 460 7.00 -13.76 31.19
CA GLY C 460 7.58 -14.09 32.48
C GLY C 460 8.94 -14.73 32.35
N GLU C 461 9.08 -15.66 31.41
CA GLU C 461 10.37 -16.30 31.15
C GLU C 461 11.41 -15.29 30.71
N MET C 462 11.03 -14.33 29.87
CA MET C 462 12.00 -13.33 29.43
C MET C 462 12.45 -12.42 30.57
N VAL C 463 11.51 -11.92 31.37
CA VAL C 463 11.92 -11.06 32.45
C VAL C 463 12.73 -11.83 33.48
N GLU C 464 12.47 -13.12 33.63
CA GLU C 464 13.30 -13.94 34.51
C GLU C 464 14.71 -14.09 33.96
N ASN C 465 14.87 -14.19 32.64
CA ASN C 465 16.21 -14.23 32.09
C ASN C 465 16.96 -12.92 32.33
N GLN C 466 16.29 -11.79 32.14
CA GLN C 466 16.97 -10.51 32.38
C GLN C 466 17.25 -10.30 33.86
N PHE C 467 16.42 -10.86 34.73
CA PHE C 467 16.68 -10.83 36.16
C PHE C 467 17.92 -11.61 36.52
N ARG C 468 18.05 -12.81 35.96
CA ARG C 468 19.27 -13.60 36.18
C ARG C 468 20.51 -12.87 35.67
N ILE C 469 20.41 -12.25 34.50
CA ILE C 469 21.53 -11.48 33.94
C ILE C 469 21.96 -10.38 34.90
N GLY C 470 21.02 -9.55 35.35
CA GLY C 470 21.39 -8.45 36.22
C GLY C 470 21.84 -8.89 37.59
N LEU C 471 21.25 -9.96 38.12
CA LEU C 471 21.60 -10.44 39.43
C LEU C 471 22.99 -11.07 39.44
N TYR C 472 23.44 -11.62 38.32
CA TYR C 472 24.82 -12.09 38.28
C TYR C 472 25.80 -10.94 38.46
N ARG C 473 25.54 -9.80 37.83
CA ARG C 473 26.40 -8.65 38.05
C ARG C 473 26.31 -8.17 39.49
N VAL C 474 25.13 -8.18 40.07
CA VAL C 474 25.02 -7.76 41.46
C VAL C 474 25.85 -8.67 42.37
N GLU C 475 25.74 -9.98 42.20
CA GLU C 475 26.45 -10.88 43.09
C GLU C 475 27.93 -10.97 42.75
N LYS C 476 28.33 -10.49 41.59
CA LYS C 476 29.75 -10.39 41.28
C LYS C 476 30.34 -9.06 41.73
N GLY C 477 29.50 -8.07 42.04
CA GLY C 477 30.01 -6.83 42.60
C GLY C 477 30.01 -6.79 44.11
N ILE C 478 29.08 -7.52 44.74
CA ILE C 478 29.04 -7.57 46.20
C ILE C 478 30.31 -8.17 46.76
N ARG C 479 30.63 -9.41 46.38
CA ARG C 479 31.83 -10.05 46.91
C ARG C 479 33.09 -9.27 46.58
N GLU C 480 33.10 -8.54 45.47
CA GLU C 480 34.23 -7.66 45.20
C GLU C 480 34.32 -6.57 46.27
N SER C 481 33.29 -5.75 46.39
CA SER C 481 33.36 -4.69 47.39
C SER C 481 33.03 -5.18 48.79
N MET C 482 32.93 -6.49 48.99
CA MET C 482 32.80 -7.02 50.34
C MET C 482 34.11 -6.88 51.11
N SER C 483 35.23 -6.83 50.39
CA SER C 483 36.54 -6.67 51.01
C SER C 483 36.92 -5.20 51.15
N LEU C 484 36.82 -4.45 50.05
CA LEU C 484 37.18 -3.04 49.99
C LEU C 484 36.29 -2.15 50.86
N VAL C 485 35.35 -2.70 51.60
CA VAL C 485 34.60 -1.94 52.61
C VAL C 485 35.22 -2.25 53.96
N HIS C 486 35.77 -1.22 54.61
CA HIS C 486 36.48 -1.36 55.87
C HIS C 486 35.88 -0.39 56.88
N LYS C 487 35.06 -0.92 57.79
CA LYS C 487 34.47 -0.13 58.87
C LYS C 487 34.00 -1.11 59.95
N ASP C 488 33.16 -0.62 60.85
CA ASP C 488 32.61 -1.43 61.94
C ASP C 488 31.14 -1.72 61.68
N LYS C 489 30.67 -2.81 62.28
CA LYS C 489 29.27 -3.22 62.22
C LYS C 489 28.76 -3.20 60.78
N LEU C 490 29.31 -4.11 59.98
CA LEU C 490 28.96 -4.22 58.57
C LEU C 490 27.56 -4.79 58.38
N MET C 491 26.57 -3.92 58.19
CA MET C 491 25.23 -4.39 57.87
C MET C 491 25.15 -4.75 56.39
N PRO C 492 24.33 -5.74 56.02
CA PRO C 492 24.22 -6.11 54.60
C PRO C 492 23.38 -5.13 53.80
N LYS C 493 23.75 -3.87 53.83
CA LYS C 493 23.03 -2.81 53.14
C LYS C 493 23.95 -1.92 52.34
N ASP C 494 25.20 -1.74 52.78
CA ASP C 494 26.17 -0.97 52.02
C ASP C 494 27.08 -1.84 51.17
N ILE C 495 26.76 -3.12 51.02
CA ILE C 495 27.58 -4.02 50.21
C ILE C 495 26.86 -4.50 48.96
N VAL C 496 25.53 -4.56 48.94
CA VAL C 496 24.79 -4.95 47.75
C VAL C 496 24.27 -3.68 47.09
N ASN C 497 24.41 -3.63 45.78
CA ASN C 497 23.88 -2.55 44.95
C ASN C 497 22.69 -3.07 44.15
N SER C 498 21.80 -2.16 43.78
CA SER C 498 20.59 -2.55 43.07
C SER C 498 20.43 -1.89 41.71
N LYS C 499 21.40 -1.14 41.25
CA LYS C 499 21.27 -0.47 39.96
C LYS C 499 21.37 -1.44 38.78
N PRO C 500 22.25 -2.45 38.80
CA PRO C 500 22.31 -3.37 37.66
C PRO C 500 21.17 -4.38 37.55
N ILE C 501 20.12 -4.26 38.35
CA ILE C 501 18.90 -5.05 38.18
C ILE C 501 17.79 -4.19 37.62
N THR C 502 17.53 -3.05 38.26
CA THR C 502 16.60 -2.08 37.73
C THR C 502 16.98 -1.69 36.32
N ALA C 503 18.27 -1.52 36.06
CA ALA C 503 18.71 -1.01 34.77
C ALA C 503 18.74 -2.08 33.68
N ALA C 504 18.61 -3.36 34.01
CA ALA C 504 18.49 -4.36 32.98
C ALA C 504 17.02 -4.65 32.67
N ILE C 505 16.19 -4.69 33.71
CA ILE C 505 14.77 -4.88 33.47
C ILE C 505 14.20 -3.69 32.72
N LYS C 506 14.62 -2.47 33.08
CA LYS C 506 14.15 -1.30 32.36
C LYS C 506 14.63 -1.31 30.92
N GLU C 507 15.78 -1.91 30.65
CA GLU C 507 16.26 -1.96 29.27
C GLU C 507 15.45 -2.94 28.45
N PHE C 508 15.12 -4.10 29.01
CA PHE C 508 14.22 -5.01 28.33
C PHE C 508 12.91 -4.33 27.97
N PHE C 509 12.32 -3.62 28.93
CA PHE C 509 10.98 -3.07 28.70
C PHE C 509 10.98 -1.84 27.81
N THR C 510 12.03 -1.03 27.87
CA THR C 510 12.05 0.19 27.08
C THR C 510 12.56 -0.03 25.67
N SER C 511 13.59 -0.87 25.49
CA SER C 511 14.26 -0.96 24.21
C SER C 511 14.20 -2.35 23.59
N GLY C 512 13.52 -3.29 24.21
CA GLY C 512 13.41 -4.60 23.61
C GLY C 512 12.67 -4.55 22.30
N ALA C 513 12.75 -5.64 21.56
CA ALA C 513 12.05 -5.70 20.29
C ALA C 513 10.71 -6.39 20.39
N LEU C 514 10.53 -7.27 21.36
CA LEU C 514 9.27 -7.92 21.63
C LEU C 514 8.40 -7.14 22.61
N SER C 515 8.84 -5.99 23.06
CA SER C 515 8.07 -5.15 23.97
C SER C 515 7.59 -3.94 23.18
N GLN C 516 6.36 -4.02 22.68
CA GLN C 516 5.86 -3.13 21.66
C GLN C 516 4.72 -2.25 22.17
N PHE C 517 4.62 -1.06 21.59
CA PHE C 517 3.44 -0.23 21.66
C PHE C 517 2.18 -1.08 21.50
N MET C 518 1.15 -0.76 22.26
CA MET C 518 -0.07 -1.54 22.13
C MET C 518 -0.94 -1.00 21.01
N ASP C 519 -1.56 -1.93 20.28
CA ASP C 519 -2.50 -1.66 19.20
C ASP C 519 -3.85 -1.37 19.82
N GLN C 520 -4.26 -0.10 19.88
CA GLN C 520 -5.58 0.00 20.48
C GLN C 520 -6.70 0.10 19.45
N ASP C 521 -6.92 1.26 18.86
CA ASP C 521 -7.83 1.40 17.72
C ASP C 521 -9.23 0.79 17.88
N ASN C 522 -9.40 -0.23 18.72
CA ASN C 522 -10.66 -0.84 19.11
C ASN C 522 -10.36 -2.04 20.01
N PRO C 523 -11.33 -2.66 20.65
CA PRO C 523 -11.02 -3.81 21.51
C PRO C 523 -10.34 -4.97 20.82
N LEU C 524 -10.70 -5.26 19.58
CA LEU C 524 -10.13 -6.42 18.88
C LEU C 524 -8.65 -6.26 18.63
N SER C 525 -8.21 -5.03 18.33
CA SER C 525 -6.79 -4.80 18.15
C SER C 525 -5.97 -5.22 19.34
N GLU C 526 -6.42 -4.89 20.55
CA GLU C 526 -5.75 -5.29 21.79
C GLU C 526 -5.85 -6.78 22.03
N VAL C 527 -7.04 -7.35 21.92
CA VAL C 527 -7.19 -8.77 22.20
C VAL C 527 -6.35 -9.59 21.23
N THR C 528 -6.03 -9.05 20.07
CA THR C 528 -5.41 -9.84 19.02
C THR C 528 -3.92 -9.64 18.98
N HIS C 529 -3.45 -8.60 19.67
CA HIS C 529 -2.05 -8.25 19.82
C HIS C 529 -1.51 -8.93 21.06
N LYS C 530 -2.36 -9.14 22.07
CA LYS C 530 -1.98 -9.91 23.22
C LYS C 530 -1.96 -11.41 22.97
N ARG C 531 -2.35 -11.87 21.79
CA ARG C 531 -2.42 -13.30 21.49
C ARG C 531 -1.49 -13.70 20.36
N ARG C 532 -0.45 -12.91 20.13
CA ARG C 532 0.42 -13.01 18.98
C ARG C 532 1.73 -13.70 19.35
N ILE C 533 2.28 -14.49 18.42
CA ILE C 533 3.44 -15.35 18.69
C ILE C 533 4.46 -15.13 17.58
N SER C 534 5.43 -14.26 17.82
CA SER C 534 6.44 -13.91 16.83
C SER C 534 7.56 -14.94 16.78
N ALA C 535 8.11 -15.15 15.59
CA ALA C 535 9.29 -16.00 15.42
C ALA C 535 10.58 -15.19 15.38
N LEU C 536 10.48 -13.89 15.23
CA LEU C 536 11.60 -12.98 15.21
C LEU C 536 12.01 -12.65 16.64
N GLY C 537 12.85 -11.64 16.80
CA GLY C 537 13.26 -11.21 18.11
C GLY C 537 14.54 -11.87 18.58
N PRO C 538 15.04 -11.46 19.75
CA PRO C 538 16.31 -12.00 20.24
C PRO C 538 16.28 -13.49 20.50
N GLY C 539 17.01 -14.26 19.73
CA GLY C 539 16.94 -15.70 19.76
C GLY C 539 16.12 -16.31 18.66
N GLY C 540 15.74 -15.52 17.65
CA GLY C 540 14.91 -16.00 16.56
C GLY C 540 15.44 -15.55 15.22
N LEU C 541 14.60 -15.61 14.19
CA LEU C 541 15.02 -15.41 12.81
C LEU C 541 15.19 -13.93 12.45
N SER C 542 15.28 -13.66 11.14
CA SER C 542 15.27 -12.32 10.58
C SER C 542 14.29 -12.27 9.42
N ARG C 543 13.75 -11.09 9.15
CA ARG C 543 12.79 -10.96 8.06
C ARG C 543 13.44 -11.12 6.69
N ASP C 544 14.75 -11.36 6.64
CA ASP C 544 15.47 -11.54 5.38
C ASP C 544 16.20 -12.86 5.28
N ARG C 545 16.84 -13.31 6.35
CA ARG C 545 17.54 -14.58 6.33
C ARG C 545 16.57 -15.74 6.11
N ALA C 546 15.38 -15.65 6.69
CA ALA C 546 14.40 -16.72 6.56
C ALA C 546 13.82 -16.77 5.16
N GLY C 547 13.36 -17.95 4.77
CA GLY C 547 12.66 -18.04 3.50
C GLY C 547 11.94 -19.33 3.22
N PHE C 548 10.66 -19.20 2.91
CA PHE C 548 9.90 -20.15 2.10
C PHE C 548 9.55 -21.47 2.78
N GLU C 549 10.06 -21.75 3.97
CA GLU C 549 9.63 -22.94 4.69
C GLU C 549 9.34 -22.73 6.15
N VAL C 550 9.90 -21.70 6.79
CA VAL C 550 9.37 -21.25 8.06
C VAL C 550 8.14 -20.38 7.85
N ARG C 551 7.79 -20.07 6.61
CA ARG C 551 6.62 -19.28 6.28
C ARG C 551 5.50 -20.15 5.74
N ASP C 552 5.38 -21.37 6.21
CA ASP C 552 4.49 -22.32 5.56
C ASP C 552 3.59 -23.00 6.59
N VAL C 553 2.35 -23.27 6.18
CA VAL C 553 1.36 -23.89 7.04
C VAL C 553 1.73 -25.36 7.18
N HIS C 554 2.35 -25.72 8.29
CA HIS C 554 2.67 -27.10 8.60
C HIS C 554 1.43 -27.83 9.05
N ALA C 555 1.51 -29.16 9.04
CA ALA C 555 0.39 -29.98 9.46
C ALA C 555 0.12 -29.92 10.95
N THR C 556 1.07 -29.44 11.73
CA THR C 556 0.93 -29.36 13.17
C THR C 556 0.49 -27.98 13.63
N HIS C 557 0.17 -27.09 12.71
CA HIS C 557 -0.50 -25.87 13.09
C HIS C 557 -1.97 -26.08 13.33
N TYR C 558 -2.52 -27.26 13.11
CA TYR C 558 -3.96 -27.44 13.22
C TYR C 558 -4.34 -27.50 14.69
N GLY C 559 -5.12 -26.53 15.12
CA GLY C 559 -5.55 -26.45 16.49
C GLY C 559 -4.67 -25.61 17.37
N ARG C 560 -3.52 -25.17 16.88
CA ARG C 560 -2.50 -24.52 17.66
C ARG C 560 -2.17 -23.13 17.19
N LEU C 561 -1.91 -22.93 15.90
CA LEU C 561 -1.75 -21.59 15.34
C LEU C 561 -2.78 -21.39 14.23
N CYS C 562 -3.28 -20.17 14.09
CA CYS C 562 -4.29 -19.89 13.08
C CYS C 562 -3.65 -19.89 11.70
N PRO C 563 -4.10 -20.72 10.76
CA PRO C 563 -3.47 -20.72 9.44
C PRO C 563 -4.07 -19.73 8.49
N ILE C 564 -4.53 -18.58 8.97
CA ILE C 564 -5.18 -17.62 8.09
C ILE C 564 -4.70 -16.21 8.40
N GLU C 565 -4.30 -15.96 9.64
CA GLU C 565 -4.00 -14.59 10.07
C GLU C 565 -2.50 -14.40 10.17
N THR C 566 -1.96 -13.57 9.30
CA THR C 566 -0.57 -13.15 9.27
C THR C 566 -0.50 -11.83 8.54
N PRO C 567 0.62 -11.12 8.62
CA PRO C 567 0.74 -9.89 7.84
C PRO C 567 0.76 -10.17 6.35
N GLU C 568 0.65 -9.10 5.58
CA GLU C 568 0.67 -9.17 4.12
C GLU C 568 1.89 -8.51 3.52
N GLY C 569 2.91 -8.20 4.32
CA GLY C 569 4.14 -7.69 3.80
C GLY C 569 5.26 -8.70 3.87
N PRO C 570 6.44 -8.25 4.32
CA PRO C 570 7.57 -9.17 4.49
C PRO C 570 7.49 -10.05 5.71
N ASN C 571 6.50 -9.89 6.57
CA ASN C 571 6.39 -10.68 7.78
C ASN C 571 5.53 -11.91 7.62
N ILE C 572 5.07 -12.23 6.41
CA ILE C 572 4.07 -13.29 6.25
C ILE C 572 4.65 -14.62 6.71
N GLY C 573 3.91 -15.33 7.53
CA GLY C 573 4.35 -16.59 8.06
C GLY C 573 5.24 -16.50 9.27
N LEU C 574 5.58 -15.29 9.71
CA LEU C 574 6.46 -15.10 10.85
C LEU C 574 5.82 -14.32 11.98
N ILE C 575 4.49 -14.23 12.04
CA ILE C 575 3.88 -13.56 13.18
C ILE C 575 2.79 -14.39 13.86
N ASN C 576 1.87 -14.98 13.11
CA ASN C 576 1.24 -16.24 13.53
C ASN C 576 0.53 -16.17 14.89
N SER C 577 -0.61 -15.48 14.93
CA SER C 577 -1.42 -15.46 16.15
C SER C 577 -1.94 -16.84 16.54
N LEU C 578 -2.50 -16.91 17.77
CA LEU C 578 -2.90 -18.14 18.43
C LEU C 578 -4.32 -18.57 18.06
N ALA C 579 -4.57 -19.88 18.11
CA ALA C 579 -5.89 -20.39 17.79
C ALA C 579 -6.81 -20.24 18.98
N SER C 580 -8.02 -20.79 18.87
CA SER C 580 -9.11 -20.44 19.78
C SER C 580 -9.02 -21.17 21.10
N TYR C 581 -8.84 -22.48 21.06
CA TYR C 581 -8.83 -23.30 22.27
C TYR C 581 -7.42 -23.70 22.69
N ALA C 582 -6.41 -23.00 22.22
CA ALA C 582 -5.03 -23.44 22.37
C ALA C 582 -4.43 -22.99 23.68
N ARG C 583 -3.45 -23.77 24.14
CA ARG C 583 -2.90 -23.70 25.48
C ARG C 583 -1.41 -23.95 25.39
N VAL C 584 -0.60 -23.05 25.94
CA VAL C 584 0.82 -23.29 26.14
C VAL C 584 0.98 -24.01 27.46
N ASN C 585 1.52 -25.23 27.44
CA ASN C 585 1.59 -26.02 28.67
C ASN C 585 2.82 -25.64 29.48
N ASP C 586 3.17 -26.48 30.46
CA ASP C 586 4.19 -26.10 31.43
C ASP C 586 5.60 -26.14 30.87
N TYR C 587 5.82 -26.85 29.77
CA TYR C 587 7.12 -26.86 29.11
C TYR C 587 7.23 -25.85 27.97
N GLY C 588 6.12 -25.29 27.50
CA GLY C 588 6.14 -24.32 26.45
C GLY C 588 5.63 -24.79 25.11
N PHE C 589 5.00 -25.95 25.03
CA PHE C 589 4.51 -26.50 23.78
C PHE C 589 3.01 -26.31 23.68
N LEU C 590 2.56 -25.71 22.58
CA LEU C 590 1.14 -25.47 22.36
C LEU C 590 0.37 -26.78 22.40
N GLU C 591 -0.90 -26.67 22.82
CA GLU C 591 -1.76 -27.84 22.93
C GLU C 591 -3.16 -27.49 22.44
N ALA C 592 -3.99 -28.50 22.27
CA ALA C 592 -5.34 -28.33 21.76
C ALA C 592 -6.21 -29.49 22.24
N PRO C 593 -7.50 -29.25 22.48
CA PRO C 593 -8.35 -30.26 23.14
C PRO C 593 -9.17 -31.13 22.21
N TYR C 594 -9.29 -32.40 22.60
CA TYR C 594 -9.99 -33.39 21.80
C TYR C 594 -10.86 -34.24 22.72
N ARG C 595 -11.82 -34.94 22.15
CA ARG C 595 -12.73 -35.79 22.89
C ARG C 595 -12.42 -37.26 22.67
N LYS C 596 -12.21 -38.00 23.74
CA LYS C 596 -11.80 -39.38 23.60
C LYS C 596 -12.92 -40.22 22.97
N VAL C 597 -12.55 -41.07 22.02
CA VAL C 597 -13.48 -42.00 21.39
C VAL C 597 -13.05 -43.39 21.86
N VAL C 598 -13.61 -43.83 22.97
CA VAL C 598 -13.24 -45.10 23.57
C VAL C 598 -14.33 -46.11 23.26
N ASP C 599 -13.91 -47.28 22.77
CA ASP C 599 -14.83 -48.36 22.42
C ASP C 599 -15.77 -47.93 21.30
N GLY C 600 -15.24 -47.12 20.37
CA GLY C 600 -15.99 -46.71 19.21
C GLY C 600 -17.05 -45.67 19.46
N LYS C 601 -17.33 -45.35 20.70
CA LYS C 601 -18.37 -44.38 21.05
C LYS C 601 -17.71 -43.11 21.55
N VAL C 602 -18.06 -41.98 20.96
CA VAL C 602 -17.49 -40.72 21.40
C VAL C 602 -17.93 -40.46 22.83
N THR C 603 -16.98 -40.13 23.69
CA THR C 603 -17.26 -39.81 25.07
C THR C 603 -17.05 -38.32 25.29
N ASP C 604 -17.18 -37.89 26.53
CA ASP C 604 -17.07 -36.47 26.84
C ASP C 604 -15.98 -36.22 27.86
N GLU C 605 -14.80 -36.76 27.61
CA GLU C 605 -13.62 -36.50 28.42
C GLU C 605 -12.63 -35.71 27.60
N ILE C 606 -12.62 -34.41 27.78
CA ILE C 606 -11.68 -33.54 27.08
C ILE C 606 -10.26 -33.94 27.46
N GLU C 607 -9.32 -33.72 26.55
CA GLU C 607 -7.93 -34.07 26.75
C GLU C 607 -7.08 -33.18 25.87
N TYR C 608 -6.01 -32.63 26.42
CA TYR C 608 -5.15 -31.75 25.67
C TYR C 608 -3.95 -32.54 25.13
N LEU C 609 -3.71 -32.43 23.84
CA LEU C 609 -2.67 -33.19 23.17
C LEU C 609 -1.69 -32.22 22.52
N SER C 610 -0.42 -32.60 22.54
CA SER C 610 0.65 -31.82 21.92
C SER C 610 1.02 -32.44 20.59
N ALA C 611 1.71 -31.66 19.76
CA ALA C 611 1.97 -32.06 18.39
C ALA C 611 2.69 -33.40 18.32
N ILE C 612 3.59 -33.66 19.27
CA ILE C 612 4.24 -34.96 19.29
C ILE C 612 3.26 -36.03 19.70
N ASP C 613 2.28 -35.69 20.53
CA ASP C 613 1.35 -36.69 21.06
C ASP C 613 0.42 -37.18 19.98
N GLU C 614 -0.20 -36.27 19.25
CA GLU C 614 -1.22 -36.63 18.29
C GLU C 614 -0.64 -37.14 16.99
N ASP C 615 0.68 -37.25 16.90
CA ASP C 615 1.32 -37.83 15.73
C ASP C 615 0.90 -39.27 15.49
N ASN C 616 0.40 -39.95 16.51
CA ASN C 616 0.08 -41.37 16.43
C ASN C 616 -1.39 -41.64 16.63
N TYR C 617 -2.27 -40.69 16.32
CA TYR C 617 -3.69 -40.86 16.52
C TYR C 617 -4.44 -40.48 15.26
N VAL C 618 -5.64 -41.01 15.12
CA VAL C 618 -6.58 -40.65 14.06
C VAL C 618 -7.62 -39.74 14.67
N ILE C 619 -7.77 -38.53 14.12
CA ILE C 619 -8.57 -37.48 14.75
C ILE C 619 -9.64 -37.01 13.78
N ALA C 620 -10.90 -37.31 14.08
CA ALA C 620 -12.04 -36.86 13.27
C ALA C 620 -12.25 -35.36 13.46
N GLN C 621 -13.33 -34.83 12.88
CA GLN C 621 -13.65 -33.41 13.01
C GLN C 621 -14.98 -33.24 13.75
N ALA C 622 -15.28 -32.01 14.13
CA ALA C 622 -16.43 -31.76 14.98
C ALA C 622 -17.74 -32.09 14.30
N SER C 623 -17.81 -31.97 12.98
CA SER C 623 -19.04 -32.10 12.23
C SER C 623 -19.21 -33.45 11.59
N THR C 624 -18.56 -34.49 12.11
CA THR C 624 -18.94 -35.81 11.68
C THR C 624 -20.28 -36.19 12.30
N LYS C 625 -20.98 -37.10 11.64
CA LYS C 625 -22.35 -37.43 12.00
C LYS C 625 -22.37 -38.55 13.02
N LEU C 626 -23.03 -38.31 14.14
CA LEU C 626 -23.23 -39.27 15.21
C LEU C 626 -24.71 -39.58 15.33
N ASP C 627 -25.04 -40.72 15.97
CA ASP C 627 -26.43 -41.17 15.99
C ASP C 627 -26.87 -41.58 17.40
N GLU C 628 -27.29 -40.60 18.20
CA GLU C 628 -28.13 -40.83 19.37
C GLU C 628 -27.46 -41.69 20.44
N ASN C 629 -26.34 -42.30 20.08
CA ASN C 629 -25.55 -43.12 20.98
C ASN C 629 -24.08 -42.73 20.84
N ASN C 630 -23.81 -41.64 20.12
CA ASN C 630 -22.47 -41.15 19.87
C ASN C 630 -21.59 -42.20 19.20
N HIS C 631 -22.19 -42.97 18.30
CA HIS C 631 -21.44 -43.75 17.35
C HIS C 631 -21.40 -42.99 16.02
N PHE C 632 -20.47 -43.37 15.16
CA PHE C 632 -20.41 -42.77 13.84
C PHE C 632 -21.43 -43.44 12.93
N VAL C 633 -22.12 -42.64 12.12
CA VAL C 633 -23.10 -43.23 11.21
C VAL C 633 -22.43 -43.71 9.94
N GLU C 634 -21.29 -43.12 9.60
CA GLU C 634 -20.60 -43.41 8.35
C GLU C 634 -19.75 -44.67 8.50
N ASP C 635 -19.08 -45.02 7.41
CA ASP C 635 -18.06 -46.07 7.44
C ASP C 635 -16.74 -45.63 6.84
N ILE C 636 -16.70 -44.50 6.14
CA ILE C 636 -15.46 -43.95 5.62
C ILE C 636 -15.59 -42.43 5.71
N ILE C 637 -14.79 -41.82 6.59
CA ILE C 637 -14.87 -40.40 6.87
C ILE C 637 -13.52 -39.78 6.56
N GLN C 638 -13.49 -38.46 6.49
CA GLN C 638 -12.22 -37.75 6.34
C GLN C 638 -11.68 -37.41 7.73
N CYS C 639 -10.54 -38.00 8.06
CA CYS C 639 -9.85 -37.80 9.32
C CYS C 639 -8.51 -37.14 9.06
N ARG C 640 -7.68 -37.11 10.10
CA ARG C 640 -6.29 -36.68 10.04
C ARG C 640 -5.47 -37.79 10.67
N SER C 641 -4.70 -38.51 9.87
CA SER C 641 -4.06 -39.71 10.40
C SER C 641 -2.60 -39.52 10.81
N GLY C 642 -1.91 -38.55 10.24
CA GLY C 642 -0.59 -38.22 10.72
C GLY C 642 -0.38 -36.73 10.69
N GLY C 643 -1.47 -35.99 10.93
CA GLY C 643 -1.54 -34.57 10.60
C GLY C 643 -1.99 -34.39 9.16
N GLU C 644 -1.78 -35.45 8.38
CA GLU C 644 -2.19 -35.50 6.98
C GLU C 644 -3.64 -35.93 6.86
N ALA C 645 -4.32 -35.44 5.83
CA ALA C 645 -5.70 -35.87 5.60
C ALA C 645 -5.73 -37.27 5.03
N ILE C 646 -6.88 -37.92 5.17
CA ILE C 646 -7.03 -39.32 4.83
C ILE C 646 -8.51 -39.62 4.71
N PHE C 647 -8.84 -40.72 4.05
CA PHE C 647 -10.22 -41.21 3.97
C PHE C 647 -10.22 -42.61 4.54
N THR C 648 -10.50 -42.73 5.84
CA THR C 648 -10.32 -43.99 6.52
C THR C 648 -11.62 -44.47 7.15
N GLU C 649 -11.60 -45.73 7.55
CA GLU C 649 -12.71 -46.31 8.29
C GLU C 649 -12.96 -45.51 9.55
N SER C 650 -14.18 -45.60 10.06
CA SER C 650 -14.50 -44.95 11.33
C SER C 650 -14.09 -45.78 12.52
N SER C 651 -13.82 -47.07 12.33
CA SER C 651 -13.38 -47.91 13.42
C SER C 651 -11.96 -47.61 13.86
N ARG C 652 -11.26 -46.78 13.11
CA ARG C 652 -9.88 -46.43 13.37
C ARG C 652 -9.74 -45.16 14.18
N VAL C 653 -10.83 -44.49 14.49
CA VAL C 653 -10.76 -43.16 15.06
C VAL C 653 -10.49 -43.25 16.55
N GLN C 654 -9.74 -42.28 17.07
CA GLN C 654 -9.31 -42.27 18.45
C GLN C 654 -9.77 -41.01 19.17
N TYR C 655 -9.80 -39.88 18.48
CA TYR C 655 -10.17 -38.61 19.07
C TYR C 655 -11.18 -37.90 18.18
N MET C 656 -11.49 -36.66 18.52
CA MET C 656 -12.50 -35.87 17.82
C MET C 656 -12.44 -34.46 18.38
N ASP C 657 -12.64 -33.46 17.54
CA ASP C 657 -12.49 -32.10 18.03
C ASP C 657 -13.65 -31.73 18.93
N VAL C 658 -13.45 -30.69 19.73
CA VAL C 658 -14.50 -30.22 20.61
C VAL C 658 -15.36 -29.14 19.97
N SER C 659 -14.85 -28.45 18.95
CA SER C 659 -15.59 -27.36 18.35
C SER C 659 -15.25 -27.28 16.88
N ALA C 660 -15.81 -26.30 16.20
CA ALA C 660 -15.51 -26.09 14.79
C ALA C 660 -14.72 -24.82 14.53
N LYS C 661 -14.66 -23.90 15.48
CA LYS C 661 -13.72 -22.80 15.41
C LYS C 661 -12.42 -23.11 16.11
N GLN C 662 -12.18 -24.39 16.41
CA GLN C 662 -10.95 -24.81 17.05
C GLN C 662 -9.73 -24.47 16.22
N MET C 663 -9.89 -24.41 14.90
CA MET C 663 -8.81 -24.19 13.96
C MET C 663 -8.49 -22.73 13.73
N VAL C 664 -9.46 -21.84 13.85
CA VAL C 664 -9.29 -20.46 13.46
C VAL C 664 -9.01 -19.59 14.68
N SER C 665 -8.52 -18.39 14.42
CA SER C 665 -8.15 -17.44 15.47
C SER C 665 -9.40 -16.86 16.08
N ALA C 666 -9.22 -15.82 16.89
CA ALA C 666 -10.35 -15.13 17.47
C ALA C 666 -10.90 -14.05 16.56
N ALA C 667 -10.07 -13.46 15.71
CA ALA C 667 -10.52 -12.41 14.81
C ALA C 667 -11.04 -12.94 13.49
N ALA C 668 -10.76 -14.19 13.17
CA ALA C 668 -11.36 -14.84 12.01
C ALA C 668 -12.66 -15.54 12.36
N ALA C 669 -12.90 -15.82 13.63
CA ALA C 669 -14.16 -16.39 14.05
C ALA C 669 -15.24 -15.33 14.21
N LEU C 670 -14.94 -14.08 13.88
CA LEU C 670 -15.90 -13.00 13.87
C LEU C 670 -16.46 -12.72 12.49
N ILE C 671 -16.25 -13.63 11.53
CA ILE C 671 -16.61 -13.45 10.14
C ILE C 671 -17.67 -14.48 9.78
N PRO C 672 -18.90 -14.06 9.47
CA PRO C 672 -19.96 -15.03 9.18
C PRO C 672 -19.86 -15.52 7.76
N PHE C 673 -20.19 -16.80 7.58
CA PHE C 673 -20.07 -17.47 6.29
C PHE C 673 -18.62 -17.44 5.80
N LEU C 674 -17.77 -18.10 6.58
CA LEU C 674 -16.36 -18.20 6.24
C LEU C 674 -16.04 -19.43 5.43
N GLU C 675 -16.88 -20.45 5.49
CA GLU C 675 -16.67 -21.60 4.61
C GLU C 675 -17.21 -21.35 3.21
N HIS C 676 -17.66 -20.14 2.91
CA HIS C 676 -18.06 -19.73 1.58
C HIS C 676 -17.13 -18.66 1.02
N ASP C 677 -15.97 -18.48 1.60
CA ASP C 677 -15.01 -17.46 1.22
C ASP C 677 -13.71 -18.11 0.80
N ASP C 678 -12.81 -17.29 0.28
CA ASP C 678 -11.52 -17.74 -0.22
C ASP C 678 -10.43 -17.31 0.74
N ALA C 679 -9.61 -18.26 1.19
CA ALA C 679 -8.65 -18.01 2.25
C ALA C 679 -7.83 -16.75 2.00
N ASN C 680 -7.55 -16.44 0.75
CA ASN C 680 -6.78 -15.25 0.44
C ASN C 680 -7.53 -13.99 0.84
N ARG C 681 -8.85 -14.08 0.89
CA ARG C 681 -9.72 -12.95 1.21
C ARG C 681 -10.16 -12.94 2.66
N VAL C 682 -10.35 -14.12 3.26
CA VAL C 682 -10.52 -14.19 4.71
C VAL C 682 -9.30 -13.64 5.42
N LEU C 683 -8.11 -13.92 4.89
CA LEU C 683 -6.89 -13.38 5.48
C LEU C 683 -6.95 -11.89 5.65
N MET C 684 -7.45 -11.17 4.66
CA MET C 684 -7.51 -9.72 4.72
C MET C 684 -8.81 -9.19 5.31
N GLY C 685 -9.84 -10.02 5.40
CA GLY C 685 -11.03 -9.61 6.11
C GLY C 685 -10.82 -9.66 7.61
N ALA C 686 -10.01 -10.61 8.07
CA ALA C 686 -9.61 -10.66 9.47
C ALA C 686 -8.68 -9.50 9.83
N ASN C 687 -7.76 -9.15 8.94
CA ASN C 687 -6.78 -8.12 9.24
C ASN C 687 -7.35 -6.72 9.21
N MET C 688 -8.51 -6.52 8.58
CA MET C 688 -9.01 -5.16 8.39
C MET C 688 -9.98 -4.72 9.46
N GLN C 689 -10.53 -5.65 10.23
CA GLN C 689 -11.36 -5.28 11.36
C GLN C 689 -10.57 -5.08 12.63
N ARG C 690 -9.25 -5.04 12.53
CA ARG C 690 -8.38 -4.52 13.57
C ARG C 690 -7.97 -3.10 13.30
N GLN C 691 -8.40 -2.53 12.18
CA GLN C 691 -8.13 -1.13 11.87
C GLN C 691 -9.37 -0.27 11.89
N ALA C 692 -10.50 -0.80 12.31
CA ALA C 692 -11.76 -0.08 12.23
C ALA C 692 -11.86 0.97 13.31
N VAL C 693 -12.05 2.22 12.92
CA VAL C 693 -12.29 3.29 13.90
C VAL C 693 -13.63 3.05 14.57
N PRO C 694 -13.74 3.16 15.89
CA PRO C 694 -15.04 3.07 16.54
C PRO C 694 -15.84 4.35 16.42
N THR C 695 -17.16 4.19 16.37
CA THR C 695 -18.10 5.22 15.94
C THR C 695 -18.66 6.00 17.13
N LEU C 696 -19.35 7.10 16.81
CA LEU C 696 -19.99 7.94 17.82
C LEU C 696 -20.96 7.14 18.68
N LYS C 697 -21.91 6.47 18.04
CA LYS C 697 -22.89 5.64 18.71
C LYS C 697 -22.76 4.22 18.19
N SER C 698 -22.48 3.28 19.07
CA SER C 698 -22.22 1.91 18.67
C SER C 698 -23.48 1.26 18.13
N GLU C 699 -23.29 0.18 17.36
CA GLU C 699 -24.42 -0.52 16.79
C GLU C 699 -24.04 -1.95 16.48
N LYS C 700 -24.74 -2.90 17.07
CA LYS C 700 -24.49 -4.31 16.88
C LYS C 700 -24.43 -4.68 15.41
N PRO C 701 -23.84 -5.83 15.08
CA PRO C 701 -24.12 -6.46 13.80
C PRO C 701 -25.42 -7.24 13.86
N LEU C 702 -26.21 -7.11 12.80
CA LEU C 702 -27.41 -7.94 12.70
C LEU C 702 -27.08 -9.36 12.30
N VAL C 703 -25.99 -9.57 11.57
CA VAL C 703 -25.48 -10.91 11.30
C VAL C 703 -24.13 -11.02 11.97
N GLY C 704 -24.05 -11.90 12.95
CA GLY C 704 -22.83 -12.12 13.68
C GLY C 704 -22.63 -13.59 13.90
N THR C 705 -21.61 -13.96 14.64
CA THR C 705 -21.24 -15.35 14.84
C THR C 705 -21.47 -15.84 16.26
N GLY C 706 -21.77 -14.96 17.20
CA GLY C 706 -21.78 -15.33 18.60
C GLY C 706 -20.45 -15.19 19.30
N MET C 707 -19.57 -14.33 18.81
CA MET C 707 -18.24 -14.16 19.34
C MET C 707 -17.93 -12.71 19.67
N GLU C 708 -18.81 -11.76 19.32
CA GLU C 708 -18.56 -10.37 19.70
C GLU C 708 -18.70 -10.18 21.21
N LYS C 709 -19.57 -10.95 21.84
CA LYS C 709 -19.69 -10.89 23.28
C LYS C 709 -18.43 -11.38 23.96
N ILE C 710 -17.87 -12.49 23.47
CA ILE C 710 -16.66 -13.07 24.06
C ILE C 710 -15.47 -12.12 23.91
N VAL C 711 -15.35 -11.48 22.76
CA VAL C 711 -14.22 -10.59 22.55
C VAL C 711 -14.39 -9.29 23.33
N ALA C 712 -15.62 -8.80 23.51
CA ALA C 712 -15.77 -7.60 24.32
C ALA C 712 -15.67 -7.86 25.80
N ARG C 713 -16.00 -9.07 26.25
CA ARG C 713 -15.94 -9.44 27.66
C ARG C 713 -14.54 -9.85 28.09
N ASP C 714 -13.86 -10.68 27.30
CA ASP C 714 -12.52 -11.12 27.62
C ASP C 714 -11.46 -10.07 27.33
N SER C 715 -11.87 -8.85 27.05
CA SER C 715 -11.02 -7.68 27.24
C SER C 715 -11.61 -6.84 28.37
N GLY C 716 -10.85 -5.90 28.86
CA GLY C 716 -11.33 -5.20 30.03
C GLY C 716 -12.00 -3.88 29.75
N ASN C 717 -12.86 -3.83 28.76
CA ASN C 717 -13.55 -2.59 28.42
C ASN C 717 -14.96 -2.51 28.98
N CYS C 718 -15.68 -3.62 29.01
CA CYS C 718 -16.96 -3.69 29.69
C CYS C 718 -16.75 -3.79 31.19
N ILE C 719 -17.61 -3.15 31.96
CA ILE C 719 -17.61 -3.29 33.40
C ILE C 719 -18.42 -4.53 33.77
N ILE C 720 -17.89 -5.34 34.67
CA ILE C 720 -18.51 -6.60 35.07
C ILE C 720 -18.79 -6.55 36.56
N ALA C 721 -19.96 -7.02 36.95
CA ALA C 721 -20.32 -7.06 38.36
C ALA C 721 -19.61 -8.21 39.04
N ARG C 722 -19.05 -7.95 40.22
CA ARG C 722 -18.35 -8.99 40.97
C ARG C 722 -19.24 -9.70 41.97
N ASN C 723 -20.38 -9.11 42.35
CA ASN C 723 -21.25 -9.70 43.34
C ASN C 723 -22.70 -9.53 42.93
N VAL C 724 -23.54 -10.46 43.39
CA VAL C 724 -24.98 -10.31 43.28
C VAL C 724 -25.42 -9.14 44.14
N GLY C 725 -26.24 -8.28 43.60
CA GLY C 725 -26.64 -7.08 44.30
C GLY C 725 -27.83 -6.47 43.65
N GLU C 726 -27.93 -5.15 43.76
CA GLU C 726 -28.98 -4.41 43.07
C GLU C 726 -28.59 -2.94 43.05
N VAL C 727 -28.80 -2.29 41.92
CA VAL C 727 -28.22 -0.98 41.70
C VAL C 727 -28.78 0.01 42.71
N ALA C 728 -27.88 0.75 43.36
CA ALA C 728 -28.24 1.77 44.32
C ALA C 728 -28.17 3.18 43.76
N GLU C 729 -27.14 3.50 42.98
CA GLU C 729 -27.04 4.80 42.34
C GLU C 729 -26.32 4.62 41.01
N VAL C 730 -26.60 5.54 40.09
CA VAL C 730 -26.09 5.47 38.72
C VAL C 730 -25.97 6.89 38.20
N ASP C 731 -24.84 7.21 37.58
CA ASP C 731 -24.80 8.32 36.64
C ASP C 731 -23.71 8.00 35.64
N SER C 732 -23.27 8.99 34.88
CA SER C 732 -22.16 8.77 33.98
C SER C 732 -20.84 9.11 34.63
N ASN C 733 -20.62 8.68 35.86
CA ASN C 733 -19.30 8.67 36.46
C ASN C 733 -19.05 7.46 37.31
N ARG C 734 -20.08 6.79 37.82
CA ARG C 734 -19.88 5.65 38.69
C ARG C 734 -21.17 4.87 38.78
N ILE C 735 -21.09 3.74 39.45
CA ILE C 735 -22.22 2.89 39.75
C ILE C 735 -21.98 2.37 41.15
N VAL C 736 -23.02 2.32 41.96
CA VAL C 736 -22.90 1.84 43.33
C VAL C 736 -23.88 0.68 43.48
N ILE C 737 -23.35 -0.49 43.70
CA ILE C 737 -24.13 -1.69 43.89
C ILE C 737 -24.28 -1.94 45.38
N LYS C 738 -25.40 -2.52 45.78
CA LYS C 738 -25.70 -2.80 47.17
C LYS C 738 -25.68 -4.31 47.33
N VAL C 739 -24.56 -4.84 47.80
CA VAL C 739 -24.30 -6.27 47.72
C VAL C 739 -25.31 -7.03 48.57
N ASP C 740 -25.97 -8.00 47.95
CA ASP C 740 -26.85 -8.92 48.65
C ASP C 740 -25.98 -9.95 49.33
N THR C 741 -25.69 -9.73 50.61
CA THR C 741 -24.63 -10.47 51.29
C THR C 741 -25.04 -11.89 51.65
N GLU C 742 -26.32 -12.21 51.58
CA GLU C 742 -26.77 -13.55 51.93
C GLU C 742 -26.37 -14.59 50.89
N LYS C 743 -26.24 -14.20 49.62
CA LYS C 743 -25.82 -15.10 48.57
C LYS C 743 -24.41 -14.84 48.09
N SER C 744 -23.81 -13.73 48.47
CA SER C 744 -22.44 -13.37 48.13
C SER C 744 -21.53 -13.57 49.34
N GLN C 745 -20.24 -13.31 49.16
CA GLN C 745 -19.28 -13.43 50.23
C GLN C 745 -19.46 -12.31 51.25
N THR C 746 -18.57 -12.26 52.24
CA THR C 746 -18.61 -11.20 53.22
C THR C 746 -18.02 -9.93 52.64
N SER C 747 -18.59 -9.46 51.53
CA SER C 747 -18.04 -8.33 50.80
C SER C 747 -18.30 -7.04 51.56
N ASN C 748 -17.89 -5.92 50.97
CA ASN C 748 -17.90 -4.64 51.65
C ASN C 748 -19.28 -4.11 51.91
N LEU C 749 -20.34 -4.85 51.61
CA LEU C 749 -21.72 -4.39 51.66
C LEU C 749 -22.04 -3.40 50.56
N VAL C 750 -21.05 -2.94 49.81
CA VAL C 750 -21.24 -1.94 48.77
C VAL C 750 -20.09 -2.04 47.77
N ASP C 751 -20.41 -2.14 46.49
CA ASP C 751 -19.45 -2.12 45.40
C ASP C 751 -19.56 -0.77 44.71
N ILE C 752 -18.43 -0.14 44.44
CA ILE C 752 -18.40 1.11 43.70
C ILE C 752 -17.57 0.89 42.45
N TYR C 753 -18.18 1.12 41.29
CA TYR C 753 -17.53 1.01 40.00
C TYR C 753 -17.40 2.39 39.39
N SER C 754 -16.21 2.78 38.99
CA SER C 754 -15.99 4.07 38.39
C SER C 754 -15.81 3.92 36.88
N LEU C 755 -16.16 4.95 36.14
CA LEU C 755 -16.34 4.86 34.70
C LEU C 755 -15.32 5.74 33.98
N THR C 756 -14.82 5.23 32.85
CA THR C 756 -13.87 5.96 32.01
C THR C 756 -14.59 6.87 31.05
N LYS C 757 -14.15 8.12 30.95
CA LYS C 757 -14.88 9.13 30.20
C LYS C 757 -13.93 9.93 29.33
N PHE C 758 -13.99 9.73 28.03
CA PHE C 758 -13.27 10.52 27.04
C PHE C 758 -11.76 10.48 27.30
N LYS C 759 -11.23 9.27 27.17
CA LYS C 759 -9.83 8.97 27.41
C LYS C 759 -9.14 8.78 26.08
N ARG C 760 -7.93 9.32 25.93
CA ARG C 760 -7.22 9.20 24.68
C ARG C 760 -6.63 7.81 24.52
N SER C 761 -6.60 7.32 23.29
CA SER C 761 -6.13 5.99 22.96
C SER C 761 -4.75 6.07 22.34
N ASN C 762 -4.13 4.90 22.17
CA ASN C 762 -2.80 4.85 21.55
C ASN C 762 -2.83 5.34 20.11
N LYS C 763 -3.96 5.18 19.42
CA LYS C 763 -4.15 5.66 18.06
C LYS C 763 -4.85 7.01 18.00
N ASN C 764 -4.86 7.78 19.09
CA ASN C 764 -5.53 9.08 19.20
C ASN C 764 -7.05 8.99 19.15
N THR C 765 -7.63 7.80 19.24
CA THR C 765 -9.08 7.66 19.25
C THR C 765 -9.62 7.91 20.64
N CYS C 766 -10.86 7.52 20.91
CA CYS C 766 -11.53 7.88 22.15
C CYS C 766 -12.07 6.64 22.84
N ILE C 767 -11.76 6.48 24.13
CA ILE C 767 -12.30 5.41 24.96
C ILE C 767 -13.27 6.03 25.95
N ASN C 768 -14.40 5.37 26.16
CA ASN C 768 -15.53 5.96 26.85
C ASN C 768 -16.43 4.83 27.32
N GLN C 769 -16.90 4.91 28.56
CA GLN C 769 -17.80 3.91 29.11
C GLN C 769 -19.15 4.53 29.43
N ARG C 770 -20.21 3.76 29.19
CA ARG C 770 -21.58 4.21 29.44
C ARG C 770 -22.36 3.16 30.20
N PRO C 771 -23.13 3.55 31.21
CA PRO C 771 -23.86 2.57 32.02
C PRO C 771 -25.09 2.03 31.33
N ILE C 772 -25.48 0.83 31.71
CA ILE C 772 -26.54 0.07 31.06
C ILE C 772 -27.69 -0.08 32.04
N VAL C 773 -27.36 -0.09 33.32
CA VAL C 773 -28.30 -0.45 34.37
C VAL C 773 -29.13 0.76 34.79
N ASN C 774 -30.23 0.48 35.48
CA ASN C 774 -31.14 1.49 36.01
C ASN C 774 -31.24 1.33 37.51
N VAL C 775 -31.50 2.42 38.22
CA VAL C 775 -31.54 2.38 39.68
C VAL C 775 -32.65 1.44 40.13
N GLY C 776 -32.28 0.31 40.70
CA GLY C 776 -33.24 -0.66 41.17
C GLY C 776 -33.15 -2.03 40.53
N ASP C 777 -32.19 -2.20 39.62
CA ASP C 777 -32.07 -3.42 38.85
C ASP C 777 -31.37 -4.50 39.65
N LYS C 778 -31.81 -5.75 39.47
CA LYS C 778 -31.22 -6.90 40.15
C LYS C 778 -30.15 -7.49 39.25
N VAL C 779 -28.89 -7.37 39.65
CA VAL C 779 -27.77 -7.83 38.84
C VAL C 779 -27.16 -9.06 39.50
N GLU C 780 -26.40 -9.81 38.72
CA GLU C 780 -25.75 -11.02 39.19
C GLU C 780 -24.25 -10.90 39.02
N ALA C 781 -23.55 -11.99 39.29
CA ALA C 781 -22.10 -12.02 39.19
C ALA C 781 -21.72 -12.31 37.75
N GLY C 782 -21.00 -11.38 37.14
CA GLY C 782 -20.61 -11.50 35.76
C GLY C 782 -21.36 -10.60 34.82
N ASP C 783 -22.52 -10.09 35.24
CA ASP C 783 -23.36 -9.31 34.34
C ASP C 783 -22.70 -8.01 33.97
N ILE C 784 -23.00 -7.53 32.78
CA ILE C 784 -22.38 -6.31 32.26
C ILE C 784 -23.16 -5.11 32.78
N LEU C 785 -22.47 -4.20 33.44
CA LEU C 785 -23.08 -3.00 33.97
C LEU C 785 -22.74 -1.75 33.18
N ALA C 786 -21.80 -1.83 32.25
CA ALA C 786 -21.45 -0.70 31.41
C ALA C 786 -20.80 -1.24 30.16
N ASP C 787 -20.86 -0.44 29.10
CA ASP C 787 -20.25 -0.73 27.83
C ASP C 787 -19.10 0.22 27.62
N GLY C 788 -18.11 -0.19 26.84
CA GLY C 788 -16.92 0.61 26.76
C GLY C 788 -16.46 1.04 25.39
N PHE C 789 -15.22 0.71 25.09
CA PHE C 789 -14.61 0.93 23.80
C PHE C 789 -15.38 0.11 22.78
N ALA C 790 -16.17 0.76 21.93
CA ALA C 790 -16.83 0.10 20.81
C ALA C 790 -17.55 -1.19 21.22
N THR C 791 -18.57 -1.03 22.06
CA THR C 791 -19.36 -2.16 22.54
C THR C 791 -20.80 -1.69 22.68
N ASP C 792 -21.75 -2.61 22.59
CA ASP C 792 -23.17 -2.25 22.57
C ASP C 792 -23.98 -3.39 23.19
N PHE C 793 -24.38 -3.21 24.46
CA PHE C 793 -24.96 -4.27 25.29
C PHE C 793 -24.00 -5.45 25.40
N GLY C 794 -22.72 -5.17 25.54
CA GLY C 794 -21.75 -6.23 25.71
C GLY C 794 -21.47 -7.03 24.46
N GLU C 795 -21.50 -6.38 23.31
CA GLU C 795 -21.15 -6.99 22.03
C GLU C 795 -20.31 -5.99 21.27
N LEU C 796 -19.40 -6.50 20.46
CA LEU C 796 -18.39 -5.67 19.83
C LEU C 796 -18.92 -5.07 18.55
N SER C 797 -18.88 -3.75 18.43
CA SER C 797 -19.53 -3.03 17.35
C SER C 797 -18.56 -2.09 16.64
N LEU C 798 -17.95 -2.58 15.57
CA LEU C 798 -16.94 -1.82 14.84
C LEU C 798 -17.51 -0.97 13.72
N GLY C 799 -18.72 -1.25 13.26
CA GLY C 799 -19.34 -0.47 12.20
C GLY C 799 -20.85 -0.53 12.25
N HIS C 800 -21.51 -0.18 11.14
CA HIS C 800 -22.96 -0.04 11.07
C HIS C 800 -23.55 -0.97 10.03
N ASN C 801 -24.85 -1.21 10.14
CA ASN C 801 -25.61 -1.96 9.15
C ASN C 801 -26.15 -1.00 8.09
N LEU C 802 -25.87 -1.30 6.82
CA LEU C 802 -26.30 -0.47 5.71
C LEU C 802 -27.17 -1.29 4.77
N MET C 803 -28.07 -0.62 4.06
CA MET C 803 -28.88 -1.25 3.04
C MET C 803 -28.15 -1.14 1.72
N VAL C 804 -27.57 -2.25 1.25
CA VAL C 804 -26.64 -2.27 0.14
C VAL C 804 -27.36 -2.81 -1.08
N ALA C 805 -27.16 -2.17 -2.24
CA ALA C 805 -27.64 -2.68 -3.51
C ALA C 805 -26.45 -3.06 -4.38
N PHE C 806 -26.43 -4.31 -4.85
CA PHE C 806 -25.33 -4.81 -5.67
C PHE C 806 -25.63 -4.54 -7.13
N MET C 807 -25.16 -3.39 -7.62
CA MET C 807 -25.36 -3.01 -9.01
C MET C 807 -24.41 -1.89 -9.33
N PRO C 808 -24.01 -1.75 -10.60
CA PRO C 808 -23.18 -0.62 -10.98
C PRO C 808 -24.03 0.63 -11.13
N TRP C 809 -23.51 1.76 -10.65
CA TRP C 809 -24.40 2.90 -10.77
C TRP C 809 -24.05 3.81 -11.94
N ASN C 810 -22.94 4.50 -11.93
CA ASN C 810 -22.66 5.29 -13.12
C ASN C 810 -21.18 5.38 -13.39
N GLY C 811 -20.45 4.32 -13.08
CA GLY C 811 -19.01 4.43 -12.98
C GLY C 811 -18.57 5.05 -11.69
N TYR C 812 -19.41 5.07 -10.68
CA TYR C 812 -19.03 5.54 -9.36
C TYR C 812 -18.63 4.42 -8.44
N ASN C 813 -18.82 3.19 -8.85
CA ASN C 813 -18.24 2.05 -8.17
C ASN C 813 -17.33 1.29 -9.13
N PHE C 814 -16.58 2.03 -9.94
CA PHE C 814 -15.97 1.46 -11.12
C PHE C 814 -15.00 0.34 -10.77
N GLU C 815 -13.90 0.65 -10.11
CA GLU C 815 -12.91 -0.40 -9.86
C GLU C 815 -13.21 -1.07 -8.53
N ASP C 816 -13.11 -0.31 -7.45
CA ASP C 816 -13.58 -0.77 -6.16
C ASP C 816 -14.17 0.36 -5.36
N SER C 817 -14.43 1.50 -5.98
CA SER C 817 -15.03 2.64 -5.32
C SER C 817 -16.36 2.25 -4.69
N ILE C 818 -16.85 3.14 -3.85
CA ILE C 818 -18.08 2.94 -3.08
C ILE C 818 -18.91 4.20 -3.21
N LEU C 819 -20.22 4.04 -3.31
CA LEU C 819 -21.15 5.15 -3.47
C LEU C 819 -22.11 5.18 -2.29
N LEU C 820 -22.13 6.31 -1.57
CA LEU C 820 -22.84 6.49 -0.30
C LEU C 820 -24.02 7.43 -0.46
N SER C 821 -24.86 7.46 0.56
CA SER C 821 -26.23 7.95 0.43
C SER C 821 -26.47 9.36 0.92
N GLU C 822 -25.62 9.90 1.78
CA GLU C 822 -25.76 11.24 2.36
C GLU C 822 -26.94 11.31 3.33
N ARG C 823 -27.80 10.30 3.31
CA ARG C 823 -28.66 9.99 4.43
C ARG C 823 -27.86 9.41 5.57
N ILE C 824 -26.59 9.10 5.32
CA ILE C 824 -25.71 8.45 6.27
C ILE C 824 -24.81 9.44 6.97
N VAL C 825 -24.37 10.47 6.26
CA VAL C 825 -23.56 11.51 6.90
C VAL C 825 -24.41 12.36 7.82
N LYS C 826 -25.69 12.57 7.48
CA LYS C 826 -26.55 13.36 8.35
C LYS C 826 -27.04 12.54 9.54
N ASP C 827 -27.29 11.24 9.33
CA ASP C 827 -27.63 10.34 10.41
C ASP C 827 -26.44 10.14 11.33
N ASP C 828 -25.30 10.73 10.98
CA ASP C 828 -24.05 10.63 11.74
C ASP C 828 -23.67 9.19 11.97
N LYS C 829 -23.64 8.42 10.87
CA LYS C 829 -23.35 7.00 11.01
C LYS C 829 -21.89 6.76 11.35
N TYR C 830 -20.99 7.17 10.46
CA TYR C 830 -19.57 6.94 10.70
C TYR C 830 -18.85 8.18 11.20
N THR C 831 -19.28 8.77 12.31
CA THR C 831 -18.59 9.89 12.92
C THR C 831 -17.83 9.38 14.13
N SER C 832 -16.64 9.92 14.36
CA SER C 832 -15.80 9.44 15.44
C SER C 832 -15.04 10.59 16.07
N ILE C 833 -14.68 10.42 17.33
CA ILE C 833 -14.02 11.45 18.13
C ILE C 833 -12.53 11.13 18.20
N HIS C 834 -11.71 12.16 18.06
CA HIS C 834 -10.27 12.01 17.94
C HIS C 834 -9.61 12.99 18.87
N ILE C 835 -8.89 12.50 19.87
CA ILE C 835 -8.31 13.32 20.92
C ILE C 835 -6.81 13.39 20.69
N GLU C 836 -6.28 14.61 20.62
CA GLU C 836 -4.88 14.86 20.35
C GLU C 836 -4.25 15.61 21.51
N GLU C 837 -3.05 15.19 21.90
CA GLU C 837 -2.40 15.72 23.10
C GLU C 837 -1.11 16.44 22.74
N PHE C 838 -1.06 17.73 23.06
CA PHE C 838 0.12 18.56 22.83
C PHE C 838 0.77 18.90 24.16
N THR C 839 2.08 19.15 24.12
CA THR C 839 2.85 19.40 25.34
C THR C 839 3.75 20.61 25.14
N CYS C 840 3.93 21.39 26.19
CA CYS C 840 4.87 22.50 26.22
C CYS C 840 5.68 22.41 27.50
N VAL C 841 6.99 22.54 27.38
CA VAL C 841 7.91 22.37 28.49
C VAL C 841 8.57 23.71 28.80
N ALA C 842 8.83 23.95 30.09
CA ALA C 842 9.54 25.14 30.55
C ALA C 842 10.92 24.70 31.01
N ARG C 843 11.92 24.93 30.17
CA ARG C 843 13.27 24.47 30.43
C ARG C 843 13.97 25.42 31.40
N ASP C 844 15.20 25.10 31.73
CA ASP C 844 16.08 25.92 32.56
C ASP C 844 17.37 26.21 31.79
N THR C 845 17.20 26.70 30.57
CA THR C 845 18.30 26.94 29.65
C THR C 845 19.38 27.81 30.28
N LYS C 846 20.58 27.77 29.71
CA LYS C 846 21.74 28.43 30.30
C LYS C 846 21.55 29.94 30.37
N LEU C 847 21.41 30.59 29.21
CA LEU C 847 21.45 32.03 29.11
C LEU C 847 20.22 32.72 29.71
N GLY C 848 19.36 31.97 30.39
CA GLY C 848 18.18 32.53 31.01
C GLY C 848 17.10 31.51 31.21
N PRO C 849 16.43 31.55 32.36
CA PRO C 849 15.38 30.57 32.64
C PRO C 849 14.17 30.78 31.74
N GLU C 850 13.46 29.69 31.49
CA GLU C 850 12.26 29.71 30.64
C GLU C 850 11.03 29.78 31.55
N GLU C 851 10.24 30.83 31.39
CA GLU C 851 9.05 31.06 32.19
C GLU C 851 7.80 30.92 31.33
N ILE C 852 6.71 30.53 31.96
CA ILE C 852 5.47 30.22 31.24
C ILE C 852 4.47 31.36 31.43
N THR C 853 4.98 32.56 31.67
CA THR C 853 4.11 33.72 31.86
C THR C 853 3.55 34.20 30.53
N ALA C 854 2.33 34.68 30.57
CA ALA C 854 1.60 35.13 29.39
C ALA C 854 2.21 36.33 28.73
N ASP C 855 3.24 36.98 29.25
CA ASP C 855 3.71 38.24 28.68
C ASP C 855 4.45 38.01 27.36
N ILE C 856 3.72 37.55 26.34
CA ILE C 856 4.31 37.28 25.04
C ILE C 856 4.73 38.60 24.42
N PRO C 857 6.01 38.79 24.12
CA PRO C 857 6.45 40.04 23.49
C PRO C 857 5.83 40.21 22.11
N ASN C 858 5.35 41.42 21.87
CA ASN C 858 4.90 41.89 20.55
C ASN C 858 3.85 40.98 19.91
N VAL C 859 3.11 40.21 20.70
CA VAL C 859 2.04 39.36 20.20
C VAL C 859 0.78 40.21 20.07
N SER C 860 -0.01 39.94 19.04
CA SER C 860 -1.25 40.68 18.82
C SER C 860 -2.16 40.54 20.03
N GLU C 861 -2.73 41.67 20.47
CA GLU C 861 -3.58 41.69 21.65
C GLU C 861 -4.89 40.94 21.44
N SER C 862 -5.35 40.78 20.20
CA SER C 862 -6.56 40.01 19.96
C SER C 862 -6.35 38.54 20.29
N SER C 863 -5.18 38.00 19.96
CA SER C 863 -4.81 36.63 20.27
C SER C 863 -4.54 36.42 21.75
N LEU C 864 -4.62 37.47 22.56
CA LEU C 864 -4.47 37.34 24.00
C LEU C 864 -5.81 37.20 24.71
N ALA C 865 -6.85 36.77 24.01
CA ALA C 865 -8.18 36.70 24.61
C ALA C 865 -8.48 35.31 25.15
N LYS C 866 -8.21 34.26 24.37
CA LYS C 866 -8.60 32.92 24.77
C LYS C 866 -7.71 32.35 25.86
N LEU C 867 -6.73 33.09 26.34
CA LEU C 867 -5.79 32.62 27.34
C LEU C 867 -6.09 33.23 28.70
N ASP C 868 -5.97 32.43 29.74
CA ASP C 868 -6.28 32.88 31.09
C ASP C 868 -5.17 33.79 31.59
N GLU C 869 -5.31 34.30 32.82
CA GLU C 869 -4.34 35.23 33.37
C GLU C 869 -2.94 34.64 33.45
N SER C 870 -2.82 33.32 33.39
CA SER C 870 -1.52 32.63 33.41
C SER C 870 -0.84 32.61 32.05
N GLY C 871 -1.55 32.18 31.01
CA GLY C 871 -0.97 32.05 29.69
C GLY C 871 -1.34 30.73 29.04
N ILE C 872 -2.27 30.03 29.66
CA ILE C 872 -2.78 28.76 29.14
C ILE C 872 -4.22 28.97 28.70
N VAL C 873 -4.66 28.15 27.76
CA VAL C 873 -6.02 28.28 27.23
C VAL C 873 -7.03 27.88 28.27
N HIS C 874 -8.29 28.22 28.01
CA HIS C 874 -9.39 27.80 28.85
C HIS C 874 -9.91 26.44 28.40
N ILE C 875 -10.20 25.58 29.35
CA ILE C 875 -10.88 24.33 29.04
C ILE C 875 -12.23 24.66 28.45
N GLY C 876 -12.43 24.26 27.20
CA GLY C 876 -13.70 24.45 26.53
C GLY C 876 -13.69 25.47 25.42
N ALA C 877 -12.55 26.07 25.11
CA ALA C 877 -12.47 27.02 24.02
C ALA C 877 -12.28 26.29 22.70
N ASN C 878 -12.79 26.89 21.63
CA ASN C 878 -12.62 26.36 20.29
C ASN C 878 -11.40 27.03 19.66
N VAL C 879 -10.31 26.28 19.56
CA VAL C 879 -9.06 26.76 19.00
C VAL C 879 -8.98 26.33 17.55
N GLU C 880 -8.31 27.13 16.73
CA GLU C 880 -8.13 26.89 15.31
C GLU C 880 -6.67 26.56 15.05
N ALA C 881 -6.33 26.35 13.79
CA ALA C 881 -4.94 26.14 13.42
C ALA C 881 -4.17 27.44 13.55
N GLY C 882 -3.15 27.44 14.39
CA GLY C 882 -2.29 28.60 14.54
C GLY C 882 -2.55 29.48 15.73
N ASP C 883 -3.15 28.95 16.80
CA ASP C 883 -3.40 29.73 18.00
C ASP C 883 -2.49 29.27 19.13
N ILE C 884 -2.28 30.17 20.08
CA ILE C 884 -1.46 29.86 21.24
C ILE C 884 -2.24 28.94 22.17
N LEU C 885 -1.63 27.84 22.57
CA LEU C 885 -2.17 26.98 23.61
C LEU C 885 -1.50 27.19 24.95
N VAL C 886 -0.19 27.39 24.95
CA VAL C 886 0.56 27.75 26.15
C VAL C 886 1.56 28.83 25.76
N ALA C 887 1.82 29.76 26.67
CA ALA C 887 2.77 30.83 26.43
C ALA C 887 3.98 30.65 27.35
N LYS C 888 5.09 30.20 26.78
CA LYS C 888 6.36 30.08 27.50
C LYS C 888 7.35 31.04 26.86
N ILE C 889 8.15 31.70 27.69
CA ILE C 889 9.14 32.68 27.25
C ILE C 889 10.50 32.25 27.77
N THR C 890 11.52 32.33 26.91
CA THR C 890 12.90 32.16 27.27
C THR C 890 13.70 33.36 26.78
N PRO C 891 14.88 33.63 27.32
CA PRO C 891 15.59 34.87 26.96
C PRO C 891 16.24 34.80 25.58
N LYS C 892 16.62 35.97 25.07
CA LYS C 892 17.37 36.09 23.83
C LYS C 892 17.96 37.49 23.72
N ALA C 893 19.26 37.58 23.48
CA ALA C 893 19.97 38.85 23.36
C ALA C 893 20.78 38.87 22.06
N GLU C 894 21.54 39.95 21.88
CA GLU C 894 22.49 40.11 20.77
C GLU C 894 21.78 40.01 19.40
N GLN C 895 20.92 40.99 19.15
CA GLN C 895 20.11 40.98 17.93
C GLN C 895 20.97 41.20 16.69
N GLN C 896 21.58 42.37 16.58
CA GLN C 896 22.49 42.73 15.49
C GLN C 896 21.85 42.51 14.11
N LEU C 897 20.69 43.12 13.91
CA LEU C 897 20.01 43.04 12.63
C LEU C 897 20.83 43.72 11.55
N THR C 898 20.56 43.34 10.30
CA THR C 898 21.34 43.82 9.17
C THR C 898 21.04 45.29 8.90
N PRO C 899 21.78 45.91 7.98
CA PRO C 899 21.57 47.35 7.71
C PRO C 899 20.19 47.65 7.13
N GLU C 900 19.53 46.67 6.51
CA GLU C 900 18.18 46.89 6.00
C GLU C 900 17.24 47.29 7.13
N GLU C 901 17.31 46.59 8.26
CA GLU C 901 16.52 46.96 9.42
C GLU C 901 17.04 48.21 10.09
N ARG C 902 18.32 48.54 9.90
CA ARG C 902 18.87 49.78 10.45
C ARG C 902 18.44 51.01 9.68
N LEU C 903 18.04 50.86 8.41
CA LEU C 903 17.60 52.01 7.63
C LEU C 903 16.10 52.26 7.73
N LEU C 904 15.34 51.29 8.26
CA LEU C 904 13.88 51.43 8.38
C LEU C 904 13.37 51.19 9.80
N ARG C 905 14.25 50.96 10.77
CA ARG C 905 13.83 50.79 12.16
C ARG C 905 13.76 52.11 12.92
N ALA C 906 14.32 53.18 12.38
CA ALA C 906 14.27 54.49 13.02
C ALA C 906 12.96 55.22 12.78
N ILE C 907 12.03 54.63 12.01
CA ILE C 907 10.74 55.26 11.76
C ILE C 907 9.68 54.84 12.75
N PHE C 908 9.93 53.79 13.53
CA PHE C 908 9.02 53.36 14.58
C PHE C 908 9.71 53.19 15.94
N ASN C 909 11.04 53.19 15.99
CA ASN C 909 11.80 53.10 17.24
C ASN C 909 11.45 51.80 17.98
N GLU C 910 11.82 50.69 17.34
CA GLU C 910 11.54 49.37 17.88
C GLU C 910 12.19 49.20 19.24
N LYS C 911 11.52 48.45 20.11
CA LYS C 911 12.02 48.17 21.45
C LYS C 911 12.96 46.97 21.42
N ALA C 912 13.73 46.82 22.50
CA ALA C 912 14.67 45.73 22.65
C ALA C 912 14.04 44.61 23.46
N SER C 913 14.30 43.38 23.04
CA SER C 913 13.71 42.19 23.67
C SER C 913 14.82 41.38 24.33
N ASN C 914 14.77 41.29 25.65
CA ASN C 914 15.64 40.39 26.40
C ASN C 914 15.04 39.01 26.54
N VAL C 915 13.95 38.72 25.85
CA VAL C 915 13.22 37.47 26.00
C VAL C 915 12.72 37.03 24.63
N VAL C 916 12.51 35.72 24.49
CA VAL C 916 11.97 35.12 23.29
C VAL C 916 10.65 34.43 23.65
N ASP C 917 10.00 33.82 22.66
CA ASP C 917 8.72 33.15 22.85
C ASP C 917 8.82 31.71 22.34
N SER C 918 9.06 30.79 23.26
CA SER C 918 8.90 29.36 22.99
C SER C 918 7.48 28.92 23.39
N SER C 919 6.51 29.58 22.77
CA SER C 919 5.10 29.42 23.11
C SER C 919 4.44 28.42 22.17
N LEU C 920 3.86 27.37 22.74
CA LEU C 920 3.22 26.31 21.97
C LEU C 920 2.06 26.86 21.15
N ARG C 921 1.97 26.42 19.90
CA ARG C 921 0.86 26.76 19.03
C ARG C 921 0.25 25.49 18.50
N MET C 922 -0.98 25.59 18.00
CA MET C 922 -1.61 24.45 17.37
C MET C 922 -0.99 24.23 16.00
N PRO C 923 -0.91 22.98 15.56
CA PRO C 923 -0.38 22.72 14.22
C PRO C 923 -1.28 23.26 13.12
N SER C 924 -0.92 22.92 11.88
CA SER C 924 -1.65 23.38 10.72
C SER C 924 -2.82 22.45 10.42
N GLY C 925 -3.88 23.02 9.85
CA GLY C 925 -5.01 22.22 9.43
C GLY C 925 -5.95 21.80 10.53
N THR C 926 -5.42 21.64 11.74
CA THR C 926 -6.17 21.09 12.85
C THR C 926 -7.10 22.13 13.48
N SER C 927 -8.05 21.63 14.28
CA SER C 927 -8.96 22.44 15.08
C SER C 927 -9.48 21.55 16.20
N GLY C 928 -10.52 22.01 16.89
CA GLY C 928 -11.14 21.25 17.95
C GLY C 928 -11.34 22.12 19.17
N THR C 929 -11.85 21.50 20.23
CA THR C 929 -12.08 22.18 21.49
C THR C 929 -11.23 21.55 22.59
N VAL C 930 -10.67 22.39 23.45
CA VAL C 930 -9.85 21.91 24.56
C VAL C 930 -10.76 21.25 25.59
N ILE C 931 -10.41 20.04 25.98
CA ILE C 931 -11.22 19.31 26.96
C ILE C 931 -10.47 19.03 28.26
N ASN C 932 -9.20 19.37 28.35
CA ASN C 932 -8.40 19.04 29.53
C ASN C 932 -7.07 19.77 29.44
N VAL C 933 -6.59 20.24 30.58
CA VAL C 933 -5.27 20.86 30.69
C VAL C 933 -4.63 20.36 31.97
N GLN C 934 -3.38 19.92 31.88
CA GLN C 934 -2.66 19.40 33.03
C GLN C 934 -1.34 20.14 33.17
N VAL C 935 -0.99 20.50 34.40
CA VAL C 935 0.22 21.25 34.70
C VAL C 935 1.01 20.51 35.76
N PHE C 936 2.33 20.43 35.57
CA PHE C 936 3.25 19.91 36.56
C PHE C 936 4.37 20.94 36.70
N GLU C 937 4.49 21.55 37.88
CA GLU C 937 5.33 22.72 38.06
C GLU C 937 6.73 22.33 38.55
N ASN C 938 7.53 23.34 38.90
CA ASN C 938 8.93 23.11 39.23
C ASN C 938 9.09 22.21 40.44
N ASP C 939 9.87 21.15 40.27
CA ASP C 939 10.14 20.21 41.35
C ASP C 939 10.96 20.88 42.44
N LYS C 940 10.50 20.77 43.68
CA LYS C 940 11.24 21.24 44.85
C LYS C 940 11.55 22.73 44.73
N GLY C 941 10.48 23.51 44.74
CA GLY C 941 10.59 24.96 44.65
C GLY C 941 9.32 25.65 45.06
N GLY C 942 9.44 26.62 45.96
CA GLY C 942 8.31 27.38 46.42
C GLY C 942 7.67 28.19 45.31
N LYS C 943 6.48 27.81 44.90
CA LYS C 943 5.80 28.52 43.83
C LYS C 943 5.24 29.84 44.34
N SER C 944 5.00 30.75 43.41
CA SER C 944 4.58 32.11 43.75
C SER C 944 3.10 32.12 44.11
N LYS C 945 2.51 33.31 44.16
CA LYS C 945 1.08 33.42 44.47
C LYS C 945 0.18 32.88 43.37
N ARG C 946 0.69 32.21 42.33
CA ARG C 946 -0.13 31.68 41.26
C ARG C 946 -0.07 30.15 41.19
N ALA C 947 1.13 29.58 41.07
CA ALA C 947 1.25 28.14 40.87
C ALA C 947 0.93 27.37 42.15
N LEU C 948 1.49 27.80 43.28
CA LEU C 948 1.16 27.14 44.55
C LEU C 948 -0.32 27.28 44.86
N LYS C 949 -0.91 28.42 44.49
CA LYS C 949 -2.35 28.60 44.69
C LYS C 949 -3.16 27.63 43.84
N ILE C 950 -2.76 27.46 42.57
CA ILE C 950 -3.46 26.51 41.71
C ILE C 950 -3.33 25.09 42.25
N GLU C 951 -2.15 24.73 42.74
CA GLU C 951 -1.96 23.40 43.29
C GLU C 951 -2.77 23.21 44.57
N LYS C 952 -2.86 24.26 45.40
CA LYS C 952 -3.64 24.17 46.63
C LYS C 952 -5.13 24.05 46.35
N GLU C 953 -5.63 24.80 45.37
CA GLU C 953 -7.03 24.66 44.96
C GLU C 953 -7.27 23.29 44.36
N LEU C 954 -6.33 22.77 43.58
CA LEU C 954 -6.48 21.43 43.01
C LEU C 954 -6.55 20.38 44.12
N ILE C 955 -5.73 20.53 45.16
CA ILE C 955 -5.78 19.61 46.28
C ILE C 955 -7.11 19.71 47.01
N ASP C 956 -7.57 20.95 47.25
CA ASP C 956 -8.82 21.15 47.97
C ASP C 956 -10.00 20.60 47.19
N LYS C 957 -9.96 20.68 45.87
CA LYS C 957 -11.04 20.17 45.03
C LYS C 957 -11.00 18.65 44.94
N ALA C 958 -9.80 18.09 44.76
CA ALA C 958 -9.68 16.65 44.54
C ALA C 958 -9.92 15.86 45.82
N ARG C 959 -9.45 16.36 46.96
CA ARG C 959 -9.76 15.68 48.21
C ARG C 959 -11.23 15.80 48.53
N LYS C 960 -11.87 16.90 48.13
CA LYS C 960 -13.30 17.06 48.34
C LYS C 960 -14.08 16.04 47.56
N ASP C 961 -13.71 15.82 46.29
CA ASP C 961 -14.35 14.81 45.48
C ASP C 961 -14.14 13.42 46.08
N PHE C 962 -12.96 13.19 46.66
CA PHE C 962 -12.75 11.93 47.40
C PHE C 962 -13.59 11.87 48.66
N ASP C 963 -13.89 13.03 49.25
CA ASP C 963 -14.77 13.05 50.41
C ASP C 963 -16.20 12.66 50.02
N GLU C 964 -16.73 13.28 48.96
CA GLU C 964 -18.08 12.97 48.52
C GLU C 964 -18.19 11.56 47.97
N GLU C 965 -17.10 11.04 47.38
CA GLU C 965 -17.07 9.63 47.04
C GLU C 965 -17.05 8.76 48.29
N PHE C 966 -16.41 9.23 49.35
CA PHE C 966 -16.36 8.47 50.59
C PHE C 966 -17.54 8.74 51.50
N ALA C 967 -18.11 9.95 51.45
CA ALA C 967 -19.27 10.24 52.26
C ALA C 967 -20.53 9.54 51.76
N VAL C 968 -20.47 8.88 50.60
CA VAL C 968 -21.62 8.13 50.10
C VAL C 968 -21.45 6.63 50.29
N ILE C 969 -20.20 6.14 50.34
CA ILE C 969 -19.98 4.72 50.56
C ILE C 969 -20.47 4.31 51.95
N GLU C 970 -20.02 5.01 52.98
CA GLU C 970 -20.49 4.70 54.31
C GLU C 970 -21.94 5.17 54.51
N SER C 971 -22.41 6.08 53.66
CA SER C 971 -23.82 6.41 53.70
C SER C 971 -24.68 5.21 53.31
N VAL C 972 -24.31 4.53 52.22
CA VAL C 972 -25.03 3.33 51.83
C VAL C 972 -24.78 2.21 52.85
N VAL C 973 -23.56 2.15 53.40
CA VAL C 973 -23.26 1.14 54.41
C VAL C 973 -24.13 1.30 55.64
N LYS C 974 -24.35 2.54 56.08
CA LYS C 974 -25.19 2.77 57.25
C LYS C 974 -26.66 2.60 56.90
N SER C 975 -27.05 2.95 55.67
CA SER C 975 -28.41 2.66 55.23
C SER C 975 -28.69 1.17 55.28
N SER C 976 -27.67 0.35 55.04
CA SER C 976 -27.84 -1.10 55.14
C SER C 976 -27.71 -1.58 56.58
N ILE C 977 -26.92 -0.91 57.40
CA ILE C 977 -26.75 -1.32 58.79
C ILE C 977 -28.02 -1.03 59.59
N GLU C 978 -28.68 0.08 59.31
CA GLU C 978 -29.97 0.41 59.91
C GLU C 978 -31.13 -0.15 59.13
N GLN C 979 -30.92 -1.28 58.46
CA GLN C 979 -31.96 -1.98 57.72
C GLN C 979 -32.38 -3.29 58.37
N GLU C 980 -31.43 -4.12 58.75
CA GLU C 980 -31.72 -5.43 59.31
C GLU C 980 -31.80 -5.42 60.83
N VAL C 981 -31.73 -4.25 61.46
CA VAL C 981 -31.77 -4.15 62.92
C VAL C 981 -32.98 -3.35 63.36
N VAL C 982 -33.42 -2.40 62.52
CA VAL C 982 -34.57 -1.58 62.89
C VAL C 982 -35.86 -2.38 62.78
N GLY C 983 -36.03 -3.11 61.70
CA GLY C 983 -37.21 -3.93 61.51
C GLY C 983 -37.12 -5.30 62.14
N GLU C 1023 -26.52 -8.39 69.20
CA GLU C 1023 -25.61 -7.28 69.33
C GLU C 1023 -25.25 -6.67 67.98
N LYS C 1024 -25.28 -5.33 67.91
CA LYS C 1024 -24.96 -4.58 66.71
C LYS C 1024 -23.48 -4.22 66.62
N VAL C 1025 -22.61 -5.06 67.17
CA VAL C 1025 -21.17 -4.81 67.18
C VAL C 1025 -20.42 -5.73 66.23
N GLN C 1026 -21.12 -6.60 65.50
CA GLN C 1026 -20.44 -7.57 64.64
C GLN C 1026 -19.98 -6.94 63.33
N ASN C 1027 -20.92 -6.52 62.49
CA ASN C 1027 -20.60 -6.00 61.17
C ASN C 1027 -20.85 -4.51 61.03
N ALA C 1028 -21.19 -3.82 62.11
CA ALA C 1028 -21.36 -2.38 62.08
C ALA C 1028 -20.15 -1.63 62.60
N ARG C 1029 -19.36 -2.24 63.48
CA ARG C 1029 -18.28 -1.55 64.17
C ARG C 1029 -16.94 -1.70 63.46
N GLU C 1030 -16.94 -1.93 62.16
CA GLU C 1030 -15.71 -2.14 61.41
C GLU C 1030 -15.59 -1.26 60.18
N TYR C 1031 -16.72 -0.86 59.58
CA TYR C 1031 -16.67 -0.23 58.27
C TYR C 1031 -16.18 1.22 58.33
N TYR C 1032 -16.54 1.95 59.38
CA TYR C 1032 -16.28 3.39 59.36
C TYR C 1032 -14.80 3.71 59.51
N GLU C 1033 -14.05 2.90 60.26
CA GLU C 1033 -12.62 3.11 60.39
C GLU C 1033 -11.83 2.63 59.18
N GLU C 1034 -12.49 1.93 58.25
CA GLU C 1034 -11.79 1.45 57.07
C GLU C 1034 -11.74 2.50 55.97
N ALA C 1035 -12.83 3.26 55.79
CA ALA C 1035 -12.87 4.24 54.72
C ALA C 1035 -12.08 5.50 55.06
N LYS C 1036 -11.93 5.80 56.35
CA LYS C 1036 -11.09 6.93 56.76
C LYS C 1036 -9.67 6.77 56.24
N ILE C 1037 -9.15 5.54 56.32
CA ILE C 1037 -7.81 5.27 55.80
C ILE C 1037 -7.79 5.42 54.30
N ALA C 1038 -8.92 5.17 53.63
CA ALA C 1038 -8.98 5.31 52.18
C ALA C 1038 -8.83 6.76 51.76
N ILE C 1039 -9.62 7.65 52.36
CA ILE C 1039 -9.48 9.07 52.07
C ILE C 1039 -8.12 9.58 52.55
N ASP C 1040 -7.55 8.93 53.58
CA ASP C 1040 -6.22 9.31 54.03
C ASP C 1040 -5.16 9.01 52.96
N ALA C 1041 -5.16 7.77 52.46
CA ALA C 1041 -4.17 7.38 51.46
C ALA C 1041 -4.36 8.16 50.16
N LYS C 1042 -5.60 8.26 49.67
CA LYS C 1042 -5.84 9.00 48.44
C LYS C 1042 -5.58 10.49 48.61
N PHE C 1043 -5.73 11.01 49.83
CA PHE C 1043 -5.74 12.45 50.02
C PHE C 1043 -4.34 13.06 49.91
N GLU C 1044 -3.34 12.41 50.49
CA GLU C 1044 -1.99 12.95 50.40
C GLU C 1044 -1.39 12.71 49.03
N ALA C 1045 -1.45 11.48 48.53
CA ALA C 1045 -0.93 11.16 47.21
C ALA C 1045 -1.52 12.08 46.15
N LYS C 1046 -2.81 12.44 46.27
CA LYS C 1046 -3.42 13.37 45.34
C LYS C 1046 -2.66 14.69 45.29
N LYS C 1047 -1.83 14.96 46.29
CA LYS C 1047 -0.90 16.08 46.28
C LYS C 1047 0.53 15.66 46.62
N LYS C 1048 0.75 14.41 47.04
CA LYS C 1048 2.10 13.93 47.33
C LYS C 1048 2.84 13.63 46.05
N SER C 1049 3.22 14.68 45.34
CA SER C 1049 3.99 14.59 44.12
C SER C 1049 5.43 14.98 44.42
N ILE C 1050 6.22 15.14 43.36
CA ILE C 1050 7.57 15.67 43.49
C ILE C 1050 7.52 17.11 43.00
N THR C 1051 6.36 17.74 43.18
CA THR C 1051 5.97 19.05 42.66
C THR C 1051 5.79 19.00 41.15
N GLN C 1052 6.06 17.86 40.53
CA GLN C 1052 5.66 17.61 39.15
C GLN C 1052 5.23 16.16 38.96
N SER C 1053 4.96 15.43 40.04
CA SER C 1053 4.66 14.00 40.01
C SER C 1053 5.79 13.18 39.43
N ASN C 1054 6.97 13.77 39.27
CA ASN C 1054 8.16 13.12 38.74
C ASN C 1054 9.33 14.08 38.91
N GLU C 1055 10.49 13.72 38.36
CA GLU C 1055 11.64 14.62 38.42
C GLU C 1055 11.47 15.84 37.53
N LEU C 1056 10.49 15.84 36.63
CA LEU C 1056 10.21 16.96 35.73
C LEU C 1056 11.40 17.27 34.83
N SER C 1057 12.10 16.22 34.36
CA SER C 1057 13.14 16.34 33.34
C SER C 1057 14.20 17.37 33.73
N PRO C 1058 15.13 17.02 34.65
CA PRO C 1058 16.17 17.97 35.07
C PRO C 1058 16.66 18.86 33.95
N GLY C 1059 16.66 20.17 34.18
CA GLY C 1059 16.81 21.16 33.13
C GLY C 1059 15.50 21.72 32.64
N VAL C 1060 14.38 21.15 33.08
CA VAL C 1060 13.04 21.63 32.73
C VAL C 1060 12.27 21.85 34.02
N LEU C 1061 11.51 22.96 34.05
CA LEU C 1061 10.79 23.35 35.25
C LEU C 1061 9.36 22.80 35.26
N LYS C 1062 8.55 23.21 34.29
CA LYS C 1062 7.14 22.85 34.24
C LYS C 1062 6.83 22.17 32.91
N THR C 1063 6.01 21.11 32.99
CA THR C 1063 5.46 20.43 31.84
C THR C 1063 3.95 20.51 31.90
N VAL C 1064 3.34 21.11 30.87
CA VAL C 1064 1.89 21.24 30.77
C VAL C 1064 1.41 20.45 29.56
N LYS C 1065 0.30 19.73 29.72
CA LYS C 1065 -0.33 19.02 28.62
C LYS C 1065 -1.68 19.62 28.31
N VAL C 1066 -2.09 19.51 27.05
CA VAL C 1066 -3.36 20.05 26.56
C VAL C 1066 -3.99 19.03 25.64
N PHE C 1067 -5.26 18.74 25.86
CA PHE C 1067 -6.01 17.77 25.06
C PHE C 1067 -7.02 18.49 24.19
N VAL C 1068 -7.09 18.12 22.92
CA VAL C 1068 -7.99 18.72 21.96
C VAL C 1068 -8.77 17.59 21.30
N ALA C 1069 -10.08 17.76 21.18
CA ALA C 1069 -10.95 16.73 20.61
C ALA C 1069 -11.74 17.29 19.45
N ILE C 1070 -11.93 16.47 18.40
CA ILE C 1070 -12.59 16.88 17.17
C ILE C 1070 -13.40 15.70 16.65
N LYS C 1071 -14.50 16.03 15.96
CA LYS C 1071 -15.39 15.05 15.34
C LYS C 1071 -15.16 15.01 13.84
N LYS C 1072 -15.14 13.81 13.27
CA LYS C 1072 -14.77 13.63 11.88
C LYS C 1072 -15.80 12.78 11.16
N ARG C 1073 -16.50 13.38 10.21
CA ARG C 1073 -17.48 12.66 9.41
C ARG C 1073 -16.82 12.02 8.20
N ILE C 1074 -17.50 11.04 7.62
CA ILE C 1074 -16.97 10.35 6.45
C ILE C 1074 -17.09 11.26 5.23
N GLN C 1075 -16.16 11.09 4.29
CA GLN C 1075 -16.04 12.00 3.16
C GLN C 1075 -15.44 11.24 2.00
N PRO C 1076 -15.51 11.82 0.78
CA PRO C 1076 -14.89 11.18 -0.38
C PRO C 1076 -13.38 11.08 -0.24
N GLY C 1077 -12.89 9.84 -0.16
CA GLY C 1077 -11.49 9.59 0.05
C GLY C 1077 -11.24 8.62 1.18
N ASP C 1078 -12.20 8.48 2.07
CA ASP C 1078 -12.03 7.61 3.22
C ASP C 1078 -12.27 6.16 2.82
N LYS C 1079 -11.61 5.26 3.52
CA LYS C 1079 -11.58 3.87 3.15
C LYS C 1079 -12.57 3.09 4.01
N MET C 1080 -13.37 2.25 3.38
CA MET C 1080 -14.38 1.47 4.05
C MET C 1080 -14.17 0.01 3.71
N ALA C 1081 -14.81 -0.89 4.46
CA ALA C 1081 -14.60 -2.30 4.23
C ALA C 1081 -15.68 -3.09 4.94
N GLY C 1082 -15.83 -4.34 4.53
CA GLY C 1082 -16.68 -5.28 5.21
C GLY C 1082 -15.87 -6.46 5.71
N ARG C 1083 -16.52 -7.29 6.49
CA ARG C 1083 -15.82 -8.38 7.16
C ARG C 1083 -15.44 -9.52 6.23
N HIS C 1084 -15.63 -9.39 4.92
CA HIS C 1084 -15.43 -10.51 4.02
C HIS C 1084 -14.28 -10.30 3.06
N GLY C 1085 -13.40 -9.34 3.32
CA GLY C 1085 -12.25 -9.13 2.50
C GLY C 1085 -12.44 -8.12 1.41
N ASN C 1086 -13.48 -7.30 1.48
CA ASN C 1086 -13.79 -6.36 0.42
C ASN C 1086 -13.64 -4.94 0.93
N LYS C 1087 -12.69 -4.21 0.37
CA LYS C 1087 -12.43 -2.84 0.76
C LYS C 1087 -12.68 -1.93 -0.42
N GLY C 1088 -12.52 -0.64 -0.21
CA GLY C 1088 -12.84 0.31 -1.26
C GLY C 1088 -12.89 1.70 -0.70
N VAL C 1089 -12.73 2.65 -1.59
CA VAL C 1089 -12.64 4.06 -1.23
C VAL C 1089 -13.93 4.74 -1.64
N VAL C 1090 -14.44 5.62 -0.80
CA VAL C 1090 -15.70 6.29 -1.06
C VAL C 1090 -15.46 7.38 -2.11
N SER C 1091 -16.19 7.29 -3.21
CA SER C 1091 -16.03 8.21 -4.33
C SER C 1091 -17.01 9.37 -4.31
N ARG C 1092 -18.23 9.14 -3.85
CA ARG C 1092 -19.26 10.16 -3.92
C ARG C 1092 -20.25 9.94 -2.80
N VAL C 1093 -20.78 11.04 -2.28
CA VAL C 1093 -21.97 11.03 -1.43
C VAL C 1093 -23.12 11.59 -2.26
N LEU C 1094 -24.00 10.73 -2.68
CA LEU C 1094 -25.12 11.10 -3.50
C LEU C 1094 -26.24 11.69 -2.65
N PRO C 1095 -26.95 12.70 -3.15
CA PRO C 1095 -28.23 13.07 -2.54
C PRO C 1095 -29.18 11.88 -2.46
N VAL C 1096 -30.19 12.00 -1.61
CA VAL C 1096 -31.02 10.84 -1.32
C VAL C 1096 -32.10 10.60 -2.37
N GLU C 1097 -32.47 11.61 -3.16
CA GLU C 1097 -33.45 11.42 -4.21
C GLU C 1097 -32.84 10.96 -5.51
N ASP C 1098 -31.53 10.66 -5.52
CA ASP C 1098 -30.86 10.07 -6.67
C ASP C 1098 -30.54 8.61 -6.48
N MET C 1099 -30.61 8.09 -5.27
CA MET C 1099 -30.32 6.70 -5.02
C MET C 1099 -31.47 5.84 -5.52
N PRO C 1100 -31.19 4.62 -5.97
CA PRO C 1100 -32.26 3.68 -6.26
C PRO C 1100 -33.14 3.53 -5.03
N TYR C 1101 -34.40 3.19 -5.22
CA TYR C 1101 -35.28 3.04 -4.08
C TYR C 1101 -36.22 1.87 -4.28
N MET C 1102 -36.72 1.35 -3.17
CA MET C 1102 -37.64 0.24 -3.21
C MET C 1102 -39.01 0.72 -3.63
N GLU C 1103 -39.95 -0.22 -3.72
CA GLU C 1103 -41.27 0.11 -4.25
C GLU C 1103 -42.01 1.06 -3.33
N ASP C 1104 -41.83 0.90 -2.02
CA ASP C 1104 -42.50 1.72 -1.02
C ASP C 1104 -41.77 3.00 -0.70
N GLY C 1105 -40.67 3.30 -1.38
CA GLY C 1105 -40.04 4.60 -1.23
C GLY C 1105 -38.73 4.60 -0.51
N THR C 1106 -38.37 3.51 0.15
CA THR C 1106 -37.16 3.42 0.96
C THR C 1106 -35.93 3.56 0.08
N PRO C 1107 -35.10 4.56 0.30
CA PRO C 1107 -33.88 4.66 -0.51
C PRO C 1107 -32.89 3.55 -0.19
N VAL C 1108 -31.71 3.64 -0.77
CA VAL C 1108 -30.69 2.63 -0.55
C VAL C 1108 -29.49 3.32 0.08
N ASP C 1109 -28.65 2.55 0.75
CA ASP C 1109 -27.58 3.18 1.51
C ASP C 1109 -26.30 3.25 0.69
N VAL C 1110 -25.88 2.11 0.13
CA VAL C 1110 -24.65 1.95 -0.63
C VAL C 1110 -24.98 1.17 -1.90
N CYS C 1111 -24.23 1.43 -2.95
CA CYS C 1111 -24.21 0.61 -4.15
C CYS C 1111 -22.82 0.02 -4.34
N LEU C 1112 -22.73 -1.29 -4.55
CA LEU C 1112 -21.46 -1.98 -4.61
C LEU C 1112 -21.41 -2.82 -5.88
N ASN C 1113 -20.35 -2.68 -6.65
CA ASN C 1113 -20.26 -3.33 -7.94
C ASN C 1113 -20.34 -4.85 -7.79
N PRO C 1114 -21.15 -5.53 -8.59
CA PRO C 1114 -21.23 -6.98 -8.50
C PRO C 1114 -20.12 -7.72 -9.22
N LEU C 1115 -19.24 -7.03 -9.96
CA LEU C 1115 -18.23 -7.72 -10.74
C LEU C 1115 -17.14 -8.29 -9.85
N GLY C 1116 -16.82 -7.59 -8.77
CA GLY C 1116 -15.77 -8.03 -7.88
C GLY C 1116 -16.03 -9.33 -7.16
N ILE C 1117 -17.26 -9.80 -7.14
CA ILE C 1117 -17.59 -10.94 -6.29
C ILE C 1117 -17.17 -12.28 -6.90
N PRO C 1118 -17.46 -12.59 -8.17
CA PRO C 1118 -17.11 -13.93 -8.67
C PRO C 1118 -15.65 -14.11 -9.00
N SER C 1119 -14.92 -13.03 -9.28
CA SER C 1119 -13.49 -13.14 -9.54
C SER C 1119 -12.71 -13.46 -8.26
N ARG C 1120 -13.07 -12.82 -7.16
CA ARG C 1120 -12.50 -13.07 -5.85
C ARG C 1120 -13.53 -13.85 -5.07
N MET C 1121 -13.36 -15.16 -4.99
CA MET C 1121 -14.52 -15.98 -4.70
C MET C 1121 -14.97 -15.87 -3.25
N ASN C 1122 -15.42 -14.69 -2.82
CA ASN C 1122 -15.94 -14.44 -1.48
C ASN C 1122 -17.46 -14.32 -1.56
N ILE C 1123 -18.13 -15.46 -1.45
CA ILE C 1123 -19.58 -15.56 -1.57
C ILE C 1123 -20.33 -15.30 -0.26
N GLY C 1124 -19.66 -15.47 0.87
CA GLY C 1124 -20.28 -15.13 2.13
C GLY C 1124 -20.76 -13.70 2.16
N GLN C 1125 -20.16 -12.84 1.34
CA GLN C 1125 -20.57 -11.45 1.23
C GLN C 1125 -21.95 -11.33 0.62
N ILE C 1126 -22.35 -12.30 -0.18
CA ILE C 1126 -23.68 -12.29 -0.78
C ILE C 1126 -24.67 -12.97 0.16
N LEU C 1127 -24.28 -14.10 0.75
CA LEU C 1127 -25.16 -14.73 1.73
C LEU C 1127 -25.42 -13.84 2.92
N GLU C 1128 -24.49 -12.97 3.27
CA GLU C 1128 -24.73 -12.03 4.36
C GLU C 1128 -25.80 -11.02 3.99
N ALA C 1129 -25.80 -10.52 2.77
CA ALA C 1129 -26.83 -9.58 2.37
C ALA C 1129 -28.20 -10.26 2.29
N HIS C 1130 -28.23 -11.53 1.90
CA HIS C 1130 -29.50 -12.24 1.94
C HIS C 1130 -30.01 -12.38 3.37
N LEU C 1131 -29.16 -12.86 4.28
CA LEU C 1131 -29.56 -13.00 5.67
C LEU C 1131 -29.77 -11.66 6.36
N GLY C 1132 -29.32 -10.55 5.78
CA GLY C 1132 -29.66 -9.26 6.31
C GLY C 1132 -30.97 -8.72 5.84
N LEU C 1133 -31.34 -8.98 4.59
CA LEU C 1133 -32.72 -8.75 4.16
C LEU C 1133 -33.70 -9.53 5.01
N ALA C 1134 -33.40 -10.81 5.26
CA ALA C 1134 -34.29 -11.62 6.08
C ALA C 1134 -34.56 -10.97 7.43
N SER C 1135 -33.50 -10.50 8.08
CA SER C 1135 -33.66 -9.96 9.43
C SER C 1135 -34.29 -8.57 9.43
N TYR C 1136 -33.99 -7.74 8.42
CA TYR C 1136 -34.70 -6.47 8.26
C TYR C 1136 -36.20 -6.69 8.11
N GLY C 1137 -36.60 -7.70 7.35
CA GLY C 1137 -38.01 -8.00 7.22
C GLY C 1137 -38.63 -8.51 8.51
N LEU C 1138 -37.93 -9.40 9.20
CA LEU C 1138 -38.40 -9.88 10.49
C LEU C 1138 -38.57 -8.76 11.49
N GLY C 1139 -37.74 -7.73 11.42
CA GLY C 1139 -37.87 -6.64 12.35
C GLY C 1139 -38.84 -5.58 11.98
N LYS C 1140 -39.28 -5.53 10.73
CA LYS C 1140 -40.44 -4.71 10.39
C LYS C 1140 -41.75 -5.42 10.67
N LYS C 1141 -41.75 -6.74 10.66
CA LYS C 1141 -42.91 -7.50 11.11
C LYS C 1141 -43.27 -7.22 12.56
N ILE C 1142 -42.35 -6.67 13.33
CA ILE C 1142 -42.57 -6.33 14.73
C ILE C 1142 -42.97 -4.87 14.88
N GLU C 1143 -42.35 -3.99 14.09
CA GLU C 1143 -42.72 -2.59 14.10
C GLU C 1143 -44.12 -2.38 13.56
N LYS C 1144 -44.58 -3.25 12.68
CA LYS C 1144 -45.97 -3.19 12.24
C LYS C 1144 -46.92 -3.43 13.39
N THR C 1145 -46.66 -4.48 14.18
CA THR C 1145 -47.50 -4.82 15.31
C THR C 1145 -47.41 -3.81 16.44
N LEU C 1146 -46.27 -3.15 16.61
CA LEU C 1146 -46.13 -2.21 17.71
C LEU C 1146 -46.96 -0.96 17.54
N GLU C 1147 -47.28 -0.56 16.32
CA GLU C 1147 -48.08 0.64 16.09
C GLU C 1147 -49.57 0.38 16.10
N LYS C 1148 -49.96 -0.85 16.42
CA LYS C 1148 -51.37 -1.26 16.42
C LYS C 1148 -51.52 -2.25 17.56
N THR C 1149 -52.18 -1.84 18.64
CA THR C 1149 -52.42 -2.71 19.78
C THR C 1149 -51.11 -3.19 20.41
N ARG C 1150 -50.46 -2.24 21.07
CA ARG C 1150 -49.22 -2.45 21.79
C ARG C 1150 -49.47 -3.11 23.17
N LYS C 1151 -50.17 -4.23 23.18
CA LYS C 1151 -50.36 -4.99 24.41
C LYS C 1151 -49.09 -5.77 24.68
N ALA C 1152 -49.15 -6.76 25.57
CA ALA C 1152 -48.03 -7.65 25.77
C ALA C 1152 -48.35 -9.10 25.58
N ALA C 1153 -49.61 -9.44 25.30
CA ALA C 1153 -50.00 -10.78 24.91
C ALA C 1153 -50.05 -10.93 23.40
N GLU C 1154 -50.06 -9.83 22.67
CA GLU C 1154 -49.89 -9.86 21.22
C GLU C 1154 -48.43 -9.91 20.84
N LEU C 1155 -47.63 -8.99 21.39
CA LEU C 1155 -46.20 -8.97 21.13
C LEU C 1155 -45.59 -10.32 21.46
N ARG C 1156 -46.01 -10.94 22.55
CA ARG C 1156 -45.56 -12.27 22.91
C ARG C 1156 -45.94 -13.31 21.87
N LYS C 1157 -46.73 -12.94 20.87
CA LYS C 1157 -47.22 -13.88 19.88
C LYS C 1157 -46.68 -13.64 18.49
N THR C 1158 -46.27 -12.41 18.17
CA THR C 1158 -45.48 -12.18 16.96
C THR C 1158 -44.02 -12.55 17.17
N LEU C 1159 -43.50 -12.36 18.37
CA LEU C 1159 -42.15 -12.80 18.69
C LEU C 1159 -42.00 -14.30 18.53
N GLU C 1160 -43.08 -15.04 18.74
CA GLU C 1160 -43.01 -16.49 18.62
C GLU C 1160 -42.82 -16.93 17.18
N GLU C 1161 -43.41 -16.21 16.23
CA GLU C 1161 -43.20 -16.57 14.84
C GLU C 1161 -41.96 -15.94 14.25
N VAL C 1162 -41.51 -14.82 14.82
CA VAL C 1162 -40.22 -14.27 14.42
C VAL C 1162 -39.08 -15.17 14.87
N TYR C 1163 -39.17 -15.72 16.08
CA TYR C 1163 -38.06 -16.45 16.70
C TYR C 1163 -38.14 -17.96 16.51
N ASN C 1164 -39.26 -18.58 16.90
CA ASN C 1164 -39.30 -20.03 17.04
C ASN C 1164 -39.94 -20.74 15.87
N SER C 1165 -39.85 -20.20 14.66
CA SER C 1165 -40.43 -20.84 13.48
C SER C 1165 -39.40 -21.53 12.61
N VAL C 1166 -38.22 -20.93 12.45
CA VAL C 1166 -37.14 -21.48 11.66
C VAL C 1166 -36.00 -21.82 12.60
N GLY C 1167 -35.51 -23.05 12.55
CA GLY C 1167 -34.42 -23.47 13.41
C GLY C 1167 -34.90 -24.32 14.57
N ASP C 1168 -33.92 -24.91 15.27
CA ASP C 1168 -34.17 -25.78 16.41
C ASP C 1168 -33.51 -25.24 17.65
N LYS C 1169 -33.59 -23.93 17.88
CA LYS C 1169 -32.96 -23.33 19.05
C LYS C 1169 -33.95 -22.75 20.05
N LYS C 1170 -35.13 -22.32 19.62
CA LYS C 1170 -36.23 -22.13 20.56
C LYS C 1170 -35.92 -21.12 21.66
N VAL C 1171 -35.96 -19.83 21.34
CA VAL C 1171 -35.64 -18.75 22.28
C VAL C 1171 -36.31 -18.86 23.65
N ASN C 1172 -37.50 -19.45 23.74
CA ASN C 1172 -38.17 -19.64 25.04
C ASN C 1172 -38.46 -18.30 25.74
N LEU C 1173 -39.39 -17.57 25.15
CA LEU C 1173 -39.82 -16.27 25.67
C LEU C 1173 -40.75 -16.39 26.87
N GLU C 1174 -41.07 -17.60 27.34
CA GLU C 1174 -41.94 -17.76 28.50
C GLU C 1174 -41.22 -17.45 29.80
N ALA C 1175 -40.05 -16.84 29.75
CA ALA C 1175 -39.29 -16.50 30.95
C ALA C 1175 -39.04 -15.00 31.06
N LEU C 1176 -39.72 -14.20 30.24
CA LEU C 1176 -39.68 -12.75 30.36
C LEU C 1176 -41.07 -12.28 30.79
N ASN C 1177 -41.11 -11.29 31.68
CA ASN C 1177 -42.39 -10.73 32.08
C ASN C 1177 -42.79 -9.63 31.12
N ASP C 1178 -44.05 -9.21 31.21
CA ASP C 1178 -44.59 -8.29 30.22
C ASP C 1178 -43.92 -6.93 30.21
N GLU C 1179 -43.14 -6.59 31.23
CA GLU C 1179 -42.34 -5.38 31.14
C GLU C 1179 -41.07 -5.61 30.34
N GLU C 1180 -40.61 -6.85 30.26
CA GLU C 1180 -39.44 -7.20 29.48
C GLU C 1180 -39.76 -7.50 28.03
N ILE C 1181 -40.93 -8.05 27.73
CA ILE C 1181 -41.35 -8.19 26.35
C ILE C 1181 -41.50 -6.82 25.70
N LEU C 1182 -41.83 -5.81 26.48
CA LEU C 1182 -42.06 -4.48 25.91
C LEU C 1182 -40.77 -3.75 25.57
N THR C 1183 -39.66 -4.08 26.22
CA THR C 1183 -38.38 -3.51 25.85
C THR C 1183 -37.62 -4.38 24.85
N LEU C 1184 -37.75 -5.69 24.94
CA LEU C 1184 -37.28 -6.57 23.88
C LEU C 1184 -37.86 -6.16 22.54
N CYS C 1185 -39.19 -6.04 22.47
CA CYS C 1185 -39.85 -5.72 21.22
C CYS C 1185 -39.51 -4.32 20.72
N ASP C 1186 -39.08 -3.43 21.59
CA ASP C 1186 -38.75 -2.09 21.18
C ASP C 1186 -37.29 -1.95 20.78
N ASN C 1187 -36.50 -3.01 20.97
CA ASN C 1187 -35.13 -3.06 20.52
C ASN C 1187 -34.96 -3.87 19.25
N LEU C 1188 -35.96 -4.70 18.90
CA LEU C 1188 -35.99 -5.47 17.67
C LEU C 1188 -36.63 -4.71 16.53
N LYS C 1189 -36.60 -3.40 16.54
CA LYS C 1189 -37.24 -2.64 15.48
C LYS C 1189 -36.28 -2.21 14.39
N GLY C 1190 -35.00 -2.50 14.52
CA GLY C 1190 -34.07 -2.32 13.43
C GLY C 1190 -33.83 -3.63 12.73
N GLY C 1191 -33.99 -4.71 13.46
CA GLY C 1191 -33.87 -6.03 12.89
C GLY C 1191 -33.67 -7.04 13.99
N VAL C 1192 -34.15 -8.25 13.79
CA VAL C 1192 -33.91 -9.32 14.73
C VAL C 1192 -32.48 -9.81 14.51
N PRO C 1193 -31.58 -9.70 15.49
CA PRO C 1193 -30.21 -10.13 15.24
C PRO C 1193 -30.11 -11.64 15.18
N ILE C 1194 -29.23 -12.12 14.30
CA ILE C 1194 -29.08 -13.54 14.04
C ILE C 1194 -27.62 -13.92 14.22
N ALA C 1195 -27.38 -15.09 14.79
CA ALA C 1195 -26.05 -15.58 15.06
C ALA C 1195 -25.78 -16.84 14.25
N THR C 1196 -24.74 -16.81 13.44
CA THR C 1196 -24.36 -17.94 12.58
C THR C 1196 -22.91 -18.32 12.86
N PRO C 1197 -22.64 -19.44 13.52
CA PRO C 1197 -21.26 -19.82 13.84
C PRO C 1197 -20.41 -19.99 12.60
N VAL C 1198 -19.12 -20.27 12.81
CA VAL C 1198 -18.14 -20.01 11.75
C VAL C 1198 -17.92 -21.19 10.81
N PHE C 1199 -18.22 -22.41 11.23
CA PHE C 1199 -18.23 -23.55 10.30
C PHE C 1199 -19.48 -24.37 10.50
N ASP C 1200 -20.41 -23.86 11.30
CA ASP C 1200 -21.65 -24.54 11.66
C ASP C 1200 -22.78 -23.53 11.59
N GLY C 1201 -22.86 -22.79 10.50
CA GLY C 1201 -23.76 -21.66 10.39
C GLY C 1201 -25.06 -21.99 9.73
N ALA C 1202 -25.75 -20.95 9.29
CA ALA C 1202 -27.04 -21.08 8.66
C ALA C 1202 -26.91 -21.71 7.27
N LYS C 1203 -27.93 -22.46 6.88
CA LYS C 1203 -27.99 -23.04 5.56
C LYS C 1203 -28.66 -22.07 4.59
N GLU C 1204 -29.06 -22.55 3.42
CA GLU C 1204 -29.82 -21.72 2.50
C GLU C 1204 -31.32 -21.97 2.57
N GLU C 1205 -31.72 -23.19 2.89
CA GLU C 1205 -33.12 -23.43 3.21
C GLU C 1205 -33.59 -22.53 4.33
N ASP C 1206 -32.71 -22.23 5.29
CA ASP C 1206 -33.09 -21.39 6.42
C ASP C 1206 -33.19 -19.93 6.02
N ILE C 1207 -32.25 -19.43 5.22
CA ILE C 1207 -32.36 -18.05 4.76
C ILE C 1207 -33.59 -17.88 3.89
N LYS C 1208 -33.97 -18.92 3.13
CA LYS C 1208 -35.19 -18.84 2.33
C LYS C 1208 -36.45 -18.85 3.20
N SER C 1209 -36.48 -19.69 4.23
CA SER C 1209 -37.61 -19.68 5.16
C SER C 1209 -37.77 -18.33 5.85
N LEU C 1210 -36.68 -17.74 6.31
CA LEU C 1210 -36.77 -16.43 6.95
C LEU C 1210 -37.15 -15.34 5.97
N LEU C 1211 -36.66 -15.41 4.72
CA LEU C 1211 -37.07 -14.42 3.73
C LEU C 1211 -38.55 -14.52 3.43
N LYS C 1212 -39.11 -15.72 3.42
CA LYS C 1212 -40.55 -15.87 3.27
C LYS C 1212 -41.29 -15.21 4.41
N ILE C 1213 -40.95 -15.59 5.65
CA ILE C 1213 -41.64 -15.01 6.81
C ILE C 1213 -41.57 -13.50 6.79
N GLY C 1214 -40.45 -12.94 6.32
CA GLY C 1214 -40.37 -11.49 6.22
C GLY C 1214 -41.16 -10.89 5.08
N GLY C 1215 -41.66 -11.70 4.15
CA GLY C 1215 -42.44 -11.18 3.06
C GLY C 1215 -41.62 -10.72 1.88
N PHE C 1216 -40.58 -11.48 1.55
CA PHE C 1216 -39.70 -11.21 0.42
C PHE C 1216 -39.64 -12.47 -0.44
N ALA C 1217 -38.85 -12.40 -1.50
CA ALA C 1217 -38.72 -13.52 -2.42
C ALA C 1217 -37.55 -14.39 -1.99
N THR C 1218 -37.61 -15.68 -2.35
CA THR C 1218 -36.53 -16.55 -1.92
C THR C 1218 -35.33 -16.35 -2.83
N ASN C 1219 -34.97 -15.09 -3.02
CA ASN C 1219 -33.65 -14.62 -3.42
C ASN C 1219 -33.58 -13.19 -2.94
N GLY C 1220 -32.36 -12.68 -2.83
CA GLY C 1220 -32.25 -11.39 -2.21
C GLY C 1220 -32.73 -10.28 -3.12
N GLN C 1221 -33.44 -10.64 -4.17
CA GLN C 1221 -33.63 -9.77 -5.31
C GLN C 1221 -35.02 -9.18 -5.35
N MET C 1222 -35.10 -7.91 -5.70
CA MET C 1222 -36.33 -7.15 -5.69
C MET C 1222 -36.25 -6.06 -6.74
N LYS C 1223 -37.38 -5.45 -7.03
CA LYS C 1223 -37.43 -4.38 -8.02
C LYS C 1223 -36.99 -3.08 -7.39
N LEU C 1224 -36.05 -2.39 -8.04
CA LEU C 1224 -35.66 -1.06 -7.63
C LEU C 1224 -36.06 -0.06 -8.70
N PHE C 1225 -36.04 1.22 -8.33
CA PHE C 1225 -36.54 2.30 -9.17
C PHE C 1225 -35.47 3.35 -9.33
N ASP C 1226 -35.27 3.82 -10.56
CA ASP C 1226 -34.27 4.84 -10.82
C ASP C 1226 -34.66 6.12 -10.11
N GLY C 1227 -33.89 6.51 -9.11
CA GLY C 1227 -34.24 7.69 -8.34
C GLY C 1227 -34.27 8.95 -9.16
N ARG C 1228 -33.74 8.94 -10.36
CA ARG C 1228 -33.60 10.15 -11.16
C ARG C 1228 -34.70 10.31 -12.19
N THR C 1229 -35.37 9.24 -12.58
CA THR C 1229 -36.51 9.27 -13.47
C THR C 1229 -37.73 8.60 -12.87
N GLY C 1230 -37.56 7.53 -12.12
CA GLY C 1230 -38.67 6.86 -11.47
C GLY C 1230 -39.12 5.60 -12.15
N LYS C 1231 -38.54 5.23 -13.26
CA LYS C 1231 -38.88 3.98 -13.91
C LYS C 1231 -37.97 2.88 -13.42
N PRO C 1232 -38.44 1.65 -13.35
CA PRO C 1232 -37.62 0.60 -12.74
C PRO C 1232 -36.41 0.28 -13.60
N PHE C 1233 -35.50 -0.45 -13.01
CA PHE C 1233 -34.50 -1.16 -13.79
C PHE C 1233 -35.11 -2.47 -14.22
N ASP C 1234 -34.70 -2.96 -15.38
CA ASP C 1234 -34.94 -4.36 -15.68
C ASP C 1234 -34.09 -5.18 -14.73
N ARG C 1235 -34.33 -6.49 -14.69
CA ARG C 1235 -33.40 -7.31 -13.93
C ARG C 1235 -33.35 -6.95 -12.46
N HIS C 1236 -34.27 -7.49 -11.65
CA HIS C 1236 -34.22 -7.43 -10.20
C HIS C 1236 -32.82 -7.42 -9.59
N VAL C 1237 -32.56 -6.48 -8.67
CA VAL C 1237 -31.26 -6.29 -8.03
C VAL C 1237 -31.25 -7.01 -6.68
N THR C 1238 -30.06 -7.35 -6.20
CA THR C 1238 -29.89 -7.95 -4.88
C THR C 1238 -29.69 -6.87 -3.83
N VAL C 1239 -30.62 -6.79 -2.89
CA VAL C 1239 -30.56 -5.80 -1.82
C VAL C 1239 -30.50 -6.55 -0.49
N GLY C 1240 -29.81 -5.95 0.46
CA GLY C 1240 -29.63 -6.59 1.76
C GLY C 1240 -28.95 -5.66 2.74
N TYR C 1241 -28.51 -6.23 3.85
CA TYR C 1241 -28.09 -5.50 5.05
C TYR C 1241 -26.66 -5.83 5.46
N MET C 1242 -25.70 -5.66 4.58
CA MET C 1242 -24.32 -5.93 4.92
C MET C 1242 -23.82 -5.00 6.02
N TYR C 1243 -22.91 -5.51 6.85
CA TYR C 1243 -22.30 -4.78 7.96
C TYR C 1243 -20.96 -4.24 7.49
N MET C 1244 -20.80 -2.92 7.49
CA MET C 1244 -19.65 -2.28 6.88
C MET C 1244 -18.90 -1.47 7.92
N LEU C 1245 -17.57 -1.42 7.78
CA LEU C 1245 -16.66 -0.78 8.72
C LEU C 1245 -16.05 0.47 8.09
N LYS C 1246 -15.33 1.23 8.91
CA LYS C 1246 -14.58 2.38 8.44
C LYS C 1246 -13.18 2.33 9.04
N LEU C 1247 -12.18 2.15 8.19
CA LEU C 1247 -10.82 1.89 8.63
C LEU C 1247 -10.05 3.19 8.85
N ASP C 1248 -8.95 3.09 9.58
CA ASP C 1248 -8.24 4.29 10.01
C ASP C 1248 -7.30 4.82 8.94
N HIS C 1249 -7.80 4.95 7.73
CA HIS C 1249 -7.01 5.38 6.58
C HIS C 1249 -7.68 6.61 6.00
N LEU C 1250 -7.97 7.58 6.84
CA LEU C 1250 -8.73 8.73 6.42
C LEU C 1250 -7.88 9.63 5.54
N VAL C 1251 -8.53 10.31 4.59
CA VAL C 1251 -7.84 11.11 3.61
C VAL C 1251 -7.43 12.44 4.22
N ASP C 1252 -7.89 12.71 5.44
CA ASP C 1252 -7.54 13.97 6.05
C ASP C 1252 -6.07 14.03 6.42
N ASP C 1253 -5.52 12.91 6.84
CA ASP C 1253 -4.13 12.79 7.24
C ASP C 1253 -3.30 12.12 6.16
N LYS C 1254 -3.59 12.43 4.91
CA LYS C 1254 -2.82 11.88 3.80
C LYS C 1254 -2.60 12.88 2.67
N MET C 1255 -3.04 14.13 2.77
CA MET C 1255 -3.03 14.95 1.56
C MET C 1255 -1.66 15.57 1.30
N HIS C 1256 -1.27 16.56 2.07
CA HIS C 1256 0.11 17.07 1.97
C HIS C 1256 0.62 17.55 0.61
N ALA C 1257 0.32 18.75 0.18
CA ALA C 1257 1.13 19.40 -0.84
C ALA C 1257 2.20 20.30 -0.22
N ARG C 1258 3.18 20.68 -1.03
CA ARG C 1258 4.25 21.58 -0.58
C ARG C 1258 4.80 22.33 -1.78
N SER C 1259 5.03 23.63 -1.62
CA SER C 1259 5.67 24.39 -2.70
C SER C 1259 7.15 24.61 -2.45
N THR C 1260 7.52 25.34 -1.40
CA THR C 1260 8.91 25.44 -0.96
C THR C 1260 8.93 25.45 0.55
N GLY C 1261 9.71 24.56 1.14
CA GLY C 1261 9.85 24.52 2.58
C GLY C 1261 11.25 24.79 3.07
N SER C 1262 11.80 23.87 3.86
CA SER C 1262 13.15 23.98 4.37
C SER C 1262 13.89 22.68 4.09
N TYR C 1263 15.21 22.77 4.00
CA TYR C 1263 16.03 21.74 3.40
C TYR C 1263 16.97 21.11 4.42
N SER C 1264 17.64 20.05 4.00
CA SER C 1264 18.59 19.37 4.86
C SER C 1264 19.82 20.26 5.10
N LEU C 1265 20.80 19.72 5.81
CA LEU C 1265 22.02 20.46 6.07
C LEU C 1265 23.16 19.98 5.20
N VAL C 1266 23.39 18.68 5.16
CA VAL C 1266 24.53 18.14 4.43
C VAL C 1266 24.29 18.21 2.93
N THR C 1267 23.19 17.63 2.45
CA THR C 1267 22.93 17.56 1.01
C THR C 1267 22.13 18.73 0.47
N GLN C 1268 21.40 19.45 1.32
CA GLN C 1268 20.64 20.64 0.95
C GLN C 1268 19.46 20.34 0.04
N GLN C 1269 18.98 19.11 0.02
CA GLN C 1269 17.72 18.78 -0.62
C GLN C 1269 16.58 19.05 0.33
N PRO C 1270 15.35 19.09 -0.15
CA PRO C 1270 14.20 19.21 0.76
C PRO C 1270 14.14 18.09 1.77
N LEU C 1271 13.48 18.37 2.89
CA LEU C 1271 13.24 17.37 3.92
C LEU C 1271 12.22 16.39 3.41
N GLY C 1272 11.71 15.49 4.24
CA GLY C 1272 10.70 14.60 3.72
C GLY C 1272 9.87 13.87 4.73
N GLY C 1273 8.54 13.95 4.61
CA GLY C 1273 7.68 13.16 5.46
C GLY C 1273 6.39 13.77 5.96
N LYS C 1274 6.03 14.97 5.51
CA LYS C 1274 4.72 15.57 5.77
C LYS C 1274 4.60 16.05 7.20
N ALA C 1275 5.50 15.59 8.04
CA ALA C 1275 5.55 16.04 9.42
C ALA C 1275 6.42 17.27 9.56
N GLN C 1276 7.51 17.35 8.80
CA GLN C 1276 8.22 18.62 8.78
C GLN C 1276 7.59 19.57 7.77
N PHE C 1277 7.86 19.33 6.50
CA PHE C 1277 6.99 19.81 5.44
C PHE C 1277 7.09 18.93 4.21
N GLY C 1278 7.77 17.80 4.29
CA GLY C 1278 7.77 16.83 3.23
C GLY C 1278 8.38 17.34 1.93
N GLY C 1279 8.16 16.53 0.90
CA GLY C 1279 8.64 16.73 -0.45
C GLY C 1279 8.77 15.33 -1.00
N GLN C 1280 8.29 15.05 -2.20
CA GLN C 1280 8.18 13.66 -2.63
C GLN C 1280 9.42 13.20 -3.34
N ARG C 1281 9.77 11.94 -3.14
CA ARG C 1281 11.00 11.39 -3.66
C ARG C 1281 10.80 11.00 -5.12
N PHE C 1282 11.38 11.79 -6.01
CA PHE C 1282 11.41 11.47 -7.44
C PHE C 1282 12.51 10.44 -7.66
N GLY C 1283 12.17 9.18 -7.42
CA GLY C 1283 13.16 8.12 -7.35
C GLY C 1283 13.88 7.86 -8.64
N GLU C 1284 14.60 6.74 -8.73
CA GLU C 1284 15.32 6.46 -9.95
C GLU C 1284 14.44 5.78 -10.98
N MET C 1285 13.48 4.95 -10.57
CA MET C 1285 12.56 4.39 -11.54
C MET C 1285 11.69 5.46 -12.18
N GLU C 1286 11.50 6.57 -11.50
CA GLU C 1286 10.75 7.70 -11.99
C GLU C 1286 11.59 8.60 -12.88
N VAL C 1287 12.88 8.28 -13.02
CA VAL C 1287 13.82 9.02 -13.85
C VAL C 1287 14.01 8.23 -15.13
N TRP C 1288 13.97 6.91 -15.02
CA TRP C 1288 13.97 6.06 -16.21
C TRP C 1288 12.80 6.39 -17.12
N ALA C 1289 11.66 6.79 -16.55
CA ALA C 1289 10.47 7.08 -17.34
C ALA C 1289 10.59 8.42 -18.07
N LEU C 1290 11.10 9.44 -17.39
CA LEU C 1290 11.35 10.69 -18.07
C LEU C 1290 12.42 10.53 -19.13
N GLN C 1291 13.34 9.59 -18.95
CA GLN C 1291 14.35 9.32 -19.97
C GLN C 1291 13.74 8.61 -21.17
N ALA C 1292 12.80 7.70 -20.92
CA ALA C 1292 12.14 7.00 -22.00
C ALA C 1292 11.19 7.90 -22.79
N TYR C 1293 10.70 8.99 -22.20
CA TYR C 1293 9.97 9.97 -23.00
C TYR C 1293 10.88 10.86 -23.82
N GLY C 1294 12.12 11.05 -23.40
CA GLY C 1294 12.93 12.08 -23.99
C GLY C 1294 12.75 13.43 -23.37
N ALA C 1295 12.10 13.51 -22.20
CA ALA C 1295 11.87 14.77 -21.52
C ALA C 1295 13.17 15.17 -20.86
N ALA C 1296 13.95 15.98 -21.56
CA ALA C 1296 15.24 16.43 -21.03
C ALA C 1296 15.11 17.68 -20.19
N TYR C 1297 14.18 18.57 -20.54
CA TYR C 1297 14.01 19.79 -19.78
C TYR C 1297 13.25 19.55 -18.50
N THR C 1298 12.31 18.61 -18.53
CA THR C 1298 11.61 18.21 -17.31
C THR C 1298 12.56 17.52 -16.35
N LEU C 1299 13.47 16.69 -16.86
CA LEU C 1299 14.40 15.97 -16.02
C LEU C 1299 15.54 16.85 -15.53
N ARG C 1300 15.93 17.90 -16.26
CA ARG C 1300 17.02 18.73 -15.78
C ARG C 1300 16.60 19.62 -14.63
N GLU C 1301 15.34 20.04 -14.56
CA GLU C 1301 14.92 20.88 -13.45
C GLU C 1301 14.42 20.10 -12.26
N MET C 1302 13.88 18.90 -12.45
CA MET C 1302 13.58 18.08 -11.30
C MET C 1302 14.83 17.59 -10.60
N LEU C 1303 16.00 17.81 -11.19
CA LEU C 1303 17.26 17.44 -10.56
C LEU C 1303 18.08 18.62 -10.08
N THR C 1304 17.89 19.81 -10.63
CA THR C 1304 18.69 20.94 -10.21
C THR C 1304 17.86 22.04 -9.55
N VAL C 1305 16.96 22.68 -10.28
CA VAL C 1305 16.39 23.91 -9.76
C VAL C 1305 15.28 23.61 -8.78
N LYS C 1306 14.85 22.37 -8.70
CA LYS C 1306 13.76 22.04 -7.79
C LYS C 1306 14.26 21.48 -6.48
N SER C 1307 15.41 20.82 -6.44
CA SER C 1307 15.87 20.25 -5.18
C SER C 1307 17.12 20.91 -4.62
N ASP C 1308 18.29 20.77 -5.25
CA ASP C 1308 19.50 21.21 -4.57
C ASP C 1308 20.47 21.91 -5.50
N ASP C 1309 19.98 22.81 -6.31
CA ASP C 1309 20.82 23.82 -6.92
C ASP C 1309 20.59 25.06 -6.08
N ILE C 1310 21.43 25.23 -5.04
CA ILE C 1310 21.16 26.23 -4.02
C ILE C 1310 20.99 27.60 -4.63
N ALA C 1311 21.83 27.93 -5.61
CA ALA C 1311 21.75 29.24 -6.24
C ALA C 1311 20.60 29.35 -7.22
N GLY C 1312 20.04 28.21 -7.63
CA GLY C 1312 19.00 28.16 -8.64
C GLY C 1312 17.62 28.23 -8.04
N ARG C 1313 17.44 27.67 -6.84
CA ARG C 1313 16.15 27.74 -6.18
C ARG C 1313 15.72 29.17 -5.94
N SER C 1314 16.61 29.98 -5.36
CA SER C 1314 16.24 31.36 -5.05
C SER C 1314 15.91 32.13 -6.32
N LYS C 1315 16.64 31.89 -7.40
CA LYS C 1315 16.39 32.60 -8.64
C LYS C 1315 15.12 32.12 -9.30
N MET C 1316 14.80 30.83 -9.22
CA MET C 1316 13.54 30.36 -9.77
C MET C 1316 12.37 30.97 -9.02
N TYR C 1317 12.42 30.99 -7.70
CA TYR C 1317 11.33 31.60 -6.94
C TYR C 1317 11.23 33.09 -7.24
N LYS C 1318 12.35 33.81 -7.27
CA LYS C 1318 12.28 35.24 -7.56
C LYS C 1318 11.80 35.50 -8.98
N ASN C 1319 12.05 34.58 -9.90
CA ASN C 1319 11.58 34.75 -11.27
C ASN C 1319 10.07 34.56 -11.35
N ILE C 1320 9.57 33.46 -10.79
CA ILE C 1320 8.14 33.17 -10.88
C ILE C 1320 7.32 34.30 -10.27
N VAL C 1321 7.73 34.80 -9.12
CA VAL C 1321 6.95 35.82 -8.43
C VAL C 1321 6.99 37.13 -9.19
N ASP C 1322 7.99 37.33 -10.05
CA ASP C 1322 8.09 38.55 -10.83
C ASP C 1322 7.72 38.36 -12.28
N GLY C 1323 7.50 37.13 -12.73
CA GLY C 1323 7.13 36.88 -14.10
C GLY C 1323 8.26 37.00 -15.10
N LYS C 1324 9.35 36.27 -14.89
CA LYS C 1324 10.52 36.36 -15.76
C LYS C 1324 10.98 34.98 -16.20
N LEU C 1325 12.07 34.94 -16.97
CA LEU C 1325 12.64 33.72 -17.51
C LEU C 1325 14.16 33.84 -17.50
N THR C 1326 14.83 32.89 -16.85
CA THR C 1326 16.28 32.77 -16.84
C THR C 1326 16.63 31.49 -16.11
N MET C 1327 17.64 30.76 -16.56
CA MET C 1327 17.91 29.46 -15.95
C MET C 1327 19.38 29.10 -16.12
N ASN C 1328 20.11 29.11 -15.02
CA ASN C 1328 21.44 28.52 -14.98
C ASN C 1328 21.42 27.45 -13.89
N VAL C 1329 22.07 26.33 -14.17
CA VAL C 1329 21.84 25.08 -13.46
C VAL C 1329 23.14 24.58 -12.81
N ASP C 1330 23.92 25.51 -12.26
CA ASP C 1330 25.37 25.38 -12.12
C ASP C 1330 25.86 23.96 -11.89
N VAL C 1331 25.48 23.33 -10.78
CA VAL C 1331 25.75 21.92 -10.55
C VAL C 1331 25.06 21.55 -9.24
N PRO C 1332 24.38 20.42 -9.15
CA PRO C 1332 23.69 20.09 -7.90
C PRO C 1332 24.66 19.98 -6.73
N GLU C 1333 24.32 20.67 -5.64
CA GLU C 1333 25.18 20.73 -4.48
C GLU C 1333 25.41 19.39 -3.82
N SER C 1334 24.78 18.32 -4.29
CA SER C 1334 25.06 17.01 -3.75
C SER C 1334 26.08 16.25 -4.57
N PHE C 1335 26.54 16.83 -5.68
CA PHE C 1335 27.71 16.31 -6.37
C PHE C 1335 28.98 16.94 -5.85
N ASN C 1336 28.91 18.19 -5.38
CA ASN C 1336 30.04 18.76 -4.67
C ASN C 1336 30.28 18.04 -3.36
N VAL C 1337 29.23 17.53 -2.74
CA VAL C 1337 29.39 16.78 -1.50
C VAL C 1337 30.09 15.46 -1.76
N LEU C 1338 29.80 14.82 -2.88
CA LEU C 1338 30.39 13.52 -3.19
C LEU C 1338 31.84 13.64 -3.62
N ARG C 1339 32.16 14.63 -4.44
CA ARG C 1339 33.55 14.80 -4.83
C ARG C 1339 34.40 15.36 -3.70
N ASN C 1340 33.79 15.91 -2.66
CA ASN C 1340 34.52 16.41 -1.50
C ASN C 1340 34.79 15.33 -0.48
N GLU C 1341 34.06 14.24 -0.52
CA GLU C 1341 34.31 13.11 0.34
C GLU C 1341 34.92 11.94 -0.42
N VAL C 1342 35.07 12.05 -1.73
CA VAL C 1342 35.93 11.09 -2.41
C VAL C 1342 37.36 11.54 -2.32
N ARG C 1343 37.60 12.83 -2.13
CA ARG C 1343 38.94 13.33 -1.88
C ARG C 1343 39.28 13.37 -0.40
N ALA C 1344 38.31 13.10 0.48
CA ALA C 1344 38.60 12.83 1.88
C ALA C 1344 39.16 11.44 2.07
N LEU C 1345 39.06 10.58 1.06
CA LEU C 1345 39.95 9.44 0.91
C LEU C 1345 41.18 9.95 0.16
N GLY C 1346 42.01 9.07 -0.33
CA GLY C 1346 43.18 9.63 -0.95
C GLY C 1346 43.11 9.89 -2.43
N ILE C 1347 41.94 10.21 -2.97
CA ILE C 1347 41.71 10.20 -4.41
C ILE C 1347 41.39 11.60 -4.89
N ASP C 1348 41.79 11.94 -6.11
CA ASP C 1348 41.59 13.27 -6.67
C ASP C 1348 40.62 13.18 -7.84
N MET C 1349 39.37 13.54 -7.61
CA MET C 1349 38.34 13.63 -8.63
C MET C 1349 38.14 15.10 -8.95
N ASP C 1350 38.11 15.45 -10.23
CA ASP C 1350 38.13 16.87 -10.58
C ASP C 1350 37.52 17.08 -11.95
N PHE C 1351 37.13 18.33 -12.21
CA PHE C 1351 36.69 18.76 -13.53
C PHE C 1351 37.89 19.11 -14.39
N ASP C 1352 37.65 19.27 -15.69
CA ASP C 1352 38.74 19.54 -16.63
C ASP C 1352 38.18 20.22 -17.86
N TYR C 1353 39.07 20.80 -18.66
CA TYR C 1353 38.79 21.19 -20.03
C TYR C 1353 39.62 20.30 -20.95
N SER C 1354 38.98 19.72 -21.96
CA SER C 1354 39.63 18.71 -22.80
C SER C 1354 40.11 19.36 -24.08
N SER C 1355 41.33 19.89 -24.05
CA SER C 1355 41.95 20.43 -25.25
C SER C 1355 42.58 19.35 -26.13
N GLU C 1356 42.66 18.12 -25.64
CA GLU C 1356 43.21 17.01 -26.41
C GLU C 1356 42.59 15.68 -25.99
N SER D 12 35.45 24.88 -22.61
CA SER D 12 34.31 25.61 -23.16
C SER D 12 33.36 26.06 -22.06
N LYS D 13 33.78 27.08 -21.29
CA LYS D 13 32.93 27.79 -20.35
C LYS D 13 32.42 26.89 -19.23
N LYS D 14 32.73 25.61 -19.30
CA LYS D 14 32.32 24.61 -18.32
C LYS D 14 33.08 23.33 -18.61
N PHE D 15 33.28 22.50 -17.59
CA PHE D 15 34.13 21.33 -17.77
C PHE D 15 33.55 20.40 -18.84
N ASP D 16 34.43 19.57 -19.41
CA ASP D 16 34.08 18.71 -20.53
C ASP D 16 34.38 17.27 -20.17
N ILE D 17 35.15 17.07 -19.10
CA ILE D 17 35.48 15.73 -18.64
C ILE D 17 35.65 15.77 -17.14
N ILE D 18 35.64 14.61 -16.52
CA ILE D 18 35.93 14.44 -15.11
C ILE D 18 36.99 13.36 -15.03
N LYS D 19 38.15 13.68 -14.47
CA LYS D 19 39.25 12.74 -14.35
C LYS D 19 39.44 12.36 -12.89
N ILE D 20 39.96 11.17 -12.66
CA ILE D 20 40.16 10.67 -11.31
C ILE D 20 41.60 10.16 -11.21
N SER D 21 42.34 10.68 -10.24
CA SER D 21 43.78 10.49 -10.15
C SER D 21 44.13 9.82 -8.83
N LEU D 22 45.42 9.78 -8.55
CA LEU D 22 45.92 9.46 -7.21
C LEU D 22 46.56 10.71 -6.62
N ALA D 23 46.36 10.92 -5.33
CA ALA D 23 46.78 12.17 -4.70
C ALA D 23 48.16 12.03 -4.09
N SER D 24 49.09 12.88 -4.55
CA SER D 24 50.40 12.92 -3.97
C SER D 24 50.34 13.64 -2.64
N PRO D 25 51.19 13.27 -1.68
CA PRO D 25 51.26 14.06 -0.44
C PRO D 25 51.47 15.53 -0.68
N GLU D 26 52.13 15.88 -1.77
CA GLU D 26 52.34 17.29 -2.08
C GLU D 26 51.06 17.99 -2.49
N VAL D 27 50.10 17.25 -3.07
CA VAL D 27 48.85 17.86 -3.51
C VAL D 27 47.77 17.81 -2.44
N ILE D 28 47.81 16.84 -1.52
CA ILE D 28 46.91 16.87 -0.38
C ILE D 28 47.18 18.08 0.50
N ARG D 29 48.45 18.41 0.72
CA ARG D 29 48.77 19.60 1.50
C ARG D 29 48.41 20.90 0.80
N SER D 30 47.90 20.82 -0.43
CA SER D 30 47.44 22.00 -1.15
C SER D 30 45.94 22.19 -1.04
N TRP D 31 45.20 21.10 -0.83
CA TRP D 31 43.78 21.22 -0.52
C TRP D 31 43.56 21.91 0.82
N SER D 32 44.46 21.68 1.77
CA SER D 32 44.24 22.03 3.15
C SER D 32 44.47 23.52 3.40
N HIS D 33 44.00 23.98 4.56
CA HIS D 33 44.17 25.36 4.99
C HIS D 33 44.76 25.46 6.40
N GLY D 34 45.28 24.37 6.92
CA GLY D 34 45.86 24.33 8.25
C GLY D 34 45.77 22.95 8.82
N GLU D 35 46.61 22.69 9.82
CA GLU D 35 46.68 21.37 10.45
C GLU D 35 45.84 21.35 11.71
N VAL D 36 45.06 20.28 11.87
CA VAL D 36 44.31 20.07 13.10
C VAL D 36 45.15 19.17 13.99
N LYS D 37 45.29 19.56 15.26
CA LYS D 37 46.23 18.93 16.17
C LYS D 37 45.59 18.36 17.42
N LYS D 38 44.48 18.92 17.89
CA LYS D 38 43.84 18.44 19.10
C LYS D 38 42.43 17.97 18.81
N PRO D 39 42.02 16.85 19.37
CA PRO D 39 40.71 16.25 19.08
C PRO D 39 39.56 16.93 19.80
N GLU D 40 39.53 18.26 19.74
CA GLU D 40 38.52 19.07 20.42
C GLU D 40 37.51 19.51 19.38
N THR D 41 36.24 19.14 19.57
CA THR D 41 35.23 19.59 18.61
C THR D 41 34.73 20.99 18.94
N ILE D 42 34.00 21.14 20.04
CA ILE D 42 33.32 22.39 20.37
C ILE D 42 33.45 22.66 21.85
N ASN D 43 33.26 23.92 22.23
CA ASN D 43 33.44 24.34 23.61
C ASN D 43 32.35 23.75 24.50
N TYR D 44 32.72 23.47 25.75
CA TYR D 44 31.83 22.81 26.68
C TYR D 44 30.55 23.63 26.88
N ARG D 45 30.67 24.83 27.43
CA ARG D 45 29.49 25.64 27.76
C ARG D 45 29.10 26.59 26.64
N THR D 46 29.99 27.49 26.25
CA THR D 46 29.65 28.31 25.09
C THR D 46 29.71 27.46 23.83
N PHE D 47 29.00 27.93 22.80
CA PHE D 47 28.93 27.20 21.54
C PHE D 47 29.88 27.80 20.51
N LYS D 48 31.17 27.70 20.80
CA LYS D 48 32.19 28.26 19.92
C LYS D 48 33.29 27.25 19.70
N PRO D 49 33.86 27.19 18.50
CA PRO D 49 34.84 26.17 18.17
C PRO D 49 36.14 26.38 18.94
N GLU D 50 36.94 25.31 18.97
CA GLU D 50 38.17 25.31 19.74
C GLU D 50 39.27 26.04 18.96
N ARG D 51 40.52 25.82 19.37
CA ARG D 51 41.64 26.56 18.81
C ARG D 51 42.22 25.88 17.57
N ASP D 52 42.67 24.64 17.71
CA ASP D 52 43.18 23.88 16.58
C ASP D 52 42.47 22.53 16.53
N GLY D 53 41.16 22.54 16.64
CA GLY D 53 40.38 21.33 16.73
C GLY D 53 39.75 20.94 15.42
N LEU D 54 38.84 19.97 15.49
CA LEU D 54 38.14 19.50 14.32
C LEU D 54 37.20 20.55 13.74
N PHE D 55 36.93 21.64 14.45
CA PHE D 55 35.94 22.61 14.01
C PHE D 55 36.47 24.04 14.02
N CYS D 56 37.78 24.25 14.15
CA CYS D 56 38.32 25.58 14.33
C CYS D 56 37.87 26.55 13.25
N ALA D 57 37.99 27.85 13.52
CA ALA D 57 37.54 28.86 12.58
C ALA D 57 38.67 29.52 11.80
N LYS D 58 39.91 29.39 12.26
CA LYS D 58 41.04 29.87 11.49
C LYS D 58 41.33 28.92 10.34
N ILE D 59 41.09 27.63 10.52
CA ILE D 59 41.26 26.64 9.48
C ILE D 59 40.09 26.72 8.52
N PHE D 60 38.90 26.38 9.01
CA PHE D 60 37.79 26.01 8.16
C PHE D 60 36.92 27.20 7.75
N GLY D 61 36.89 28.27 8.52
CA GLY D 61 36.18 29.44 8.10
C GLY D 61 35.25 29.98 9.17
N PRO D 62 34.79 31.22 8.99
CA PRO D 62 33.93 31.84 10.00
C PRO D 62 32.58 31.16 10.07
N ILE D 63 31.96 31.26 11.25
CA ILE D 63 30.67 30.63 11.49
C ILE D 63 29.52 31.51 11.03
N LYS D 64 29.62 32.82 11.22
CA LYS D 64 28.59 33.74 10.75
C LYS D 64 29.07 34.51 9.53
N ASP D 65 28.13 34.82 8.65
CA ASP D 65 28.48 35.47 7.39
C ASP D 65 29.07 36.85 7.65
N TYR D 66 30.28 37.06 7.12
CA TYR D 66 30.90 38.38 7.09
C TYR D 66 31.19 38.91 8.49
N GLU D 67 31.80 38.10 9.35
CA GLU D 67 32.26 38.57 10.65
C GLU D 67 33.25 37.56 11.21
N CYS D 68 34.28 38.03 11.89
CA CYS D 68 35.24 37.14 12.51
C CYS D 68 34.71 36.64 13.85
N LEU D 69 35.44 35.70 14.44
CA LEU D 69 34.94 34.96 15.60
C LEU D 69 34.83 35.85 16.83
N CYS D 70 35.87 36.62 17.11
CA CYS D 70 35.85 37.46 18.31
C CYS D 70 34.93 38.66 18.14
N GLY D 71 34.74 39.13 16.90
CA GLY D 71 33.82 40.21 16.64
C GLY D 71 34.47 41.54 16.33
N LYS D 72 35.75 41.57 15.96
CA LYS D 72 36.39 42.85 15.69
C LYS D 72 35.98 43.41 14.33
N TYR D 73 35.77 42.55 13.35
CA TYR D 73 35.36 42.98 12.01
C TYR D 73 34.05 42.26 11.69
N LYS D 74 32.93 42.90 12.00
CA LYS D 74 31.60 42.39 11.71
C LYS D 74 30.95 43.33 10.71
N ARG D 75 31.13 43.04 9.43
CA ARG D 75 30.58 43.84 8.35
C ARG D 75 30.90 43.14 7.03
N LEU D 76 30.39 43.72 5.95
CA LEU D 76 30.87 43.45 4.61
C LEU D 76 31.89 44.49 4.16
N LYS D 77 31.97 45.63 4.85
CA LYS D 77 32.96 46.65 4.51
C LYS D 77 34.37 46.11 4.61
N HIS D 78 34.56 44.95 5.23
CA HIS D 78 35.85 44.30 5.34
C HIS D 78 35.80 42.98 4.58
N ARG D 79 36.09 43.04 3.28
CA ARG D 79 35.95 41.85 2.43
C ARG D 79 37.09 40.86 2.68
N GLY D 80 38.33 41.27 2.43
CA GLY D 80 39.45 40.35 2.48
C GLY D 80 40.36 40.55 3.66
N VAL D 81 39.79 40.75 4.83
CA VAL D 81 40.54 41.01 6.05
C VAL D 81 40.77 39.70 6.78
N VAL D 82 41.98 39.53 7.31
CA VAL D 82 42.28 38.47 8.26
C VAL D 82 42.58 39.13 9.60
N CYS D 83 41.92 38.66 10.66
CA CYS D 83 42.06 39.30 11.96
C CYS D 83 43.35 38.87 12.64
N GLU D 84 43.76 39.67 13.61
CA GLU D 84 44.99 39.46 14.35
C GLU D 84 44.76 38.94 15.76
N ARG D 85 43.66 39.33 16.40
CA ARG D 85 43.28 38.70 17.66
C ARG D 85 42.97 37.23 17.45
N CYS D 86 42.16 36.93 16.45
CA CYS D 86 41.88 35.56 16.02
C CYS D 86 42.37 35.39 14.59
N GLY D 87 42.92 34.22 14.31
CA GLY D 87 43.41 33.95 12.98
C GLY D 87 42.30 33.78 11.95
N VAL D 88 41.07 34.13 12.35
CA VAL D 88 39.89 33.87 11.54
C VAL D 88 39.74 34.96 10.49
N GLU D 89 39.04 34.60 9.41
CA GLU D 89 38.87 35.43 8.24
C GLU D 89 37.46 35.99 8.19
N VAL D 90 37.33 37.20 7.66
CA VAL D 90 36.02 37.82 7.47
C VAL D 90 35.56 37.45 6.08
N GLU D 91 34.60 36.52 6.00
CA GLU D 91 34.13 36.04 4.71
C GLU D 91 32.81 35.33 4.92
N GLN D 92 32.20 34.90 3.82
CA GLN D 92 30.93 34.23 3.86
C GLN D 92 31.05 32.86 4.53
N ALA D 93 30.02 32.48 5.27
CA ALA D 93 30.08 31.26 6.04
C ALA D 93 29.77 30.02 5.22
N LYS D 94 29.55 30.17 3.91
CA LYS D 94 29.36 29.02 3.04
C LYS D 94 30.65 28.27 2.82
N VAL D 95 31.80 28.92 3.01
CA VAL D 95 33.09 28.29 2.79
C VAL D 95 33.38 27.15 3.75
N ARG D 96 32.61 27.00 4.81
CA ARG D 96 32.81 25.86 5.68
C ARG D 96 32.36 24.56 5.04
N ARG D 97 31.69 24.62 3.90
CA ARG D 97 31.28 23.45 3.14
C ARG D 97 32.36 22.93 2.21
N GLU D 98 33.43 23.71 2.00
CA GLU D 98 34.35 23.49 0.91
C GLU D 98 35.80 23.38 1.34
N ARG D 99 36.13 23.83 2.54
CA ARG D 99 37.48 24.20 2.92
C ARG D 99 38.03 23.15 3.88
N MET D 100 39.02 22.38 3.42
CA MET D 100 39.56 21.31 4.25
C MET D 100 40.85 21.73 4.95
N GLY D 101 41.27 20.90 5.89
CA GLY D 101 42.55 20.97 6.54
C GLY D 101 43.17 19.59 6.51
N HIS D 102 44.29 19.36 7.19
CA HIS D 102 44.97 18.08 7.10
C HIS D 102 45.45 17.64 8.46
N ILE D 103 46.03 16.45 8.49
CA ILE D 103 46.55 15.83 9.70
C ILE D 103 47.94 15.31 9.38
N ASP D 104 48.96 15.93 9.96
CA ASP D 104 50.35 15.57 9.66
C ASP D 104 50.71 14.31 10.44
N LEU D 105 50.52 13.16 9.80
CA LEU D 105 50.89 11.90 10.42
C LEU D 105 52.40 11.83 10.61
N VAL D 106 52.83 11.16 11.67
CA VAL D 106 54.24 10.98 11.94
C VAL D 106 54.72 9.61 11.52
N CYS D 107 53.83 8.66 11.42
CA CYS D 107 54.11 7.37 10.83
C CYS D 107 53.37 7.22 9.52
N PRO D 108 53.99 6.72 8.46
CA PRO D 108 53.24 6.38 7.26
C PRO D 108 52.31 5.21 7.53
N VAL D 109 51.16 5.23 6.85
CA VAL D 109 50.18 4.16 6.99
C VAL D 109 49.60 3.87 5.61
N VAL D 110 49.47 2.59 5.29
CA VAL D 110 48.99 2.22 3.98
C VAL D 110 47.54 2.65 3.80
N HIS D 111 47.12 2.77 2.54
CA HIS D 111 45.72 2.99 2.22
C HIS D 111 45.04 1.64 2.07
N ILE D 112 44.03 1.40 2.90
CA ILE D 112 43.40 0.08 3.00
C ILE D 112 42.85 -0.38 1.66
N TRP D 113 42.43 0.55 0.80
CA TRP D 113 41.85 0.19 -0.48
C TRP D 113 42.89 -0.44 -1.40
N TYR D 114 44.07 0.13 -1.44
CA TYR D 114 45.15 -0.37 -2.27
C TYR D 114 45.82 -1.52 -1.69
N LEU D 115 45.25 -2.13 -0.67
CA LEU D 115 45.76 -3.37 -0.09
C LEU D 115 44.73 -4.48 -0.08
N LYS D 116 43.47 -4.17 0.19
CA LYS D 116 42.44 -5.19 0.32
C LYS D 116 41.25 -4.96 -0.60
N SER D 117 41.48 -4.66 -1.87
CA SER D 117 40.39 -4.55 -2.82
C SER D 117 40.30 -5.73 -3.78
N LEU D 118 41.17 -6.74 -3.65
CA LEU D 118 40.99 -8.01 -4.32
C LEU D 118 40.82 -7.88 -5.82
N PRO D 119 41.91 -7.70 -6.60
CA PRO D 119 43.29 -7.92 -6.18
C PRO D 119 43.88 -6.75 -5.42
N SER D 120 45.11 -6.91 -4.93
CA SER D 120 45.78 -5.87 -4.18
C SER D 120 46.77 -5.19 -5.10
N ARG D 121 46.56 -3.89 -5.35
CA ARG D 121 47.53 -3.16 -6.15
C ARG D 121 48.85 -2.97 -5.44
N ILE D 122 49.01 -3.51 -4.23
CA ILE D 122 50.26 -3.46 -3.49
C ILE D 122 50.92 -4.82 -3.40
N GLY D 123 50.15 -5.87 -3.14
CA GLY D 123 50.67 -7.21 -3.22
C GLY D 123 50.96 -7.68 -4.64
N LEU D 124 50.66 -6.85 -5.63
CA LEU D 124 50.94 -7.15 -7.03
C LEU D 124 52.12 -6.38 -7.58
N PHE D 125 52.38 -5.18 -7.08
CA PHE D 125 53.56 -4.45 -7.49
C PHE D 125 54.81 -5.19 -7.06
N LEU D 126 54.83 -5.70 -5.83
CA LEU D 126 55.98 -6.41 -5.29
C LEU D 126 55.99 -7.89 -5.63
N ASP D 127 54.83 -8.46 -5.97
CA ASP D 127 54.69 -9.90 -6.21
C ASP D 127 54.95 -10.69 -4.94
N MET D 128 54.26 -10.33 -3.86
CA MET D 128 54.27 -11.12 -2.64
C MET D 128 52.83 -11.28 -2.15
N PRO D 129 52.42 -12.47 -1.75
CA PRO D 129 51.02 -12.69 -1.39
C PRO D 129 50.60 -11.85 -0.21
N LEU D 130 49.36 -11.34 -0.28
CA LEU D 130 48.85 -10.43 0.74
C LEU D 130 48.93 -11.03 2.14
N LYS D 131 48.92 -12.36 2.24
CA LYS D 131 49.09 -13.02 3.52
C LYS D 131 50.46 -12.73 4.11
N ASN D 132 51.40 -12.27 3.29
CA ASN D 132 52.72 -11.91 3.75
C ASN D 132 52.92 -10.40 3.84
N VAL D 133 52.14 -9.64 3.08
CA VAL D 133 52.20 -8.19 3.22
C VAL D 133 51.50 -7.76 4.50
N GLU D 134 50.47 -8.50 4.90
CA GLU D 134 49.72 -8.15 6.10
C GLU D 134 50.49 -8.44 7.38
N LYS D 135 51.52 -9.28 7.33
CA LYS D 135 52.36 -9.49 8.49
C LYS D 135 53.35 -8.34 8.66
N VAL D 136 53.93 -7.88 7.56
CA VAL D 136 54.88 -6.77 7.65
C VAL D 136 54.16 -5.46 7.93
N LEU D 137 52.89 -5.34 7.54
CA LEU D 137 52.22 -4.07 7.71
C LEU D 137 51.58 -3.92 9.08
N TYR D 138 51.29 -5.03 9.76
CA TYR D 138 50.75 -4.99 11.11
C TYR D 138 51.73 -5.55 12.14
N PHE D 139 53.02 -5.45 11.84
CA PHE D 139 54.10 -5.67 12.80
C PHE D 139 54.11 -7.09 13.34
N GLU D 140 54.35 -8.05 12.45
CA GLU D 140 54.49 -9.43 12.91
C GLU D 140 55.61 -10.17 12.18
N SER D 141 56.35 -9.49 11.31
CA SER D 141 57.48 -10.11 10.64
C SER D 141 58.35 -9.00 10.07
N TYR D 142 59.49 -9.39 9.52
CA TYR D 142 60.40 -8.41 8.94
C TYR D 142 60.53 -8.62 7.44
N ILE D 143 61.04 -7.59 6.77
CA ILE D 143 61.43 -7.67 5.37
C ILE D 143 62.82 -7.07 5.28
N VAL D 144 63.62 -7.63 4.38
CA VAL D 144 64.93 -7.09 4.08
C VAL D 144 64.76 -6.06 2.98
N THR D 145 64.63 -4.79 3.36
CA THR D 145 64.61 -3.74 2.35
C THR D 145 65.83 -3.81 1.45
N ASP D 146 66.97 -4.19 2.01
CA ASP D 146 68.22 -4.40 1.27
C ASP D 146 68.99 -5.55 1.89
N PRO D 147 69.21 -6.66 1.17
CA PRO D 147 70.07 -7.73 1.69
C PRO D 147 71.53 -7.33 1.81
N GLY D 148 71.94 -6.25 1.14
CA GLY D 148 73.30 -5.75 1.21
C GLY D 148 74.31 -6.76 0.67
N MET D 149 75.59 -6.48 0.93
CA MET D 149 76.63 -7.45 0.62
C MET D 149 76.44 -8.75 1.39
N THR D 150 75.75 -8.69 2.53
CA THR D 150 75.30 -9.89 3.20
C THR D 150 74.57 -10.79 2.20
N PRO D 151 74.58 -12.10 2.39
CA PRO D 151 74.13 -13.00 1.33
C PRO D 151 72.64 -12.99 1.07
N LEU D 152 71.85 -12.30 1.89
CA LEU D 152 70.43 -12.54 2.03
C LEU D 152 69.66 -12.26 0.74
N GLU D 153 68.39 -12.61 0.75
CA GLU D 153 67.46 -12.23 -0.30
C GLU D 153 66.84 -10.89 0.05
N LYS D 154 66.00 -10.37 -0.84
CA LYS D 154 65.42 -9.04 -0.65
C LYS D 154 64.06 -9.12 0.04
N LYS D 155 63.08 -9.72 -0.61
CA LYS D 155 61.74 -9.76 -0.01
C LYS D 155 61.56 -11.06 0.78
N GLN D 156 62.43 -11.22 1.78
CA GLN D 156 62.42 -12.39 2.65
C GLN D 156 61.91 -12.01 4.03
N LEU D 157 61.06 -12.86 4.59
CA LEU D 157 60.39 -12.60 5.86
C LEU D 157 61.28 -13.09 6.99
N LEU D 158 61.91 -12.14 7.70
CA LEU D 158 62.69 -12.46 8.89
C LEU D 158 61.81 -12.37 10.12
N THR D 159 61.66 -13.48 10.84
CA THR D 159 61.02 -13.43 12.15
C THR D 159 61.83 -12.54 13.09
N ASP D 160 61.14 -11.66 13.82
CA ASP D 160 61.83 -10.78 14.75
C ASP D 160 62.71 -11.53 15.74
N GLU D 161 62.43 -12.81 15.99
CA GLU D 161 63.37 -13.65 16.72
C GLU D 161 64.47 -14.18 15.79
N GLU D 162 64.08 -14.73 14.64
CA GLU D 162 65.05 -15.11 13.62
C GLU D 162 65.74 -13.92 13.01
N TYR D 163 65.35 -12.70 13.39
CA TYR D 163 66.08 -11.49 13.05
C TYR D 163 67.49 -11.48 13.64
N ALA D 164 67.79 -12.38 14.57
CA ALA D 164 69.11 -12.51 15.17
C ALA D 164 69.82 -13.75 14.64
N GLU D 165 69.62 -14.04 13.36
CA GLU D 165 70.08 -15.29 12.77
C GLU D 165 71.58 -15.48 12.96
N ALA D 166 72.37 -14.47 12.62
CA ALA D 166 73.81 -14.46 12.86
C ALA D 166 74.24 -13.09 13.37
N LEU D 167 73.49 -12.54 14.32
CA LEU D 167 73.80 -11.22 14.85
C LEU D 167 75.18 -11.18 15.51
N GLU D 168 75.81 -12.34 15.70
CA GLU D 168 77.23 -12.42 16.00
C GLU D 168 78.09 -12.55 14.75
N ASN D 169 77.47 -12.59 13.56
CA ASN D 169 78.22 -12.56 12.31
C ASN D 169 77.59 -11.70 11.22
N TYR D 170 76.32 -11.29 11.34
CA TYR D 170 75.71 -10.44 10.32
C TYR D 170 75.76 -8.97 10.72
N GLY D 171 75.14 -8.62 11.85
CA GLY D 171 75.28 -7.29 12.40
C GLY D 171 74.62 -6.16 11.63
N TYR D 172 75.44 -5.34 11.00
CA TYR D 172 75.03 -4.09 10.36
C TYR D 172 75.45 -4.11 8.89
N GLU D 173 75.39 -2.94 8.27
CA GLU D 173 75.68 -2.75 6.84
C GLU D 173 74.67 -3.43 5.94
N PHE D 174 73.43 -3.57 6.43
CA PHE D 174 72.29 -3.92 5.62
C PHE D 174 71.05 -3.38 6.33
N GLU D 175 69.96 -3.24 5.59
CA GLU D 175 68.75 -2.65 6.14
C GLU D 175 67.62 -3.67 6.17
N ALA D 176 66.86 -3.62 7.25
CA ALA D 176 65.62 -4.37 7.39
C ALA D 176 64.78 -3.66 8.44
N SER D 177 63.46 -3.66 8.24
CA SER D 177 62.53 -3.03 9.17
C SER D 177 61.20 -3.74 9.08
N MET D 178 60.18 -3.14 9.68
CA MET D 178 58.82 -3.64 9.59
C MET D 178 57.88 -2.45 9.75
N GLY D 179 56.63 -2.66 9.39
CA GLY D 179 55.62 -1.61 9.48
C GLY D 179 55.16 -1.16 8.10
N ALA D 180 54.96 0.14 7.94
CA ALA D 180 54.59 0.71 6.66
C ALA D 180 55.73 1.43 5.98
N GLU D 181 56.77 1.84 6.73
CA GLU D 181 57.93 2.40 6.07
C GLU D 181 58.72 1.32 5.35
N ALA D 182 58.65 0.07 5.83
CA ALA D 182 59.23 -1.03 5.08
C ALA D 182 58.61 -1.12 3.70
N ILE D 183 57.28 -1.14 3.64
CA ILE D 183 56.59 -1.27 2.36
C ILE D 183 56.79 -0.03 1.51
N ARG D 184 56.78 1.15 2.13
CA ARG D 184 56.99 2.36 1.35
C ARG D 184 58.40 2.43 0.79
N ASP D 185 59.39 1.86 1.48
CA ASP D 185 60.74 1.83 0.94
C ASP D 185 60.89 0.77 -0.12
N LEU D 186 60.12 -0.32 -0.02
CA LEU D 186 60.11 -1.31 -1.09
C LEU D 186 59.45 -0.77 -2.35
N LEU D 187 58.49 0.14 -2.21
CA LEU D 187 57.84 0.71 -3.39
C LEU D 187 58.64 1.88 -3.95
N ALA D 188 59.15 2.75 -3.09
CA ALA D 188 59.80 3.97 -3.56
C ALA D 188 61.07 3.70 -4.33
N ASP D 189 61.66 2.52 -4.16
CA ASP D 189 62.86 2.13 -4.89
C ASP D 189 62.62 0.74 -5.45
N THR D 190 62.02 0.70 -6.64
CA THR D 190 61.72 -0.53 -7.36
C THR D 190 61.69 -0.15 -8.83
N ASP D 191 62.55 -0.78 -9.62
CA ASP D 191 62.82 -0.32 -10.97
C ASP D 191 61.76 -0.85 -11.93
N ILE D 192 60.83 0.02 -12.33
CA ILE D 192 59.70 -0.42 -13.12
C ILE D 192 60.14 -0.77 -14.54
N GLU D 193 60.97 0.07 -15.14
CA GLU D 193 61.48 -0.23 -16.47
C GLU D 193 62.26 -1.54 -16.47
N SER D 194 63.01 -1.81 -15.40
CA SER D 194 63.82 -3.02 -15.35
C SER D 194 62.98 -4.26 -15.08
N GLU D 195 61.92 -4.15 -14.28
CA GLU D 195 61.02 -5.29 -14.11
C GLU D 195 60.20 -5.55 -15.36
N ILE D 196 59.91 -4.51 -16.14
CA ILE D 196 59.33 -4.73 -17.46
C ILE D 196 60.35 -5.46 -18.35
N GLU D 197 61.61 -5.04 -18.26
CA GLU D 197 62.66 -5.70 -19.02
C GLU D 197 62.69 -7.18 -18.75
N LEU D 198 62.92 -7.56 -17.49
CA LEU D 198 63.02 -8.96 -17.12
C LEU D 198 61.68 -9.61 -16.89
N LEU D 199 60.58 -8.94 -17.24
CA LEU D 199 59.25 -9.53 -17.21
C LEU D 199 58.70 -9.78 -18.60
N GLN D 200 59.03 -8.91 -19.55
CA GLN D 200 58.71 -9.20 -20.94
C GLN D 200 59.59 -10.31 -21.49
N ALA D 201 60.75 -10.53 -20.86
CA ALA D 201 61.57 -11.68 -21.18
C ALA D 201 61.03 -12.95 -20.57
N GLU D 202 60.04 -12.85 -19.70
CA GLU D 202 59.43 -14.01 -19.06
C GLU D 202 58.06 -14.34 -19.64
N CYS D 203 57.49 -13.45 -20.45
CA CYS D 203 56.19 -13.69 -21.06
C CYS D 203 56.28 -14.05 -22.53
N GLU D 204 57.45 -13.88 -23.15
CA GLU D 204 57.67 -14.29 -24.53
C GLU D 204 57.56 -15.79 -24.73
N GLU D 205 57.46 -16.56 -23.65
CA GLU D 205 57.61 -18.00 -23.73
C GLU D 205 56.44 -18.69 -24.43
N SER D 206 55.26 -18.07 -24.43
CA SER D 206 54.07 -18.65 -25.06
C SER D 206 53.73 -20.01 -24.47
N LYS D 207 54.12 -20.21 -23.22
CA LYS D 207 53.90 -21.46 -22.50
C LYS D 207 52.68 -21.36 -21.60
N SER D 208 51.59 -20.76 -22.10
CA SER D 208 50.53 -20.25 -21.25
C SER D 208 49.77 -21.38 -20.58
N THR D 209 50.46 -22.10 -19.70
CA THR D 209 49.85 -23.15 -18.92
C THR D 209 49.44 -22.70 -17.53
N ALA D 210 50.41 -22.36 -16.69
CA ALA D 210 50.08 -22.03 -15.30
C ALA D 210 50.73 -20.74 -14.82
N LYS D 211 51.99 -20.51 -15.20
CA LYS D 211 52.70 -19.29 -14.83
C LYS D 211 52.52 -18.19 -15.84
N LYS D 212 52.29 -18.54 -17.10
CA LYS D 212 52.05 -17.51 -18.09
C LYS D 212 50.59 -17.13 -18.10
N GLU D 213 50.02 -16.94 -16.92
CA GLU D 213 48.83 -16.12 -16.67
C GLU D 213 49.00 -15.24 -15.45
N LYS D 214 49.65 -15.73 -14.41
CA LYS D 214 49.92 -14.93 -13.22
C LYS D 214 51.02 -13.91 -13.47
N ALA D 215 51.91 -14.18 -14.42
CA ALA D 215 52.93 -13.22 -14.77
C ALA D 215 52.40 -12.20 -15.76
N ILE D 216 51.21 -12.42 -16.30
CA ILE D 216 50.67 -11.52 -17.30
C ILE D 216 50.06 -10.29 -16.67
N LYS D 217 49.40 -10.45 -15.52
CA LYS D 217 48.76 -9.31 -14.86
C LYS D 217 49.77 -8.34 -14.26
N ARG D 218 50.89 -8.86 -13.76
CA ARG D 218 51.87 -8.01 -13.11
C ARG D 218 52.39 -6.93 -14.05
N LEU D 219 52.68 -7.27 -15.30
CA LEU D 219 53.19 -6.22 -16.17
C LEU D 219 52.09 -5.35 -16.73
N ARG D 220 50.86 -5.84 -16.81
CA ARG D 220 49.75 -4.93 -17.10
C ARG D 220 49.61 -3.89 -16.00
N LEU D 221 50.01 -4.23 -14.77
CA LEU D 221 50.00 -3.25 -13.70
C LEU D 221 51.22 -2.35 -13.73
N LEU D 222 52.42 -2.90 -13.97
CA LEU D 222 53.63 -2.10 -13.90
C LEU D 222 53.73 -1.09 -15.03
N GLU D 223 53.15 -1.39 -16.19
CA GLU D 223 53.15 -0.40 -17.26
C GLU D 223 52.12 0.69 -17.03
N THR D 224 51.17 0.46 -16.12
CA THR D 224 50.17 1.47 -15.81
C THR D 224 50.74 2.64 -15.04
N PHE D 225 51.80 2.43 -14.26
CA PHE D 225 52.42 3.51 -13.50
C PHE D 225 53.36 4.35 -14.33
N GLN D 226 54.05 3.74 -15.31
CA GLN D 226 54.92 4.50 -16.20
C GLN D 226 54.13 5.48 -17.06
N ALA D 227 52.84 5.18 -17.30
CA ALA D 227 52.07 5.92 -18.28
C ALA D 227 51.50 7.21 -17.70
N SER D 228 51.00 7.16 -16.47
CA SER D 228 50.24 8.28 -15.92
C SER D 228 51.16 9.32 -15.29
N GLY D 229 52.05 8.88 -14.41
CA GLY D 229 52.83 9.77 -13.56
C GLY D 229 52.68 9.47 -12.08
N ASN D 230 51.70 8.67 -11.70
CA ASN D 230 51.53 8.28 -10.31
C ASN D 230 52.67 7.37 -9.87
N LYS D 231 53.45 7.83 -8.89
CA LYS D 231 54.43 6.97 -8.26
C LYS D 231 53.71 5.91 -7.43
N PRO D 232 54.23 4.69 -7.37
CA PRO D 232 53.57 3.67 -6.56
C PRO D 232 53.65 3.92 -5.07
N GLU D 233 54.58 4.76 -4.63
CA GLU D 233 54.70 5.04 -3.20
C GLU D 233 53.59 5.93 -2.69
N TRP D 234 52.67 6.38 -3.55
CA TRP D 234 51.56 7.18 -3.10
C TRP D 234 50.42 6.34 -2.54
N MET D 235 50.49 5.03 -2.69
CA MET D 235 49.53 4.13 -2.06
C MET D 235 49.78 3.96 -0.58
N VAL D 236 50.66 4.77 -0.01
CA VAL D 236 50.96 4.77 1.42
C VAL D 236 50.94 6.22 1.89
N MET D 237 50.02 6.55 2.78
CA MET D 237 49.77 7.94 3.10
C MET D 237 50.74 8.45 4.15
N THR D 238 51.37 9.58 3.86
CA THR D 238 52.15 10.31 4.86
C THR D 238 51.43 11.55 5.36
N VAL D 239 50.19 11.76 4.95
CA VAL D 239 49.39 12.88 5.44
C VAL D 239 47.94 12.54 5.15
N LEU D 240 47.06 12.96 6.03
CA LEU D 240 45.65 12.67 5.95
C LEU D 240 44.86 13.94 5.71
N PRO D 241 43.86 13.95 4.83
CA PRO D 241 42.98 15.11 4.73
C PRO D 241 41.75 14.96 5.60
N VAL D 242 41.19 16.06 6.08
CA VAL D 242 39.96 16.03 6.86
C VAL D 242 38.89 16.81 6.11
N LEU D 243 37.75 16.16 5.90
CA LEU D 243 36.50 16.66 5.34
C LEU D 243 36.14 18.04 5.89
N PRO D 244 35.53 18.92 5.11
CA PRO D 244 35.06 20.18 5.67
C PRO D 244 34.10 19.92 6.81
N PRO D 245 33.98 20.87 7.74
CA PRO D 245 33.19 20.59 8.95
C PRO D 245 31.70 20.58 8.71
N ASP D 246 31.20 21.35 7.76
CA ASP D 246 29.77 21.41 7.49
C ASP D 246 29.24 20.21 6.78
N LEU D 247 30.06 19.19 6.57
CA LEU D 247 29.64 17.94 5.97
C LEU D 247 29.64 16.80 6.97
N ARG D 248 30.17 17.03 8.17
CA ARG D 248 30.04 16.14 9.33
C ARG D 248 29.56 17.05 10.45
N PRO D 249 28.26 17.35 10.48
CA PRO D 249 27.80 18.51 11.24
C PRO D 249 27.57 18.19 12.71
N LEU D 250 27.44 19.25 13.49
CA LEU D 250 27.27 19.14 14.93
C LEU D 250 26.00 19.87 15.35
N VAL D 251 24.89 19.51 14.72
CA VAL D 251 23.57 20.06 15.05
C VAL D 251 23.26 19.75 16.52
N PRO D 252 22.64 20.67 17.26
CA PRO D 252 22.25 20.38 18.64
C PRO D 252 21.07 19.42 18.71
N ILE D 253 20.68 19.13 19.94
CA ILE D 253 19.60 18.19 20.21
C ILE D 253 18.62 18.83 21.18
N GLU D 254 17.58 18.09 21.56
CA GLU D 254 16.55 18.59 22.47
C GLU D 254 17.04 18.42 23.90
N GLY D 255 17.54 19.51 24.50
CA GLY D 255 17.84 19.50 25.91
C GLY D 255 19.31 19.45 26.26
N GLY D 256 20.14 20.21 25.55
CA GLY D 256 21.56 20.28 25.87
C GLY D 256 22.30 19.00 25.56
N ARG D 257 22.40 18.69 24.27
CA ARG D 257 23.07 17.48 23.81
C ARG D 257 23.64 17.76 22.42
N PHE D 258 24.17 16.71 21.80
CA PHE D 258 24.73 16.79 20.46
C PHE D 258 24.61 15.44 19.79
N ALA D 259 23.87 15.38 18.68
CA ALA D 259 23.77 14.18 17.87
C ALA D 259 24.95 14.16 16.91
N THR D 260 26.14 13.95 17.44
CA THR D 260 27.34 14.10 16.64
C THR D 260 27.44 12.99 15.60
N SER D 261 28.43 13.14 14.72
CA SER D 261 28.61 12.21 13.62
C SER D 261 29.45 11.02 14.07
N ASP D 262 29.63 10.05 13.18
CA ASP D 262 30.65 9.02 13.35
C ASP D 262 31.94 9.39 12.64
N LEU D 263 31.93 10.43 11.82
CA LEU D 263 33.15 10.92 11.23
C LEU D 263 33.95 11.79 12.18
N ASN D 264 33.34 12.28 13.25
CA ASN D 264 34.10 12.96 14.28
C ASN D 264 34.65 11.99 15.32
N ASP D 265 33.91 10.91 15.60
CA ASP D 265 34.45 9.85 16.44
C ASP D 265 35.71 9.26 15.86
N LEU D 266 35.69 8.89 14.58
CA LEU D 266 36.83 8.28 13.93
C LEU D 266 37.95 9.27 13.61
N TYR D 267 37.66 10.56 13.55
CA TYR D 267 38.75 11.52 13.48
C TYR D 267 39.45 11.66 14.83
N ARG D 268 38.68 11.67 15.92
CA ARG D 268 39.28 11.78 17.24
C ARG D 268 40.10 10.53 17.58
N ARG D 269 39.58 9.36 17.23
CA ARG D 269 40.33 8.14 17.46
C ARG D 269 41.62 8.07 16.66
N VAL D 270 41.86 9.02 15.75
CA VAL D 270 43.10 9.05 15.00
C VAL D 270 44.03 10.13 15.52
N ILE D 271 43.48 11.29 15.86
CA ILE D 271 44.32 12.34 16.43
C ILE D 271 44.87 11.90 17.77
N ASN D 272 44.07 11.16 18.55
CA ASN D 272 44.51 10.78 19.89
C ASN D 272 45.50 9.62 19.88
N ARG D 273 45.72 8.99 18.74
CA ARG D 273 46.83 8.05 18.63
C ARG D 273 48.02 8.66 17.94
N ASN D 274 47.79 9.60 17.03
CA ASN D 274 48.89 10.34 16.43
C ASN D 274 49.68 11.10 17.49
N ASN D 275 48.99 11.90 18.31
CA ASN D 275 49.69 12.69 19.33
C ASN D 275 50.38 11.78 20.34
N ARG D 276 49.70 10.70 20.74
CA ARG D 276 50.27 9.79 21.71
C ARG D 276 51.57 9.18 21.20
N LEU D 277 51.55 8.63 19.99
CA LEU D 277 52.75 8.04 19.44
C LEU D 277 53.82 9.08 19.17
N LYS D 278 53.44 10.32 18.89
CA LYS D 278 54.45 11.35 18.70
C LYS D 278 55.23 11.60 19.98
N LYS D 279 54.54 11.90 21.08
CA LYS D 279 55.29 12.21 22.28
C LYS D 279 55.86 10.95 22.93
N LEU D 280 55.42 9.76 22.50
CA LEU D 280 56.15 8.55 22.86
C LEU D 280 57.45 8.43 22.08
N LEU D 281 57.46 8.84 20.82
CA LEU D 281 58.69 8.87 20.04
C LEU D 281 59.68 9.86 20.62
N ASP D 282 59.19 10.97 21.15
CA ASP D 282 60.11 11.99 21.67
C ASP D 282 60.93 11.47 22.84
N LEU D 283 60.38 10.61 23.68
CA LEU D 283 61.01 10.17 24.92
C LEU D 283 61.98 9.02 24.71
N ASN D 284 62.14 8.53 23.49
CA ASN D 284 62.83 7.28 23.21
C ASN D 284 62.29 6.15 24.07
N ALA D 285 60.97 6.04 24.09
CA ALA D 285 60.32 4.92 24.75
C ALA D 285 60.75 3.62 24.07
N PRO D 286 60.59 2.48 24.75
CA PRO D 286 61.04 1.22 24.17
C PRO D 286 60.35 0.92 22.85
N ASP D 287 61.00 0.06 22.05
CA ASP D 287 60.41 -0.31 20.78
C ASP D 287 59.24 -1.27 20.94
N ILE D 288 59.26 -2.08 22.00
CA ILE D 288 58.22 -3.08 22.19
C ILE D 288 56.86 -2.46 22.49
N ILE D 289 56.80 -1.16 22.76
CA ILE D 289 55.52 -0.51 22.97
C ILE D 289 55.29 0.54 21.89
N VAL D 290 56.37 1.12 21.37
CA VAL D 290 56.23 2.04 20.25
C VAL D 290 55.67 1.30 19.04
N ARG D 291 56.04 0.04 18.87
CA ARG D 291 55.46 -0.76 17.80
C ARG D 291 53.99 -1.04 18.07
N ASN D 292 53.63 -1.31 19.32
CA ASN D 292 52.23 -1.53 19.65
C ASN D 292 51.41 -0.29 19.38
N GLU D 293 51.99 0.88 19.59
CA GLU D 293 51.34 2.13 19.21
C GLU D 293 51.19 2.27 17.71
N LYS D 294 52.25 1.99 16.95
CA LYS D 294 52.20 2.11 15.50
C LYS D 294 51.15 1.20 14.89
N ARG D 295 51.03 -0.03 15.40
CA ARG D 295 49.97 -0.90 14.92
C ARG D 295 48.59 -0.37 15.26
N MET D 296 48.47 0.44 16.31
CA MET D 296 47.18 1.00 16.67
C MET D 296 46.86 2.24 15.85
N LEU D 297 47.88 3.02 15.48
CA LEU D 297 47.64 4.16 14.60
C LEU D 297 47.18 3.71 13.23
N GLN D 298 47.65 2.55 12.76
CA GLN D 298 47.27 2.07 11.44
C GLN D 298 45.83 1.61 11.41
N GLU D 299 45.41 0.83 12.40
CA GLU D 299 44.04 0.34 12.43
C GLU D 299 43.04 1.48 12.61
N ALA D 300 43.43 2.54 13.29
CA ALA D 300 42.55 3.69 13.41
C ALA D 300 42.29 4.34 12.06
N VAL D 301 43.31 4.42 11.21
CA VAL D 301 43.12 5.01 9.88
C VAL D 301 42.37 4.04 8.98
N ASP D 302 42.63 2.75 9.11
CA ASP D 302 41.86 1.82 8.30
C ASP D 302 40.38 1.86 8.66
N ALA D 303 40.05 2.14 9.92
CA ALA D 303 38.65 2.30 10.27
C ALA D 303 38.08 3.62 9.81
N LEU D 304 38.85 4.70 9.87
CA LEU D 304 38.39 5.96 9.31
C LEU D 304 38.09 5.84 7.84
N LEU D 305 38.85 5.04 7.11
CA LEU D 305 38.57 4.90 5.67
C LEU D 305 37.47 3.88 5.39
N ASP D 306 37.52 2.68 5.96
CA ASP D 306 36.31 1.87 6.10
C ASP D 306 36.49 0.73 7.08
N ASN D 307 35.64 0.65 8.10
CA ASN D 307 35.74 -0.43 9.07
C ASN D 307 34.91 -1.60 8.62
N GLY D 308 35.44 -2.80 8.85
CA GLY D 308 34.85 -4.04 8.38
C GLY D 308 35.71 -4.77 7.37
N ARG D 309 36.57 -4.04 6.66
CA ARG D 309 37.47 -4.65 5.68
C ARG D 309 38.43 -5.61 6.36
N ARG D 310 39.15 -5.14 7.37
CA ARG D 310 40.10 -5.98 8.09
C ARG D 310 39.72 -6.13 9.56
N GLY D 311 39.49 -5.04 10.27
CA GLY D 311 39.04 -5.10 11.63
C GLY D 311 37.72 -5.83 11.75
N ARG D 312 37.26 -5.97 13.00
CA ARG D 312 36.03 -6.71 13.17
C ARG D 312 34.80 -5.82 12.98
N ALA D 313 34.54 -4.92 13.93
CA ALA D 313 33.26 -4.25 13.93
C ALA D 313 33.34 -2.88 14.60
N VAL D 314 34.46 -2.17 14.45
CA VAL D 314 34.78 -1.06 15.35
C VAL D 314 33.54 -0.21 15.60
N THR D 315 33.15 -0.10 16.87
CA THR D 315 31.75 0.10 17.23
C THR D 315 31.60 1.31 18.14
N GLY D 316 30.41 1.88 18.12
CA GLY D 316 30.12 3.11 18.83
C GLY D 316 29.32 2.88 20.08
N SER D 317 28.58 3.93 20.49
CA SER D 317 27.84 3.87 21.74
C SER D 317 26.73 2.83 21.68
N ASN D 318 25.90 2.90 20.65
CA ASN D 318 24.74 2.02 20.60
C ASN D 318 25.06 0.67 19.96
N LYS D 319 26.17 0.06 20.34
CA LYS D 319 26.57 -1.29 19.90
C LYS D 319 26.40 -1.49 18.40
N ARG D 320 26.44 -0.40 17.63
CA ARG D 320 26.25 -0.43 16.19
C ARG D 320 27.50 0.10 15.50
N PRO D 321 28.05 -0.62 14.53
CA PRO D 321 29.35 -0.24 13.96
C PRO D 321 29.31 1.14 13.34
N LEU D 322 30.42 1.86 13.45
CA LEU D 322 30.49 3.23 13.00
C LEU D 322 30.52 3.29 11.48
N LYS D 323 30.02 4.39 10.93
CA LYS D 323 29.93 4.57 9.49
C LYS D 323 31.12 5.38 8.99
N SER D 324 31.88 4.79 8.09
CA SER D 324 33.16 5.32 7.64
C SER D 324 32.96 6.25 6.45
N LEU D 325 34.05 6.61 5.77
CA LEU D 325 33.94 7.40 4.57
C LEU D 325 33.56 6.55 3.36
N ALA D 326 33.99 5.30 3.33
CA ALA D 326 33.63 4.42 2.23
C ALA D 326 32.29 3.76 2.42
N ASP D 327 31.42 4.31 3.25
CA ASP D 327 30.04 3.91 3.35
C ASP D 327 29.09 5.03 2.99
N MET D 328 29.58 6.26 2.95
CA MET D 328 28.81 7.41 2.55
C MET D 328 28.81 7.61 1.05
N ILE D 329 29.37 6.66 0.29
CA ILE D 329 29.35 6.73 -1.16
C ILE D 329 28.93 5.41 -1.80
N LYS D 330 28.65 4.37 -1.04
CA LYS D 330 28.44 3.06 -1.62
C LYS D 330 27.13 2.47 -1.15
N GLY D 331 26.61 1.54 -1.95
CA GLY D 331 25.42 0.79 -1.59
C GLY D 331 24.14 1.56 -1.78
N LYS D 332 23.04 0.84 -1.53
CA LYS D 332 21.69 1.35 -1.76
C LYS D 332 21.40 2.66 -1.03
N GLN D 333 22.10 2.92 0.08
CA GLN D 333 21.85 4.12 0.86
C GLN D 333 23.03 5.08 0.84
N GLY D 334 23.90 4.99 -0.16
CA GLY D 334 25.03 5.86 -0.29
C GLY D 334 24.67 7.18 -0.94
N ARG D 335 25.62 7.76 -1.66
CA ARG D 335 25.41 9.04 -2.31
C ARG D 335 24.86 8.88 -3.72
N PHE D 336 25.38 7.91 -4.46
CA PHE D 336 24.99 7.75 -5.86
C PHE D 336 23.51 7.44 -5.95
N ARG D 337 23.11 6.26 -5.49
CA ARG D 337 21.71 6.05 -5.15
C ARG D 337 21.40 6.79 -3.88
N GLN D 338 20.16 7.23 -3.75
CA GLN D 338 19.60 7.96 -2.62
C GLN D 338 19.95 9.44 -2.62
N ASN D 339 20.87 9.91 -3.46
CA ASN D 339 21.05 11.35 -3.50
C ASN D 339 21.31 11.94 -4.86
N LEU D 340 21.83 11.19 -5.83
CA LEU D 340 22.19 11.75 -7.12
C LEU D 340 21.34 11.21 -8.26
N LEU D 341 20.84 10.00 -8.14
CA LEU D 341 19.74 9.51 -8.96
C LEU D 341 18.39 9.65 -8.25
N GLY D 342 18.33 10.44 -7.18
CA GLY D 342 17.23 10.49 -6.24
C GLY D 342 16.53 11.82 -6.16
N LYS D 343 16.89 12.66 -5.19
CA LYS D 343 16.40 14.03 -5.14
C LYS D 343 14.90 14.22 -4.88
N ARG D 344 14.48 14.16 -3.62
CA ARG D 344 13.23 14.81 -3.21
C ARG D 344 13.15 16.22 -3.79
N VAL D 345 11.92 16.63 -4.15
CA VAL D 345 11.69 17.83 -4.96
C VAL D 345 10.61 18.70 -4.35
N ASP D 346 10.61 19.98 -4.73
CA ASP D 346 9.57 20.90 -4.33
C ASP D 346 8.41 20.86 -5.31
N TYR D 347 7.42 21.73 -5.08
CA TYR D 347 6.25 21.82 -5.94
C TYR D 347 5.66 20.45 -6.20
N SER D 348 5.34 19.76 -5.10
CA SER D 348 5.03 18.35 -5.15
C SER D 348 4.05 18.03 -4.04
N GLY D 349 3.19 17.04 -4.27
CA GLY D 349 2.21 16.67 -3.28
C GLY D 349 1.77 15.24 -3.44
N ARG D 350 0.74 14.88 -2.70
CA ARG D 350 0.23 13.51 -2.65
C ARG D 350 -1.23 13.55 -2.26
N SER D 351 -1.93 12.43 -2.46
CA SER D 351 -3.29 12.24 -1.97
C SER D 351 -3.80 10.86 -2.33
N VAL D 352 -5.01 10.56 -1.96
CA VAL D 352 -5.66 9.33 -2.38
C VAL D 352 -6.41 9.63 -3.68
N ILE D 353 -6.57 8.60 -4.51
CA ILE D 353 -7.22 8.74 -5.81
C ILE D 353 -8.62 8.13 -5.72
N THR D 354 -9.60 8.83 -6.30
CA THR D 354 -10.97 8.36 -6.49
C THR D 354 -11.24 8.30 -7.99
N VAL D 355 -12.48 7.99 -8.38
CA VAL D 355 -12.76 7.50 -9.74
C VAL D 355 -13.19 8.62 -10.70
N GLY D 356 -14.11 9.48 -10.32
CA GLY D 356 -14.47 10.61 -11.16
C GLY D 356 -14.75 10.32 -12.62
N PRO D 357 -15.90 9.65 -12.93
CA PRO D 357 -16.12 9.14 -14.29
C PRO D 357 -16.76 10.10 -15.28
N SER D 358 -16.79 11.40 -14.98
CA SER D 358 -17.32 12.36 -15.92
C SER D 358 -16.21 13.24 -16.50
N LEU D 359 -14.99 12.74 -16.53
CA LEU D 359 -13.83 13.49 -17.00
C LEU D 359 -13.55 13.13 -18.44
N ARG D 360 -12.85 14.03 -19.12
CA ARG D 360 -12.33 13.74 -20.44
C ARG D 360 -10.91 13.21 -20.32
N LEU D 361 -10.52 12.34 -21.24
CA LEU D 361 -9.31 11.55 -21.09
C LEU D 361 -8.08 12.37 -20.76
N HIS D 362 -8.13 13.68 -20.99
CA HIS D 362 -7.00 14.55 -20.75
C HIS D 362 -7.11 15.35 -19.47
N GLU D 363 -7.89 14.87 -18.50
CA GLU D 363 -8.18 15.66 -17.31
C GLU D 363 -8.07 14.85 -16.04
N CYS D 364 -7.80 15.57 -14.95
CA CYS D 364 -7.74 15.01 -13.61
C CYS D 364 -8.44 15.97 -12.66
N GLY D 365 -8.90 15.45 -11.53
CA GLY D 365 -9.50 16.26 -10.49
C GLY D 365 -8.52 16.57 -9.38
N LEU D 366 -8.26 17.85 -9.17
CA LEU D 366 -7.24 18.32 -8.22
C LEU D 366 -7.89 19.12 -7.11
N PRO D 367 -7.75 18.74 -5.84
CA PRO D 367 -8.35 19.52 -4.75
C PRO D 367 -7.94 20.98 -4.74
N LYS D 368 -8.76 21.83 -4.16
CA LYS D 368 -8.39 23.24 -4.01
C LYS D 368 -7.27 23.41 -3.00
N LYS D 369 -7.29 22.59 -1.95
CA LYS D 369 -6.32 22.68 -0.88
C LYS D 369 -4.92 22.30 -1.32
N MET D 370 -4.80 21.28 -2.17
CA MET D 370 -3.50 20.94 -2.74
C MET D 370 -3.08 21.96 -3.78
N ALA D 371 -3.97 22.24 -4.73
CA ALA D 371 -3.62 23.14 -5.81
C ALA D 371 -3.30 24.55 -5.33
N LEU D 372 -3.72 24.92 -4.13
CA LEU D 372 -3.33 26.24 -3.65
C LEU D 372 -1.92 26.26 -3.11
N GLU D 373 -1.46 25.18 -2.49
CA GLU D 373 -0.06 25.09 -2.10
C GLU D 373 0.84 25.01 -3.33
N LEU D 374 0.58 24.03 -4.20
CA LEU D 374 1.48 23.74 -5.32
C LEU D 374 1.70 24.96 -6.21
N PHE D 375 0.68 25.79 -6.40
CA PHE D 375 0.74 26.94 -7.31
C PHE D 375 0.85 28.26 -6.57
N LYS D 376 1.60 28.33 -5.51
CA LYS D 376 1.55 29.47 -4.61
C LYS D 376 2.30 30.71 -5.11
N PRO D 377 3.52 30.59 -5.64
CA PRO D 377 4.17 31.79 -6.19
C PRO D 377 3.50 32.33 -7.44
N PHE D 378 2.95 31.45 -8.28
CA PHE D 378 2.15 31.91 -9.40
C PHE D 378 1.00 32.78 -8.92
N VAL D 379 0.36 32.38 -7.83
CA VAL D 379 -0.73 33.15 -7.27
C VAL D 379 -0.21 34.46 -6.68
N TYR D 380 0.96 34.46 -6.04
CA TYR D 380 1.49 35.72 -5.51
C TYR D 380 1.69 36.72 -6.64
N SER D 381 2.25 36.26 -7.76
CA SER D 381 2.50 37.16 -8.87
C SER D 381 1.20 37.64 -9.50
N LYS D 382 0.19 36.77 -9.59
CA LYS D 382 -1.05 37.18 -10.23
C LYS D 382 -1.89 38.07 -9.32
N LEU D 383 -1.73 37.95 -8.02
CA LEU D 383 -2.29 38.94 -7.11
C LEU D 383 -1.59 40.27 -7.33
N ARG D 384 -0.29 40.33 -7.08
CA ARG D 384 0.45 41.58 -7.19
C ARG D 384 0.43 42.16 -8.60
N LEU D 385 -0.04 41.41 -9.58
CA LEU D 385 -0.17 41.94 -10.93
C LEU D 385 -1.47 42.71 -11.09
N GLY D 386 -2.60 42.02 -10.93
CA GLY D 386 -3.91 42.62 -11.11
C GLY D 386 -4.39 43.46 -9.95
N GLY D 387 -3.48 44.22 -9.34
CA GLY D 387 -3.83 45.23 -8.37
C GLY D 387 -4.63 44.78 -7.16
N HIS D 388 -4.15 43.75 -6.46
CA HIS D 388 -4.77 43.32 -5.23
C HIS D 388 -3.87 43.55 -4.03
N ALA D 389 -2.57 43.23 -4.15
CA ALA D 389 -1.59 43.58 -3.15
C ALA D 389 -0.45 44.33 -3.81
N THR D 390 0.20 45.22 -3.07
CA THR D 390 1.31 45.98 -3.60
C THR D 390 2.63 45.24 -3.42
N THR D 391 3.00 44.95 -2.18
CA THR D 391 4.19 44.15 -1.94
C THR D 391 3.80 42.72 -1.58
N ILE D 392 4.73 41.79 -1.82
CA ILE D 392 4.41 40.37 -1.74
C ILE D 392 4.02 39.94 -0.33
N LYS D 393 4.22 40.79 0.68
CA LYS D 393 3.80 40.42 2.02
C LYS D 393 2.28 40.43 2.17
N GLN D 394 1.59 41.44 1.64
CA GLN D 394 0.14 41.46 1.75
C GLN D 394 -0.49 40.35 0.91
N ALA D 395 0.13 40.01 -0.22
CA ALA D 395 -0.35 38.89 -1.02
C ALA D 395 -0.15 37.58 -0.28
N LYS D 396 1.04 37.37 0.27
CA LYS D 396 1.29 36.22 1.12
C LYS D 396 0.29 36.15 2.26
N ARG D 397 -0.18 37.31 2.72
CA ARG D 397 -1.13 37.35 3.83
C ARG D 397 -2.53 36.98 3.38
N MET D 398 -2.99 37.52 2.25
CA MET D 398 -4.32 37.14 1.81
C MET D 398 -4.38 35.73 1.27
N VAL D 399 -3.24 35.08 1.02
CA VAL D 399 -3.32 33.69 0.60
C VAL D 399 -3.60 32.78 1.79
N GLU D 400 -3.12 33.14 2.98
CA GLU D 400 -3.37 32.30 4.15
C GLU D 400 -4.75 32.51 4.76
N LEU D 401 -5.34 33.69 4.61
CA LEU D 401 -6.72 33.89 5.04
C LEU D 401 -7.72 33.34 4.04
N GLU D 402 -7.25 32.89 2.87
CA GLU D 402 -8.09 32.24 1.85
C GLU D 402 -9.29 33.12 1.48
N GLU D 403 -8.98 34.28 0.92
CA GLU D 403 -10.01 35.24 0.56
C GLU D 403 -10.84 34.71 -0.61
N ALA D 404 -11.73 35.56 -1.10
CA ALA D 404 -12.60 35.18 -2.21
C ALA D 404 -11.99 35.47 -3.56
N VAL D 405 -11.16 36.52 -3.65
CA VAL D 405 -10.53 36.93 -4.89
C VAL D 405 -9.41 35.96 -5.23
N VAL D 406 -9.11 35.05 -4.30
CA VAL D 406 -8.00 34.13 -4.50
C VAL D 406 -8.44 32.86 -5.22
N TRP D 407 -9.65 32.39 -4.98
CA TRP D 407 -10.08 31.12 -5.55
C TRP D 407 -10.44 31.21 -7.02
N ASP D 408 -10.56 32.40 -7.58
CA ASP D 408 -10.74 32.53 -9.02
C ASP D 408 -9.44 32.83 -9.75
N ILE D 409 -8.55 33.57 -9.11
CA ILE D 409 -7.18 33.66 -9.59
C ILE D 409 -6.56 32.27 -9.70
N LEU D 410 -6.79 31.43 -8.69
CA LEU D 410 -6.28 30.06 -8.79
C LEU D 410 -6.92 29.30 -9.94
N GLU D 411 -8.15 29.64 -10.30
CA GLU D 411 -8.78 28.94 -11.42
C GLU D 411 -8.23 29.41 -12.75
N THR D 412 -7.80 30.66 -12.82
CA THR D 412 -7.23 31.15 -14.07
C THR D 412 -5.76 30.78 -14.20
N VAL D 413 -5.07 30.54 -13.09
CA VAL D 413 -3.64 30.25 -13.13
C VAL D 413 -3.40 28.80 -13.55
N ILE D 414 -4.22 27.88 -13.10
CA ILE D 414 -4.00 26.48 -13.39
C ILE D 414 -4.77 26.09 -14.64
N ASN D 415 -5.19 27.09 -15.42
CA ASN D 415 -6.09 26.83 -16.54
C ASN D 415 -5.49 25.85 -17.55
N GLU D 416 -4.45 26.29 -18.27
CA GLU D 416 -3.83 25.46 -19.29
C GLU D 416 -2.43 25.08 -18.85
N HIS D 417 -2.28 24.81 -17.57
CA HIS D 417 -1.00 24.49 -16.96
C HIS D 417 -1.06 23.05 -16.52
N PRO D 418 -0.37 22.13 -17.17
CA PRO D 418 -0.53 20.72 -16.86
C PRO D 418 0.23 20.31 -15.62
N VAL D 419 -0.03 19.08 -15.18
CA VAL D 419 0.66 18.49 -14.04
C VAL D 419 0.86 17.01 -14.35
N LEU D 420 1.90 16.42 -13.78
CA LEU D 420 2.17 15.01 -13.97
C LEU D 420 1.74 14.23 -12.72
N LEU D 421 1.21 13.04 -12.93
CA LEU D 421 0.80 12.18 -11.84
C LEU D 421 1.50 10.83 -11.98
N ASN D 422 1.96 10.29 -10.86
CA ASN D 422 2.82 9.13 -10.84
C ASN D 422 2.31 8.16 -9.79
N ARG D 423 2.54 6.87 -9.99
CA ARG D 423 2.14 5.88 -9.00
C ARG D 423 3.35 5.14 -8.45
N ALA D 424 3.07 4.14 -7.60
CA ALA D 424 4.05 3.78 -6.57
C ALA D 424 5.30 3.15 -7.15
N PRO D 425 5.26 1.93 -7.74
CA PRO D 425 6.39 1.54 -8.59
C PRO D 425 6.18 1.97 -10.03
N THR D 426 7.00 2.88 -10.55
CA THR D 426 6.92 3.29 -11.94
C THR D 426 7.56 2.19 -12.78
N LEU D 427 6.74 1.24 -13.24
CA LEU D 427 7.26 0.03 -13.86
C LEU D 427 7.63 0.25 -15.32
N HIS D 428 6.94 1.16 -16.01
CA HIS D 428 7.34 1.59 -17.33
C HIS D 428 6.96 3.05 -17.47
N ARG D 429 7.05 3.58 -18.68
CA ARG D 429 6.97 5.02 -18.85
C ARG D 429 5.54 5.53 -18.86
N LEU D 430 4.57 4.64 -18.93
CA LEU D 430 3.17 5.05 -18.80
C LEU D 430 2.76 5.31 -17.38
N GLY D 431 3.60 4.98 -16.40
CA GLY D 431 3.40 5.32 -15.02
C GLY D 431 3.55 6.77 -14.70
N ILE D 432 3.94 7.61 -15.65
CA ILE D 432 3.87 9.05 -15.52
C ILE D 432 3.12 9.56 -16.73
N GLN D 433 2.06 10.32 -16.50
CA GLN D 433 1.35 10.96 -17.59
C GLN D 433 0.94 12.34 -17.10
N ALA D 434 0.85 13.27 -18.03
CA ALA D 434 0.44 14.62 -17.71
C ALA D 434 -1.04 14.79 -17.97
N PHE D 435 -1.66 15.66 -17.20
CA PHE D 435 -3.10 15.87 -17.25
C PHE D 435 -3.37 17.35 -17.14
N GLU D 436 -4.56 17.70 -17.35
CA GLU D 436 -5.01 19.06 -17.14
C GLU D 436 -5.87 19.13 -15.90
N PRO D 437 -5.49 19.89 -14.89
CA PRO D 437 -6.24 19.92 -13.64
C PRO D 437 -7.46 20.81 -13.67
N ARG D 438 -8.51 20.35 -13.01
CA ARG D 438 -9.69 21.15 -12.74
C ARG D 438 -9.99 21.10 -11.26
N LEU D 439 -10.11 22.27 -10.63
CA LEU D 439 -10.30 22.33 -9.19
C LEU D 439 -11.59 21.64 -8.77
N ILE D 440 -11.47 20.66 -7.89
CA ILE D 440 -12.61 20.04 -7.25
C ILE D 440 -12.58 20.42 -5.79
N GLU D 441 -13.59 19.99 -5.05
CA GLU D 441 -13.56 20.11 -3.61
C GLU D 441 -13.67 18.75 -2.97
N GLY D 442 -13.01 18.60 -1.86
CA GLY D 442 -12.67 17.31 -1.31
C GLY D 442 -11.18 17.22 -1.16
N LYS D 443 -10.72 16.05 -0.76
CA LYS D 443 -9.31 15.87 -0.53
C LYS D 443 -8.69 14.73 -1.30
N ALA D 444 -9.42 14.11 -2.22
CA ALA D 444 -8.86 13.07 -3.05
C ALA D 444 -8.62 13.60 -4.46
N ILE D 445 -7.95 12.78 -5.26
CA ILE D 445 -7.70 13.07 -6.66
C ILE D 445 -8.60 12.18 -7.49
N GLN D 446 -9.24 12.77 -8.50
CA GLN D 446 -10.09 12.02 -9.41
C GLN D 446 -9.30 11.59 -10.63
N LEU D 447 -9.41 10.32 -10.98
CA LEU D 447 -8.62 9.73 -12.05
C LEU D 447 -9.54 9.12 -13.07
N HIS D 448 -9.40 9.54 -14.32
CA HIS D 448 -10.25 9.07 -15.41
C HIS D 448 -10.22 7.55 -15.50
N PRO D 449 -11.38 6.89 -15.65
CA PRO D 449 -11.42 5.43 -15.57
C PRO D 449 -10.59 4.68 -16.60
N LEU D 450 -10.13 5.33 -17.65
CA LEU D 450 -9.47 4.61 -18.73
C LEU D 450 -7.96 4.62 -18.64
N VAL D 451 -7.39 5.47 -17.78
CA VAL D 451 -5.94 5.57 -17.62
C VAL D 451 -5.50 4.76 -16.41
N CYS D 452 -6.33 3.82 -15.98
CA CYS D 452 -6.04 3.09 -14.76
C CYS D 452 -5.23 1.84 -15.02
N ALA D 453 -5.39 1.20 -16.17
CA ALA D 453 -4.62 0.00 -16.45
C ALA D 453 -3.20 0.35 -16.87
N ALA D 454 -2.99 1.58 -17.34
CA ALA D 454 -1.64 2.08 -17.53
C ALA D 454 -0.92 2.18 -16.20
N PHE D 455 -1.45 2.99 -15.29
CA PHE D 455 -0.89 3.16 -13.95
C PHE D 455 -0.94 1.90 -13.11
N ASN D 456 -1.72 0.90 -13.49
CA ASN D 456 -1.97 -0.30 -12.70
C ASN D 456 -2.69 0.03 -11.39
N ALA D 457 -3.53 1.06 -11.41
CA ALA D 457 -4.21 1.52 -10.21
C ALA D 457 -5.63 0.99 -10.14
N ASP D 458 -6.11 0.80 -8.91
CA ASP D 458 -7.54 0.70 -8.66
C ASP D 458 -7.85 1.54 -7.43
N PHE D 459 -9.07 1.46 -6.94
CA PHE D 459 -9.50 2.45 -5.95
C PHE D 459 -9.87 1.78 -4.64
N ASP D 460 -8.98 0.91 -4.16
CA ASP D 460 -9.11 0.32 -2.84
C ASP D 460 -8.01 0.81 -1.91
N GLY D 461 -7.42 1.95 -2.20
CA GLY D 461 -6.47 2.56 -1.28
C GLY D 461 -5.27 3.27 -1.86
N ASP D 462 -5.01 3.14 -3.17
CA ASP D 462 -3.75 3.61 -3.74
C ASP D 462 -3.65 5.12 -3.66
N GLN D 463 -2.43 5.63 -3.72
CA GLN D 463 -2.16 7.06 -3.71
C GLN D 463 -1.31 7.43 -4.90
N MET D 464 -1.09 8.72 -5.06
CA MET D 464 -0.42 9.24 -6.24
C MET D 464 0.27 10.54 -5.89
N ALA D 465 1.33 10.86 -6.63
CA ALA D 465 2.07 12.08 -6.43
C ALA D 465 1.84 13.02 -7.60
N VAL D 466 1.86 14.31 -7.30
CA VAL D 466 1.60 15.36 -8.27
C VAL D 466 2.83 16.25 -8.30
N HIS D 467 3.37 16.47 -9.48
CA HIS D 467 4.49 17.38 -9.67
C HIS D 467 4.06 18.46 -10.65
N VAL D 468 4.66 19.63 -10.53
CA VAL D 468 4.28 20.81 -11.30
C VAL D 468 5.47 21.19 -12.19
N PRO D 469 5.37 21.08 -13.51
CA PRO D 469 6.40 21.62 -14.39
C PRO D 469 6.43 23.14 -14.35
N LEU D 470 7.64 23.69 -14.24
CA LEU D 470 7.80 25.10 -13.93
C LEU D 470 8.18 25.98 -15.11
N THR D 471 8.80 25.43 -16.14
CA THR D 471 9.37 26.21 -17.24
C THR D 471 8.61 25.93 -18.53
N VAL D 472 8.70 26.86 -19.47
CA VAL D 472 7.91 26.74 -20.69
C VAL D 472 8.41 25.59 -21.53
N GLU D 473 9.70 25.25 -21.42
CA GLU D 473 10.22 24.09 -22.12
C GLU D 473 9.81 22.79 -21.45
N SER D 474 9.48 22.84 -20.17
CA SER D 474 8.92 21.68 -19.48
C SER D 474 7.40 21.67 -19.50
N GLN D 475 6.77 22.83 -19.62
CA GLN D 475 5.33 22.86 -19.82
C GLN D 475 4.95 22.39 -21.22
N LEU D 476 5.76 22.73 -22.23
CA LEU D 476 5.52 22.22 -23.58
C LEU D 476 5.87 20.75 -23.70
N GLU D 477 6.92 20.31 -23.03
CA GLU D 477 7.28 18.92 -22.99
C GLU D 477 6.22 18.08 -22.32
N ALA D 478 5.45 18.67 -21.41
CA ALA D 478 4.38 17.96 -20.74
C ALA D 478 3.21 17.73 -21.67
N ARG D 479 2.87 18.73 -22.48
CA ARG D 479 1.76 18.61 -23.40
C ARG D 479 2.12 17.75 -24.61
N VAL D 480 3.27 18.00 -25.21
CA VAL D 480 3.60 17.38 -26.49
C VAL D 480 3.97 15.92 -26.33
N LEU D 481 4.60 15.54 -25.24
CA LEU D 481 5.17 14.21 -25.10
C LEU D 481 4.48 13.33 -24.05
N MET D 482 4.19 13.85 -22.86
CA MET D 482 3.67 13.00 -21.79
C MET D 482 2.17 12.99 -21.68
N MET D 483 1.48 14.03 -22.14
CA MET D 483 0.03 14.16 -21.97
C MET D 483 -0.68 12.87 -22.34
N SER D 484 -1.71 12.53 -21.56
CA SER D 484 -2.27 11.19 -21.60
C SER D 484 -2.94 10.86 -22.92
N THR D 485 -3.18 11.85 -23.77
CA THR D 485 -3.85 11.63 -25.04
C THR D 485 -2.92 11.08 -26.10
N ASN D 486 -1.61 11.22 -25.92
CA ASN D 486 -0.62 10.70 -26.86
C ASN D 486 -0.28 9.26 -26.57
N ASN D 487 -0.53 8.79 -25.35
CA ASN D 487 -0.12 7.47 -24.91
C ASN D 487 -1.30 6.52 -25.11
N ILE D 488 -1.58 6.23 -26.37
CA ILE D 488 -2.72 5.42 -26.73
C ILE D 488 -2.37 3.95 -26.85
N LEU D 489 -1.17 3.64 -27.35
CA LEU D 489 -0.73 2.26 -27.52
C LEU D 489 0.48 1.97 -26.67
N SER D 490 0.65 0.69 -26.35
CA SER D 490 1.76 0.24 -25.56
C SER D 490 3.07 0.46 -26.31
N PRO D 491 4.17 0.76 -25.63
CA PRO D 491 5.47 0.74 -26.31
C PRO D 491 6.11 -0.63 -26.36
N ALA D 492 5.54 -1.64 -25.70
CA ALA D 492 6.13 -2.96 -25.73
C ALA D 492 5.50 -3.82 -26.83
N SER D 493 4.25 -3.55 -27.16
CA SER D 493 3.55 -4.11 -28.30
C SER D 493 2.92 -2.95 -29.05
N GLY D 494 2.02 -3.25 -29.96
CA GLY D 494 1.29 -2.13 -30.52
C GLY D 494 -0.09 -1.96 -29.96
N GLN D 495 -0.45 -2.81 -29.00
CA GLN D 495 -1.82 -2.93 -28.55
C GLN D 495 -2.27 -1.68 -27.79
N PRO D 496 -3.56 -1.40 -27.77
CA PRO D 496 -4.03 -0.19 -27.09
C PRO D 496 -4.09 -0.37 -25.59
N ILE D 497 -3.97 0.76 -24.89
CA ILE D 497 -4.02 0.77 -23.44
C ILE D 497 -5.23 1.51 -22.89
N ILE D 498 -6.10 2.03 -23.76
CA ILE D 498 -7.28 2.74 -23.30
C ILE D 498 -8.52 1.95 -23.66
N THR D 499 -8.39 0.66 -23.69
CA THR D 499 -9.53 -0.21 -23.95
C THR D 499 -10.43 -0.30 -22.72
N PRO D 500 -11.74 -0.07 -22.87
CA PRO D 500 -12.67 -0.27 -21.75
C PRO D 500 -12.56 -1.64 -21.13
N THR D 501 -12.73 -1.71 -19.81
CA THR D 501 -12.20 -2.84 -19.04
C THR D 501 -13.25 -3.72 -18.37
N GLN D 502 -14.07 -3.21 -17.46
CA GLN D 502 -14.83 -4.12 -16.59
C GLN D 502 -16.33 -3.96 -16.66
N ASP D 503 -16.86 -2.79 -16.33
CA ASP D 503 -18.29 -2.57 -16.41
C ASP D 503 -18.64 -1.54 -17.49
N ILE D 504 -17.64 -1.07 -18.22
CA ILE D 504 -17.91 -0.55 -19.55
C ILE D 504 -18.03 -1.69 -20.54
N VAL D 505 -17.31 -2.78 -20.34
CA VAL D 505 -17.43 -3.91 -21.24
C VAL D 505 -18.75 -4.62 -21.05
N LEU D 506 -19.31 -4.61 -19.84
CA LEU D 506 -20.54 -5.35 -19.60
C LEU D 506 -21.75 -4.63 -20.17
N GLY D 507 -21.78 -3.31 -20.12
CA GLY D 507 -22.90 -2.60 -20.70
C GLY D 507 -22.95 -2.76 -22.21
N LEU D 508 -21.81 -2.55 -22.86
CA LEU D 508 -21.72 -2.71 -24.31
C LEU D 508 -21.95 -4.15 -24.73
N TYR D 509 -21.57 -5.11 -23.91
CA TYR D 509 -21.89 -6.48 -24.24
C TYR D 509 -23.38 -6.75 -24.08
N TYR D 510 -24.01 -6.15 -23.08
CA TYR D 510 -25.41 -6.44 -22.80
C TYR D 510 -26.31 -5.91 -23.90
N ILE D 511 -26.15 -4.63 -24.26
CA ILE D 511 -27.13 -4.07 -25.18
C ILE D 511 -27.00 -4.60 -26.59
N THR D 512 -25.86 -5.18 -26.95
CA THR D 512 -25.63 -5.68 -28.31
C THR D 512 -25.91 -7.17 -28.45
N ARG D 513 -26.28 -7.86 -27.40
CA ARG D 513 -26.82 -9.19 -27.60
C ARG D 513 -28.21 -9.07 -28.22
N GLU D 514 -28.79 -10.21 -28.56
CA GLU D 514 -30.10 -10.20 -29.21
C GLU D 514 -30.96 -11.37 -28.77
N LYS D 515 -32.25 -11.08 -28.64
CA LYS D 515 -33.26 -12.05 -28.21
C LYS D 515 -34.19 -12.32 -29.37
N GLU D 516 -34.46 -13.60 -29.63
CA GLU D 516 -35.15 -13.98 -30.85
C GLU D 516 -36.56 -13.41 -30.95
N GLY D 517 -37.49 -13.91 -30.13
CA GLY D 517 -38.83 -13.37 -30.21
C GLY D 517 -39.01 -12.25 -29.21
N ALA D 518 -38.81 -11.02 -29.64
CA ALA D 518 -38.84 -9.87 -28.76
C ALA D 518 -39.92 -8.92 -29.19
N ARG D 519 -40.10 -7.85 -28.43
CA ARG D 519 -41.23 -6.96 -28.55
C ARG D 519 -40.83 -5.80 -29.43
N GLY D 520 -41.40 -5.74 -30.63
CA GLY D 520 -40.96 -4.82 -31.65
C GLY D 520 -40.07 -5.41 -32.71
N GLU D 521 -40.20 -6.70 -32.99
CA GLU D 521 -39.23 -7.41 -33.81
C GLU D 521 -39.61 -7.30 -35.28
N GLY D 522 -38.69 -6.77 -36.08
CA GLY D 522 -38.87 -6.63 -37.50
C GLY D 522 -39.19 -5.23 -37.95
N LYS D 523 -39.29 -4.27 -37.05
CA LYS D 523 -39.61 -2.92 -37.44
C LYS D 523 -38.56 -2.36 -38.38
N LEU D 524 -38.85 -1.19 -38.93
CA LEU D 524 -38.03 -0.60 -39.98
C LEU D 524 -37.78 0.84 -39.61
N PHE D 525 -36.54 1.18 -39.28
CA PHE D 525 -36.13 2.50 -38.88
C PHE D 525 -35.20 3.07 -39.93
N SER D 526 -35.03 4.38 -39.92
CA SER D 526 -34.26 5.04 -40.95
C SER D 526 -33.14 5.91 -40.41
N SER D 527 -32.86 5.87 -39.12
CA SER D 527 -31.92 6.80 -38.52
C SER D 527 -31.54 6.29 -37.15
N TYR D 528 -30.65 7.01 -36.47
CA TYR D 528 -30.45 6.77 -35.05
C TYR D 528 -31.47 7.52 -34.22
N GLU D 529 -31.87 8.71 -34.66
CA GLU D 529 -32.97 9.43 -34.01
C GLU D 529 -34.24 8.61 -33.95
N ASP D 530 -34.50 7.81 -34.97
CA ASP D 530 -35.69 6.96 -34.97
C ASP D 530 -35.62 5.90 -33.88
N VAL D 531 -34.54 5.13 -33.84
CA VAL D 531 -34.44 4.06 -32.85
C VAL D 531 -34.40 4.64 -31.45
N SER D 532 -33.77 5.80 -31.30
CA SER D 532 -33.76 6.44 -29.99
C SER D 532 -35.16 6.80 -29.57
N ARG D 533 -35.86 7.60 -30.38
CA ARG D 533 -37.21 8.03 -30.02
C ARG D 533 -38.12 6.86 -29.73
N ALA D 534 -38.00 5.78 -30.50
CA ALA D 534 -38.88 4.64 -30.30
C ALA D 534 -38.48 3.84 -29.07
N TYR D 535 -37.22 3.90 -28.67
CA TYR D 535 -36.78 3.16 -27.50
C TYR D 535 -37.15 3.87 -26.21
N ASN D 536 -37.03 5.19 -26.17
CA ASN D 536 -37.34 6.04 -25.02
C ASN D 536 -38.75 6.05 -24.68
N SER D 537 -39.59 5.32 -25.40
CA SER D 537 -41.02 5.27 -25.14
C SER D 537 -41.44 4.01 -24.43
N GLY D 538 -40.53 3.07 -24.21
CA GLY D 538 -40.89 1.87 -23.52
C GLY D 538 -41.64 0.85 -24.33
N THR D 539 -41.78 1.05 -25.63
CA THR D 539 -42.58 0.17 -26.46
C THR D 539 -41.78 -0.87 -27.21
N ILE D 540 -40.46 -0.78 -27.21
CA ILE D 540 -39.60 -1.68 -27.98
C ILE D 540 -38.47 -2.15 -27.09
N ASP D 541 -38.06 -3.41 -27.27
CA ASP D 541 -36.98 -3.98 -26.49
C ASP D 541 -35.64 -3.42 -26.92
N ILE D 542 -34.59 -3.74 -26.17
CA ILE D 542 -33.23 -3.39 -26.57
C ILE D 542 -32.51 -4.55 -27.21
N HIS D 543 -33.11 -5.73 -27.23
CA HIS D 543 -32.53 -6.91 -27.86
C HIS D 543 -33.34 -7.36 -29.05
N ALA D 544 -34.20 -6.50 -29.57
CA ALA D 544 -35.08 -6.85 -30.67
C ALA D 544 -34.38 -6.63 -32.00
N LYS D 545 -34.49 -7.61 -32.89
CA LYS D 545 -33.96 -7.48 -34.24
C LYS D 545 -34.80 -6.50 -35.04
N ILE D 546 -34.14 -5.59 -35.73
CA ILE D 546 -34.80 -4.58 -36.52
C ILE D 546 -34.13 -4.54 -37.89
N LYS D 547 -34.55 -3.58 -38.71
CA LYS D 547 -33.87 -3.25 -39.95
C LYS D 547 -33.59 -1.76 -39.96
N LEU D 548 -32.39 -1.40 -40.33
CA LEU D 548 -31.97 -0.01 -40.29
C LEU D 548 -31.39 0.37 -41.64
N ARG D 549 -31.54 1.62 -42.01
CA ARG D 549 -31.00 2.14 -43.25
C ARG D 549 -29.78 2.99 -42.93
N ILE D 550 -28.64 2.65 -43.53
CA ILE D 550 -27.39 3.35 -43.32
C ILE D 550 -26.96 4.01 -44.62
N ASP D 551 -26.15 5.05 -44.51
CA ASP D 551 -25.54 5.67 -45.68
C ASP D 551 -24.30 6.43 -45.20
N ARG D 552 -23.13 5.82 -45.35
CA ARG D 552 -21.93 6.38 -44.75
C ARG D 552 -20.72 5.98 -45.57
N GLN D 553 -19.64 6.73 -45.39
CA GLN D 553 -18.37 6.52 -46.08
C GLN D 553 -17.41 5.70 -45.22
N VAL D 554 -16.64 4.83 -45.86
CA VAL D 554 -15.79 3.87 -45.18
C VAL D 554 -14.43 3.81 -45.89
N PHE D 555 -13.38 4.25 -45.20
CA PHE D 555 -12.04 4.11 -45.73
C PHE D 555 -11.59 2.66 -45.59
N ASP D 556 -10.84 2.18 -46.57
CA ASP D 556 -10.34 0.81 -46.53
C ASP D 556 -8.82 0.82 -46.51
N THR D 557 -8.25 -0.37 -46.67
CA THR D 557 -6.83 -0.59 -46.41
C THR D 557 -5.95 0.31 -47.28
N LYS D 558 -6.23 0.38 -48.59
CA LYS D 558 -5.40 1.19 -49.46
C LYS D 558 -5.53 2.68 -49.17
N GLY D 559 -6.62 3.10 -48.53
CA GLY D 559 -6.87 4.50 -48.26
C GLY D 559 -8.02 5.08 -49.05
N ASN D 560 -8.58 4.34 -50.00
CA ASN D 560 -9.72 4.80 -50.75
C ASN D 560 -10.95 4.83 -49.85
N THR D 561 -12.01 5.45 -50.36
CA THR D 561 -13.22 5.71 -49.58
C THR D 561 -14.46 5.34 -50.39
N TYR D 562 -14.98 4.15 -50.17
CA TYR D 562 -16.21 3.74 -50.81
C TYR D 562 -17.41 4.16 -49.96
N ASN D 563 -18.60 3.77 -50.40
CA ASN D 563 -19.84 4.23 -49.82
C ASN D 563 -20.68 3.05 -49.37
N GLU D 564 -21.01 3.04 -48.08
CA GLU D 564 -21.79 1.98 -47.47
C GLU D 564 -23.24 2.42 -47.43
N LYS D 565 -24.12 1.65 -48.08
CA LYS D 565 -25.53 1.99 -48.19
C LYS D 565 -26.37 0.74 -47.96
N GLY D 566 -27.66 0.95 -47.86
CA GLY D 566 -28.59 -0.17 -47.86
C GLY D 566 -29.35 -0.29 -46.57
N VAL D 567 -29.97 -1.45 -46.38
CA VAL D 567 -30.81 -1.74 -45.24
C VAL D 567 -30.29 -3.02 -44.61
N VAL D 568 -29.73 -2.90 -43.40
CA VAL D 568 -29.06 -4.01 -42.74
C VAL D 568 -29.97 -4.58 -41.66
N ASN D 569 -29.70 -5.82 -41.26
CA ASN D 569 -30.41 -6.46 -40.18
C ASN D 569 -29.62 -6.30 -38.88
N THR D 570 -30.18 -5.56 -37.92
CA THR D 570 -29.47 -5.18 -36.72
C THR D 570 -30.22 -5.62 -35.47
N THR D 571 -29.83 -5.05 -34.34
CA THR D 571 -30.51 -5.16 -33.07
C THR D 571 -30.76 -3.74 -32.59
N VAL D 572 -31.76 -3.54 -31.74
CA VAL D 572 -32.03 -2.19 -31.26
C VAL D 572 -30.81 -1.61 -30.56
N GLY D 573 -30.07 -2.45 -29.84
CA GLY D 573 -28.98 -1.96 -29.02
C GLY D 573 -27.77 -1.55 -29.82
N ARG D 574 -27.40 -2.34 -30.83
CA ARG D 574 -26.31 -1.96 -31.72
C ARG D 574 -26.59 -0.64 -32.41
N ALA D 575 -27.77 -0.48 -32.98
CA ALA D 575 -28.12 0.74 -33.68
C ALA D 575 -28.14 1.96 -32.77
N LEU D 576 -28.21 1.78 -31.46
CA LEU D 576 -28.11 2.90 -30.53
C LEU D 576 -26.68 3.32 -30.31
N LEU D 577 -25.71 2.49 -30.72
CA LEU D 577 -24.31 2.84 -30.69
C LEU D 577 -23.85 3.53 -31.95
N LEU D 578 -24.67 3.52 -33.00
CA LEU D 578 -24.31 4.11 -34.27
C LEU D 578 -24.09 5.60 -34.19
N ASN D 579 -24.42 6.23 -33.07
CA ASN D 579 -24.25 7.67 -32.97
C ASN D 579 -22.82 8.06 -32.66
N ILE D 580 -22.03 7.16 -32.09
CA ILE D 580 -20.70 7.51 -31.64
C ILE D 580 -19.63 7.13 -32.66
N LEU D 581 -19.92 6.19 -33.55
CA LEU D 581 -19.01 5.85 -34.63
C LEU D 581 -18.66 7.09 -35.44
N PRO D 582 -17.39 7.34 -35.71
CA PRO D 582 -17.05 8.46 -36.59
C PRO D 582 -17.11 8.05 -38.05
N GLU D 583 -16.98 9.06 -38.91
CA GLU D 583 -17.02 8.84 -40.36
C GLU D 583 -15.67 8.32 -40.83
N GLY D 584 -15.69 7.15 -41.44
CA GLY D 584 -14.47 6.45 -41.78
C GLY D 584 -14.57 5.00 -41.39
N LEU D 585 -15.38 4.70 -40.40
CA LEU D 585 -15.51 3.35 -39.88
C LEU D 585 -16.85 2.75 -40.28
N SER D 586 -16.82 1.47 -40.62
CA SER D 586 -18.00 0.80 -41.13
C SER D 586 -18.85 0.27 -40.01
N PHE D 587 -20.16 0.26 -40.23
CA PHE D 587 -21.08 -0.24 -39.22
C PHE D 587 -20.93 -1.75 -39.00
N SER D 588 -20.09 -2.43 -39.76
CA SER D 588 -19.84 -3.84 -39.47
C SER D 588 -19.02 -4.02 -38.20
N LEU D 589 -18.36 -2.96 -37.73
CA LEU D 589 -17.62 -3.03 -36.48
C LEU D 589 -18.57 -3.16 -35.29
N LEU D 590 -19.64 -2.36 -35.27
CA LEU D 590 -20.59 -2.41 -34.17
C LEU D 590 -21.59 -3.54 -34.33
N ASN D 591 -21.82 -4.02 -35.54
CA ASN D 591 -22.88 -4.97 -35.75
C ASN D 591 -22.46 -6.37 -35.31
N LYS D 592 -22.00 -6.50 -34.06
CA LYS D 592 -21.71 -7.78 -33.45
C LYS D 592 -21.84 -7.61 -31.94
N VAL D 593 -21.52 -8.68 -31.21
CA VAL D 593 -21.86 -8.76 -29.78
C VAL D 593 -20.93 -7.99 -28.85
N LEU D 594 -19.77 -7.55 -29.31
CA LEU D 594 -18.96 -6.57 -28.57
C LEU D 594 -18.45 -7.11 -27.23
N VAL D 595 -17.77 -8.26 -27.31
CA VAL D 595 -16.91 -8.76 -26.25
C VAL D 595 -15.67 -7.87 -26.20
N LYS D 596 -14.81 -8.07 -25.19
CA LYS D 596 -13.67 -7.18 -24.97
C LYS D 596 -12.75 -7.10 -26.18
N LYS D 597 -12.49 -8.25 -26.81
CA LYS D 597 -11.63 -8.32 -27.98
C LYS D 597 -12.11 -7.39 -29.09
N GLU D 598 -13.42 -7.40 -29.36
CA GLU D 598 -13.95 -6.61 -30.44
C GLU D 598 -13.95 -5.12 -30.14
N ILE D 599 -14.05 -4.73 -28.88
CA ILE D 599 -13.94 -3.31 -28.58
C ILE D 599 -12.51 -2.84 -28.79
N SER D 600 -11.53 -3.68 -28.42
CA SER D 600 -10.14 -3.29 -28.68
C SER D 600 -9.88 -3.20 -30.17
N LYS D 601 -10.51 -4.06 -30.96
CA LYS D 601 -10.39 -3.99 -32.41
C LYS D 601 -10.99 -2.71 -32.96
N ILE D 602 -12.12 -2.27 -32.42
CA ILE D 602 -12.70 -0.99 -32.83
C ILE D 602 -11.72 0.14 -32.58
N ILE D 603 -11.05 0.11 -31.43
CA ILE D 603 -10.14 1.21 -31.10
C ILE D 603 -8.88 1.14 -31.96
N ASN D 604 -8.41 -0.07 -32.24
CA ASN D 604 -7.29 -0.26 -33.18
C ASN D 604 -7.59 0.38 -34.52
N GLN D 605 -8.70 -0.02 -35.14
CA GLN D 605 -9.06 0.53 -36.44
C GLN D 605 -9.24 2.03 -36.39
N ALA D 606 -9.89 2.55 -35.35
CA ALA D 606 -10.06 4.00 -35.28
C ALA D 606 -8.72 4.70 -35.25
N PHE D 607 -7.70 4.10 -34.62
CA PHE D 607 -6.40 4.76 -34.57
C PHE D 607 -5.66 4.66 -35.90
N ARG D 608 -5.67 3.48 -36.51
CA ARG D 608 -4.92 3.27 -37.74
C ARG D 608 -5.52 4.02 -38.92
N VAL D 609 -6.84 4.09 -38.99
CA VAL D 609 -7.50 4.67 -40.14
C VAL D 609 -7.81 6.15 -39.95
N LEU D 610 -8.00 6.61 -38.72
CA LEU D 610 -8.45 7.97 -38.48
C LEU D 610 -7.47 8.81 -37.68
N GLY D 611 -6.69 8.23 -36.78
CA GLY D 611 -5.64 8.97 -36.11
C GLY D 611 -5.89 9.10 -34.62
N GLY D 612 -5.41 10.20 -34.07
CA GLY D 612 -5.29 10.34 -32.63
C GLY D 612 -6.50 10.85 -31.88
N LYS D 613 -7.00 12.02 -32.23
CA LYS D 613 -8.14 12.56 -31.48
C LYS D 613 -9.44 11.83 -31.81
N ALA D 614 -9.60 11.34 -33.03
CA ALA D 614 -10.75 10.51 -33.32
C ALA D 614 -10.85 9.34 -32.36
N THR D 615 -9.72 8.73 -32.02
CA THR D 615 -9.71 7.58 -31.13
C THR D 615 -10.00 7.96 -29.69
N VAL D 616 -9.45 9.09 -29.23
CA VAL D 616 -9.71 9.52 -27.86
C VAL D 616 -11.07 10.15 -27.69
N VAL D 617 -11.80 10.38 -28.77
CA VAL D 617 -13.21 10.76 -28.67
C VAL D 617 -14.10 9.52 -28.69
N LEU D 618 -13.80 8.57 -29.58
CA LEU D 618 -14.54 7.33 -29.62
C LEU D 618 -14.44 6.57 -28.31
N ALA D 619 -13.28 6.61 -27.66
CA ALA D 619 -13.13 5.89 -26.39
C ALA D 619 -13.96 6.52 -25.29
N ASP D 620 -13.95 7.84 -25.19
CA ASP D 620 -14.80 8.52 -24.21
C ASP D 620 -16.26 8.17 -24.42
N LYS D 621 -16.72 8.18 -25.67
CA LYS D 621 -18.13 7.91 -25.91
C LYS D 621 -18.50 6.47 -25.60
N LEU D 622 -17.62 5.53 -25.92
CA LEU D 622 -17.86 4.15 -25.53
C LEU D 622 -17.89 4.01 -24.00
N MET D 623 -17.07 4.80 -23.31
CA MET D 623 -17.08 4.79 -21.85
C MET D 623 -18.43 5.23 -21.31
N TYR D 624 -18.91 6.37 -21.77
CA TYR D 624 -20.21 6.87 -21.30
C TYR D 624 -21.33 5.89 -21.60
N ALA D 625 -21.37 5.33 -22.81
CA ALA D 625 -22.45 4.42 -23.17
C ALA D 625 -22.42 3.15 -22.32
N GLY D 626 -21.23 2.60 -22.06
CA GLY D 626 -21.16 1.41 -21.24
C GLY D 626 -21.56 1.69 -19.80
N PHE D 627 -21.07 2.78 -19.24
CA PHE D 627 -21.45 3.17 -17.88
C PHE D 627 -22.95 3.35 -17.76
N LYS D 628 -23.58 3.90 -18.78
CA LYS D 628 -25.01 4.19 -18.71
C LYS D 628 -25.85 2.92 -18.86
N TYR D 629 -25.52 2.08 -19.81
CA TYR D 629 -26.38 0.93 -20.06
C TYR D 629 -26.06 -0.28 -19.20
N SER D 630 -24.99 -0.23 -18.41
CA SER D 630 -24.88 -1.26 -17.37
C SER D 630 -25.73 -0.90 -16.17
N THR D 631 -25.86 0.40 -15.87
CA THR D 631 -26.79 0.85 -14.86
C THR D 631 -28.21 0.53 -15.23
N LEU D 632 -28.71 1.15 -16.30
CA LEU D 632 -30.11 1.00 -16.67
C LEU D 632 -30.53 -0.45 -16.73
N SER D 633 -29.57 -1.34 -16.85
CA SER D 633 -29.81 -2.76 -16.87
C SER D 633 -30.13 -3.36 -15.52
N GLY D 634 -29.70 -2.72 -14.43
CA GLY D 634 -29.83 -3.28 -13.11
C GLY D 634 -29.25 -4.66 -12.99
N VAL D 635 -27.99 -4.84 -13.38
CA VAL D 635 -27.35 -6.15 -13.37
C VAL D 635 -26.73 -6.37 -12.00
N SER D 636 -26.96 -7.54 -11.44
CA SER D 636 -26.53 -7.85 -10.09
C SER D 636 -26.01 -9.27 -10.07
N VAL D 637 -25.81 -9.80 -8.87
CA VAL D 637 -25.38 -11.18 -8.68
C VAL D 637 -26.07 -11.69 -7.43
N GLY D 638 -26.70 -12.83 -7.53
CA GLY D 638 -27.32 -13.42 -6.37
C GLY D 638 -26.65 -14.73 -6.10
N VAL D 639 -27.27 -15.60 -5.31
CA VAL D 639 -26.67 -16.89 -5.04
C VAL D 639 -27.25 -17.97 -5.93
N ASP D 640 -28.32 -17.69 -6.65
CA ASP D 640 -28.91 -18.65 -7.56
C ASP D 640 -28.32 -18.56 -8.96
N ASP D 641 -27.49 -17.55 -9.22
CA ASP D 641 -26.72 -17.51 -10.45
C ASP D 641 -25.69 -18.62 -10.49
N MET D 642 -25.12 -18.96 -9.35
CA MET D 642 -24.20 -20.08 -9.23
C MET D 642 -25.03 -21.35 -9.26
N THR D 643 -25.29 -21.84 -10.47
CA THR D 643 -26.12 -23.03 -10.64
C THR D 643 -25.25 -24.27 -10.59
N ILE D 644 -25.55 -25.16 -9.65
CA ILE D 644 -24.78 -26.38 -9.43
C ILE D 644 -25.40 -27.48 -10.29
N PRO D 645 -24.62 -28.16 -11.13
CA PRO D 645 -25.21 -29.18 -12.02
C PRO D 645 -25.92 -30.27 -11.25
N ASP D 646 -26.80 -30.96 -11.95
CA ASP D 646 -27.60 -32.01 -11.35
C ASP D 646 -26.93 -33.37 -11.39
N ASN D 647 -25.88 -33.54 -12.18
CA ASN D 647 -25.14 -34.78 -12.21
C ASN D 647 -24.00 -34.83 -11.21
N LYS D 648 -23.74 -33.74 -10.48
CA LYS D 648 -22.55 -33.68 -9.66
C LYS D 648 -22.48 -34.83 -8.66
N GLU D 649 -23.59 -35.11 -7.98
CA GLU D 649 -23.55 -36.10 -6.91
C GLU D 649 -23.30 -37.49 -7.47
N ALA D 650 -23.90 -37.81 -8.61
CA ALA D 650 -23.64 -39.11 -9.24
C ALA D 650 -22.23 -39.21 -9.78
N LYS D 651 -21.73 -38.14 -10.40
CA LYS D 651 -20.34 -38.12 -10.84
C LYS D 651 -19.40 -38.43 -9.69
N ILE D 652 -19.58 -37.75 -8.56
CA ILE D 652 -18.68 -37.92 -7.43
C ILE D 652 -18.84 -39.28 -6.81
N GLU D 653 -20.05 -39.81 -6.74
CA GLU D 653 -20.21 -41.15 -6.18
C GLU D 653 -19.53 -42.19 -7.04
N GLU D 654 -19.55 -42.01 -8.36
CA GLU D 654 -18.86 -42.97 -9.22
C GLU D 654 -17.35 -42.85 -9.08
N ALA D 655 -16.84 -41.62 -8.94
CA ALA D 655 -15.41 -41.46 -8.65
C ALA D 655 -15.03 -42.16 -7.36
N GLU D 656 -15.90 -42.08 -6.35
CA GLU D 656 -15.62 -42.72 -5.07
C GLU D 656 -15.60 -44.23 -5.20
N LYS D 657 -16.55 -44.81 -5.94
CA LYS D 657 -16.52 -46.26 -6.11
C LYS D 657 -15.27 -46.71 -6.86
N GLU D 658 -14.83 -45.93 -7.83
CA GLU D 658 -13.59 -46.27 -8.51
C GLU D 658 -12.39 -46.18 -7.57
N ILE D 659 -12.35 -45.16 -6.70
CA ILE D 659 -11.27 -45.06 -5.72
C ILE D 659 -11.26 -46.28 -4.80
N LYS D 660 -12.44 -46.69 -4.34
CA LYS D 660 -12.52 -47.86 -3.49
C LYS D 660 -11.99 -49.10 -4.20
N GLN D 661 -12.26 -49.23 -5.50
CA GLN D 661 -11.72 -50.41 -6.16
C GLN D 661 -10.20 -50.32 -6.33
N ILE D 662 -9.66 -49.12 -6.52
CA ILE D 662 -8.20 -49.00 -6.62
C ILE D 662 -7.55 -49.44 -5.31
N THR D 663 -8.07 -48.98 -4.18
CA THR D 663 -7.47 -49.41 -2.92
C THR D 663 -7.77 -50.89 -2.64
N GLU D 664 -8.86 -51.41 -3.20
CA GLU D 664 -9.11 -52.85 -3.12
C GLU D 664 -8.02 -53.64 -3.81
N GLN D 665 -7.60 -53.16 -4.98
CA GLN D 665 -6.43 -53.75 -5.64
C GLN D 665 -5.22 -53.67 -4.73
N TYR D 666 -4.96 -52.49 -4.19
CA TYR D 666 -3.74 -52.26 -3.41
C TYR D 666 -3.66 -53.12 -2.16
N GLN D 667 -4.79 -53.47 -1.56
CA GLN D 667 -4.76 -54.27 -0.36
C GLN D 667 -4.33 -55.71 -0.61
N SER D 668 -4.43 -56.19 -1.85
CA SER D 668 -3.90 -57.50 -2.22
C SER D 668 -2.53 -57.41 -2.87
N SER D 669 -1.89 -56.24 -2.81
CA SER D 669 -0.50 -56.05 -3.25
C SER D 669 -0.32 -56.27 -4.75
N LEU D 670 -1.25 -55.74 -5.54
CA LEU D 670 -1.15 -55.83 -6.99
C LEU D 670 -0.57 -54.57 -7.62
N ILE D 671 -0.39 -53.50 -6.85
CA ILE D 671 0.27 -52.29 -7.33
C ILE D 671 0.71 -51.51 -6.10
N THR D 672 1.78 -50.71 -6.24
CA THR D 672 2.41 -50.11 -5.07
C THR D 672 2.29 -48.59 -5.04
N GLU D 673 2.82 -47.90 -6.03
CA GLU D 673 2.72 -46.45 -6.10
C GLU D 673 1.52 -45.99 -6.89
N ASN D 674 1.13 -46.72 -7.94
CA ASN D 674 -0.09 -46.37 -8.64
C ASN D 674 -1.34 -46.64 -7.81
N GLU D 675 -1.42 -47.79 -7.14
CA GLU D 675 -2.62 -48.14 -6.39
C GLU D 675 -2.80 -47.29 -5.14
N ARG D 676 -1.97 -46.28 -4.95
CA ARG D 676 -2.30 -45.23 -4.00
C ARG D 676 -1.82 -43.87 -4.50
N TYR D 677 -1.58 -43.71 -5.79
CA TYR D 677 -1.18 -42.42 -6.35
C TYR D 677 -1.11 -42.54 -7.86
N ASN D 678 -1.23 -41.40 -8.54
CA ASN D 678 -1.18 -41.30 -10.00
C ASN D 678 -2.37 -41.98 -10.65
N ASN D 679 -3.14 -42.73 -9.87
CA ASN D 679 -4.38 -43.35 -10.32
C ASN D 679 -5.58 -42.73 -9.64
N ILE D 680 -5.53 -42.61 -8.32
CA ILE D 680 -6.55 -41.89 -7.59
C ILE D 680 -6.51 -40.42 -7.98
N ILE D 681 -5.33 -39.86 -8.19
CA ILE D 681 -5.25 -38.46 -8.58
C ILE D 681 -5.76 -38.26 -9.99
N ASN D 682 -5.64 -39.27 -10.85
CA ASN D 682 -6.18 -39.12 -12.19
C ASN D 682 -7.69 -39.29 -12.21
N ILE D 683 -8.23 -40.20 -11.38
CA ILE D 683 -9.68 -40.27 -11.21
C ILE D 683 -10.22 -38.91 -10.78
N TRP D 684 -9.62 -38.31 -9.76
CA TRP D 684 -10.14 -37.03 -9.26
C TRP D 684 -9.91 -35.90 -10.25
N SER D 685 -8.79 -35.91 -10.98
CA SER D 685 -8.56 -34.85 -11.96
C SER D 685 -9.47 -34.96 -13.16
N LYS D 686 -9.95 -36.15 -13.47
CA LYS D 686 -10.90 -36.33 -14.57
C LYS D 686 -12.31 -35.94 -14.13
N THR D 687 -12.71 -36.37 -12.94
CA THR D 687 -14.02 -35.98 -12.42
C THR D 687 -14.13 -34.48 -12.19
N SER D 688 -13.04 -33.84 -11.77
CA SER D 688 -13.07 -32.39 -11.61
C SER D 688 -13.52 -31.71 -12.90
N ASP D 689 -13.01 -32.18 -14.05
CA ASP D 689 -13.32 -31.48 -15.29
C ASP D 689 -14.64 -31.94 -15.90
N GLU D 690 -15.06 -33.18 -15.67
CA GLU D 690 -16.42 -33.54 -16.04
C GLU D 690 -17.43 -32.67 -15.32
N VAL D 691 -17.21 -32.41 -14.03
CA VAL D 691 -18.14 -31.57 -13.28
C VAL D 691 -17.98 -30.10 -13.66
N GLY D 692 -16.79 -29.65 -14.01
CA GLY D 692 -16.66 -28.31 -14.55
C GLY D 692 -17.27 -28.12 -15.91
N ALA D 693 -17.44 -29.22 -16.66
CA ALA D 693 -18.13 -29.21 -17.94
C ALA D 693 -19.64 -29.19 -17.78
N SER D 694 -20.15 -30.02 -16.87
CA SER D 694 -21.58 -30.02 -16.59
C SER D 694 -22.07 -28.68 -16.08
N MET D 695 -21.21 -27.91 -15.44
CA MET D 695 -21.60 -26.66 -14.82
C MET D 695 -21.77 -25.54 -15.84
N MET D 696 -21.10 -25.61 -16.98
CA MET D 696 -21.30 -24.63 -18.02
C MET D 696 -22.46 -24.98 -18.96
N ASP D 697 -22.86 -26.23 -19.04
CA ASP D 697 -24.09 -26.59 -19.73
C ASP D 697 -25.33 -26.21 -18.94
N ALA D 698 -25.16 -25.58 -17.78
CA ALA D 698 -26.26 -25.16 -16.94
C ALA D 698 -26.28 -23.66 -16.72
N ILE D 699 -25.13 -23.01 -16.76
CA ILE D 699 -25.09 -21.56 -16.61
C ILE D 699 -25.12 -20.85 -17.95
N SER D 700 -24.96 -21.59 -19.05
CA SER D 700 -24.92 -21.02 -20.39
C SER D 700 -26.22 -21.21 -21.15
N LYS D 701 -26.78 -22.41 -21.11
CA LYS D 701 -28.02 -22.65 -21.79
C LYS D 701 -29.17 -22.09 -20.97
N ASP D 702 -30.34 -22.07 -21.60
CA ASP D 702 -31.56 -21.60 -20.97
C ASP D 702 -32.68 -22.47 -21.52
N THR D 703 -33.91 -22.06 -21.31
CA THR D 703 -35.04 -22.79 -21.88
C THR D 703 -36.22 -21.85 -22.00
N VAL D 704 -36.88 -21.88 -23.15
CA VAL D 704 -38.20 -21.31 -23.34
C VAL D 704 -38.99 -22.33 -24.13
N SER D 705 -40.30 -22.37 -23.90
CA SER D 705 -41.17 -23.31 -24.62
C SER D 705 -42.50 -22.69 -24.98
N ILE D 706 -42.55 -21.36 -25.13
CA ILE D 706 -43.83 -20.66 -25.09
C ILE D 706 -44.75 -21.13 -26.22
N ASN D 707 -44.37 -20.87 -27.45
CA ASN D 707 -45.19 -21.23 -28.61
C ASN D 707 -44.77 -22.59 -29.19
N GLY D 708 -44.82 -23.63 -28.35
CA GLY D 708 -44.16 -24.86 -28.72
C GLY D 708 -42.68 -24.64 -28.94
N GLU D 709 -42.10 -23.72 -28.16
CA GLU D 709 -40.77 -23.19 -28.43
C GLU D 709 -39.70 -23.90 -27.62
N LYS D 710 -39.97 -25.14 -27.20
CA LYS D 710 -39.13 -25.84 -26.23
C LYS D 710 -37.76 -26.18 -26.79
N LYS D 711 -36.79 -25.30 -26.52
CA LYS D 711 -35.43 -25.45 -27.03
C LYS D 711 -34.50 -24.62 -26.17
N GLU D 712 -33.21 -24.75 -26.41
CA GLU D 712 -32.17 -24.11 -25.61
C GLU D 712 -31.78 -22.79 -26.24
N ILE D 713 -31.76 -21.73 -25.44
CA ILE D 713 -31.31 -20.43 -25.89
C ILE D 713 -30.14 -20.00 -25.01
N GLU D 714 -29.30 -19.13 -25.55
CA GLU D 714 -28.20 -18.61 -24.76
C GLU D 714 -28.74 -17.83 -23.58
N SER D 715 -28.20 -18.11 -22.41
CA SER D 715 -28.69 -17.54 -21.16
C SER D 715 -28.29 -16.10 -21.01
N PHE D 716 -29.05 -15.38 -20.19
CA PHE D 716 -28.70 -14.05 -19.73
C PHE D 716 -28.31 -14.06 -18.26
N ASN D 717 -27.82 -15.19 -17.77
CA ASN D 717 -27.36 -15.30 -16.41
C ASN D 717 -26.29 -14.26 -16.15
N SER D 718 -26.26 -13.75 -14.93
CA SER D 718 -25.38 -12.63 -14.61
C SER D 718 -23.96 -13.09 -14.35
N VAL D 719 -23.77 -14.30 -13.85
CA VAL D 719 -22.43 -14.83 -13.65
C VAL D 719 -21.83 -15.24 -14.98
N TYR D 720 -22.63 -15.83 -15.85
CA TYR D 720 -22.16 -16.25 -17.16
C TYR D 720 -21.82 -15.04 -18.03
N MET D 721 -22.72 -14.07 -18.11
CA MET D 721 -22.49 -12.87 -18.90
C MET D 721 -21.28 -12.08 -18.43
N MET D 722 -20.80 -12.28 -17.22
CA MET D 722 -19.63 -11.53 -16.75
C MET D 722 -18.35 -12.17 -17.26
N ALA D 723 -18.33 -13.48 -17.38
CA ALA D 723 -17.19 -14.21 -17.91
C ALA D 723 -17.16 -14.18 -19.44
N LYS D 724 -18.27 -14.55 -20.09
CA LYS D 724 -18.33 -14.53 -21.55
C LYS D 724 -18.15 -13.14 -22.13
N SER D 725 -18.49 -12.11 -21.38
CA SER D 725 -18.16 -10.77 -21.80
C SER D 725 -16.67 -10.50 -21.83
N GLY D 726 -15.86 -11.32 -21.17
CA GLY D 726 -14.48 -10.96 -20.94
C GLY D 726 -14.30 -9.79 -20.01
N ALA D 727 -15.33 -9.43 -19.26
CA ALA D 727 -15.24 -8.28 -18.36
C ALA D 727 -14.49 -8.64 -17.09
N ARG D 728 -14.86 -9.74 -16.44
CA ARG D 728 -14.16 -10.17 -15.23
C ARG D 728 -14.52 -11.60 -14.91
N GLY D 729 -13.54 -12.48 -14.90
CA GLY D 729 -13.80 -13.83 -14.43
C GLY D 729 -13.32 -14.88 -15.41
N SER D 730 -12.90 -16.01 -14.87
CA SER D 730 -12.36 -17.07 -15.69
C SER D 730 -13.24 -18.29 -15.64
N TYR D 731 -12.78 -19.39 -16.23
CA TYR D 731 -13.55 -20.62 -16.18
C TYR D 731 -13.22 -21.43 -14.93
N ASN D 732 -11.99 -21.31 -14.43
CA ASN D 732 -11.65 -22.01 -13.19
C ASN D 732 -12.22 -21.30 -11.99
N GLN D 733 -12.14 -19.97 -11.97
CA GLN D 733 -12.77 -19.23 -10.89
C GLN D 733 -14.25 -19.51 -10.82
N MET D 734 -14.91 -19.56 -11.97
CA MET D 734 -16.31 -19.97 -12.00
C MET D 734 -16.48 -21.45 -11.70
N ARG D 735 -15.47 -22.26 -11.93
CA ARG D 735 -15.56 -23.69 -11.63
C ARG D 735 -15.52 -23.97 -10.14
N GLN D 736 -14.90 -23.09 -9.37
CA GLN D 736 -14.80 -23.28 -7.92
C GLN D 736 -16.00 -22.75 -7.17
N LEU D 737 -16.75 -21.81 -7.73
CA LEU D 737 -17.96 -21.29 -7.11
C LEU D 737 -19.12 -22.26 -7.22
N ALA D 738 -19.19 -23.03 -8.30
CA ALA D 738 -20.37 -23.85 -8.51
C ALA D 738 -20.07 -25.23 -9.05
N GLY D 739 -18.82 -25.66 -9.12
CA GLY D 739 -18.50 -27.00 -9.56
C GLY D 739 -17.95 -27.86 -8.44
N MET D 740 -16.63 -28.03 -8.42
CA MET D 740 -15.93 -28.60 -7.28
C MET D 740 -14.49 -28.15 -7.36
N ARG D 741 -13.86 -27.98 -6.21
CA ARG D 741 -12.53 -27.38 -6.17
C ARG D 741 -11.42 -28.36 -6.52
N GLY D 742 -11.70 -29.66 -6.50
CA GLY D 742 -10.76 -30.63 -7.02
C GLY D 742 -9.54 -30.88 -6.16
N LEU D 743 -8.37 -30.95 -6.78
CA LEU D 743 -7.15 -31.30 -6.06
C LEU D 743 -6.38 -30.06 -5.64
N MET D 744 -5.77 -30.17 -4.47
CA MET D 744 -4.95 -29.11 -3.90
C MET D 744 -3.52 -29.60 -3.77
N ALA D 745 -2.62 -28.69 -3.45
CA ALA D 745 -1.19 -28.96 -3.44
C ALA D 745 -0.63 -28.71 -2.06
N LYS D 746 0.14 -29.67 -1.54
CA LYS D 746 1.04 -29.32 -0.45
C LYS D 746 2.18 -28.49 -1.05
N PRO D 747 2.85 -27.67 -0.24
CA PRO D 747 3.74 -26.66 -0.84
C PRO D 747 4.86 -27.23 -1.67
N ASP D 748 5.39 -28.41 -1.31
CA ASP D 748 6.43 -29.03 -2.11
C ASP D 748 6.00 -29.25 -3.56
N GLY D 749 4.70 -29.44 -3.79
CA GLY D 749 4.15 -29.57 -5.13
C GLY D 749 3.30 -30.80 -5.34
N THR D 750 3.43 -31.83 -4.51
CA THR D 750 2.64 -33.02 -4.73
C THR D 750 1.18 -32.76 -4.41
N MET D 751 0.34 -33.66 -4.90
CA MET D 751 -1.10 -33.50 -4.81
C MET D 751 -1.63 -34.26 -3.60
N ILE D 752 -2.53 -33.63 -2.86
CA ILE D 752 -3.16 -34.28 -1.71
C ILE D 752 -4.23 -35.22 -2.23
N GLU D 753 -4.09 -36.50 -1.93
CA GLU D 753 -4.88 -37.57 -2.53
C GLU D 753 -6.39 -37.38 -2.41
N THR D 754 -6.86 -36.63 -1.42
CA THR D 754 -8.28 -36.49 -1.15
C THR D 754 -8.73 -35.12 -1.66
N ALA D 755 -9.62 -35.13 -2.64
CA ALA D 755 -10.00 -33.91 -3.33
C ALA D 755 -11.15 -33.23 -2.63
N ILE D 756 -11.18 -31.90 -2.73
CA ILE D 756 -12.29 -31.12 -2.24
C ILE D 756 -13.46 -31.32 -3.22
N THR D 757 -14.42 -32.15 -2.86
CA THR D 757 -15.59 -32.37 -3.68
C THR D 757 -16.70 -31.38 -3.40
N ALA D 758 -16.38 -30.20 -2.92
CA ALA D 758 -17.37 -29.18 -2.62
C ALA D 758 -16.89 -27.84 -3.14
N ASN D 759 -17.83 -26.98 -3.49
CA ASN D 759 -17.54 -25.67 -4.00
C ASN D 759 -17.86 -24.63 -2.94
N PHE D 760 -17.63 -23.36 -3.27
CA PHE D 760 -17.87 -22.31 -2.30
C PHE D 760 -19.34 -22.02 -2.08
N ARG D 761 -20.24 -22.65 -2.83
CA ARG D 761 -21.65 -22.34 -2.67
C ARG D 761 -22.27 -23.18 -1.57
N GLU D 762 -22.02 -24.49 -1.57
CA GLU D 762 -22.46 -25.30 -0.45
C GLU D 762 -21.58 -25.10 0.77
N GLY D 763 -20.33 -24.70 0.59
CA GLY D 763 -19.45 -24.42 1.70
C GLY D 763 -18.48 -25.54 1.96
N LEU D 764 -17.22 -25.22 2.21
CA LEU D 764 -16.22 -26.21 2.54
C LEU D 764 -16.32 -26.61 4.01
N SER D 765 -15.93 -27.84 4.32
CA SER D 765 -15.84 -28.24 5.71
C SER D 765 -14.54 -27.72 6.27
N VAL D 766 -14.15 -28.17 7.46
CA VAL D 766 -12.99 -27.56 8.12
C VAL D 766 -11.75 -28.35 7.75
N LEU D 767 -11.89 -29.66 7.57
CA LEU D 767 -10.79 -30.45 7.06
C LEU D 767 -10.56 -30.26 5.58
N GLN D 768 -11.50 -29.65 4.86
CA GLN D 768 -11.32 -29.28 3.47
C GLN D 768 -10.82 -27.87 3.35
N TYR D 769 -11.26 -26.99 4.22
CA TYR D 769 -10.74 -25.63 4.22
C TYR D 769 -9.32 -25.58 4.72
N PHE D 770 -8.88 -26.55 5.53
CA PHE D 770 -7.50 -26.55 5.99
C PHE D 770 -6.54 -26.82 4.85
N THR D 771 -6.78 -27.89 4.08
CA THR D 771 -5.86 -28.30 3.03
C THR D 771 -5.76 -27.31 1.89
N SER D 772 -6.61 -26.30 1.83
CA SER D 772 -6.51 -25.27 0.81
C SER D 772 -5.82 -24.02 1.31
N THR D 773 -5.27 -24.03 2.52
CA THR D 773 -4.52 -22.91 3.06
C THR D 773 -3.04 -23.02 2.76
N HIS D 774 -2.54 -24.23 2.52
CA HIS D 774 -1.16 -24.42 2.10
C HIS D 774 -0.89 -23.71 0.78
N GLY D 775 -1.72 -23.99 -0.23
CA GLY D 775 -1.56 -23.32 -1.50
C GLY D 775 -1.72 -21.82 -1.40
N ALA D 776 -2.67 -21.36 -0.59
CA ALA D 776 -2.92 -19.92 -0.46
C ALA D 776 -1.72 -19.21 0.16
N ARG D 777 -1.16 -19.78 1.23
CA ARG D 777 0.01 -19.17 1.84
C ARG D 777 1.21 -19.23 0.92
N LYS D 778 1.38 -20.35 0.20
CA LYS D 778 2.50 -20.48 -0.73
C LYS D 778 2.44 -19.41 -1.81
N GLY D 779 1.25 -19.19 -2.37
CA GLY D 779 1.09 -18.14 -3.35
C GLY D 779 1.39 -16.76 -2.79
N LEU D 780 0.82 -16.44 -1.63
CA LEU D 780 1.05 -15.12 -1.06
C LEU D 780 2.51 -14.91 -0.68
N ALA D 781 3.22 -15.98 -0.32
CA ALA D 781 4.62 -15.88 0.03
C ALA D 781 5.48 -15.69 -1.21
N ASP D 782 5.20 -16.43 -2.28
CA ASP D 782 5.87 -16.17 -3.55
C ASP D 782 5.69 -14.72 -3.99
N THR D 783 4.48 -14.19 -3.85
CA THR D 783 4.17 -12.89 -4.46
C THR D 783 5.07 -11.78 -3.96
N ALA D 784 5.43 -11.77 -2.68
CA ALA D 784 6.24 -10.69 -2.14
C ALA D 784 7.72 -11.00 -2.13
N LEU D 785 8.11 -12.27 -2.14
CA LEU D 785 9.51 -12.67 -2.24
C LEU D 785 9.94 -12.83 -3.69
N LYS D 786 9.31 -12.11 -4.60
CA LYS D 786 9.58 -12.18 -6.03
C LYS D 786 9.73 -10.83 -6.70
N THR D 787 9.10 -9.77 -6.18
CA THR D 787 9.24 -8.45 -6.77
C THR D 787 10.67 -7.94 -6.63
N ALA D 788 11.42 -8.46 -5.67
CA ALA D 788 12.84 -8.14 -5.57
C ALA D 788 13.63 -8.79 -6.69
N ASN D 789 13.30 -10.05 -7.00
CA ASN D 789 13.96 -10.75 -8.10
C ASN D 789 13.79 -10.03 -9.42
N ALA D 790 12.60 -9.51 -9.70
CA ALA D 790 12.29 -8.81 -10.92
C ALA D 790 12.77 -7.37 -10.94
N GLY D 791 12.74 -6.70 -9.79
CA GLY D 791 13.29 -5.35 -9.74
C GLY D 791 14.79 -5.33 -9.93
N TYR D 792 15.49 -6.35 -9.41
CA TYR D 792 16.92 -6.45 -9.66
C TYR D 792 17.20 -6.65 -11.15
N LEU D 793 16.49 -7.58 -11.78
CA LEU D 793 16.69 -7.80 -13.21
C LEU D 793 16.42 -6.54 -14.02
N THR D 794 15.35 -5.82 -13.68
CA THR D 794 15.06 -4.59 -14.40
C THR D 794 16.16 -3.56 -14.22
N ARG D 795 16.71 -3.46 -13.02
CA ARG D 795 17.75 -2.46 -12.84
C ARG D 795 19.01 -2.83 -13.59
N ARG D 796 19.38 -4.10 -13.60
CA ARG D 796 20.51 -4.52 -14.41
C ARG D 796 20.28 -4.19 -15.87
N LEU D 797 19.11 -4.54 -16.42
CA LEU D 797 18.83 -4.28 -17.82
C LEU D 797 18.89 -2.80 -18.15
N VAL D 798 18.40 -1.95 -17.26
CA VAL D 798 18.49 -0.53 -17.53
C VAL D 798 19.91 -0.02 -17.42
N ASP D 799 20.78 -0.68 -16.66
CA ASP D 799 22.17 -0.24 -16.67
C ASP D 799 22.98 -0.78 -17.82
N VAL D 800 22.59 -1.90 -18.43
CA VAL D 800 23.38 -2.37 -19.57
C VAL D 800 23.01 -1.62 -20.84
N ALA D 801 21.77 -1.21 -21.00
CA ALA D 801 21.27 -0.76 -22.29
C ALA D 801 20.93 0.73 -22.29
N GLN D 802 21.32 1.43 -21.24
CA GLN D 802 20.81 2.77 -20.99
C GLN D 802 21.19 3.76 -22.07
N ASP D 803 22.44 3.74 -22.53
CA ASP D 803 22.97 4.80 -23.39
C ASP D 803 22.76 4.53 -24.87
N LEU D 804 21.94 3.55 -25.21
CA LEU D 804 21.56 3.27 -26.59
C LEU D 804 20.48 4.26 -27.01
N VAL D 805 20.74 5.04 -28.05
CA VAL D 805 19.82 6.04 -28.56
C VAL D 805 19.87 5.95 -30.08
N VAL D 806 18.75 6.25 -30.72
CA VAL D 806 18.69 6.36 -32.17
C VAL D 806 19.21 7.72 -32.57
N ILE D 807 20.30 7.75 -33.35
CA ILE D 807 21.04 8.99 -33.58
C ILE D 807 21.19 9.34 -35.05
N GLU D 808 20.69 8.53 -35.98
CA GLU D 808 20.83 8.83 -37.40
C GLU D 808 19.82 8.02 -38.18
N GLU D 809 19.59 8.43 -39.43
CA GLU D 809 18.51 7.86 -40.21
C GLU D 809 18.88 6.54 -40.87
N ASP D 810 20.11 6.39 -41.34
CA ASP D 810 20.56 5.17 -41.97
C ASP D 810 22.06 5.02 -41.79
N CYS D 811 22.51 3.78 -41.68
CA CYS D 811 23.92 3.45 -41.55
C CYS D 811 24.47 2.80 -42.80
N GLY D 812 23.61 2.47 -43.76
CA GLY D 812 24.03 1.90 -45.02
C GLY D 812 24.29 0.42 -45.00
N THR D 813 24.11 -0.26 -43.88
CA THR D 813 24.41 -1.67 -43.83
C THR D 813 23.46 -2.46 -44.72
N ASP D 814 23.81 -3.73 -44.92
CA ASP D 814 22.98 -4.61 -45.75
C ASP D 814 22.93 -6.01 -45.16
N ASP D 815 23.14 -6.15 -43.87
CA ASP D 815 23.13 -7.43 -43.19
C ASP D 815 22.04 -7.45 -42.13
N GLY D 816 21.60 -8.63 -41.78
CA GLY D 816 20.50 -8.76 -40.85
C GLY D 816 20.38 -10.14 -40.29
N LEU D 817 19.15 -10.61 -40.13
CA LEU D 817 18.92 -11.95 -39.62
C LEU D 817 17.82 -12.61 -40.44
N MET D 818 17.86 -13.94 -40.48
CA MET D 818 16.83 -14.70 -41.17
C MET D 818 15.68 -14.94 -40.21
N PHE D 819 14.54 -14.31 -40.49
CA PHE D 819 13.34 -14.50 -39.71
C PHE D 819 12.49 -15.60 -40.32
N SER D 820 11.84 -16.37 -39.47
CA SER D 820 10.92 -17.40 -39.93
C SER D 820 9.73 -17.43 -38.98
N ALA D 821 8.93 -18.49 -39.05
CA ALA D 821 7.93 -18.75 -38.03
C ALA D 821 8.58 -19.53 -36.91
N ILE D 822 8.27 -19.17 -35.66
CA ILE D 822 8.87 -19.83 -34.50
C ILE D 822 7.95 -21.00 -34.16
N VAL D 823 8.16 -22.12 -34.85
CA VAL D 823 7.38 -23.32 -34.59
C VAL D 823 7.91 -24.00 -33.35
N GLU D 824 7.15 -24.95 -32.82
CA GLU D 824 7.53 -25.74 -31.65
C GLU D 824 8.28 -27.00 -32.03
N ASP D 825 8.37 -27.31 -33.33
CA ASP D 825 8.59 -28.59 -33.98
C ASP D 825 7.30 -29.37 -34.16
N GLY D 826 6.16 -28.87 -33.68
CA GLY D 826 4.90 -29.50 -34.00
C GLY D 826 3.96 -28.63 -34.79
N GLU D 827 3.94 -27.32 -34.50
CA GLU D 827 3.01 -26.42 -35.17
C GLU D 827 3.52 -24.99 -35.04
N VAL D 828 2.80 -24.08 -35.67
CA VAL D 828 3.36 -22.75 -35.98
C VAL D 828 3.62 -21.96 -34.72
N LYS D 829 2.58 -21.72 -33.92
CA LYS D 829 2.69 -21.05 -32.62
C LYS D 829 2.99 -19.55 -32.76
N VAL D 830 3.36 -19.11 -33.96
CA VAL D 830 3.49 -17.70 -34.30
C VAL D 830 3.76 -17.62 -35.80
N PRO D 831 3.09 -16.76 -36.53
CA PRO D 831 3.33 -16.66 -37.98
C PRO D 831 4.53 -15.78 -38.29
N LEU D 832 5.01 -15.91 -39.53
CA LEU D 832 6.02 -14.99 -40.02
C LEU D 832 5.47 -13.57 -40.07
N VAL D 833 4.24 -13.42 -40.55
CA VAL D 833 3.54 -12.17 -40.35
C VAL D 833 3.39 -12.02 -38.84
N GLU D 834 3.30 -10.78 -38.36
CA GLU D 834 3.31 -10.43 -36.94
C GLU D 834 4.71 -10.60 -36.35
N ARG D 835 5.62 -11.24 -37.07
CA ARG D 835 7.03 -11.23 -36.73
C ARG D 835 7.84 -10.32 -37.63
N ALA D 836 7.39 -10.09 -38.86
CA ALA D 836 8.07 -9.22 -39.81
C ALA D 836 7.38 -7.87 -39.96
N LEU D 837 6.33 -7.61 -39.21
CA LEU D 837 5.66 -6.32 -39.29
C LEU D 837 6.49 -5.28 -38.56
N GLY D 838 6.73 -4.16 -39.22
CA GLY D 838 7.52 -3.10 -38.65
C GLY D 838 9.01 -3.23 -38.87
N ARG D 839 9.49 -4.38 -39.31
CA ARG D 839 10.90 -4.62 -39.58
C ARG D 839 11.18 -4.38 -41.06
N THR D 840 12.27 -3.65 -41.35
CA THR D 840 12.62 -3.36 -42.74
C THR D 840 13.48 -4.47 -43.33
N LEU D 841 13.49 -4.55 -44.66
CA LEU D 841 14.15 -5.63 -45.38
C LEU D 841 15.60 -5.30 -45.64
N ALA D 842 16.45 -6.31 -45.54
CA ALA D 842 17.86 -6.17 -45.85
C ALA D 842 18.21 -6.76 -47.20
N ALA D 843 17.46 -7.75 -47.65
CA ALA D 843 17.62 -8.38 -48.94
C ALA D 843 16.28 -8.39 -49.67
N ASP D 844 16.35 -8.54 -50.98
CA ASP D 844 15.14 -8.67 -51.78
C ASP D 844 14.46 -10.00 -51.47
N VAL D 845 13.19 -10.07 -51.86
CA VAL D 845 12.30 -11.12 -51.37
C VAL D 845 11.71 -11.89 -52.55
N VAL D 846 12.55 -12.12 -53.56
CA VAL D 846 12.21 -12.85 -54.79
C VAL D 846 11.40 -14.11 -54.51
N THR D 847 10.38 -14.35 -55.33
CA THR D 847 9.49 -15.49 -55.17
C THR D 847 10.06 -16.73 -55.85
N GLU D 848 9.40 -17.87 -55.62
CA GLU D 848 9.90 -19.16 -56.09
C GLU D 848 9.93 -19.27 -57.60
N LYS D 849 9.05 -18.57 -58.30
CA LYS D 849 9.10 -18.59 -59.76
C LYS D 849 10.24 -17.73 -60.30
N GLY D 850 10.56 -16.63 -59.64
CA GLY D 850 11.69 -15.83 -60.06
C GLY D 850 11.56 -14.34 -59.93
N VAL D 851 10.33 -13.83 -59.87
CA VAL D 851 10.09 -12.39 -59.83
C VAL D 851 10.10 -11.93 -58.37
N VAL D 852 10.49 -10.68 -58.15
CA VAL D 852 10.56 -10.14 -56.80
C VAL D 852 9.30 -9.34 -56.52
N LEU D 853 8.94 -9.24 -55.23
CA LEU D 853 7.81 -8.44 -54.82
C LEU D 853 8.23 -7.14 -54.15
N LEU D 854 9.20 -7.20 -53.24
CA LEU D 854 9.58 -6.05 -52.46
C LEU D 854 11.09 -5.88 -52.54
N GLU D 855 11.53 -4.65 -52.82
CA GLU D 855 12.95 -4.38 -52.84
C GLU D 855 13.49 -4.34 -51.42
N ALA D 856 14.81 -4.30 -51.31
CA ALA D 856 15.45 -4.16 -50.02
C ALA D 856 15.32 -2.73 -49.55
N GLY D 857 15.03 -2.55 -48.27
CA GLY D 857 14.89 -1.24 -47.69
C GLY D 857 13.47 -0.75 -47.50
N THR D 858 12.48 -1.62 -47.66
CA THR D 858 11.09 -1.23 -47.47
C THR D 858 10.65 -1.51 -46.05
N LEU D 859 10.20 -0.47 -45.36
CA LEU D 859 9.58 -0.64 -44.05
C LEU D 859 8.31 -1.45 -44.20
N LEU D 860 8.32 -2.67 -43.71
CA LEU D 860 7.12 -3.49 -43.80
C LEU D 860 6.05 -2.90 -42.90
N ASP D 861 4.84 -2.80 -43.41
CA ASP D 861 3.67 -2.45 -42.63
C ASP D 861 2.54 -3.40 -42.98
N GLU D 862 1.36 -3.12 -42.47
CA GLU D 862 0.24 -4.05 -42.63
C GLU D 862 -0.19 -4.17 -44.08
N ASN D 863 0.09 -3.17 -44.90
CA ASN D 863 -0.26 -3.18 -46.32
C ASN D 863 0.82 -3.79 -47.18
N LEU D 864 1.79 -4.48 -46.59
CA LEU D 864 2.85 -5.15 -47.34
C LEU D 864 3.20 -6.51 -46.79
N VAL D 865 2.60 -6.94 -45.68
CA VAL D 865 2.92 -8.26 -45.13
C VAL D 865 1.93 -9.31 -45.59
N GLU D 866 0.82 -8.91 -46.21
CA GLU D 866 -0.04 -9.88 -46.88
C GLU D 866 0.63 -10.46 -48.10
N LEU D 867 1.47 -9.69 -48.79
CA LEU D 867 2.24 -10.20 -49.92
C LEU D 867 3.19 -11.29 -49.48
N LEU D 868 3.62 -11.28 -48.23
CA LEU D 868 4.51 -12.33 -47.74
C LEU D 868 3.76 -13.64 -47.55
N ASP D 869 2.49 -13.56 -47.19
CA ASP D 869 1.71 -14.76 -46.90
C ASP D 869 0.85 -15.19 -48.07
N ASP D 870 0.44 -14.26 -48.93
CA ASP D 870 -0.32 -14.58 -50.12
C ASP D 870 0.54 -15.17 -51.22
N ASN D 871 1.84 -14.89 -51.19
CA ASN D 871 2.75 -15.40 -52.21
C ASN D 871 3.64 -16.51 -51.69
N GLY D 872 3.31 -17.11 -50.55
CA GLY D 872 3.99 -18.32 -50.11
C GLY D 872 5.42 -18.16 -49.65
N ILE D 873 5.80 -16.99 -49.17
CA ILE D 873 7.17 -16.76 -48.70
C ILE D 873 7.26 -17.13 -47.24
N ASP D 874 8.39 -17.67 -46.82
CA ASP D 874 8.52 -18.18 -45.46
C ASP D 874 9.88 -17.92 -44.81
N MET D 875 10.74 -17.09 -45.41
CA MET D 875 11.97 -16.70 -44.75
C MET D 875 12.50 -15.43 -45.39
N ILE D 876 12.60 -14.35 -44.62
CA ILE D 876 13.06 -13.07 -45.11
C ILE D 876 14.23 -12.63 -44.24
N LYS D 877 14.97 -11.63 -44.74
CA LYS D 877 16.18 -11.16 -44.09
C LYS D 877 16.00 -9.71 -43.66
N VAL D 878 15.76 -9.50 -42.38
CA VAL D 878 15.36 -8.21 -41.85
C VAL D 878 16.57 -7.50 -41.26
N ARG D 879 16.54 -6.17 -41.31
CA ARG D 879 17.64 -5.37 -40.80
C ARG D 879 17.52 -5.31 -39.29
N SER D 880 18.28 -6.15 -38.60
CA SER D 880 18.24 -6.27 -37.15
C SER D 880 19.11 -5.20 -36.50
N PRO D 881 18.92 -4.94 -35.20
CA PRO D 881 19.84 -4.04 -34.50
C PRO D 881 21.06 -4.72 -33.89
N ILE D 882 21.15 -6.05 -33.90
CA ILE D 882 22.41 -6.69 -33.54
C ILE D 882 23.45 -6.43 -34.61
N THR D 883 23.02 -6.09 -35.81
CA THR D 883 23.89 -5.98 -36.98
C THR D 883 24.00 -4.56 -37.50
N CYS D 884 23.53 -3.57 -36.75
CA CYS D 884 23.66 -2.20 -37.20
C CYS D 884 25.12 -1.82 -37.20
N LYS D 885 25.49 -0.88 -38.06
CA LYS D 885 26.87 -0.46 -38.21
C LYS D 885 27.15 0.89 -37.56
N THR D 886 26.22 1.39 -36.76
CA THR D 886 26.40 2.67 -36.13
C THR D 886 27.24 2.50 -34.88
N ARG D 887 28.06 3.50 -34.60
CA ARG D 887 28.98 3.49 -33.47
C ARG D 887 28.38 4.32 -32.35
N ARG D 888 28.21 3.72 -31.18
CA ARG D 888 27.67 4.39 -30.00
C ARG D 888 26.25 4.90 -30.27
N GLY D 889 25.42 4.02 -30.80
CA GLY D 889 24.06 4.38 -31.13
C GLY D 889 23.47 3.37 -32.09
N LEU D 890 22.27 3.69 -32.56
CA LEU D 890 21.56 2.91 -33.55
C LEU D 890 21.08 3.84 -34.66
N CYS D 891 20.54 3.25 -35.72
CA CYS D 891 19.95 4.01 -36.80
C CYS D 891 18.48 3.64 -36.91
N ALA D 892 17.71 4.56 -37.50
CA ALA D 892 16.26 4.38 -37.54
C ALA D 892 15.84 3.24 -38.43
N LYS D 893 16.61 2.93 -39.47
CA LYS D 893 16.22 1.89 -40.39
C LYS D 893 16.57 0.49 -39.92
N CYS D 894 17.42 0.35 -38.93
CA CYS D 894 17.68 -0.95 -38.35
C CYS D 894 16.77 -1.25 -37.16
N TYR D 895 16.25 -0.23 -36.51
CA TYR D 895 15.26 -0.42 -35.45
C TYR D 895 13.90 -0.80 -36.04
N GLY D 896 13.35 0.05 -36.89
CA GLY D 896 12.11 -0.27 -37.55
C GLY D 896 10.97 0.65 -37.16
N ARG D 897 9.87 0.09 -36.69
CA ARG D 897 8.72 0.91 -36.31
C ARG D 897 8.79 1.29 -34.84
N ASP D 898 8.00 2.29 -34.47
CA ASP D 898 8.03 2.86 -33.13
C ASP D 898 7.21 2.07 -32.13
N LEU D 899 6.22 1.30 -32.59
CA LEU D 899 5.43 0.40 -31.76
C LEU D 899 4.47 1.15 -30.84
N ALA D 900 4.63 2.45 -30.74
CA ALA D 900 3.72 3.30 -29.98
C ALA D 900 3.21 4.47 -30.79
N ARG D 901 3.78 4.74 -31.95
CA ARG D 901 3.24 5.68 -32.91
C ARG D 901 2.83 4.99 -34.20
N GLU D 902 3.17 3.71 -34.35
CA GLU D 902 2.90 2.94 -35.57
C GLU D 902 3.52 3.59 -36.80
N ARG D 903 4.74 4.08 -36.65
CA ARG D 903 5.47 4.78 -37.70
C ARG D 903 6.90 4.27 -37.64
N GLN D 904 7.82 4.97 -38.28
CA GLN D 904 9.24 4.69 -38.12
C GLN D 904 9.81 5.59 -37.03
N VAL D 905 10.85 5.10 -36.37
CA VAL D 905 11.41 5.82 -35.23
C VAL D 905 11.95 7.17 -35.64
N ASN D 906 12.06 8.05 -34.66
CA ASN D 906 12.62 9.38 -34.84
C ASN D 906 14.06 9.39 -34.34
N VAL D 907 14.78 10.43 -34.72
CA VAL D 907 16.16 10.61 -34.28
C VAL D 907 16.14 11.25 -32.91
N GLY D 908 16.76 10.58 -31.94
CA GLY D 908 16.75 11.00 -30.57
C GLY D 908 15.87 10.19 -29.66
N GLU D 909 15.39 9.05 -30.10
CA GLU D 909 14.43 8.27 -29.34
C GLU D 909 15.19 7.19 -28.58
N SER D 910 15.13 7.26 -27.26
CA SER D 910 15.93 6.42 -26.38
C SER D 910 15.41 5.00 -26.34
N VAL D 911 15.89 4.15 -27.25
CA VAL D 911 15.38 2.79 -27.36
C VAL D 911 15.91 1.89 -26.25
N GLY D 912 16.92 2.33 -25.50
CA GLY D 912 17.52 1.46 -24.50
C GLY D 912 16.67 1.33 -23.26
N VAL D 913 16.28 2.46 -22.66
CA VAL D 913 15.40 2.41 -21.50
C VAL D 913 14.09 1.76 -21.88
N ILE D 914 13.49 2.17 -23.00
CA ILE D 914 12.24 1.57 -23.46
C ILE D 914 12.39 0.07 -23.61
N ALA D 915 13.55 -0.39 -24.08
CA ALA D 915 13.73 -1.82 -24.25
C ALA D 915 13.92 -2.53 -22.93
N ALA D 916 14.45 -1.84 -21.93
CA ALA D 916 14.77 -2.47 -20.66
C ALA D 916 13.56 -2.54 -19.75
N GLN D 917 12.71 -1.52 -19.74
CA GLN D 917 11.48 -1.55 -18.97
C GLN D 917 10.30 -2.03 -19.77
N SER D 918 10.53 -2.88 -20.76
CA SER D 918 9.49 -3.66 -21.39
C SER D 918 9.73 -5.15 -21.26
N ILE D 919 10.93 -5.55 -20.84
CA ILE D 919 11.22 -6.94 -20.52
C ILE D 919 11.08 -7.09 -19.01
N GLY D 920 11.26 -5.99 -18.29
CA GLY D 920 11.20 -6.00 -16.85
C GLY D 920 9.82 -5.79 -16.29
N GLU D 921 9.02 -4.92 -16.90
CA GLU D 921 7.68 -4.66 -16.39
C GLU D 921 6.83 -5.91 -16.24
N PRO D 922 6.85 -6.88 -17.14
CA PRO D 922 6.10 -8.12 -16.88
C PRO D 922 6.83 -9.09 -15.99
N GLY D 923 7.82 -8.63 -15.24
CA GLY D 923 8.63 -9.54 -14.46
C GLY D 923 7.85 -10.24 -13.37
N THR D 924 6.88 -9.55 -12.77
CA THR D 924 6.10 -10.10 -11.68
C THR D 924 5.08 -11.14 -12.12
N GLN D 925 4.98 -11.41 -13.41
CA GLN D 925 3.95 -12.28 -13.95
C GLN D 925 4.46 -13.66 -14.33
N LEU D 926 5.76 -13.91 -14.24
CA LEU D 926 6.33 -15.19 -14.64
C LEU D 926 7.39 -15.59 -13.64
N THR D 927 7.14 -16.66 -12.90
CA THR D 927 8.20 -17.24 -12.08
C THR D 927 8.27 -18.75 -12.12
N MET D 928 7.23 -19.45 -12.57
CA MET D 928 7.23 -20.91 -12.62
C MET D 928 6.67 -21.39 -13.95
N GLY D 1124 11.02 -19.88 -16.05
CA GLY D 1124 10.47 -18.67 -15.48
C GLY D 1124 11.43 -17.51 -15.48
N LEU D 1125 11.34 -16.66 -14.46
CA LEU D 1125 12.27 -15.53 -14.34
C LEU D 1125 13.72 -15.97 -14.15
N PRO D 1126 14.03 -17.02 -13.39
CA PRO D 1126 15.40 -17.52 -13.38
C PRO D 1126 15.94 -17.88 -14.76
N ARG D 1127 15.08 -18.27 -15.70
CA ARG D 1127 15.58 -18.63 -17.03
C ARG D 1127 15.99 -17.41 -17.82
N VAL D 1128 15.22 -16.32 -17.76
CA VAL D 1128 15.64 -15.11 -18.43
C VAL D 1128 16.86 -14.51 -17.74
N ALA D 1129 17.02 -14.79 -16.44
CA ALA D 1129 18.25 -14.37 -15.79
C ALA D 1129 19.45 -15.15 -16.31
N GLU D 1130 19.33 -16.47 -16.40
CA GLU D 1130 20.41 -17.29 -16.91
C GLU D 1130 20.64 -17.11 -18.40
N LEU D 1131 19.71 -16.45 -19.10
CA LEU D 1131 19.98 -16.10 -20.50
C LEU D 1131 20.67 -14.75 -20.61
N PHE D 1132 20.10 -13.70 -20.02
CA PHE D 1132 20.73 -12.39 -20.11
C PHE D 1132 22.04 -12.31 -19.35
N GLU D 1133 22.37 -13.30 -18.53
CA GLU D 1133 23.63 -13.33 -17.82
C GLU D 1133 24.64 -14.27 -18.45
N ALA D 1134 24.29 -14.90 -19.57
CA ALA D 1134 25.23 -15.70 -20.35
C ALA D 1134 25.93 -16.73 -19.49
N ARG D 1135 25.17 -17.41 -18.64
CA ARG D 1135 25.76 -18.38 -17.72
C ARG D 1135 26.13 -19.64 -18.49
N ARG D 1136 27.42 -19.97 -18.49
CA ARG D 1136 27.90 -21.22 -19.05
C ARG D 1136 27.37 -22.36 -18.21
N PRO D 1137 26.39 -23.11 -18.71
CA PRO D 1137 25.66 -24.04 -17.85
C PRO D 1137 26.51 -25.23 -17.43
N LYS D 1138 25.96 -25.98 -16.47
CA LYS D 1138 26.66 -27.11 -15.89
C LYS D 1138 26.67 -28.27 -16.88
N ASP D 1139 27.86 -28.73 -17.24
CA ASP D 1139 28.06 -29.88 -18.13
C ASP D 1139 27.31 -29.69 -19.45
N ALA D 1140 27.73 -28.66 -20.17
CA ALA D 1140 26.94 -28.17 -21.29
C ALA D 1140 27.02 -29.07 -22.51
N ALA D 1141 28.18 -29.13 -23.14
CA ALA D 1141 28.41 -29.98 -24.31
C ALA D 1141 29.89 -29.86 -24.66
N ILE D 1142 30.27 -30.46 -25.79
CA ILE D 1142 31.58 -30.22 -26.38
C ILE D 1142 31.37 -30.14 -27.88
N LEU D 1143 31.87 -29.08 -28.51
CA LEU D 1143 31.62 -28.85 -29.92
C LEU D 1143 32.73 -29.49 -30.75
N SER D 1144 32.81 -29.13 -32.02
CA SER D 1144 33.87 -29.60 -32.92
C SER D 1144 34.69 -28.42 -33.41
N PRO D 1145 35.93 -28.26 -32.96
CA PRO D 1145 36.72 -27.11 -33.44
C PRO D 1145 37.08 -27.22 -34.91
N CYS D 1146 37.54 -28.37 -35.37
CA CYS D 1146 38.00 -28.56 -36.74
C CYS D 1146 37.18 -29.65 -37.43
N ASP D 1147 37.34 -29.72 -38.74
CA ASP D 1147 36.63 -30.69 -39.59
C ASP D 1147 37.46 -31.96 -39.72
N GLY D 1148 37.13 -32.78 -40.72
CA GLY D 1148 37.85 -33.99 -41.01
C GLY D 1148 36.97 -35.19 -40.78
N MET D 1149 37.60 -36.32 -40.47
CA MET D 1149 36.87 -37.53 -40.10
C MET D 1149 36.81 -37.60 -38.58
N VAL D 1150 36.20 -38.67 -38.04
CA VAL D 1150 36.03 -38.84 -36.61
C VAL D 1150 36.72 -40.12 -36.20
N ARG D 1151 37.34 -40.10 -35.02
CA ARG D 1151 37.90 -41.30 -34.40
C ARG D 1151 38.00 -41.02 -32.90
N LEU D 1152 38.72 -41.86 -32.17
CA LEU D 1152 38.88 -41.63 -30.75
C LEU D 1152 40.14 -42.35 -30.25
N GLY D 1153 40.35 -42.34 -28.94
CA GLY D 1153 41.47 -43.00 -28.31
C GLY D 1153 41.57 -42.63 -26.85
N ASN D 1154 41.83 -43.63 -25.99
CA ASN D 1154 41.84 -43.40 -24.55
C ASN D 1154 42.52 -44.52 -23.80
N ARG D 1155 43.12 -44.19 -22.66
CA ARG D 1155 43.72 -45.14 -21.75
C ARG D 1155 42.88 -45.36 -20.50
N ASP D 1156 41.60 -45.00 -20.57
CA ASP D 1156 40.67 -45.10 -19.43
C ASP D 1156 41.19 -44.34 -18.22
N THR D 1157 41.95 -43.27 -18.47
CA THR D 1157 42.43 -42.36 -17.43
C THR D 1157 41.49 -41.18 -17.22
N LYS D 1158 40.24 -41.29 -17.67
CA LYS D 1158 39.23 -40.23 -17.58
C LYS D 1158 39.63 -38.99 -18.39
N GLU D 1159 40.42 -39.20 -19.45
CA GLU D 1159 40.87 -38.15 -20.35
C GLU D 1159 40.79 -38.63 -21.79
N LYS D 1160 39.64 -39.19 -22.17
CA LYS D 1160 39.43 -39.73 -23.51
C LYS D 1160 39.72 -38.69 -24.58
N GLN D 1161 40.78 -38.91 -25.35
CA GLN D 1161 41.26 -37.91 -26.29
C GLN D 1161 40.44 -37.97 -27.58
N ARG D 1162 40.81 -37.15 -28.55
CA ARG D 1162 40.16 -37.11 -29.85
C ARG D 1162 41.14 -37.49 -30.93
N ILE D 1163 40.64 -38.12 -31.98
CA ILE D 1163 41.45 -38.47 -33.14
C ILE D 1163 40.82 -37.86 -34.39
N GLU D 1164 40.22 -36.67 -34.24
CA GLU D 1164 39.59 -36.00 -35.37
C GLU D 1164 40.54 -35.75 -36.53
N ILE D 1165 41.83 -36.07 -36.36
CA ILE D 1165 42.78 -36.09 -37.47
C ILE D 1165 42.38 -37.22 -38.42
N ILE D 1166 41.90 -36.84 -39.60
CA ILE D 1166 41.56 -37.85 -40.61
C ILE D 1166 42.83 -38.39 -41.25
N ASP D 1167 43.83 -37.53 -41.44
CA ASP D 1167 45.13 -37.88 -41.99
C ASP D 1167 45.01 -38.56 -43.35
N LYS D 1168 43.87 -38.41 -44.03
CA LYS D 1168 43.67 -38.99 -45.35
C LYS D 1168 44.10 -38.05 -46.47
N ASN D 1169 44.02 -36.74 -46.24
CA ASN D 1169 44.56 -35.74 -47.16
C ASN D 1169 45.99 -35.35 -46.83
N GLY D 1170 46.54 -35.87 -45.73
CA GLY D 1170 47.88 -35.53 -45.30
C GLY D 1170 48.09 -35.84 -43.83
N HIS D 1171 48.54 -34.85 -43.07
CA HIS D 1171 48.66 -34.95 -41.63
C HIS D 1171 47.69 -33.97 -40.98
N ILE D 1172 47.37 -34.21 -39.71
CA ILE D 1172 46.43 -33.34 -39.01
C ILE D 1172 46.64 -33.46 -37.51
N VAL D 1173 46.37 -32.37 -36.79
CA VAL D 1173 46.49 -32.33 -35.33
C VAL D 1173 45.12 -31.90 -34.81
N GLU D 1174 44.26 -32.86 -34.47
CA GLU D 1174 42.91 -32.62 -34.00
C GLU D 1174 42.63 -33.53 -32.81
N GLU D 1175 42.98 -33.06 -31.61
CA GLU D 1175 42.86 -33.85 -30.38
C GLU D 1175 42.14 -33.06 -29.30
N ILE D 1176 41.46 -33.79 -28.41
CA ILE D 1176 40.67 -33.20 -27.35
C ILE D 1176 40.85 -33.99 -26.06
N LEU D 1177 40.00 -33.72 -25.06
CA LEU D 1177 39.91 -34.51 -23.84
C LEU D 1177 38.49 -34.43 -23.31
N LEU D 1178 38.15 -35.27 -22.33
CA LEU D 1178 36.82 -35.23 -21.70
C LEU D 1178 36.83 -36.18 -20.51
N PRO D 1179 35.77 -36.18 -19.71
CA PRO D 1179 35.58 -37.25 -18.74
C PRO D 1179 35.23 -38.55 -19.44
N LYS D 1180 35.45 -39.65 -18.73
CA LYS D 1180 35.25 -40.97 -19.31
C LYS D 1180 33.86 -41.54 -19.03
N SER D 1181 33.00 -40.82 -18.32
CA SER D 1181 31.68 -41.30 -17.95
C SER D 1181 30.56 -40.60 -18.72
N ARG D 1182 30.87 -40.01 -19.86
CA ARG D 1182 29.88 -39.29 -20.66
C ARG D 1182 29.91 -39.80 -22.09
N HIS D 1183 28.82 -39.55 -22.81
CA HIS D 1183 28.66 -40.02 -24.18
C HIS D 1183 29.14 -38.95 -25.16
N LEU D 1184 29.84 -39.40 -26.20
CA LEU D 1184 30.30 -38.52 -27.28
C LEU D 1184 29.35 -38.67 -28.46
N VAL D 1185 28.51 -37.65 -28.68
CA VAL D 1185 27.39 -37.75 -29.61
C VAL D 1185 27.82 -38.19 -31.00
N VAL D 1186 29.01 -37.80 -31.44
CA VAL D 1186 29.53 -38.27 -32.70
C VAL D 1186 29.84 -39.75 -32.58
N PHE D 1187 29.35 -40.54 -33.54
CA PHE D 1187 29.55 -41.97 -33.51
C PHE D 1187 31.04 -42.26 -33.72
N ASP D 1188 31.41 -43.54 -33.69
CA ASP D 1188 32.81 -43.93 -33.80
C ASP D 1188 33.48 -43.35 -35.05
N GLY D 1189 32.69 -42.99 -36.06
CA GLY D 1189 33.19 -42.31 -37.24
C GLY D 1189 32.18 -41.34 -37.82
N GLU D 1190 32.67 -40.25 -38.42
CA GLU D 1190 31.85 -39.24 -39.06
C GLU D 1190 32.74 -38.18 -39.70
N GLN D 1191 32.15 -37.24 -40.46
CA GLN D 1191 32.89 -36.14 -41.09
C GLN D 1191 32.27 -34.83 -40.59
N VAL D 1192 32.73 -34.37 -39.44
CA VAL D 1192 32.09 -33.29 -38.69
C VAL D 1192 32.94 -32.04 -38.80
N SER D 1193 32.36 -30.97 -39.33
CA SER D 1193 33.05 -29.69 -39.54
C SER D 1193 32.83 -28.76 -38.35
N ARG D 1194 33.14 -27.48 -38.53
CA ARG D 1194 33.06 -26.50 -37.45
C ARG D 1194 31.63 -26.39 -36.92
N GLY D 1195 31.48 -26.62 -35.62
CA GLY D 1195 30.21 -26.45 -34.96
C GLY D 1195 29.43 -27.72 -34.70
N ASP D 1196 30.01 -28.88 -34.92
CA ASP D 1196 29.33 -30.15 -34.65
C ASP D 1196 29.51 -30.55 -33.20
N VAL D 1197 28.57 -31.32 -32.70
CA VAL D 1197 28.50 -31.66 -31.29
C VAL D 1197 29.10 -33.04 -31.10
N LEU D 1198 30.21 -33.11 -30.37
CA LEU D 1198 30.79 -34.36 -29.92
C LEU D 1198 30.33 -34.74 -28.51
N ALA D 1199 29.16 -34.28 -28.11
CA ALA D 1199 28.54 -34.65 -26.84
C ALA D 1199 27.10 -34.14 -26.86
N ASP D 1200 26.42 -34.28 -25.73
CA ASP D 1200 25.04 -33.84 -25.62
C ASP D 1200 24.82 -33.20 -24.26
N GLY D 1201 23.83 -32.30 -24.20
CA GLY D 1201 23.49 -31.62 -22.98
C GLY D 1201 22.90 -30.26 -23.24
N PRO D 1202 23.12 -29.30 -22.35
CA PRO D 1202 22.71 -27.92 -22.61
C PRO D 1202 23.44 -27.34 -23.80
N THR D 1203 23.04 -26.14 -24.16
CA THR D 1203 23.65 -25.38 -25.24
C THR D 1203 24.39 -24.22 -24.60
N ASP D 1204 25.71 -24.25 -24.64
CA ASP D 1204 26.50 -23.16 -24.11
C ASP D 1204 26.38 -21.95 -25.05
N PRO D 1205 26.09 -20.76 -24.53
CA PRO D 1205 26.03 -19.58 -25.40
C PRO D 1205 27.39 -19.04 -25.82
N HIS D 1206 28.49 -19.57 -25.27
CA HIS D 1206 29.81 -19.19 -25.74
C HIS D 1206 30.35 -20.17 -26.78
N ASP D 1207 29.90 -21.42 -26.76
CA ASP D 1207 30.23 -22.37 -27.82
C ASP D 1207 29.34 -22.20 -29.04
N LEU D 1208 28.49 -21.17 -29.06
CA LEU D 1208 27.74 -20.80 -30.25
C LEU D 1208 28.29 -19.55 -30.92
N LEU D 1209 29.15 -18.82 -30.25
CA LEU D 1209 29.57 -17.52 -30.74
C LEU D 1209 30.89 -17.58 -31.50
N LYS D 1210 31.78 -18.51 -31.14
CA LYS D 1210 33.03 -18.65 -31.85
C LYS D 1210 33.02 -19.78 -32.86
N TYR D 1211 32.17 -20.77 -32.69
CA TYR D 1211 32.11 -21.91 -33.59
C TYR D 1211 31.04 -21.77 -34.65
N LYS D 1212 29.99 -20.99 -34.39
CA LYS D 1212 28.91 -20.84 -35.36
C LYS D 1212 28.67 -19.40 -35.79
N GLY D 1213 29.33 -18.44 -35.18
CA GLY D 1213 29.16 -17.06 -35.58
C GLY D 1213 28.01 -16.39 -34.86
N LEU D 1214 27.72 -15.16 -35.28
CA LEU D 1214 26.77 -14.33 -34.57
C LEU D 1214 25.32 -14.69 -34.88
N GLU D 1215 25.06 -15.30 -36.04
CA GLU D 1215 23.68 -15.50 -36.47
C GLU D 1215 23.01 -16.65 -35.75
N GLU D 1216 23.72 -17.76 -35.56
CA GLU D 1216 23.15 -18.83 -34.77
C GLU D 1216 22.94 -18.41 -33.33
N PHE D 1217 23.85 -17.62 -32.77
CA PHE D 1217 23.68 -17.14 -31.41
C PHE D 1217 22.45 -16.24 -31.29
N ALA D 1218 22.31 -15.30 -32.22
CA ALA D 1218 21.15 -14.41 -32.18
C ALA D 1218 19.84 -15.20 -32.31
N ASP D 1219 19.79 -16.13 -33.25
CA ASP D 1219 18.61 -16.96 -33.40
C ASP D 1219 18.30 -17.70 -32.09
N TYR D 1220 19.32 -18.29 -31.48
CA TYR D 1220 19.11 -19.05 -30.26
C TYR D 1220 18.52 -18.18 -29.17
N ILE D 1221 19.22 -17.10 -28.81
CA ILE D 1221 18.78 -16.32 -27.67
C ILE D 1221 17.43 -15.67 -27.96
N LEU D 1222 17.15 -15.34 -29.22
CA LEU D 1222 15.88 -14.70 -29.53
C LEU D 1222 14.71 -15.66 -29.40
N ILE D 1223 14.82 -16.88 -29.87
CA ILE D 1223 13.70 -17.79 -29.66
C ILE D 1223 13.60 -18.22 -28.21
N GLU D 1224 14.73 -18.25 -27.49
CA GLU D 1224 14.70 -18.72 -26.11
C GLU D 1224 14.05 -17.71 -25.19
N ALA D 1225 14.37 -16.43 -25.37
CA ALA D 1225 13.78 -15.42 -24.49
C ALA D 1225 12.30 -15.26 -24.74
N GLN D 1226 11.83 -15.57 -25.95
CA GLN D 1226 10.41 -15.47 -26.26
C GLN D 1226 9.63 -16.71 -25.87
N SER D 1227 10.24 -17.89 -25.89
CA SER D 1227 9.48 -19.07 -25.47
C SER D 1227 9.15 -19.04 -23.99
N VAL D 1228 9.78 -18.14 -23.22
CA VAL D 1228 9.50 -18.04 -21.79
C VAL D 1228 8.43 -17.00 -21.50
N TYR D 1229 8.35 -15.96 -22.32
CA TYR D 1229 7.31 -14.96 -22.16
C TYR D 1229 5.99 -15.35 -22.78
N ARG D 1230 5.99 -16.21 -23.80
CA ARG D 1230 4.75 -16.56 -24.48
C ARG D 1230 3.95 -17.60 -23.73
N MET D 1231 4.59 -18.42 -22.92
CA MET D 1231 3.86 -19.42 -22.16
C MET D 1231 2.93 -18.77 -21.15
N GLN D 1232 3.31 -17.63 -20.60
CA GLN D 1232 2.46 -16.87 -19.72
C GLN D 1232 1.59 -15.86 -20.47
N GLY D 1233 1.61 -15.89 -21.79
CA GLY D 1233 0.80 -14.99 -22.57
C GLY D 1233 1.28 -13.56 -22.59
N VAL D 1234 2.53 -13.33 -22.20
CA VAL D 1234 3.11 -12.00 -22.30
C VAL D 1234 3.64 -11.77 -23.70
N VAL D 1235 3.40 -10.59 -24.25
CA VAL D 1235 3.77 -10.26 -25.63
C VAL D 1235 4.73 -9.08 -25.61
N ILE D 1236 5.99 -9.33 -25.95
CA ILE D 1236 7.00 -8.31 -26.13
C ILE D 1236 7.55 -8.45 -27.55
N ASN D 1237 7.71 -7.33 -28.24
CA ASN D 1237 8.29 -7.36 -29.58
C ASN D 1237 9.74 -7.81 -29.53
N ASP D 1238 10.12 -8.74 -30.41
CA ASP D 1238 11.50 -9.19 -30.33
C ASP D 1238 12.44 -8.21 -30.84
N LYS D 1239 12.11 -6.98 -31.19
CA LYS D 1239 13.12 -5.96 -31.42
C LYS D 1239 13.57 -5.31 -30.14
N HIS D 1240 13.00 -5.71 -29.00
CA HIS D 1240 13.43 -5.20 -27.70
C HIS D 1240 14.50 -6.08 -27.10
N ILE D 1241 14.42 -7.39 -27.35
CA ILE D 1241 15.46 -8.32 -26.93
C ILE D 1241 16.71 -8.18 -27.77
N GLU D 1242 16.61 -7.61 -28.97
CA GLU D 1242 17.75 -7.45 -29.85
C GLU D 1242 18.54 -6.17 -29.59
N THR D 1243 17.95 -5.15 -28.99
CA THR D 1243 18.73 -4.00 -28.57
C THR D 1243 19.36 -4.19 -27.22
N ILE D 1244 19.30 -5.39 -26.67
CA ILE D 1244 19.98 -5.73 -25.43
C ILE D 1244 21.10 -6.72 -25.69
N VAL D 1245 20.89 -7.67 -26.60
CA VAL D 1245 21.97 -8.53 -27.07
C VAL D 1245 23.07 -7.71 -27.71
N ARG D 1246 22.74 -6.55 -28.28
CA ARG D 1246 23.75 -5.68 -28.85
C ARG D 1246 24.71 -5.17 -27.80
N GLN D 1247 24.26 -5.05 -26.56
CA GLN D 1247 25.10 -4.63 -25.45
C GLN D 1247 25.76 -5.79 -24.74
N MET D 1248 25.55 -7.01 -25.20
CA MET D 1248 26.30 -8.16 -24.72
C MET D 1248 27.44 -8.53 -25.66
N LEU D 1249 27.44 -7.99 -26.88
CA LEU D 1249 28.47 -8.21 -27.89
C LEU D 1249 29.07 -6.85 -28.18
N ARG D 1250 30.01 -6.42 -27.33
CA ARG D 1250 30.58 -5.11 -27.54
C ARG D 1250 32.07 -5.07 -27.19
N LYS D 1251 32.68 -6.22 -26.99
CA LYS D 1251 34.11 -6.29 -26.72
C LYS D 1251 34.67 -7.50 -27.46
N ALA D 1252 35.89 -7.37 -27.95
CA ALA D 1252 36.48 -8.41 -28.77
C ALA D 1252 37.87 -8.76 -28.29
N VAL D 1253 38.28 -9.99 -28.55
CA VAL D 1253 39.61 -10.48 -28.22
C VAL D 1253 40.48 -10.44 -29.47
N ILE D 1254 41.62 -9.78 -29.36
CA ILE D 1254 42.44 -9.38 -30.50
C ILE D 1254 43.19 -10.56 -31.08
N LEU D 1255 43.45 -10.48 -32.39
CA LEU D 1255 44.20 -11.50 -33.10
C LEU D 1255 45.47 -10.95 -33.76
N ASP D 1256 45.37 -9.89 -34.53
CA ASP D 1256 46.54 -9.18 -35.07
C ASP D 1256 46.92 -8.05 -34.11
N GLU D 1257 47.73 -7.09 -34.57
CA GLU D 1257 48.04 -5.94 -33.73
C GLU D 1257 48.54 -4.80 -34.59
N GLY D 1258 48.01 -3.60 -34.35
CA GLY D 1258 48.59 -2.43 -34.96
C GLY D 1258 49.14 -1.43 -33.97
N ASP D 1259 48.49 -1.29 -32.80
CA ASP D 1259 49.02 -0.44 -31.74
C ASP D 1259 48.79 -0.97 -30.34
N SER D 1260 48.09 -2.09 -30.17
CA SER D 1260 47.69 -2.59 -28.87
C SER D 1260 48.35 -3.94 -28.62
N LYS D 1261 48.04 -4.53 -27.46
CA LYS D 1261 48.62 -5.80 -27.09
C LYS D 1261 47.95 -6.93 -27.85
N PHE D 1262 48.21 -8.16 -27.41
CA PHE D 1262 47.56 -9.35 -27.90
C PHE D 1262 46.24 -9.58 -27.19
N VAL D 1263 45.84 -10.85 -27.06
CA VAL D 1263 44.49 -11.33 -26.78
C VAL D 1263 43.79 -10.60 -25.64
N LYS D 1264 44.46 -9.64 -25.00
CA LYS D 1264 43.78 -8.65 -24.18
C LYS D 1264 42.50 -8.17 -24.87
N ASP D 1265 41.43 -8.07 -24.09
CA ASP D 1265 40.14 -7.63 -24.63
C ASP D 1265 40.18 -6.17 -25.02
N GLU D 1266 39.12 -5.73 -25.71
CA GLU D 1266 39.04 -4.35 -26.16
C GLU D 1266 37.62 -4.04 -26.59
N SER D 1267 37.20 -2.81 -26.33
CA SER D 1267 35.89 -2.36 -26.77
C SER D 1267 35.89 -2.13 -28.27
N ILE D 1268 34.88 -2.65 -28.95
CA ILE D 1268 34.84 -2.59 -30.42
C ILE D 1268 34.98 -1.16 -30.92
N GLU D 1269 34.30 -0.22 -30.28
CA GLU D 1269 34.40 1.17 -30.73
C GLU D 1269 35.79 1.75 -30.52
N LEU D 1270 36.70 0.99 -29.93
CA LEU D 1270 38.11 1.37 -29.91
C LEU D 1270 38.89 0.66 -31.00
N VAL D 1271 38.69 -0.65 -31.14
CA VAL D 1271 39.26 -1.40 -32.24
C VAL D 1271 38.88 -0.82 -33.58
N ARG D 1272 37.67 -0.29 -33.72
CA ARG D 1272 37.15 0.09 -35.03
C ARG D 1272 37.63 1.47 -35.47
N ILE D 1273 38.03 2.32 -34.53
CA ILE D 1273 38.44 3.67 -34.90
C ILE D 1273 39.90 3.70 -35.33
N LEU D 1274 40.74 2.88 -34.71
CA LEU D 1274 42.14 2.83 -35.12
C LEU D 1274 42.29 2.01 -36.40
N GLU D 1275 41.58 0.89 -36.50
CA GLU D 1275 41.58 0.11 -37.73
C GLU D 1275 41.01 0.92 -38.87
N GLU D 1276 40.64 2.16 -38.60
CA GLU D 1276 40.22 3.11 -39.62
C GLU D 1276 41.19 4.28 -39.77
N ASN D 1277 42.09 4.48 -38.81
CA ASN D 1277 43.22 5.36 -39.03
C ASN D 1277 44.27 4.67 -39.90
N ASP D 1278 44.56 3.40 -39.60
CA ASP D 1278 45.51 2.65 -40.41
C ASP D 1278 45.05 2.57 -41.85
N LYS D 1279 43.74 2.45 -42.09
CA LYS D 1279 43.23 2.55 -43.46
C LYS D 1279 43.49 3.90 -44.08
N LEU D 1280 43.96 4.86 -43.30
CA LEU D 1280 44.36 6.17 -43.80
C LEU D 1280 45.83 6.38 -43.50
N ARG D 1281 46.25 6.03 -42.28
CA ARG D 1281 47.60 6.36 -41.83
C ARG D 1281 48.65 5.68 -42.71
N LYS D 1282 48.72 4.36 -42.69
CA LYS D 1282 49.76 3.79 -43.52
C LYS D 1282 49.25 3.38 -44.89
N GLN D 1283 48.64 2.21 -45.01
CA GLN D 1283 47.76 1.94 -46.13
C GLN D 1283 46.50 1.25 -45.64
N GLY D 1284 46.72 0.07 -45.08
CA GLY D 1284 45.76 -0.71 -44.31
C GLY D 1284 46.53 -1.28 -43.13
N LYS D 1285 47.85 -1.15 -43.19
CA LYS D 1285 48.77 -1.35 -42.07
C LYS D 1285 48.43 -2.59 -41.24
N LYS D 1286 47.83 -3.61 -41.86
CA LYS D 1286 47.45 -4.85 -41.18
C LYS D 1286 46.51 -4.57 -40.02
N GLU D 1287 45.29 -4.15 -40.38
CA GLU D 1287 44.52 -3.22 -39.58
C GLU D 1287 44.45 -3.65 -38.13
N VAL D 1288 43.61 -4.63 -37.85
CA VAL D 1288 43.66 -5.52 -36.70
C VAL D 1288 42.55 -6.51 -36.97
N GLU D 1289 42.74 -7.77 -36.64
CA GLU D 1289 41.67 -8.74 -36.74
C GLU D 1289 41.34 -9.22 -35.33
N TYR D 1290 40.06 -9.51 -35.10
CA TYR D 1290 39.58 -9.75 -33.76
C TYR D 1290 38.48 -10.79 -33.80
N GLU D 1291 38.04 -11.20 -32.61
CA GLU D 1291 36.99 -12.18 -32.44
C GLU D 1291 35.99 -11.64 -31.44
N LEU D 1292 34.70 -11.68 -31.77
CA LEU D 1292 33.68 -11.25 -30.84
C LEU D 1292 33.51 -12.25 -29.70
N VAL D 1293 33.35 -11.73 -28.49
CA VAL D 1293 33.09 -12.55 -27.32
C VAL D 1293 31.82 -12.07 -26.63
N LEU D 1294 31.35 -12.88 -25.69
CA LEU D 1294 30.03 -12.73 -25.10
C LEU D 1294 30.19 -12.40 -23.62
N MET D 1295 29.48 -11.39 -23.15
CA MET D 1295 29.46 -11.02 -21.75
C MET D 1295 28.08 -11.28 -21.15
N GLY D 1296 27.90 -10.87 -19.89
CA GLY D 1296 26.60 -10.81 -19.28
C GLY D 1296 26.19 -9.36 -19.17
N ILE D 1297 24.99 -9.13 -18.65
CA ILE D 1297 24.52 -7.74 -18.52
C ILE D 1297 25.10 -7.05 -17.30
N THR D 1298 25.74 -7.78 -16.40
CA THR D 1298 26.43 -7.13 -15.29
C THR D 1298 27.90 -6.88 -15.60
N ARG D 1299 28.58 -7.85 -16.22
CA ARG D 1299 29.95 -7.63 -16.64
C ARG D 1299 30.03 -6.55 -17.70
N SER D 1300 29.10 -6.55 -18.64
CA SER D 1300 29.10 -5.52 -19.67
C SER D 1300 28.94 -4.13 -19.07
N SER D 1301 28.23 -4.03 -17.96
CA SER D 1301 27.95 -2.75 -17.33
C SER D 1301 29.04 -2.31 -16.38
N LEU D 1302 29.84 -3.24 -15.86
CA LEU D 1302 30.98 -2.88 -15.05
C LEU D 1302 32.22 -2.62 -15.89
N SER D 1303 32.33 -3.27 -17.05
CA SER D 1303 33.42 -3.03 -18.00
C SER D 1303 33.20 -1.82 -18.86
N THR D 1304 32.28 -0.94 -18.50
CA THR D 1304 32.02 0.25 -19.27
C THR D 1304 33.28 1.10 -19.38
N GLU D 1305 33.26 2.06 -20.31
CA GLU D 1305 34.37 2.99 -20.40
C GLU D 1305 34.17 4.20 -19.50
N SER D 1306 33.10 4.23 -18.73
CA SER D 1306 32.83 5.31 -17.79
C SER D 1306 32.97 4.77 -16.38
N PHE D 1307 33.71 5.49 -15.54
CA PHE D 1307 33.79 5.10 -14.14
C PHE D 1307 32.65 5.71 -13.34
N LEU D 1308 32.16 6.88 -13.74
CA LEU D 1308 31.03 7.48 -13.05
C LEU D 1308 29.77 6.65 -13.24
N SER D 1309 29.66 5.96 -14.37
CA SER D 1309 28.46 5.20 -14.66
C SER D 1309 28.52 3.79 -14.11
N ALA D 1310 29.71 3.24 -13.93
CA ALA D 1310 29.86 1.92 -13.33
C ALA D 1310 29.95 1.99 -11.81
N ALA D 1311 30.38 3.12 -11.27
CA ALA D 1311 30.39 3.32 -9.83
C ALA D 1311 28.99 3.58 -9.30
N SER D 1312 28.11 4.17 -10.10
CA SER D 1312 26.71 4.29 -9.71
C SER D 1312 26.03 2.93 -9.65
N PHE D 1313 26.47 1.99 -10.48
CA PHE D 1313 25.79 0.71 -10.60
C PHE D 1313 25.96 -0.13 -9.36
N GLN D 1314 27.18 -0.59 -9.11
CA GLN D 1314 27.49 -1.43 -7.96
C GLN D 1314 28.99 -1.65 -7.97
N GLU D 1315 29.49 -2.20 -6.87
CA GLU D 1315 30.93 -2.42 -6.67
C GLU D 1315 31.70 -1.11 -6.85
N THR D 1316 31.43 -0.18 -5.95
CA THR D 1316 31.91 1.19 -6.09
C THR D 1316 33.39 1.31 -5.75
N THR D 1317 33.87 0.56 -4.76
CA THR D 1317 35.27 0.65 -4.39
C THR D 1317 36.15 -0.10 -5.38
N ARG D 1318 35.75 -1.30 -5.76
CA ARG D 1318 36.47 -2.07 -6.77
C ARG D 1318 36.61 -1.30 -8.07
N VAL D 1319 35.73 -0.33 -8.31
CA VAL D 1319 35.77 0.48 -9.52
C VAL D 1319 36.58 1.76 -9.30
N LEU D 1320 36.45 2.38 -8.14
CA LEU D 1320 37.13 3.65 -7.91
C LEU D 1320 38.63 3.46 -7.73
N THR D 1321 39.08 2.38 -7.10
CA THR D 1321 40.52 2.17 -6.95
C THR D 1321 41.20 2.02 -8.31
N GLU D 1322 40.64 1.16 -9.17
CA GLU D 1322 41.17 1.00 -10.52
C GLU D 1322 41.11 2.29 -11.30
N ALA D 1323 39.99 3.00 -11.25
CA ALA D 1323 39.90 4.25 -12.00
C ALA D 1323 40.96 5.25 -11.54
N SER D 1324 41.31 5.26 -10.26
CA SER D 1324 42.29 6.22 -9.78
C SER D 1324 43.72 5.79 -10.08
N ILE D 1325 43.99 4.49 -10.12
CA ILE D 1325 45.33 4.04 -10.50
C ILE D 1325 45.57 4.27 -11.98
N ASN D 1326 44.61 3.92 -12.83
CA ASN D 1326 44.76 4.15 -14.26
C ASN D 1326 44.59 5.60 -14.64
N SER D 1327 44.27 6.47 -13.69
CA SER D 1327 44.04 7.89 -13.95
C SER D 1327 43.05 8.09 -15.09
N GLN D 1328 41.97 7.32 -15.05
CA GLN D 1328 40.98 7.31 -16.12
C GLN D 1328 40.40 8.70 -16.31
N ILE D 1329 39.84 8.91 -17.50
CA ILE D 1329 39.14 10.13 -17.86
C ILE D 1329 37.73 9.74 -18.27
N ASP D 1330 36.75 10.53 -17.86
CA ASP D 1330 35.35 10.29 -18.20
C ASP D 1330 34.88 11.41 -19.11
N ASN D 1331 34.72 11.10 -20.39
CA ASN D 1331 33.92 11.93 -21.27
C ASN D 1331 32.47 11.66 -20.93
N LEU D 1332 31.72 12.71 -20.65
CA LEU D 1332 30.44 12.50 -20.00
C LEU D 1332 29.52 11.67 -20.88
N ARG D 1333 29.08 12.21 -22.00
CA ARG D 1333 28.75 11.39 -23.17
C ARG D 1333 27.55 10.47 -23.02
N GLY D 1334 26.98 10.33 -21.82
CA GLY D 1334 26.01 9.29 -21.57
C GLY D 1334 24.75 9.83 -20.89
N LEU D 1335 23.78 8.93 -20.74
CA LEU D 1335 22.54 9.31 -20.08
C LEU D 1335 22.75 9.47 -18.58
N LYS D 1336 23.21 8.41 -17.91
CA LYS D 1336 23.37 8.46 -16.46
C LYS D 1336 24.46 9.44 -16.04
N GLU D 1337 25.59 9.45 -16.75
CA GLU D 1337 26.67 10.38 -16.43
C GLU D 1337 26.22 11.83 -16.47
N ASN D 1338 25.16 12.14 -17.21
CA ASN D 1338 24.73 13.51 -17.38
C ASN D 1338 23.66 13.93 -16.40
N VAL D 1339 23.05 12.99 -15.68
CA VAL D 1339 22.12 13.33 -14.60
C VAL D 1339 22.83 13.58 -13.28
N LEU D 1340 24.01 12.98 -13.06
CA LEU D 1340 24.73 13.24 -11.83
C LEU D 1340 25.23 14.66 -11.76
N ILE D 1341 25.57 15.27 -12.89
CA ILE D 1341 26.06 16.63 -12.89
C ILE D 1341 25.02 17.63 -13.36
N GLY D 1342 23.78 17.18 -13.60
CA GLY D 1342 22.68 18.08 -13.88
C GLY D 1342 22.80 18.91 -15.15
N ARG D 1343 22.84 18.25 -16.31
CA ARG D 1343 22.70 18.91 -17.59
C ARG D 1343 21.89 18.01 -18.51
N LEU D 1344 21.55 18.52 -19.69
CA LEU D 1344 20.62 17.83 -20.55
C LEU D 1344 21.18 16.50 -21.03
N ILE D 1345 20.40 15.44 -20.87
CA ILE D 1345 20.80 14.12 -21.35
C ILE D 1345 20.96 14.24 -22.87
N PRO D 1346 21.80 13.42 -23.48
CA PRO D 1346 21.92 13.44 -24.95
C PRO D 1346 20.91 12.52 -25.62
N ALA D 1347 19.63 12.89 -25.50
CA ALA D 1347 18.55 12.15 -26.12
C ALA D 1347 17.32 13.03 -26.13
N GLY D 1348 16.39 12.70 -27.01
CA GLY D 1348 15.12 13.38 -27.02
C GLY D 1348 15.27 14.85 -27.38
N THR D 1349 14.79 15.70 -26.48
CA THR D 1349 14.87 17.14 -26.65
C THR D 1349 16.26 17.68 -26.36
N GLY D 1350 17.15 16.86 -25.80
CA GLY D 1350 18.51 17.30 -25.58
C GLY D 1350 19.37 17.20 -26.82
N LEU D 1351 19.04 16.26 -27.71
CA LEU D 1351 19.64 16.22 -29.03
C LEU D 1351 19.10 17.31 -29.93
N ALA D 1352 17.78 17.45 -29.98
CA ALA D 1352 17.13 18.35 -30.93
C ALA D 1352 17.46 19.80 -30.67
N VAL D 1353 17.78 20.17 -29.44
CA VAL D 1353 18.15 21.56 -29.21
C VAL D 1353 19.55 21.83 -29.72
N ARG D 1354 20.41 20.82 -29.69
CA ARG D 1354 21.72 20.95 -30.32
C ARG D 1354 21.57 21.04 -31.84
N LYS D 1355 20.78 20.14 -32.42
CA LYS D 1355 20.56 20.12 -33.86
C LYS D 1355 19.93 21.42 -34.34
N GLU D 1356 18.79 21.80 -33.78
CA GLU D 1356 18.09 23.02 -34.18
C GLU D 1356 18.86 24.28 -33.83
N SER D 1357 19.91 24.20 -33.02
CA SER D 1357 20.76 25.35 -32.80
C SER D 1357 21.97 25.37 -33.70
N ALA D 1358 22.39 24.22 -34.23
CA ALA D 1358 23.40 24.21 -35.28
C ALA D 1358 22.95 24.97 -36.51
N LYS D 1359 21.64 25.10 -36.71
CA LYS D 1359 21.10 25.82 -37.86
C LYS D 1359 21.15 27.33 -37.69
N ILE D 1360 21.33 27.84 -36.47
CA ILE D 1360 21.30 29.29 -36.31
C ILE D 1360 22.67 29.91 -36.59
N GLU D 1361 23.74 29.37 -36.01
CA GLU D 1361 25.05 29.94 -36.31
C GLU D 1361 25.36 29.85 -37.79
N LYS D 1362 24.82 28.84 -38.48
CA LYS D 1362 24.94 28.78 -39.92
C LYS D 1362 24.18 29.92 -40.58
N MET D 1363 22.96 30.19 -40.13
CA MET D 1363 22.17 31.23 -40.75
C MET D 1363 22.66 32.63 -40.42
N ARG D 1364 23.41 32.80 -39.34
CA ARG D 1364 24.02 34.08 -39.06
C ARG D 1364 25.35 34.27 -39.78
N GLU D 1365 25.70 33.35 -40.67
CA GLU D 1365 26.95 33.40 -41.42
C GLU D 1365 26.69 33.45 -42.91
N MET E 1 -5.92 20.40 -23.78
CA MET E 1 -6.29 19.63 -24.95
C MET E 1 -7.67 20.04 -25.44
N ALA E 2 -7.95 21.35 -25.34
CA ALA E 2 -9.24 21.85 -25.77
C ALA E 2 -9.30 22.07 -27.27
N ARG E 3 -8.49 23.00 -27.79
CA ARG E 3 -8.58 23.33 -29.20
C ARG E 3 -7.21 23.57 -29.81
N VAL E 4 -6.18 22.88 -29.31
CA VAL E 4 -4.87 22.86 -29.94
C VAL E 4 -4.41 21.40 -29.93
N THR E 5 -4.31 20.80 -31.11
CA THR E 5 -4.02 19.38 -31.26
C THR E 5 -2.56 19.18 -31.62
N VAL E 6 -1.92 18.19 -31.02
CA VAL E 6 -0.54 17.90 -31.41
C VAL E 6 -0.51 17.25 -32.77
N GLU E 7 -1.59 16.57 -33.17
CA GLU E 7 -1.65 16.03 -34.52
C GLU E 7 -1.73 17.14 -35.56
N ASP E 8 -2.27 18.30 -35.20
CA ASP E 8 -2.35 19.41 -36.13
C ASP E 8 -0.98 20.01 -36.41
N CYS E 9 -0.05 19.90 -35.46
CA CYS E 9 1.29 20.44 -35.64
C CYS E 9 2.25 19.44 -36.24
N LEU E 10 2.01 18.15 -36.09
CA LEU E 10 2.87 17.15 -36.69
C LEU E 10 2.67 17.01 -38.20
N ASP E 11 1.95 17.95 -38.82
CA ASP E 11 1.92 18.06 -40.27
C ASP E 11 2.88 19.10 -40.79
N LYS E 12 3.49 19.88 -39.89
CA LYS E 12 4.44 20.92 -40.25
C LYS E 12 5.85 20.60 -39.79
N VAL E 13 5.99 19.96 -38.63
CA VAL E 13 7.28 19.77 -37.99
C VAL E 13 7.61 18.28 -37.99
N GLU E 14 8.76 17.92 -37.41
CA GLU E 14 9.23 16.54 -37.34
C GLU E 14 9.39 16.11 -35.88
N THR E 15 9.41 14.80 -35.70
CA THR E 15 10.03 14.12 -34.55
C THR E 15 9.32 14.34 -33.22
N ARG E 16 8.37 15.26 -33.15
CA ARG E 16 7.67 15.60 -31.91
C ARG E 16 8.61 16.21 -30.87
N PHE E 17 9.92 16.21 -31.15
CA PHE E 17 10.95 16.89 -30.37
C PHE E 17 11.31 18.24 -30.95
N ASP E 18 11.41 18.31 -32.27
CA ASP E 18 11.54 19.60 -32.94
C ASP E 18 10.36 20.51 -32.62
N LEU E 19 9.17 19.92 -32.47
CA LEU E 19 8.00 20.71 -32.11
C LEU E 19 8.21 21.40 -30.78
N VAL E 20 8.73 20.67 -29.80
CA VAL E 20 8.95 21.23 -28.47
C VAL E 20 9.98 22.34 -28.55
N VAL E 21 11.08 22.10 -29.27
CA VAL E 21 12.14 23.11 -29.36
C VAL E 21 11.61 24.39 -30.00
N LEU E 22 10.93 24.25 -31.13
CA LEU E 22 10.47 25.43 -31.87
C LEU E 22 9.37 26.16 -31.13
N ALA E 23 8.43 25.42 -30.54
CA ALA E 23 7.37 26.04 -29.77
C ALA E 23 7.93 26.80 -28.58
N SER E 24 8.98 26.28 -27.94
CA SER E 24 9.58 26.99 -26.82
C SER E 24 10.27 28.26 -27.27
N MET E 25 10.93 28.25 -28.43
CA MET E 25 11.52 29.49 -28.92
C MET E 25 10.44 30.53 -29.20
N ARG E 26 9.37 30.11 -29.87
CA ARG E 26 8.26 31.02 -30.13
C ARG E 26 7.68 31.59 -28.84
N ALA E 27 7.44 30.73 -27.86
CA ALA E 27 6.85 31.14 -26.59
C ALA E 27 7.77 32.09 -25.83
N ASN E 28 9.08 31.83 -25.85
CA ASN E 28 10.01 32.73 -25.20
C ASN E 28 10.02 34.09 -25.86
N LYS E 29 9.90 34.15 -27.20
CA LYS E 29 9.86 35.45 -27.85
C LYS E 29 8.55 36.18 -27.58
N ILE E 30 7.44 35.44 -27.44
CA ILE E 30 6.17 36.06 -27.08
C ILE E 30 6.23 36.64 -25.68
N LEU E 31 6.73 35.84 -24.73
CA LEU E 31 6.80 36.29 -23.35
C LEU E 31 7.79 37.43 -23.17
N LYS E 32 8.90 37.42 -23.89
CA LYS E 32 9.81 38.57 -23.84
C LYS E 32 9.35 39.66 -24.82
N ASN E 33 8.07 39.97 -24.75
CA ASN E 33 7.49 41.07 -25.50
C ASN E 33 6.43 41.80 -24.72
N GLY E 34 6.27 41.51 -23.43
CA GLY E 34 5.12 41.96 -22.69
C GLY E 34 4.18 40.80 -22.48
N TYR E 35 3.09 40.79 -23.25
CA TYR E 35 2.04 39.78 -23.26
C TYR E 35 1.19 39.77 -21.99
N SER E 36 1.49 40.60 -21.00
CA SER E 36 0.71 40.61 -19.78
C SER E 36 1.01 41.89 -18.99
N GLU E 37 0.56 41.88 -17.74
CA GLU E 37 0.86 42.81 -16.66
C GLU E 37 0.10 44.12 -16.75
N SER E 38 -0.64 44.40 -17.83
CA SER E 38 -1.25 45.71 -17.99
C SER E 38 -2.78 45.64 -17.99
N MET E 39 -3.39 44.90 -18.91
CA MET E 39 -4.83 45.00 -19.07
C MET E 39 -5.53 43.69 -19.42
N GLU E 40 -4.84 42.57 -19.50
CA GLU E 40 -5.41 41.34 -20.07
C GLU E 40 -5.11 40.14 -19.20
N ASN E 41 -5.36 40.24 -17.90
CA ASN E 41 -5.13 39.10 -17.03
C ASN E 41 -6.03 37.92 -17.41
N GLU E 42 -7.33 38.06 -17.21
CA GLU E 42 -8.31 37.05 -17.64
C GLU E 42 -8.93 37.42 -18.97
N LYS E 43 -8.11 37.73 -19.97
CA LYS E 43 -8.61 38.05 -21.30
C LYS E 43 -7.76 37.45 -22.41
N LYS E 44 -6.76 36.63 -22.08
CA LYS E 44 -5.83 36.09 -23.05
C LYS E 44 -5.66 34.61 -22.75
N GLU E 45 -4.66 34.01 -23.39
CA GLU E 45 -4.30 32.62 -23.21
C GLU E 45 -2.85 32.51 -22.76
N LYS E 46 -2.39 31.28 -22.62
CA LYS E 46 -1.02 31.03 -22.20
C LYS E 46 -0.10 31.01 -23.42
N ALA E 47 1.08 31.62 -23.26
CA ALA E 47 2.01 31.69 -24.38
C ALA E 47 2.35 30.31 -24.91
N THR E 48 2.25 29.28 -24.07
CA THR E 48 2.52 27.92 -24.53
C THR E 48 1.55 27.53 -25.65
N VAL E 49 0.26 27.69 -25.42
CA VAL E 49 -0.71 27.29 -26.44
C VAL E 49 -0.81 28.32 -27.56
N VAL E 50 -0.56 29.59 -27.28
CA VAL E 50 -0.53 30.59 -28.34
C VAL E 50 0.60 30.29 -29.32
N ALA E 51 1.77 29.90 -28.81
CA ALA E 51 2.86 29.52 -29.68
C ALA E 51 2.61 28.18 -30.37
N LEU E 52 2.00 27.23 -29.67
CA LEU E 52 1.73 25.93 -30.26
C LEU E 52 0.65 25.98 -31.32
N ARG E 53 -0.14 27.05 -31.34
CA ARG E 53 -1.27 27.13 -32.25
C ARG E 53 -0.88 27.79 -33.57
N GLU E 54 0.04 28.74 -33.52
CA GLU E 54 0.56 29.37 -34.72
C GLU E 54 1.36 28.42 -35.59
N ILE E 55 1.75 27.26 -35.07
CA ILE E 55 2.36 26.27 -35.93
C ILE E 55 1.30 25.40 -36.59
N ALA E 56 0.16 25.17 -35.93
CA ALA E 56 -0.90 24.33 -36.45
C ALA E 56 -1.80 25.06 -37.43
N GLU E 57 -1.61 26.36 -37.62
CA GLU E 57 -2.42 27.15 -38.53
C GLU E 57 -1.59 27.76 -39.64
N SER E 58 -0.33 27.36 -39.78
CA SER E 58 0.61 28.03 -40.67
C SER E 58 0.57 29.53 -40.44
N GLU E 59 0.31 29.91 -39.20
CA GLU E 59 0.06 31.28 -38.78
C GLU E 59 1.37 32.03 -38.66
N ILE E 60 1.38 33.07 -37.83
CA ILE E 60 2.39 34.13 -37.77
C ILE E 60 3.80 33.62 -38.01
N THR E 61 4.05 32.35 -37.70
CA THR E 61 5.37 31.77 -37.89
C THR E 61 5.30 30.40 -38.57
N SER E 62 6.33 30.13 -39.37
CA SER E 62 6.70 28.81 -39.84
C SER E 62 8.10 28.48 -39.31
N GLU E 63 8.48 27.20 -39.45
CA GLU E 63 9.69 26.71 -38.80
C GLU E 63 10.93 27.48 -39.24
N GLN E 64 10.97 27.90 -40.51
CA GLN E 64 12.12 28.63 -41.01
C GLN E 64 12.15 30.07 -40.49
N ILE E 65 10.99 30.69 -40.26
CA ILE E 65 10.95 32.05 -39.75
C ILE E 65 11.12 32.11 -38.24
N LEU E 66 10.94 30.97 -37.56
CA LEU E 66 10.93 30.98 -36.10
C LEU E 66 12.24 31.45 -35.47
N ARG E 67 13.26 31.79 -36.26
CA ARG E 67 14.59 32.01 -35.70
C ARG E 67 14.75 33.42 -35.14
N ASN E 68 14.62 34.43 -36.00
CA ASN E 68 14.83 35.82 -35.62
C ASN E 68 16.21 36.01 -34.99
N GLU E 69 17.24 35.75 -35.79
CA GLU E 69 18.63 35.70 -35.35
C GLU E 69 19.10 36.98 -34.68
MG MG I . -4.90 -0.81 -5.37
ZN ZN J . 39.09 38.42 15.02
ZN ZN K . 21.59 0.20 -39.01
#